data_1YYC
#
_entry.id   1YYC
#
_entity_poly.entity_id   1
_entity_poly.type   'polypeptide(L)'
_entity_poly.pdbx_seq_one_letter_code
;GHHHHHHLEASADEKVVEEKASVISSLLDKAKGFFAEKLANIPTPEATVDDVDFKGVTRDGVDYHAKVSVKNPYSQSIPI
CQISYILKSATRTIASGTIPDPGSLVGSGTTVLDVPVKVAYSIAVSLMKDMCTDWDIDYQLDIGLTFDIPVVGDITIPVS
TQGEIKLPSLRDFF
;
_entity_poly.pdbx_strand_id   A
#
# COMPACT_ATOMS: atom_id res chain seq x y z
N GLY A 1 9.17 15.38 -20.61
CA GLY A 1 8.29 16.09 -19.68
C GLY A 1 9.05 17.14 -18.93
N HIS A 2 8.64 17.43 -17.72
CA HIS A 2 9.29 18.48 -16.94
C HIS A 2 10.25 17.89 -15.91
N HIS A 3 10.14 16.60 -15.65
CA HIS A 3 11.02 15.98 -14.63
C HIS A 3 12.39 15.67 -15.21
N HIS A 4 13.16 16.72 -15.41
CA HIS A 4 14.51 16.62 -15.87
C HIS A 4 15.24 17.88 -15.46
N HIS A 5 16.54 17.78 -15.30
CA HIS A 5 17.39 18.90 -14.88
C HIS A 5 16.99 19.42 -13.50
N HIS A 6 17.14 18.56 -12.53
CA HIS A 6 16.89 18.88 -11.13
C HIS A 6 17.83 18.04 -10.34
N HIS A 7 18.71 18.63 -9.59
CA HIS A 7 19.63 17.85 -8.82
C HIS A 7 19.76 18.30 -7.40
N LEU A 8 18.93 17.75 -6.59
CA LEU A 8 19.00 17.90 -5.18
C LEU A 8 18.75 16.56 -4.62
N GLU A 9 19.84 15.87 -4.37
CA GLU A 9 19.86 14.48 -3.95
C GLU A 9 19.02 13.65 -4.94
N ALA A 10 19.20 13.99 -6.25
CA ALA A 10 18.45 13.48 -7.39
C ALA A 10 17.06 14.11 -7.41
N SER A 11 16.27 13.77 -6.44
CA SER A 11 14.95 14.32 -6.25
C SER A 11 14.58 14.10 -4.80
N ALA A 12 14.28 15.18 -4.09
CA ALA A 12 13.98 15.15 -2.67
C ALA A 12 12.86 14.17 -2.33
N ASP A 13 11.80 14.19 -3.13
CA ASP A 13 10.65 13.30 -2.92
C ASP A 13 11.05 11.84 -3.07
N GLU A 14 11.72 11.55 -4.18
CA GLU A 14 12.16 10.20 -4.55
C GLU A 14 13.08 9.66 -3.41
N LYS A 15 13.91 10.56 -2.92
CA LYS A 15 14.88 10.28 -1.87
C LYS A 15 14.19 10.06 -0.50
N VAL A 16 13.35 11.01 -0.06
CA VAL A 16 12.68 10.89 1.24
C VAL A 16 11.73 9.70 1.34
N VAL A 17 11.18 9.26 0.22
CA VAL A 17 10.35 8.06 0.22
C VAL A 17 11.18 6.85 0.64
N GLU A 18 12.39 6.78 0.13
CA GLU A 18 13.30 5.68 0.41
C GLU A 18 13.70 5.71 1.90
N GLU A 19 13.87 6.91 2.44
CA GLU A 19 14.17 7.13 3.86
C GLU A 19 13.14 6.42 4.72
N LYS A 20 11.89 6.71 4.44
CA LYS A 20 10.76 6.16 5.16
C LYS A 20 10.66 4.68 4.92
N ALA A 21 10.74 4.29 3.66
CA ALA A 21 10.61 2.91 3.24
C ALA A 21 11.59 1.99 3.93
N SER A 22 12.83 2.43 4.04
CA SER A 22 13.88 1.65 4.67
C SER A 22 13.50 1.29 6.11
N VAL A 23 13.00 2.26 6.85
CA VAL A 23 12.62 2.03 8.24
C VAL A 23 11.38 1.15 8.29
N ILE A 24 10.43 1.42 7.40
CA ILE A 24 9.21 0.64 7.30
C ILE A 24 9.53 -0.84 7.02
N SER A 25 10.41 -1.07 6.07
CA SER A 25 10.81 -2.41 5.71
C SER A 25 11.50 -3.14 6.89
N SER A 26 12.19 -2.39 7.75
CA SER A 26 12.83 -2.98 8.91
C SER A 26 11.79 -3.50 9.90
N LEU A 27 10.72 -2.74 10.09
CA LEU A 27 9.66 -3.14 10.99
C LEU A 27 8.85 -4.31 10.37
N LEU A 28 8.72 -4.30 9.06
CA LEU A 28 8.06 -5.41 8.36
C LEU A 28 8.90 -6.68 8.51
N ASP A 29 10.22 -6.51 8.46
CA ASP A 29 11.16 -7.60 8.56
C ASP A 29 11.15 -8.25 9.94
N LYS A 30 10.93 -7.44 11.01
CA LYS A 30 10.87 -8.01 12.36
C LYS A 30 9.69 -8.95 12.47
N ALA A 31 8.63 -8.62 11.75
CA ALA A 31 7.43 -9.39 11.77
C ALA A 31 7.57 -10.63 10.91
N LYS A 32 8.35 -10.54 9.85
CA LYS A 32 8.57 -11.65 8.92
C LYS A 32 9.04 -12.94 9.63
N GLY A 33 10.09 -12.83 10.43
CA GLY A 33 10.60 -14.01 11.16
C GLY A 33 9.68 -14.41 12.28
N PHE A 34 8.93 -13.46 12.76
CA PHE A 34 7.97 -13.62 13.82
C PHE A 34 6.79 -14.49 13.35
N PHE A 35 6.35 -14.27 12.10
CA PHE A 35 5.21 -15.00 11.54
C PHE A 35 5.50 -16.47 11.46
N ALA A 36 6.68 -16.79 10.97
CA ALA A 36 7.11 -18.15 10.72
C ALA A 36 6.92 -19.07 11.92
N GLU A 37 7.36 -18.66 13.08
CA GLU A 37 7.28 -19.53 14.22
C GLU A 37 6.16 -19.15 15.18
N LYS A 38 5.93 -17.88 15.35
CA LYS A 38 4.99 -17.47 16.36
C LYS A 38 3.59 -17.47 15.83
N LEU A 39 3.39 -16.95 14.65
CA LEU A 39 2.01 -16.84 14.13
C LEU A 39 1.58 -18.10 13.42
N ALA A 40 2.28 -19.15 13.70
CA ALA A 40 1.93 -20.46 13.19
C ALA A 40 1.37 -21.24 14.35
N ASN A 41 1.67 -20.76 15.54
CA ASN A 41 1.18 -21.33 16.79
C ASN A 41 0.13 -20.41 17.36
N ILE A 42 0.17 -19.15 16.95
CA ILE A 42 -0.77 -18.16 17.41
C ILE A 42 -1.68 -17.78 16.24
N PRO A 43 -2.93 -18.21 16.26
CA PRO A 43 -3.90 -17.89 15.22
C PRO A 43 -4.20 -16.40 15.14
N THR A 44 -3.89 -15.82 14.03
CA THR A 44 -4.11 -14.42 13.76
C THR A 44 -4.84 -14.25 12.44
N PRO A 45 -5.65 -13.18 12.31
CA PRO A 45 -6.42 -12.89 11.08
C PRO A 45 -5.50 -12.61 9.89
N GLU A 46 -5.96 -12.96 8.72
CA GLU A 46 -5.16 -12.79 7.53
C GLU A 46 -5.75 -11.69 6.65
N ALA A 47 -4.88 -10.86 6.12
CA ALA A 47 -5.26 -9.80 5.24
C ALA A 47 -4.67 -10.05 3.87
N THR A 48 -5.14 -9.36 2.87
CA THR A 48 -4.59 -9.48 1.54
C THR A 48 -4.99 -8.27 0.67
N VAL A 49 -4.13 -7.86 -0.24
CA VAL A 49 -4.46 -6.82 -1.19
C VAL A 49 -5.03 -7.50 -2.42
N ASP A 50 -6.05 -6.91 -3.04
CA ASP A 50 -6.69 -7.59 -4.16
C ASP A 50 -6.57 -6.89 -5.47
N ASP A 51 -7.09 -5.70 -5.55
CA ASP A 51 -7.27 -5.05 -6.84
C ASP A 51 -7.46 -3.56 -6.65
N VAL A 52 -7.35 -2.81 -7.72
CA VAL A 52 -7.51 -1.39 -7.69
C VAL A 52 -8.59 -0.97 -8.69
N ASP A 53 -9.44 -0.07 -8.28
CA ASP A 53 -10.49 0.41 -9.14
C ASP A 53 -10.07 1.67 -9.83
N PHE A 54 -10.17 1.67 -11.14
CA PHE A 54 -10.03 2.88 -11.95
C PHE A 54 -11.11 3.84 -11.45
N LYS A 55 -10.71 4.88 -10.78
CA LYS A 55 -11.67 5.73 -10.16
C LYS A 55 -11.50 7.19 -10.52
N GLY A 56 -10.32 7.74 -10.35
CA GLY A 56 -10.17 9.14 -10.57
C GLY A 56 -8.75 9.54 -10.70
N VAL A 57 -8.52 10.80 -10.76
CA VAL A 57 -7.20 11.31 -10.98
C VAL A 57 -6.85 12.36 -9.93
N THR A 58 -5.59 12.53 -9.72
CA THR A 58 -5.04 13.55 -8.89
C THR A 58 -4.04 14.28 -9.78
N ARG A 59 -3.80 15.55 -9.58
CA ARG A 59 -2.84 16.22 -10.44
C ARG A 59 -1.41 15.94 -10.03
N ASP A 60 -0.95 14.73 -10.39
CA ASP A 60 0.41 14.23 -10.17
C ASP A 60 0.44 12.75 -10.55
N GLY A 61 -0.54 12.03 -10.02
CA GLY A 61 -0.71 10.61 -10.30
C GLY A 61 -2.18 10.26 -10.22
N VAL A 62 -2.55 9.02 -10.48
CA VAL A 62 -3.97 8.68 -10.50
C VAL A 62 -4.46 8.29 -9.10
N ASP A 63 -5.75 8.44 -8.87
CA ASP A 63 -6.34 8.12 -7.59
C ASP A 63 -7.22 6.91 -7.71
N TYR A 64 -6.74 5.82 -7.21
CA TYR A 64 -7.46 4.58 -7.27
C TYR A 64 -7.94 4.13 -5.95
N HIS A 65 -8.91 3.29 -6.00
CA HIS A 65 -9.48 2.70 -4.85
C HIS A 65 -9.02 1.25 -4.83
N ALA A 66 -8.12 0.94 -3.95
CA ALA A 66 -7.60 -0.41 -3.81
C ALA A 66 -8.28 -1.19 -2.71
N LYS A 67 -8.44 -2.47 -2.94
CA LYS A 67 -9.07 -3.38 -1.99
C LYS A 67 -8.05 -4.08 -1.13
N VAL A 68 -8.35 -4.14 0.13
CA VAL A 68 -7.59 -4.86 1.11
C VAL A 68 -8.58 -5.69 1.89
N SER A 69 -8.57 -6.97 1.70
CA SER A 69 -9.56 -7.79 2.33
C SER A 69 -8.98 -8.51 3.53
N VAL A 70 -9.69 -8.48 4.61
CA VAL A 70 -9.25 -9.14 5.80
C VAL A 70 -10.32 -10.13 6.24
N LYS A 71 -9.89 -11.33 6.55
CA LYS A 71 -10.80 -12.32 7.06
C LYS A 71 -10.33 -12.74 8.43
N ASN A 72 -11.24 -12.69 9.35
CA ASN A 72 -10.94 -12.96 10.74
C ASN A 72 -12.04 -13.71 11.43
N PRO A 73 -11.79 -14.94 11.87
CA PRO A 73 -12.71 -15.67 12.68
C PRO A 73 -12.38 -15.48 14.16
N TYR A 74 -13.06 -14.54 14.73
CA TYR A 74 -13.00 -14.09 16.13
C TYR A 74 -14.06 -13.07 16.26
N SER A 75 -14.92 -13.20 17.21
CA SER A 75 -16.00 -12.29 17.35
C SER A 75 -15.57 -11.06 18.13
N GLN A 76 -14.72 -10.27 17.49
CA GLN A 76 -14.26 -9.04 18.02
C GLN A 76 -13.91 -8.11 16.89
N SER A 77 -14.13 -6.86 17.11
CA SER A 77 -13.81 -5.86 16.16
C SER A 77 -12.36 -5.41 16.34
N ILE A 78 -11.47 -5.90 15.51
CA ILE A 78 -10.08 -5.52 15.60
C ILE A 78 -9.85 -4.37 14.65
N PRO A 79 -9.48 -3.20 15.16
CA PRO A 79 -9.16 -2.07 14.32
C PRO A 79 -7.73 -2.16 13.82
N ILE A 80 -7.48 -1.67 12.64
CA ILE A 80 -6.14 -1.71 12.12
C ILE A 80 -5.37 -0.49 12.60
N CYS A 81 -4.73 -0.65 13.72
CA CYS A 81 -3.95 0.39 14.28
C CYS A 81 -2.65 0.46 13.53
N GLN A 82 -2.50 1.50 12.68
CA GLN A 82 -1.32 1.69 11.82
C GLN A 82 -1.34 0.73 10.61
N ILE A 83 -1.55 1.27 9.44
CA ILE A 83 -1.47 0.47 8.25
C ILE A 83 -0.36 0.98 7.35
N SER A 84 0.55 0.12 7.01
CA SER A 84 1.67 0.51 6.21
C SER A 84 1.30 0.42 4.75
N TYR A 85 1.50 1.50 4.07
CA TYR A 85 1.15 1.67 2.70
C TYR A 85 2.43 1.69 1.89
N ILE A 86 2.56 0.76 0.97
CA ILE A 86 3.70 0.73 0.10
C ILE A 86 3.22 0.61 -1.33
N LEU A 87 3.35 1.67 -2.03
CA LEU A 87 2.99 1.75 -3.39
C LEU A 87 4.26 1.64 -4.22
N LYS A 88 4.24 0.84 -5.26
CA LYS A 88 5.43 0.63 -6.08
C LYS A 88 5.16 0.84 -7.56
N SER A 89 6.21 1.12 -8.31
CA SER A 89 6.09 1.33 -9.74
C SER A 89 7.30 0.77 -10.53
N ALA A 90 7.11 -0.43 -11.06
CA ALA A 90 8.05 -1.16 -11.92
C ALA A 90 9.47 -1.32 -11.39
N THR A 91 10.33 -0.37 -11.70
CA THR A 91 11.73 -0.51 -11.43
C THR A 91 12.18 0.41 -10.28
N ARG A 92 11.89 1.68 -10.41
CA ARG A 92 12.31 2.65 -9.43
C ARG A 92 11.21 3.45 -8.90
N THR A 93 11.44 3.93 -7.69
CA THR A 93 10.58 4.82 -6.99
C THR A 93 9.32 4.16 -6.50
N ILE A 94 9.00 4.46 -5.29
CA ILE A 94 7.81 3.98 -4.69
C ILE A 94 7.18 5.13 -3.94
N ALA A 95 6.07 4.87 -3.31
CA ALA A 95 5.45 5.82 -2.43
C ALA A 95 5.13 5.11 -1.14
N SER A 96 5.68 5.60 -0.06
CA SER A 96 5.49 4.99 1.21
C SER A 96 4.66 5.86 2.12
N GLY A 97 4.08 5.27 3.12
CA GLY A 97 3.28 6.00 4.05
C GLY A 97 2.68 5.10 5.08
N THR A 98 1.97 5.66 5.99
CA THR A 98 1.34 4.92 7.02
C THR A 98 0.01 5.59 7.38
N ILE A 99 -1.08 4.88 7.22
CA ILE A 99 -2.39 5.44 7.47
C ILE A 99 -2.89 5.03 8.87
N PRO A 100 -3.27 5.99 9.72
CA PRO A 100 -3.81 5.68 11.03
C PRO A 100 -5.29 5.28 10.94
N ASP A 101 -5.58 4.02 11.27
CA ASP A 101 -6.94 3.43 11.28
C ASP A 101 -7.68 3.62 9.93
N PRO A 102 -7.49 2.69 9.00
CA PRO A 102 -8.13 2.74 7.68
C PRO A 102 -9.48 2.00 7.66
N GLY A 103 -9.77 1.33 8.74
CA GLY A 103 -10.98 0.54 8.85
C GLY A 103 -10.84 -0.46 9.96
N SER A 104 -11.84 -1.26 10.18
CA SER A 104 -11.81 -2.23 11.25
C SER A 104 -12.49 -3.54 10.84
N LEU A 105 -12.14 -4.59 11.52
CA LEU A 105 -12.73 -5.89 11.31
C LEU A 105 -14.10 -5.96 11.94
N VAL A 106 -15.03 -6.50 11.19
CA VAL A 106 -16.43 -6.59 11.62
C VAL A 106 -16.65 -7.60 12.74
N GLY A 107 -15.71 -8.50 12.94
CA GLY A 107 -15.87 -9.55 13.90
C GLY A 107 -16.49 -10.77 13.26
N SER A 108 -15.72 -11.83 13.18
CA SER A 108 -16.13 -13.09 12.53
C SER A 108 -16.64 -12.89 11.10
N GLY A 109 -15.73 -12.84 10.15
CA GLY A 109 -16.13 -12.73 8.78
C GLY A 109 -15.06 -12.13 7.92
N THR A 110 -15.37 -11.93 6.67
CA THR A 110 -14.49 -11.33 5.72
C THR A 110 -14.97 -9.91 5.46
N THR A 111 -14.06 -8.98 5.43
CA THR A 111 -14.40 -7.62 5.23
C THR A 111 -13.39 -6.95 4.30
N VAL A 112 -13.89 -6.26 3.30
CA VAL A 112 -13.04 -5.56 2.37
C VAL A 112 -12.87 -4.12 2.81
N LEU A 113 -11.65 -3.76 3.01
CA LEU A 113 -11.29 -2.45 3.43
C LEU A 113 -10.66 -1.75 2.24
N ASP A 114 -10.64 -0.44 2.22
CA ASP A 114 -10.05 0.26 1.09
C ASP A 114 -9.13 1.37 1.52
N VAL A 115 -8.15 1.61 0.70
CA VAL A 115 -7.17 2.66 0.91
C VAL A 115 -7.02 3.46 -0.39
N PRO A 116 -6.79 4.79 -0.29
CA PRO A 116 -6.58 5.63 -1.45
C PRO A 116 -5.18 5.40 -2.03
N VAL A 117 -5.14 4.84 -3.19
CA VAL A 117 -3.88 4.49 -3.79
C VAL A 117 -3.50 5.39 -4.94
N LYS A 118 -2.31 5.94 -4.85
CA LYS A 118 -1.77 6.80 -5.86
C LYS A 118 -1.04 5.91 -6.88
N VAL A 119 -1.69 5.57 -7.95
CA VAL A 119 -1.11 4.66 -8.92
C VAL A 119 -0.42 5.47 -10.00
N ALA A 120 0.77 5.01 -10.44
CA ALA A 120 1.57 5.66 -11.49
C ALA A 120 2.21 6.97 -10.98
N TYR A 121 1.67 7.45 -9.88
CA TYR A 121 2.13 8.62 -9.16
C TYR A 121 3.62 8.50 -8.88
N SER A 122 4.05 7.30 -8.54
CA SER A 122 5.41 7.06 -8.20
C SER A 122 6.35 7.27 -9.40
N ILE A 123 6.04 6.64 -10.52
CA ILE A 123 6.88 6.80 -11.70
C ILE A 123 6.79 8.24 -12.22
N ALA A 124 5.64 8.90 -11.99
CA ALA A 124 5.45 10.29 -12.40
C ALA A 124 6.34 11.24 -11.62
N VAL A 125 6.34 11.13 -10.30
CA VAL A 125 7.14 12.02 -9.46
C VAL A 125 8.63 11.79 -9.70
N SER A 126 8.99 10.58 -10.04
CA SER A 126 10.35 10.24 -10.32
C SER A 126 10.76 10.90 -11.67
N LEU A 127 10.27 10.36 -12.77
CA LEU A 127 10.62 10.88 -14.08
C LEU A 127 9.38 11.23 -14.91
N MET A 128 8.37 10.37 -14.85
CA MET A 128 7.17 10.46 -15.70
C MET A 128 7.56 10.25 -17.15
N LYS A 129 7.35 9.03 -17.61
CA LYS A 129 7.71 8.61 -18.97
C LYS A 129 7.22 9.63 -20.04
N ASP A 130 5.92 9.75 -20.11
CA ASP A 130 5.12 10.60 -20.99
C ASP A 130 3.87 9.84 -21.13
N MET A 131 2.83 10.31 -20.50
CA MET A 131 1.56 9.62 -20.58
C MET A 131 1.14 9.39 -22.02
N CYS A 132 0.91 8.14 -22.31
CA CYS A 132 0.58 7.66 -23.63
C CYS A 132 -0.95 7.47 -23.68
N THR A 133 -1.42 6.67 -24.60
CA THR A 133 -2.76 6.38 -24.77
C THR A 133 -2.86 4.87 -24.86
N ASP A 134 -3.50 4.26 -23.87
CA ASP A 134 -3.56 2.80 -23.72
C ASP A 134 -2.17 2.33 -23.32
N TRP A 135 -1.96 2.29 -22.04
CA TRP A 135 -0.66 2.01 -21.48
C TRP A 135 -0.72 0.98 -20.35
N ASP A 136 -0.09 -0.14 -20.60
CA ASP A 136 0.03 -1.21 -19.62
C ASP A 136 1.23 -0.94 -18.74
N ILE A 137 0.98 -0.51 -17.55
CA ILE A 137 2.02 -0.12 -16.63
C ILE A 137 2.25 -1.23 -15.58
N ASP A 138 3.51 -1.49 -15.28
CA ASP A 138 3.86 -2.52 -14.29
C ASP A 138 3.77 -1.93 -12.90
N TYR A 139 2.68 -2.23 -12.25
CA TYR A 139 2.37 -1.72 -10.95
C TYR A 139 2.35 -2.82 -9.87
N GLN A 140 2.72 -2.44 -8.68
CA GLN A 140 2.71 -3.34 -7.52
C GLN A 140 2.12 -2.59 -6.33
N LEU A 141 1.56 -3.33 -5.40
CA LEU A 141 1.00 -2.78 -4.18
C LEU A 141 1.30 -3.72 -3.03
N ASP A 142 1.94 -3.21 -2.02
CA ASP A 142 2.31 -3.99 -0.85
C ASP A 142 1.78 -3.28 0.37
N ILE A 143 1.07 -3.96 1.20
CA ILE A 143 0.51 -3.33 2.38
C ILE A 143 0.78 -4.11 3.64
N GLY A 144 1.28 -3.43 4.64
CA GLY A 144 1.57 -4.06 5.89
C GLY A 144 0.70 -3.52 6.98
N LEU A 145 -0.43 -4.13 7.19
CA LEU A 145 -1.33 -3.64 8.21
C LEU A 145 -0.96 -4.17 9.58
N THR A 146 -1.27 -3.43 10.61
CA THR A 146 -0.90 -3.82 11.94
C THR A 146 -2.12 -4.25 12.74
N PHE A 147 -2.12 -5.48 13.20
CA PHE A 147 -3.13 -5.92 14.14
C PHE A 147 -2.52 -5.88 15.51
N ASP A 148 -3.28 -5.48 16.48
CA ASP A 148 -2.81 -5.54 17.83
C ASP A 148 -3.57 -6.59 18.57
N ILE A 149 -2.85 -7.41 19.28
CA ILE A 149 -3.46 -8.48 20.05
C ILE A 149 -2.81 -8.55 21.42
N PRO A 150 -3.62 -8.77 22.48
CA PRO A 150 -3.11 -8.86 23.86
C PRO A 150 -2.15 -10.05 24.04
N VAL A 151 -2.21 -10.99 23.10
CA VAL A 151 -1.36 -12.16 23.12
C VAL A 151 0.11 -11.75 23.01
N VAL A 152 0.40 -10.84 22.09
CA VAL A 152 1.76 -10.39 21.90
C VAL A 152 1.81 -8.87 21.90
N GLY A 153 1.41 -8.27 20.80
CA GLY A 153 1.44 -6.85 20.68
C GLY A 153 1.09 -6.42 19.29
N ASP A 154 2.05 -5.85 18.58
CA ASP A 154 1.82 -5.36 17.23
C ASP A 154 2.35 -6.32 16.19
N ILE A 155 1.50 -6.71 15.27
CA ILE A 155 1.94 -7.52 14.16
C ILE A 155 1.65 -6.82 12.83
N THR A 156 2.69 -6.46 12.10
CA THR A 156 2.50 -5.88 10.80
C THR A 156 2.62 -6.93 9.72
N ILE A 157 1.50 -7.31 9.16
CA ILE A 157 1.48 -8.32 8.13
C ILE A 157 1.60 -7.67 6.76
N PRO A 158 2.77 -7.81 6.10
CA PRO A 158 2.99 -7.24 4.80
C PRO A 158 2.50 -8.15 3.71
N VAL A 159 1.37 -7.84 3.19
CA VAL A 159 0.82 -8.59 2.12
C VAL A 159 1.17 -7.93 0.82
N SER A 160 2.02 -8.58 0.10
CA SER A 160 2.52 -8.10 -1.12
C SER A 160 1.65 -8.51 -2.29
N THR A 161 1.56 -7.65 -3.26
CA THR A 161 0.75 -7.87 -4.43
C THR A 161 1.41 -7.24 -5.66
N GLN A 162 1.59 -8.01 -6.69
CA GLN A 162 2.18 -7.51 -7.92
C GLN A 162 1.21 -7.72 -9.05
N GLY A 163 1.16 -6.78 -9.96
CA GLY A 163 0.27 -6.91 -11.06
C GLY A 163 0.60 -5.98 -12.17
N GLU A 164 -0.41 -5.41 -12.75
CA GLU A 164 -0.28 -4.52 -13.87
C GLU A 164 -1.53 -3.71 -13.99
N ILE A 165 -1.41 -2.50 -14.46
CA ILE A 165 -2.56 -1.64 -14.61
C ILE A 165 -2.58 -1.14 -16.04
N LYS A 166 -3.73 -1.08 -16.63
CA LYS A 166 -3.83 -0.54 -17.95
C LYS A 166 -4.46 0.84 -17.90
N LEU A 167 -3.64 1.80 -18.21
CA LEU A 167 -3.95 3.19 -18.12
C LEU A 167 -4.47 3.66 -19.50
N PRO A 168 -5.78 3.90 -19.63
CA PRO A 168 -6.44 4.19 -20.92
C PRO A 168 -6.01 5.50 -21.62
N SER A 169 -6.21 5.49 -22.94
CA SER A 169 -6.05 6.58 -23.91
C SER A 169 -6.66 7.97 -23.56
N LEU A 170 -6.85 8.28 -22.29
CA LEU A 170 -7.31 9.61 -21.91
C LEU A 170 -6.16 10.55 -22.14
N ARG A 171 -5.00 10.06 -21.75
CA ARG A 171 -3.71 10.72 -21.84
C ARG A 171 -3.55 11.88 -20.84
N ASP A 172 -4.65 12.49 -20.45
CA ASP A 172 -4.60 13.47 -19.41
C ASP A 172 -5.35 12.93 -18.22
N PHE A 173 -4.84 11.84 -17.74
CA PHE A 173 -5.33 11.19 -16.54
C PHE A 173 -4.10 10.79 -15.74
N PHE A 174 -2.98 11.09 -16.33
CA PHE A 174 -1.70 10.82 -15.78
C PHE A 174 -0.83 11.97 -16.15
N GLY A 1 28.86 6.90 -3.55
CA GLY A 1 27.63 6.11 -3.45
C GLY A 1 26.58 6.69 -4.33
N HIS A 2 25.48 5.99 -4.50
CA HIS A 2 24.40 6.46 -5.36
C HIS A 2 23.58 7.56 -4.69
N HIS A 3 23.67 7.61 -3.38
CA HIS A 3 22.95 8.60 -2.61
C HIS A 3 23.58 9.97 -2.83
N HIS A 4 22.91 10.80 -3.58
CA HIS A 4 23.38 12.14 -3.89
C HIS A 4 22.27 13.13 -3.62
N HIS A 5 22.47 13.97 -2.61
CA HIS A 5 21.52 15.03 -2.31
C HIS A 5 21.40 15.96 -3.53
N HIS A 6 20.19 16.19 -3.97
CA HIS A 6 19.98 17.00 -5.16
C HIS A 6 18.88 18.02 -4.96
N HIS A 7 19.27 19.26 -4.83
CA HIS A 7 18.34 20.35 -4.68
C HIS A 7 18.72 21.51 -5.59
N LEU A 8 18.52 21.31 -6.85
CA LEU A 8 18.65 22.34 -7.83
C LEU A 8 17.32 22.89 -8.02
N GLU A 9 16.50 22.08 -8.61
CA GLU A 9 15.17 22.31 -8.67
C GLU A 9 14.65 21.64 -7.46
N ALA A 10 13.65 22.15 -6.93
CA ALA A 10 13.06 21.58 -5.74
C ALA A 10 12.49 20.19 -6.00
N SER A 11 13.30 19.20 -5.74
CA SER A 11 12.94 17.83 -5.89
C SER A 11 13.20 17.10 -4.58
N ALA A 12 12.24 17.15 -3.69
CA ALA A 12 12.35 16.50 -2.40
C ALA A 12 11.54 15.21 -2.32
N ASP A 13 10.42 15.17 -3.05
CA ASP A 13 9.42 14.09 -2.93
C ASP A 13 9.97 12.71 -3.13
N GLU A 14 10.73 12.50 -4.20
CA GLU A 14 11.28 11.16 -4.50
C GLU A 14 12.11 10.55 -3.37
N LYS A 15 12.82 11.40 -2.66
CA LYS A 15 13.59 11.01 -1.49
C LYS A 15 12.67 10.76 -0.30
N VAL A 16 11.85 11.76 0.00
CA VAL A 16 10.98 11.78 1.20
C VAL A 16 9.99 10.63 1.23
N VAL A 17 9.35 10.35 0.12
CA VAL A 17 8.40 9.27 0.07
C VAL A 17 9.10 7.94 0.26
N GLU A 18 10.37 7.89 -0.13
CA GLU A 18 11.14 6.66 -0.04
C GLU A 18 11.56 6.38 1.41
N GLU A 19 11.76 7.48 2.18
CA GLU A 19 12.11 7.39 3.61
C GLU A 19 11.07 6.55 4.36
N LYS A 20 9.81 6.77 4.04
CA LYS A 20 8.73 6.06 4.70
C LYS A 20 8.78 4.57 4.41
N ALA A 21 9.15 4.21 3.19
CA ALA A 21 9.24 2.81 2.81
C ALA A 21 10.35 2.15 3.59
N SER A 22 11.41 2.90 3.81
CA SER A 22 12.57 2.42 4.52
C SER A 22 12.21 2.05 5.97
N VAL A 23 11.43 2.90 6.64
CA VAL A 23 11.06 2.63 8.01
C VAL A 23 10.03 1.52 8.11
N ILE A 24 9.09 1.49 7.16
CA ILE A 24 8.11 0.43 7.13
C ILE A 24 8.79 -0.90 6.84
N SER A 25 9.75 -0.88 5.92
CA SER A 25 10.47 -2.08 5.51
C SER A 25 11.16 -2.75 6.70
N SER A 26 11.66 -1.93 7.61
CA SER A 26 12.36 -2.42 8.77
C SER A 26 11.40 -3.19 9.71
N LEU A 27 10.19 -2.68 9.86
CA LEU A 27 9.18 -3.32 10.72
C LEU A 27 8.54 -4.48 9.97
N LEU A 28 8.28 -4.26 8.69
CA LEU A 28 7.64 -5.23 7.80
C LEU A 28 8.39 -6.55 7.84
N ASP A 29 9.71 -6.47 7.80
CA ASP A 29 10.56 -7.67 7.78
C ASP A 29 10.44 -8.47 9.07
N LYS A 30 10.37 -7.79 10.22
CA LYS A 30 10.26 -8.50 11.50
C LYS A 30 8.88 -9.13 11.61
N ALA A 31 7.88 -8.41 11.11
CA ALA A 31 6.49 -8.83 11.16
C ALA A 31 6.27 -10.02 10.24
N LYS A 32 7.01 -10.04 9.15
CA LYS A 32 6.99 -11.13 8.20
C LYS A 32 7.37 -12.42 8.91
N GLY A 33 8.35 -12.31 9.81
CA GLY A 33 8.78 -13.44 10.60
C GLY A 33 7.66 -13.95 11.47
N PHE A 34 7.01 -13.05 12.18
CA PHE A 34 5.88 -13.41 13.04
C PHE A 34 4.77 -14.03 12.21
N PHE A 35 4.43 -13.44 11.10
CA PHE A 35 3.34 -13.92 10.28
C PHE A 35 3.58 -15.32 9.74
N ALA A 36 4.79 -15.57 9.31
CA ALA A 36 5.14 -16.85 8.73
C ALA A 36 5.08 -18.00 9.74
N GLU A 37 5.63 -17.80 10.93
CA GLU A 37 5.72 -18.91 11.86
C GLU A 37 4.77 -18.81 13.04
N LYS A 38 4.40 -17.63 13.42
CA LYS A 38 3.64 -17.46 14.64
C LYS A 38 2.19 -17.27 14.32
N LEU A 39 1.92 -16.41 13.37
CA LEU A 39 0.55 -16.00 13.10
C LEU A 39 -0.20 -17.04 12.29
N ALA A 40 0.48 -18.11 11.96
CA ALA A 40 -0.13 -19.25 11.31
C ALA A 40 -0.95 -19.99 12.32
N ASN A 41 -0.47 -19.96 13.54
CA ASN A 41 -1.03 -20.72 14.61
C ASN A 41 -1.89 -19.84 15.49
N ILE A 42 -1.35 -18.69 15.87
CA ILE A 42 -2.07 -17.73 16.68
C ILE A 42 -3.23 -17.11 15.88
N PRO A 43 -4.46 -17.16 16.43
CA PRO A 43 -5.66 -16.59 15.79
C PRO A 43 -5.48 -15.13 15.41
N THR A 44 -5.33 -14.90 14.13
CA THR A 44 -5.12 -13.59 13.59
C THR A 44 -6.08 -13.34 12.41
N PRO A 45 -6.22 -12.07 11.97
CA PRO A 45 -7.02 -11.73 10.81
C PRO A 45 -6.26 -12.02 9.51
N GLU A 46 -6.93 -12.57 8.53
CA GLU A 46 -6.27 -12.94 7.31
C GLU A 46 -6.46 -11.84 6.27
N ALA A 47 -5.41 -11.14 6.00
CA ALA A 47 -5.44 -10.07 5.04
C ALA A 47 -4.93 -10.54 3.71
N THR A 48 -5.47 -10.00 2.66
CA THR A 48 -5.04 -10.34 1.34
C THR A 48 -5.13 -9.13 0.40
N VAL A 49 -4.14 -8.97 -0.42
CA VAL A 49 -4.11 -7.93 -1.43
C VAL A 49 -4.70 -8.46 -2.71
N ASP A 50 -5.43 -7.64 -3.42
CA ASP A 50 -6.12 -8.13 -4.57
C ASP A 50 -5.88 -7.28 -5.81
N ASP A 51 -6.32 -6.04 -5.77
CA ASP A 51 -6.28 -5.17 -6.93
C ASP A 51 -6.38 -3.75 -6.47
N VAL A 52 -6.06 -2.83 -7.31
CA VAL A 52 -6.20 -1.45 -7.00
C VAL A 52 -7.06 -0.81 -8.09
N ASP A 53 -8.22 -0.36 -7.71
CA ASP A 53 -9.21 0.05 -8.71
C ASP A 53 -9.24 1.56 -8.92
N PHE A 54 -9.24 1.95 -10.20
CA PHE A 54 -9.28 3.36 -10.62
C PHE A 54 -10.52 4.06 -10.09
N LYS A 55 -10.33 5.21 -9.45
CA LYS A 55 -11.43 5.86 -8.80
C LYS A 55 -11.53 7.33 -9.19
N GLY A 56 -10.54 8.10 -8.84
CA GLY A 56 -10.58 9.52 -9.06
C GLY A 56 -9.26 10.05 -9.51
N VAL A 57 -9.21 11.32 -9.85
CA VAL A 57 -8.01 11.93 -10.38
C VAL A 57 -7.28 12.68 -9.28
N THR A 58 -5.97 12.72 -9.36
CA THR A 58 -5.18 13.50 -8.45
C THR A 58 -4.20 14.37 -9.28
N ARG A 59 -3.65 15.44 -8.71
CA ARG A 59 -2.68 16.25 -9.42
C ARG A 59 -1.39 15.46 -9.54
N ASP A 60 -0.98 14.86 -8.44
CA ASP A 60 0.18 14.01 -8.41
C ASP A 60 -0.26 12.58 -8.36
N GLY A 61 -0.29 11.95 -9.51
CA GLY A 61 -0.71 10.59 -9.59
C GLY A 61 -2.20 10.50 -9.70
N VAL A 62 -2.72 9.33 -9.60
CA VAL A 62 -4.14 9.14 -9.70
C VAL A 62 -4.65 8.43 -8.44
N ASP A 63 -5.90 8.66 -8.10
CA ASP A 63 -6.48 8.12 -6.90
C ASP A 63 -7.18 6.82 -7.17
N TYR A 64 -6.62 5.79 -6.66
CA TYR A 64 -7.21 4.51 -6.73
C TYR A 64 -7.55 4.04 -5.38
N HIS A 65 -8.33 3.02 -5.32
CA HIS A 65 -8.63 2.41 -4.07
C HIS A 65 -8.12 0.99 -4.09
N ALA A 66 -7.14 0.76 -3.26
CA ALA A 66 -6.51 -0.53 -3.13
C ALA A 66 -7.38 -1.45 -2.33
N LYS A 67 -7.72 -2.56 -2.93
CA LYS A 67 -8.57 -3.53 -2.32
C LYS A 67 -7.76 -4.51 -1.49
N VAL A 68 -7.90 -4.38 -0.21
CA VAL A 68 -7.26 -5.24 0.73
C VAL A 68 -8.35 -5.87 1.57
N SER A 69 -8.58 -7.12 1.38
CA SER A 69 -9.65 -7.75 2.08
C SER A 69 -9.12 -8.52 3.26
N VAL A 70 -9.75 -8.36 4.38
CA VAL A 70 -9.34 -9.04 5.57
C VAL A 70 -10.47 -9.91 6.09
N LYS A 71 -10.28 -11.18 6.03
CA LYS A 71 -11.21 -12.11 6.56
C LYS A 71 -10.75 -12.44 7.95
N ASN A 72 -11.47 -12.01 8.93
CA ASN A 72 -11.01 -12.20 10.26
C ASN A 72 -11.97 -13.04 11.06
N PRO A 73 -11.53 -14.22 11.50
CA PRO A 73 -12.28 -14.99 12.44
C PRO A 73 -11.76 -14.70 13.87
N TYR A 74 -12.47 -13.83 14.56
CA TYR A 74 -12.15 -13.43 15.93
C TYR A 74 -13.20 -12.39 16.30
N SER A 75 -14.10 -12.80 17.18
CA SER A 75 -15.39 -12.13 17.53
C SER A 75 -15.40 -10.60 17.91
N GLN A 76 -14.38 -9.86 17.60
CA GLN A 76 -14.34 -8.47 17.90
C GLN A 76 -13.65 -7.67 16.81
N SER A 77 -13.81 -6.39 16.85
CA SER A 77 -13.14 -5.51 15.96
C SER A 77 -11.78 -5.14 16.56
N ILE A 78 -10.75 -5.79 16.08
CA ILE A 78 -9.40 -5.54 16.56
C ILE A 78 -8.90 -4.20 16.04
N PRO A 79 -8.37 -3.33 16.93
CA PRO A 79 -7.86 -2.02 16.55
C PRO A 79 -6.69 -2.11 15.58
N ILE A 80 -6.86 -1.48 14.43
CA ILE A 80 -5.84 -1.46 13.42
C ILE A 80 -4.98 -0.26 13.67
N CYS A 81 -3.77 -0.50 14.15
CA CYS A 81 -2.83 0.55 14.51
C CYS A 81 -2.64 1.52 13.34
N GLN A 82 -2.18 0.99 12.22
CA GLN A 82 -2.05 1.75 11.02
C GLN A 82 -1.84 0.77 9.88
N ILE A 83 -2.28 1.14 8.72
CA ILE A 83 -2.03 0.34 7.58
C ILE A 83 -0.81 0.91 6.87
N SER A 84 0.16 0.09 6.68
CA SER A 84 1.40 0.52 6.12
C SER A 84 1.43 0.14 4.65
N TYR A 85 1.53 1.13 3.77
CA TYR A 85 1.51 0.81 2.38
C TYR A 85 2.78 1.26 1.70
N ILE A 86 3.26 0.45 0.83
CA ILE A 86 4.35 0.78 -0.02
C ILE A 86 3.88 0.59 -1.45
N LEU A 87 3.70 1.67 -2.11
CA LEU A 87 3.28 1.73 -3.48
C LEU A 87 4.55 1.75 -4.26
N LYS A 88 4.75 0.83 -5.14
CA LYS A 88 5.98 0.77 -5.83
C LYS A 88 5.86 0.78 -7.34
N SER A 89 6.76 1.50 -7.95
CA SER A 89 6.87 1.63 -9.37
C SER A 89 8.04 0.81 -9.87
N ALA A 90 7.88 0.26 -11.05
CA ALA A 90 8.95 -0.47 -11.69
C ALA A 90 9.88 0.50 -12.41
N THR A 91 9.43 1.74 -12.56
CA THR A 91 10.21 2.76 -13.27
C THR A 91 10.97 3.63 -12.26
N ARG A 92 11.11 3.10 -11.03
CA ARG A 92 11.73 3.74 -9.87
C ARG A 92 10.77 4.69 -9.18
N THR A 93 11.13 5.05 -7.94
CA THR A 93 10.32 5.86 -7.05
C THR A 93 9.13 5.04 -6.54
N ILE A 94 8.83 5.17 -5.28
CA ILE A 94 7.73 4.47 -4.69
C ILE A 94 6.89 5.52 -3.91
N ALA A 95 5.76 5.13 -3.42
CA ALA A 95 4.94 6.01 -2.56
C ALA A 95 4.63 5.26 -1.29
N SER A 96 5.00 5.77 -0.18
CA SER A 96 4.77 5.03 1.03
C SER A 96 4.19 5.91 2.10
N GLY A 97 3.54 5.31 3.07
CA GLY A 97 2.93 6.02 4.15
C GLY A 97 2.13 5.07 4.99
N THR A 98 1.53 5.58 6.02
CA THR A 98 0.73 4.78 6.92
C THR A 98 -0.58 5.48 7.24
N ILE A 99 -1.70 4.76 7.19
CA ILE A 99 -2.97 5.37 7.61
C ILE A 99 -3.36 4.84 8.98
N PRO A 100 -3.25 5.67 10.05
CA PRO A 100 -3.69 5.30 11.39
C PRO A 100 -5.21 5.13 11.44
N ASP A 101 -5.66 3.94 11.83
CA ASP A 101 -7.08 3.57 11.85
C ASP A 101 -7.75 3.80 10.49
N PRO A 102 -7.53 2.89 9.54
CA PRO A 102 -8.06 3.00 8.19
C PRO A 102 -9.35 2.20 7.98
N GLY A 103 -9.84 1.62 9.05
CA GLY A 103 -11.02 0.81 8.98
C GLY A 103 -11.18 -0.01 10.23
N SER A 104 -12.06 -0.95 10.21
CA SER A 104 -12.30 -1.83 11.34
C SER A 104 -12.60 -3.24 10.87
N LEU A 105 -12.42 -4.19 11.75
CA LEU A 105 -12.73 -5.57 11.47
C LEU A 105 -14.18 -5.85 11.83
N VAL A 106 -14.74 -6.85 11.21
CA VAL A 106 -16.14 -7.17 11.43
C VAL A 106 -16.32 -8.30 12.43
N GLY A 107 -15.22 -8.78 12.98
CA GLY A 107 -15.28 -9.84 13.97
C GLY A 107 -15.35 -11.22 13.33
N SER A 108 -16.27 -11.38 12.46
CA SER A 108 -16.41 -12.59 11.75
C SER A 108 -16.90 -12.29 10.36
N GLY A 109 -16.01 -12.36 9.42
CA GLY A 109 -16.38 -12.17 8.06
C GLY A 109 -15.26 -11.59 7.27
N THR A 110 -15.53 -11.28 6.04
CA THR A 110 -14.56 -10.72 5.17
C THR A 110 -14.80 -9.23 5.04
N THR A 111 -13.95 -8.45 5.62
CA THR A 111 -14.07 -7.04 5.56
C THR A 111 -13.12 -6.49 4.50
N VAL A 112 -13.68 -5.94 3.46
CA VAL A 112 -12.90 -5.40 2.40
C VAL A 112 -12.52 -3.98 2.74
N LEU A 113 -11.26 -3.78 2.94
CA LEU A 113 -10.74 -2.49 3.26
C LEU A 113 -10.26 -1.84 1.99
N ASP A 114 -10.36 -0.55 1.90
CA ASP A 114 -9.99 0.14 0.69
C ASP A 114 -9.20 1.38 1.00
N VAL A 115 -8.02 1.46 0.46
CA VAL A 115 -7.15 2.60 0.67
C VAL A 115 -7.18 3.50 -0.53
N PRO A 116 -7.56 4.78 -0.35
CA PRO A 116 -7.35 5.76 -1.39
C PRO A 116 -5.85 5.94 -1.50
N VAL A 117 -5.29 5.48 -2.56
CA VAL A 117 -3.88 5.48 -2.69
C VAL A 117 -3.48 6.16 -3.99
N LYS A 118 -2.34 6.79 -4.00
CA LYS A 118 -1.88 7.47 -5.18
C LYS A 118 -1.08 6.48 -6.03
N VAL A 119 -1.71 5.92 -7.01
CA VAL A 119 -1.03 4.99 -7.88
C VAL A 119 -0.55 5.76 -9.07
N ALA A 120 0.56 5.33 -9.62
CA ALA A 120 1.17 5.98 -10.79
C ALA A 120 1.81 7.30 -10.42
N TYR A 121 1.71 7.63 -9.13
CA TYR A 121 2.35 8.77 -8.51
C TYR A 121 3.83 8.61 -8.70
N SER A 122 4.30 7.45 -8.33
CA SER A 122 5.70 7.11 -8.38
C SER A 122 6.22 7.15 -9.84
N ILE A 123 5.32 6.90 -10.77
CA ILE A 123 5.68 6.92 -12.17
C ILE A 123 5.75 8.36 -12.67
N ALA A 124 4.72 9.15 -12.35
CA ALA A 124 4.67 10.56 -12.75
C ALA A 124 5.82 11.35 -12.15
N VAL A 125 6.17 10.99 -10.93
CA VAL A 125 7.31 11.59 -10.24
C VAL A 125 8.63 11.25 -10.94
N SER A 126 8.73 10.04 -11.44
CA SER A 126 9.92 9.61 -12.12
C SER A 126 9.97 10.07 -13.59
N LEU A 127 9.20 9.42 -14.44
CA LEU A 127 9.28 9.65 -15.86
C LEU A 127 7.94 10.03 -16.50
N MET A 128 6.84 9.64 -15.86
CA MET A 128 5.46 9.86 -16.35
C MET A 128 5.11 8.93 -17.51
N LYS A 129 3.93 8.34 -17.42
CA LYS A 129 3.47 7.33 -18.39
C LYS A 129 2.76 7.96 -19.59
N ASP A 130 2.81 9.27 -19.65
CA ASP A 130 2.33 10.08 -20.82
C ASP A 130 0.83 10.07 -21.05
N MET A 131 0.08 9.34 -20.22
CA MET A 131 -1.40 9.25 -20.38
C MET A 131 -1.80 8.62 -21.70
N CYS A 132 -0.96 7.71 -22.20
CA CYS A 132 -1.23 7.00 -23.42
C CYS A 132 -2.58 6.28 -23.33
N THR A 133 -3.40 6.47 -24.31
CA THR A 133 -4.69 5.85 -24.32
C THR A 133 -4.55 4.39 -24.72
N ASP A 134 -5.17 3.52 -23.92
CA ASP A 134 -5.06 2.06 -24.06
C ASP A 134 -3.63 1.67 -23.77
N TRP A 135 -3.35 1.56 -22.50
CA TRP A 135 -2.02 1.40 -22.01
C TRP A 135 -2.08 0.71 -20.66
N ASP A 136 -1.00 0.09 -20.28
CA ASP A 136 -0.89 -0.56 -18.99
C ASP A 136 0.54 -0.49 -18.56
N ILE A 137 0.77 -0.40 -17.29
CA ILE A 137 2.11 -0.21 -16.80
C ILE A 137 2.36 -0.99 -15.52
N ASP A 138 3.61 -1.43 -15.35
CA ASP A 138 4.06 -2.19 -14.19
C ASP A 138 3.95 -1.40 -12.91
N TYR A 139 3.21 -1.96 -12.02
CA TYR A 139 2.92 -1.40 -10.75
C TYR A 139 2.97 -2.51 -9.69
N GLN A 140 3.40 -2.19 -8.48
CA GLN A 140 3.47 -3.17 -7.39
C GLN A 140 3.06 -2.51 -6.07
N LEU A 141 2.59 -3.31 -5.12
CA LEU A 141 2.32 -2.81 -3.79
C LEU A 141 2.75 -3.80 -2.74
N ASP A 142 3.12 -3.27 -1.61
CA ASP A 142 3.43 -4.04 -0.42
C ASP A 142 2.70 -3.38 0.69
N ILE A 143 1.72 -4.04 1.24
CA ILE A 143 0.94 -3.46 2.28
C ILE A 143 0.91 -4.32 3.52
N GLY A 144 1.03 -3.69 4.66
CA GLY A 144 1.03 -4.37 5.90
C GLY A 144 -0.08 -3.91 6.80
N LEU A 145 -0.81 -4.86 7.33
CA LEU A 145 -1.92 -4.60 8.24
C LEU A 145 -1.45 -4.78 9.67
N THR A 146 -1.36 -3.70 10.41
CA THR A 146 -0.89 -3.77 11.77
C THR A 146 -2.07 -3.83 12.75
N PHE A 147 -2.23 -4.96 13.41
CA PHE A 147 -3.31 -5.12 14.38
C PHE A 147 -2.70 -5.31 15.75
N ASP A 148 -3.30 -4.71 16.76
CA ASP A 148 -2.85 -4.92 18.12
C ASP A 148 -3.65 -6.04 18.75
N ILE A 149 -3.00 -7.15 18.94
CA ILE A 149 -3.64 -8.33 19.49
C ILE A 149 -2.98 -8.71 20.79
N PRO A 150 -3.74 -8.68 21.92
CA PRO A 150 -3.22 -8.95 23.29
C PRO A 150 -2.44 -10.27 23.44
N VAL A 151 -2.64 -11.18 22.51
CA VAL A 151 -1.96 -12.47 22.54
C VAL A 151 -0.47 -12.33 22.19
N VAL A 152 -0.14 -11.33 21.38
CA VAL A 152 1.24 -11.12 20.92
C VAL A 152 1.67 -9.67 21.09
N GLY A 153 0.87 -8.78 20.55
CA GLY A 153 1.16 -7.38 20.55
C GLY A 153 0.69 -6.80 19.24
N ASP A 154 1.27 -5.71 18.82
CA ASP A 154 0.93 -5.16 17.52
C ASP A 154 1.79 -5.80 16.46
N ILE A 155 1.16 -6.49 15.55
CA ILE A 155 1.85 -7.16 14.49
C ILE A 155 1.31 -6.82 13.12
N THR A 156 2.19 -6.68 12.18
CA THR A 156 1.84 -6.32 10.83
C THR A 156 1.80 -7.57 9.91
N ILE A 157 0.66 -7.79 9.27
CA ILE A 157 0.53 -8.86 8.28
C ILE A 157 0.99 -8.31 6.94
N PRO A 158 2.12 -8.81 6.42
CA PRO A 158 2.67 -8.36 5.16
C PRO A 158 2.10 -9.10 3.95
N VAL A 159 1.40 -8.37 3.14
CA VAL A 159 0.85 -8.90 1.92
C VAL A 159 1.29 -8.04 0.72
N SER A 160 1.83 -8.69 -0.28
CA SER A 160 2.40 -8.01 -1.42
C SER A 160 1.83 -8.57 -2.73
N THR A 161 1.86 -7.78 -3.78
CA THR A 161 1.39 -8.21 -5.07
C THR A 161 1.87 -7.21 -6.12
N GLN A 162 2.09 -7.70 -7.31
CA GLN A 162 2.38 -6.83 -8.39
C GLN A 162 1.12 -6.66 -9.20
N GLY A 163 0.74 -5.45 -9.44
CA GLY A 163 -0.51 -5.22 -10.04
C GLY A 163 -0.39 -4.64 -11.41
N GLU A 164 -1.11 -5.19 -12.29
CA GLU A 164 -1.18 -4.69 -13.61
C GLU A 164 -2.46 -3.93 -13.71
N ILE A 165 -2.36 -2.71 -14.01
CA ILE A 165 -3.51 -1.88 -14.10
C ILE A 165 -3.70 -1.38 -15.51
N LYS A 166 -4.75 -1.88 -16.10
CA LYS A 166 -5.07 -1.60 -17.46
C LYS A 166 -5.76 -0.25 -17.52
N LEU A 167 -5.17 0.66 -18.23
CA LEU A 167 -5.65 2.02 -18.36
C LEU A 167 -6.36 2.16 -19.71
N PRO A 168 -7.72 2.08 -19.74
CA PRO A 168 -8.48 2.22 -20.95
C PRO A 168 -8.75 3.69 -21.29
N SER A 169 -7.76 4.30 -21.92
CA SER A 169 -7.81 5.66 -22.41
C SER A 169 -7.83 6.74 -21.29
N LEU A 170 -8.98 6.92 -20.62
CA LEU A 170 -9.18 7.95 -19.58
C LEU A 170 -9.05 9.37 -20.10
N ARG A 171 -7.84 9.73 -20.54
CA ARG A 171 -7.49 11.06 -21.02
C ARG A 171 -7.64 12.09 -19.92
N ASP A 172 -6.52 12.31 -19.21
CA ASP A 172 -6.43 13.21 -18.05
C ASP A 172 -7.09 12.57 -16.88
N PHE A 173 -6.28 11.87 -16.16
CA PHE A 173 -6.68 11.07 -15.04
C PHE A 173 -5.41 10.75 -14.30
N PHE A 174 -4.36 10.57 -15.10
CA PHE A 174 -2.98 10.34 -14.67
C PHE A 174 -2.75 8.95 -14.20
N GLY A 1 13.53 12.67 10.58
CA GLY A 1 14.00 13.29 9.34
C GLY A 1 14.79 14.56 9.58
N HIS A 2 16.10 14.41 9.77
CA HIS A 2 16.96 15.56 9.94
C HIS A 2 17.39 16.08 8.60
N HIS A 3 17.86 17.33 8.56
CA HIS A 3 18.24 18.01 7.30
C HIS A 3 17.04 18.08 6.39
N HIS A 4 15.85 18.14 7.00
CA HIS A 4 14.60 18.17 6.27
C HIS A 4 14.48 19.42 5.42
N HIS A 5 14.14 19.20 4.17
CA HIS A 5 14.08 20.22 3.15
C HIS A 5 15.44 20.84 2.88
N HIS A 6 16.20 20.16 2.10
CA HIS A 6 17.44 20.65 1.61
C HIS A 6 17.27 20.54 0.11
N HIS A 7 17.93 21.41 -0.68
CA HIS A 7 17.62 21.55 -2.13
C HIS A 7 16.24 22.20 -2.22
N LEU A 8 15.64 22.21 -3.37
CA LEU A 8 14.29 22.69 -3.46
C LEU A 8 13.39 21.45 -3.26
N GLU A 9 13.54 20.48 -4.14
CA GLU A 9 12.86 19.17 -4.02
C GLU A 9 13.75 18.04 -4.51
N ALA A 10 14.63 18.37 -5.46
CA ALA A 10 15.54 17.40 -6.09
C ALA A 10 16.30 16.54 -5.08
N SER A 11 16.01 15.24 -5.12
CA SER A 11 16.63 14.22 -4.26
C SER A 11 16.24 14.38 -2.78
N ALA A 12 15.34 15.29 -2.48
CA ALA A 12 14.91 15.50 -1.12
C ALA A 12 13.70 14.65 -0.82
N ASP A 13 12.77 14.63 -1.76
CA ASP A 13 11.53 13.88 -1.57
C ASP A 13 11.78 12.39 -1.74
N GLU A 14 12.58 12.04 -2.75
CA GLU A 14 12.99 10.65 -2.99
C GLU A 14 13.63 10.05 -1.75
N LYS A 15 14.45 10.84 -1.10
CA LYS A 15 15.20 10.45 0.06
C LYS A 15 14.28 10.13 1.25
N VAL A 16 13.41 11.07 1.59
CA VAL A 16 12.50 10.90 2.72
C VAL A 16 11.49 9.76 2.51
N VAL A 17 11.07 9.54 1.25
CA VAL A 17 10.18 8.43 0.94
C VAL A 17 10.93 7.11 1.09
N GLU A 18 12.12 7.08 0.55
CA GLU A 18 12.95 5.88 0.53
C GLU A 18 13.23 5.35 1.91
N GLU A 19 13.64 6.23 2.83
CA GLU A 19 13.96 5.77 4.17
C GLU A 19 12.73 5.27 4.89
N LYS A 20 11.62 5.97 4.73
CA LYS A 20 10.37 5.59 5.36
C LYS A 20 9.92 4.24 4.83
N ALA A 21 10.06 4.04 3.52
CA ALA A 21 9.72 2.78 2.90
C ALA A 21 10.64 1.68 3.40
N SER A 22 11.90 2.03 3.59
CA SER A 22 12.90 1.09 4.08
C SER A 22 12.56 0.67 5.53
N VAL A 23 12.19 1.63 6.38
CA VAL A 23 11.80 1.35 7.76
C VAL A 23 10.60 0.41 7.79
N ILE A 24 9.64 0.69 6.93
CA ILE A 24 8.47 -0.15 6.85
C ILE A 24 8.81 -1.52 6.23
N SER A 25 9.73 -1.53 5.26
CA SER A 25 10.16 -2.78 4.62
C SER A 25 10.78 -3.72 5.67
N SER A 26 11.58 -3.16 6.57
CA SER A 26 12.17 -3.93 7.65
C SER A 26 11.08 -4.44 8.60
N LEU A 27 9.98 -3.70 8.69
CA LEU A 27 8.84 -4.11 9.47
C LEU A 27 8.17 -5.30 8.78
N LEU A 28 8.11 -5.28 7.47
CA LEU A 28 7.57 -6.41 6.77
C LEU A 28 8.44 -7.65 6.89
N ASP A 29 9.75 -7.49 7.07
CA ASP A 29 10.63 -8.65 7.36
C ASP A 29 10.17 -9.28 8.65
N LYS A 30 9.92 -8.41 9.63
CA LYS A 30 9.35 -8.78 10.92
C LYS A 30 8.04 -9.51 10.72
N ALA A 31 7.19 -8.90 9.92
CA ALA A 31 5.86 -9.39 9.61
C ALA A 31 5.89 -10.78 8.96
N LYS A 32 6.80 -10.96 7.99
CA LYS A 32 6.96 -12.25 7.28
C LYS A 32 7.32 -13.34 8.26
N GLY A 33 8.05 -12.96 9.30
CA GLY A 33 8.43 -13.88 10.34
C GLY A 33 7.22 -14.44 11.06
N PHE A 34 6.34 -13.55 11.52
CA PHE A 34 5.15 -14.01 12.25
C PHE A 34 4.15 -14.65 11.29
N PHE A 35 4.00 -14.09 10.10
CA PHE A 35 2.99 -14.59 9.16
C PHE A 35 3.23 -16.03 8.72
N ALA A 36 4.48 -16.42 8.60
CA ALA A 36 4.79 -17.78 8.22
C ALA A 36 4.46 -18.78 9.34
N GLU A 37 4.49 -18.32 10.58
CA GLU A 37 4.28 -19.21 11.71
C GLU A 37 2.96 -18.94 12.48
N LYS A 38 2.81 -17.73 12.95
CA LYS A 38 1.83 -17.36 13.94
C LYS A 38 0.47 -17.33 13.34
N LEU A 39 0.43 -16.70 12.23
CA LEU A 39 -0.81 -16.38 11.54
C LEU A 39 -1.28 -17.54 10.70
N ALA A 40 -0.58 -18.64 10.80
CA ALA A 40 -0.92 -19.83 10.08
C ALA A 40 -1.31 -20.94 11.06
N ASN A 41 -1.10 -20.70 12.35
CA ASN A 41 -1.46 -21.67 13.37
C ASN A 41 -2.64 -21.17 14.17
N ILE A 42 -2.63 -19.89 14.46
CA ILE A 42 -3.67 -19.28 15.23
C ILE A 42 -4.72 -18.78 14.26
N PRO A 43 -6.03 -18.91 14.55
CA PRO A 43 -7.07 -18.35 13.71
C PRO A 43 -7.03 -16.84 13.85
N THR A 44 -6.41 -16.21 12.91
CA THR A 44 -6.14 -14.82 12.98
C THR A 44 -6.65 -14.16 11.69
N PRO A 45 -7.10 -12.88 11.74
CA PRO A 45 -7.52 -12.14 10.55
C PRO A 45 -6.46 -12.18 9.44
N GLU A 46 -6.88 -12.54 8.25
CA GLU A 46 -5.99 -12.71 7.12
C GLU A 46 -6.30 -11.68 6.05
N ALA A 47 -5.38 -10.77 5.83
CA ALA A 47 -5.57 -9.69 4.89
C ALA A 47 -4.73 -9.87 3.65
N THR A 48 -5.24 -9.40 2.54
CA THR A 48 -4.52 -9.45 1.28
C THR A 48 -5.00 -8.35 0.33
N VAL A 49 -4.08 -7.78 -0.43
CA VAL A 49 -4.41 -6.80 -1.40
C VAL A 49 -4.24 -7.46 -2.75
N ASP A 50 -5.11 -7.15 -3.66
CA ASP A 50 -5.13 -7.88 -4.95
C ASP A 50 -5.80 -7.07 -6.03
N ASP A 51 -6.63 -6.14 -5.63
CA ASP A 51 -7.50 -5.50 -6.60
C ASP A 51 -7.23 -4.04 -6.58
N VAL A 52 -6.78 -3.55 -7.68
CA VAL A 52 -6.48 -2.17 -7.83
C VAL A 52 -7.37 -1.61 -8.95
N ASP A 53 -8.32 -0.76 -8.57
CA ASP A 53 -9.31 -0.22 -9.51
C ASP A 53 -9.40 1.30 -9.40
N PHE A 54 -9.29 1.99 -10.52
CA PHE A 54 -9.29 3.46 -10.53
C PHE A 54 -10.59 4.08 -10.08
N LYS A 55 -10.46 5.13 -9.32
CA LYS A 55 -11.61 5.87 -8.83
C LYS A 55 -11.99 6.93 -9.83
N GLY A 56 -11.03 7.35 -10.62
CA GLY A 56 -11.24 8.39 -11.59
C GLY A 56 -9.92 8.89 -12.08
N VAL A 57 -9.91 10.09 -12.62
CA VAL A 57 -8.69 10.67 -13.16
C VAL A 57 -8.07 11.67 -12.19
N THR A 58 -6.76 11.73 -12.18
CA THR A 58 -6.01 12.66 -11.37
C THR A 58 -4.67 12.86 -12.07
N ARG A 59 -4.22 14.10 -12.16
CA ARG A 59 -3.01 14.42 -12.92
C ARG A 59 -1.74 14.02 -12.16
N ASP A 60 -1.70 14.29 -10.86
CA ASP A 60 -0.53 13.97 -10.02
C ASP A 60 -0.26 12.49 -10.00
N GLY A 61 -1.26 11.77 -9.61
CA GLY A 61 -1.22 10.37 -9.54
C GLY A 61 -2.61 9.90 -9.51
N VAL A 62 -2.91 8.88 -10.24
CA VAL A 62 -4.26 8.44 -10.37
C VAL A 62 -4.74 7.78 -9.08
N ASP A 63 -5.91 8.19 -8.62
CA ASP A 63 -6.45 7.70 -7.38
C ASP A 63 -7.12 6.36 -7.60
N TYR A 64 -6.59 5.36 -6.96
CA TYR A 64 -7.10 4.01 -7.08
C TYR A 64 -7.61 3.45 -5.79
N HIS A 65 -8.51 2.52 -5.94
CA HIS A 65 -9.09 1.79 -4.87
C HIS A 65 -8.22 0.57 -4.67
N ALA A 66 -7.49 0.54 -3.61
CA ALA A 66 -6.70 -0.61 -3.26
C ALA A 66 -7.51 -1.50 -2.35
N LYS A 67 -7.95 -2.61 -2.88
CA LYS A 67 -8.81 -3.50 -2.14
C LYS A 67 -7.99 -4.47 -1.33
N VAL A 68 -8.05 -4.30 -0.03
CA VAL A 68 -7.40 -5.17 0.90
C VAL A 68 -8.50 -5.88 1.66
N SER A 69 -8.68 -7.13 1.41
CA SER A 69 -9.73 -7.84 2.07
C SER A 69 -9.18 -8.69 3.18
N VAL A 70 -9.89 -8.73 4.25
CA VAL A 70 -9.47 -9.47 5.41
C VAL A 70 -10.64 -10.15 6.10
N LYS A 71 -10.52 -11.44 6.29
CA LYS A 71 -11.49 -12.18 7.05
C LYS A 71 -10.95 -12.36 8.44
N ASN A 72 -11.81 -12.28 9.39
CA ASN A 72 -11.41 -12.33 10.79
C ASN A 72 -12.28 -13.24 11.58
N PRO A 73 -11.73 -14.31 12.15
CA PRO A 73 -12.47 -15.10 13.08
C PRO A 73 -12.20 -14.59 14.49
N TYR A 74 -13.10 -13.74 14.93
CA TYR A 74 -13.14 -12.99 16.21
C TYR A 74 -14.28 -12.02 16.04
N SER A 75 -15.18 -11.96 16.99
CA SER A 75 -16.34 -11.08 16.86
C SER A 75 -16.01 -9.63 17.25
N GLN A 76 -14.80 -9.40 17.68
CA GLN A 76 -14.36 -8.08 18.03
C GLN A 76 -13.91 -7.30 16.79
N SER A 77 -14.39 -6.10 16.67
CA SER A 77 -13.95 -5.20 15.66
C SER A 77 -12.58 -4.66 16.06
N ILE A 78 -11.56 -5.31 15.56
CA ILE A 78 -10.21 -4.97 15.86
C ILE A 78 -9.82 -3.67 15.13
N PRO A 79 -9.36 -2.66 15.87
CA PRO A 79 -8.93 -1.41 15.27
C PRO A 79 -7.54 -1.54 14.69
N ILE A 80 -7.43 -1.35 13.40
CA ILE A 80 -6.14 -1.40 12.73
C ILE A 80 -5.39 -0.16 13.12
N CYS A 81 -4.32 -0.34 13.89
CA CYS A 81 -3.52 0.77 14.41
C CYS A 81 -3.12 1.73 13.30
N GLN A 82 -2.42 1.23 12.31
CA GLN A 82 -2.09 2.04 11.17
C GLN A 82 -1.96 1.13 9.97
N ILE A 83 -2.18 1.67 8.82
CA ILE A 83 -1.97 0.92 7.62
C ILE A 83 -0.65 1.41 7.02
N SER A 84 0.26 0.54 6.80
CA SER A 84 1.49 0.95 6.24
C SER A 84 1.46 0.74 4.71
N TYR A 85 1.60 1.85 4.03
CA TYR A 85 1.40 2.00 2.60
C TYR A 85 2.72 2.08 1.87
N ILE A 86 2.92 1.17 0.95
CA ILE A 86 4.06 1.22 0.08
C ILE A 86 3.56 1.13 -1.35
N LEU A 87 3.65 2.21 -2.02
CA LEU A 87 3.28 2.32 -3.40
C LEU A 87 4.58 2.29 -4.17
N LYS A 88 4.74 1.34 -5.06
CA LYS A 88 5.98 1.20 -5.77
C LYS A 88 5.80 1.17 -7.28
N SER A 89 6.61 1.94 -7.97
CA SER A 89 6.59 1.98 -9.40
C SER A 89 7.98 1.63 -9.94
N ALA A 90 8.02 0.99 -11.12
CA ALA A 90 9.27 0.54 -11.75
C ALA A 90 10.20 1.70 -12.17
N THR A 91 9.76 2.92 -11.93
CA THR A 91 10.52 4.11 -12.25
C THR A 91 11.39 4.53 -11.05
N ARG A 92 11.57 3.59 -10.12
CA ARG A 92 12.35 3.75 -8.86
C ARG A 92 11.69 4.65 -7.85
N THR A 93 11.14 5.74 -8.30
CA THR A 93 10.38 6.62 -7.47
C THR A 93 9.18 5.88 -6.93
N ILE A 94 8.90 6.08 -5.67
CA ILE A 94 7.79 5.44 -5.05
C ILE A 94 7.06 6.43 -4.15
N ALA A 95 6.00 5.96 -3.56
CA ALA A 95 5.24 6.72 -2.58
C ALA A 95 5.09 5.86 -1.34
N SER A 96 5.38 6.40 -0.21
CA SER A 96 5.31 5.64 1.01
C SER A 96 4.44 6.39 2.00
N GLY A 97 3.74 5.66 2.82
CA GLY A 97 2.85 6.30 3.74
C GLY A 97 2.47 5.41 4.87
N THR A 98 1.80 5.96 5.82
CA THR A 98 1.35 5.25 6.98
C THR A 98 0.10 5.95 7.50
N ILE A 99 -1.08 5.33 7.37
CA ILE A 99 -2.29 6.00 7.84
C ILE A 99 -2.76 5.41 9.18
N PRO A 100 -2.64 6.17 10.28
CA PRO A 100 -3.18 5.76 11.59
C PRO A 100 -4.70 5.76 11.54
N ASP A 101 -5.30 4.64 11.93
CA ASP A 101 -6.77 4.43 11.85
C ASP A 101 -7.24 4.61 10.39
N PRO A 102 -7.09 3.57 9.58
CA PRO A 102 -7.45 3.61 8.17
C PRO A 102 -8.71 2.79 7.85
N GLY A 103 -9.44 2.42 8.88
CA GLY A 103 -10.61 1.62 8.70
C GLY A 103 -10.89 0.81 9.93
N SER A 104 -11.83 -0.07 9.86
CA SER A 104 -12.20 -0.89 10.99
C SER A 104 -12.38 -2.35 10.57
N LEU A 105 -11.99 -3.27 11.43
CA LEU A 105 -12.13 -4.66 11.12
C LEU A 105 -13.56 -5.08 11.44
N VAL A 106 -14.19 -5.72 10.50
CA VAL A 106 -15.60 -6.11 10.56
C VAL A 106 -15.97 -7.00 11.78
N GLY A 107 -15.07 -7.87 12.18
CA GLY A 107 -15.35 -8.82 13.22
C GLY A 107 -16.26 -9.98 12.73
N SER A 108 -15.73 -11.20 12.80
CA SER A 108 -16.45 -12.44 12.45
C SER A 108 -16.79 -12.56 10.95
N GLY A 109 -16.22 -11.70 10.13
CA GLY A 109 -16.49 -11.75 8.72
C GLY A 109 -15.34 -11.26 7.90
N THR A 110 -15.59 -10.97 6.67
CA THR A 110 -14.58 -10.45 5.78
C THR A 110 -14.98 -9.04 5.35
N THR A 111 -14.04 -8.17 5.30
CA THR A 111 -14.28 -6.82 4.92
C THR A 111 -13.25 -6.33 3.93
N VAL A 112 -13.70 -5.60 2.93
CA VAL A 112 -12.83 -5.02 1.95
C VAL A 112 -12.40 -3.62 2.37
N LEU A 113 -11.18 -3.51 2.78
CA LEU A 113 -10.62 -2.27 3.22
C LEU A 113 -9.98 -1.60 2.04
N ASP A 114 -9.87 -0.29 2.06
CA ASP A 114 -9.26 0.38 0.94
C ASP A 114 -8.47 1.57 1.37
N VAL A 115 -7.45 1.82 0.63
CA VAL A 115 -6.66 2.99 0.75
C VAL A 115 -6.62 3.58 -0.62
N PRO A 116 -6.94 4.85 -0.79
CA PRO A 116 -6.76 5.47 -2.06
C PRO A 116 -5.26 5.61 -2.31
N VAL A 117 -4.75 4.84 -3.24
CA VAL A 117 -3.35 4.88 -3.51
C VAL A 117 -3.10 5.77 -4.72
N LYS A 118 -1.95 6.40 -4.75
CA LYS A 118 -1.57 7.21 -5.87
C LYS A 118 -0.73 6.40 -6.82
N VAL A 119 -1.36 5.89 -7.84
CA VAL A 119 -0.64 5.05 -8.76
C VAL A 119 -0.14 5.90 -9.87
N ALA A 120 1.00 5.54 -10.40
CA ALA A 120 1.62 6.22 -11.51
C ALA A 120 2.13 7.60 -11.12
N TYR A 121 1.88 8.00 -9.87
CA TYR A 121 2.40 9.24 -9.31
C TYR A 121 3.88 9.19 -9.39
N SER A 122 4.41 8.06 -8.97
CA SER A 122 5.81 7.82 -8.95
C SER A 122 6.38 7.76 -10.38
N ILE A 123 5.54 7.40 -11.31
CA ILE A 123 5.91 7.26 -12.70
C ILE A 123 5.96 8.62 -13.39
N ALA A 124 4.90 9.43 -13.21
CA ALA A 124 4.83 10.78 -13.77
C ALA A 124 5.97 11.62 -13.23
N VAL A 125 6.13 11.59 -11.92
CA VAL A 125 7.20 12.31 -11.23
C VAL A 125 8.57 11.94 -11.81
N SER A 126 8.77 10.66 -12.04
CA SER A 126 10.02 10.17 -12.57
C SER A 126 10.18 10.49 -14.07
N LEU A 127 9.53 9.70 -14.92
CA LEU A 127 9.72 9.83 -16.35
C LEU A 127 8.42 10.02 -17.17
N MET A 128 7.35 9.28 -16.80
CA MET A 128 6.05 9.23 -17.55
C MET A 128 6.26 8.57 -18.91
N LYS A 129 5.60 7.43 -19.10
CA LYS A 129 5.69 6.62 -20.35
C LYS A 129 5.54 7.48 -21.60
N ASP A 130 4.33 7.92 -21.83
CA ASP A 130 3.92 8.67 -23.02
C ASP A 130 2.43 8.81 -22.95
N MET A 131 1.83 7.79 -22.33
CA MET A 131 0.40 7.66 -22.11
C MET A 131 -0.39 7.50 -23.42
N CYS A 132 -0.84 6.30 -23.67
CA CYS A 132 -1.54 5.99 -24.90
C CYS A 132 -2.87 5.30 -24.58
N THR A 133 -3.67 5.07 -25.62
CA THR A 133 -4.95 4.49 -25.50
C THR A 133 -4.85 2.95 -25.44
N ASP A 134 -5.25 2.41 -24.29
CA ASP A 134 -5.22 0.95 -24.00
C ASP A 134 -3.81 0.54 -23.74
N TRP A 135 -3.48 0.51 -22.50
CA TRP A 135 -2.15 0.35 -22.07
C TRP A 135 -2.12 -0.25 -20.67
N ASP A 136 -1.11 -1.04 -20.37
CA ASP A 136 -1.00 -1.69 -19.07
C ASP A 136 0.24 -1.22 -18.37
N ILE A 137 0.17 -1.06 -17.08
CA ILE A 137 1.34 -0.73 -16.28
C ILE A 137 1.38 -1.67 -15.10
N ASP A 138 2.51 -2.30 -14.86
CA ASP A 138 2.63 -3.14 -13.70
C ASP A 138 3.33 -2.37 -12.63
N TYR A 139 2.68 -2.22 -11.54
CA TYR A 139 3.25 -1.50 -10.46
C TYR A 139 3.14 -2.38 -9.22
N GLN A 140 3.76 -2.01 -8.17
CA GLN A 140 3.74 -2.84 -7.00
C GLN A 140 2.99 -2.17 -5.87
N LEU A 141 2.18 -2.94 -5.21
CA LEU A 141 1.46 -2.51 -4.07
C LEU A 141 1.81 -3.41 -2.91
N ASP A 142 2.40 -2.81 -1.93
CA ASP A 142 2.89 -3.52 -0.77
C ASP A 142 2.30 -2.85 0.45
N ILE A 143 1.57 -3.57 1.23
CA ILE A 143 0.89 -3.00 2.37
C ILE A 143 1.13 -3.81 3.61
N GLY A 144 1.39 -3.14 4.68
CA GLY A 144 1.54 -3.79 5.93
C GLY A 144 0.42 -3.38 6.86
N LEU A 145 -0.31 -4.32 7.34
CA LEU A 145 -1.39 -4.04 8.27
C LEU A 145 -1.09 -4.66 9.59
N THR A 146 -1.72 -4.21 10.62
CA THR A 146 -1.43 -4.71 11.92
C THR A 146 -2.68 -4.98 12.73
N PHE A 147 -2.66 -6.06 13.49
CA PHE A 147 -3.71 -6.42 14.41
C PHE A 147 -3.07 -6.84 15.71
N ASP A 148 -3.62 -6.44 16.82
CA ASP A 148 -3.07 -6.83 18.10
C ASP A 148 -4.05 -7.66 18.88
N ILE A 149 -3.57 -8.75 19.41
CA ILE A 149 -4.34 -9.64 20.23
C ILE A 149 -3.46 -10.15 21.38
N PRO A 150 -4.01 -10.32 22.61
CA PRO A 150 -3.24 -10.74 23.82
C PRO A 150 -2.69 -12.17 23.72
N VAL A 151 -2.89 -12.78 22.57
CA VAL A 151 -2.40 -14.12 22.32
C VAL A 151 -0.87 -14.10 22.19
N VAL A 152 -0.33 -12.97 21.75
CA VAL A 152 1.12 -12.83 21.60
C VAL A 152 1.54 -11.33 21.56
N GLY A 153 0.65 -10.48 21.07
CA GLY A 153 0.96 -9.07 21.00
C GLY A 153 0.44 -8.46 19.73
N ASP A 154 1.20 -7.53 19.18
CA ASP A 154 0.83 -6.88 17.93
C ASP A 154 1.53 -7.59 16.79
N ILE A 155 0.79 -7.91 15.76
CA ILE A 155 1.38 -8.56 14.63
C ILE A 155 1.12 -7.72 13.40
N THR A 156 2.15 -7.47 12.67
CA THR A 156 2.05 -6.83 11.42
C THR A 156 2.02 -7.91 10.34
N ILE A 157 1.22 -7.74 9.32
CA ILE A 157 1.10 -8.72 8.26
C ILE A 157 1.63 -8.13 6.98
N PRO A 158 2.52 -8.84 6.29
CA PRO A 158 3.13 -8.36 5.07
C PRO A 158 2.35 -8.77 3.83
N VAL A 159 1.84 -7.82 3.12
CA VAL A 159 1.14 -8.11 1.92
C VAL A 159 1.84 -7.46 0.76
N SER A 160 2.54 -8.24 0.00
CA SER A 160 3.26 -7.75 -1.13
C SER A 160 2.56 -8.21 -2.41
N THR A 161 2.28 -7.29 -3.29
CA THR A 161 1.50 -7.62 -4.45
C THR A 161 1.94 -6.81 -5.69
N GLN A 162 2.15 -7.49 -6.79
CA GLN A 162 2.43 -6.83 -8.04
C GLN A 162 1.14 -6.78 -8.82
N GLY A 163 0.75 -5.61 -9.23
CA GLY A 163 -0.49 -5.48 -9.91
C GLY A 163 -0.34 -4.76 -11.20
N GLU A 164 -0.84 -5.36 -12.23
CA GLU A 164 -0.83 -4.74 -13.50
C GLU A 164 -2.16 -4.07 -13.67
N ILE A 165 -2.12 -2.81 -13.84
CA ILE A 165 -3.30 -2.02 -13.96
C ILE A 165 -3.42 -1.47 -15.35
N LYS A 166 -4.62 -1.43 -15.85
CA LYS A 166 -4.83 -1.05 -17.21
C LYS A 166 -5.35 0.37 -17.30
N LEU A 167 -4.90 1.02 -18.32
CA LEU A 167 -5.29 2.34 -18.66
C LEU A 167 -6.08 2.23 -19.99
N PRO A 168 -7.43 1.97 -19.88
CA PRO A 168 -8.26 1.59 -21.02
C PRO A 168 -8.72 2.72 -21.91
N SER A 169 -7.88 3.05 -22.86
CA SER A 169 -8.14 4.05 -23.91
C SER A 169 -8.34 5.48 -23.42
N LEU A 170 -8.30 5.70 -22.14
CA LEU A 170 -8.24 7.03 -21.64
C LEU A 170 -6.88 7.55 -21.98
N ARG A 171 -6.75 8.27 -23.05
CA ARG A 171 -5.45 8.84 -23.35
C ARG A 171 -5.10 9.94 -22.32
N ASP A 172 -6.13 10.50 -21.72
CA ASP A 172 -5.96 11.48 -20.66
C ASP A 172 -6.57 10.91 -19.39
N PHE A 173 -5.71 10.44 -18.55
CA PHE A 173 -6.05 9.74 -17.33
C PHE A 173 -4.82 9.80 -16.48
N PHE A 174 -3.74 9.55 -17.14
CA PHE A 174 -2.42 9.64 -16.59
C PHE A 174 -1.74 10.83 -17.23
N GLY A 1 16.97 9.61 -21.39
CA GLY A 1 18.12 10.26 -20.75
C GLY A 1 17.96 11.75 -20.71
N HIS A 2 18.86 12.43 -19.99
CA HIS A 2 18.88 13.89 -19.84
C HIS A 2 17.69 14.44 -19.05
N HIS A 3 16.49 14.29 -19.58
CA HIS A 3 15.32 14.82 -18.91
C HIS A 3 14.86 13.90 -17.79
N HIS A 4 15.06 14.34 -16.58
CA HIS A 4 14.70 13.59 -15.40
C HIS A 4 14.12 14.52 -14.36
N HIS A 5 12.96 14.20 -13.87
CA HIS A 5 12.31 15.09 -12.95
C HIS A 5 12.75 14.82 -11.51
N HIS A 6 13.90 15.33 -11.17
CA HIS A 6 14.39 15.28 -9.80
C HIS A 6 14.81 16.64 -9.37
N HIS A 7 14.24 17.61 -10.04
CA HIS A 7 14.40 19.00 -9.70
C HIS A 7 13.05 19.55 -9.29
N LEU A 8 12.99 20.84 -8.97
CA LEU A 8 11.79 21.48 -8.41
C LEU A 8 11.59 20.95 -7.00
N GLU A 9 10.91 19.83 -6.89
CA GLU A 9 10.80 19.12 -5.69
C GLU A 9 10.33 17.72 -6.01
N ALA A 10 11.27 16.85 -6.05
CA ALA A 10 11.04 15.44 -6.24
C ALA A 10 12.16 14.73 -5.54
N SER A 11 12.75 15.44 -4.61
CA SER A 11 13.90 14.96 -3.90
C SER A 11 13.51 14.64 -2.47
N ALA A 12 12.80 15.55 -1.84
CA ALA A 12 12.37 15.38 -0.49
C ALA A 12 11.15 14.50 -0.45
N ASP A 13 10.20 14.78 -1.33
CA ASP A 13 8.96 13.99 -1.44
C ASP A 13 9.30 12.52 -1.74
N GLU A 14 10.40 12.30 -2.44
CA GLU A 14 10.85 10.97 -2.73
C GLU A 14 11.55 10.34 -1.51
N LYS A 15 12.48 11.10 -0.89
CA LYS A 15 13.29 10.56 0.21
C LYS A 15 12.41 10.21 1.41
N VAL A 16 11.36 11.03 1.64
CA VAL A 16 10.49 10.83 2.79
C VAL A 16 9.67 9.58 2.64
N VAL A 17 9.54 9.13 1.41
CA VAL A 17 8.92 7.87 1.14
C VAL A 17 9.87 6.78 1.55
N GLU A 18 11.09 6.87 1.05
CA GLU A 18 12.09 5.84 1.26
C GLU A 18 12.49 5.72 2.71
N GLU A 19 12.70 6.86 3.37
CA GLU A 19 13.12 6.82 4.78
C GLU A 19 12.03 6.21 5.67
N LYS A 20 10.80 6.44 5.31
CA LYS A 20 9.66 5.90 6.02
C LYS A 20 9.46 4.43 5.63
N ALA A 21 9.56 4.15 4.33
CA ALA A 21 9.37 2.82 3.80
C ALA A 21 10.43 1.88 4.31
N SER A 22 11.65 2.37 4.47
CA SER A 22 12.74 1.56 4.98
C SER A 22 12.39 1.04 6.37
N VAL A 23 11.85 1.92 7.22
CA VAL A 23 11.45 1.54 8.56
C VAL A 23 10.32 0.51 8.50
N ILE A 24 9.31 0.82 7.71
CA ILE A 24 8.14 -0.05 7.57
C ILE A 24 8.53 -1.41 6.99
N SER A 25 9.34 -1.40 5.94
CA SER A 25 9.76 -2.63 5.28
C SER A 25 10.67 -3.46 6.20
N SER A 26 11.51 -2.78 6.98
CA SER A 26 12.39 -3.44 7.94
C SER A 26 11.55 -4.15 9.01
N LEU A 27 10.43 -3.52 9.39
CA LEU A 27 9.51 -4.10 10.34
C LEU A 27 8.89 -5.34 9.68
N LEU A 28 8.49 -5.17 8.41
CA LEU A 28 7.89 -6.24 7.63
C LEU A 28 8.82 -7.45 7.53
N ASP A 29 10.12 -7.21 7.35
CA ASP A 29 11.13 -8.30 7.25
C ASP A 29 11.09 -9.23 8.44
N LYS A 30 11.11 -8.66 9.64
CA LYS A 30 11.13 -9.45 10.83
C LYS A 30 9.74 -9.99 11.17
N ALA A 31 8.72 -9.18 10.93
CA ALA A 31 7.36 -9.61 11.24
C ALA A 31 6.92 -10.73 10.33
N LYS A 32 7.34 -10.70 9.07
CA LYS A 32 7.02 -11.75 8.11
C LYS A 32 7.66 -13.06 8.57
N GLY A 33 8.84 -12.92 9.15
CA GLY A 33 9.58 -14.06 9.65
C GLY A 33 8.82 -14.80 10.71
N PHE A 34 8.37 -14.11 11.73
CA PHE A 34 7.63 -14.79 12.76
C PHE A 34 6.20 -15.10 12.31
N PHE A 35 5.68 -14.33 11.35
CA PHE A 35 4.37 -14.59 10.77
C PHE A 35 4.30 -16.00 10.20
N ALA A 36 5.28 -16.34 9.38
CA ALA A 36 5.33 -17.66 8.77
C ALA A 36 5.61 -18.75 9.81
N GLU A 37 6.12 -18.33 10.95
CA GLU A 37 6.46 -19.22 12.01
C GLU A 37 5.31 -19.43 13.02
N LYS A 38 4.96 -18.38 13.74
CA LYS A 38 4.03 -18.50 14.84
C LYS A 38 2.63 -18.22 14.37
N LEU A 39 2.51 -17.31 13.47
CA LEU A 39 1.20 -16.85 13.01
C LEU A 39 0.61 -17.78 11.97
N ALA A 40 1.33 -18.84 11.68
CA ALA A 40 0.86 -19.88 10.80
C ALA A 40 0.10 -20.90 11.63
N ASN A 41 0.47 -20.98 12.90
CA ASN A 41 -0.17 -21.89 13.84
C ASN A 41 -1.20 -21.14 14.66
N ILE A 42 -0.91 -19.89 14.92
CA ILE A 42 -1.82 -19.02 15.65
C ILE A 42 -2.70 -18.27 14.66
N PRO A 43 -4.02 -18.54 14.67
CA PRO A 43 -4.95 -17.91 13.73
C PRO A 43 -5.11 -16.41 13.95
N THR A 44 -4.45 -15.67 13.13
CA THR A 44 -4.48 -14.23 13.15
C THR A 44 -5.19 -13.69 11.90
N PRO A 45 -5.53 -12.37 11.87
CA PRO A 45 -6.15 -11.74 10.70
C PRO A 45 -5.29 -11.93 9.45
N GLU A 46 -5.86 -12.55 8.47
CA GLU A 46 -5.16 -12.91 7.27
C GLU A 46 -5.53 -11.93 6.18
N ALA A 47 -4.57 -11.17 5.75
CA ALA A 47 -4.78 -10.11 4.83
C ALA A 47 -4.47 -10.51 3.42
N THR A 48 -5.17 -9.93 2.50
CA THR A 48 -4.98 -10.15 1.10
C THR A 48 -5.29 -8.88 0.31
N VAL A 49 -4.34 -8.43 -0.47
CA VAL A 49 -4.51 -7.24 -1.28
C VAL A 49 -5.16 -7.66 -2.56
N ASP A 50 -6.07 -6.89 -3.08
CA ASP A 50 -6.80 -7.36 -4.23
C ASP A 50 -6.57 -6.61 -5.51
N ASP A 51 -7.10 -5.42 -5.59
CA ASP A 51 -7.27 -4.77 -6.88
C ASP A 51 -7.43 -3.26 -6.71
N VAL A 52 -7.39 -2.54 -7.82
CA VAL A 52 -7.50 -1.10 -7.86
C VAL A 52 -8.58 -0.68 -8.89
N ASP A 53 -9.29 0.42 -8.62
CA ASP A 53 -10.33 0.96 -9.52
C ASP A 53 -9.99 2.38 -9.85
N PHE A 54 -9.90 2.76 -11.14
CA PHE A 54 -9.67 4.17 -11.48
C PHE A 54 -10.79 5.00 -10.89
N LYS A 55 -10.43 5.95 -10.07
CA LYS A 55 -11.43 6.63 -9.31
C LYS A 55 -11.39 8.13 -9.51
N GLY A 56 -10.27 8.63 -9.98
CA GLY A 56 -10.12 10.04 -10.15
C GLY A 56 -8.83 10.37 -10.83
N VAL A 57 -8.39 11.59 -10.68
CA VAL A 57 -7.20 12.04 -11.35
C VAL A 57 -6.37 12.95 -10.45
N THR A 58 -5.09 12.76 -10.48
CA THR A 58 -4.15 13.56 -9.76
C THR A 58 -3.25 14.23 -10.82
N ARG A 59 -2.43 15.18 -10.45
CA ARG A 59 -1.53 15.72 -11.44
C ARG A 59 -0.29 14.85 -11.56
N ASP A 60 0.11 14.28 -10.45
CA ASP A 60 1.17 13.29 -10.47
C ASP A 60 0.53 11.97 -10.13
N GLY A 61 0.23 11.19 -11.13
CA GLY A 61 -0.45 9.94 -10.90
C GLY A 61 -1.95 10.09 -11.05
N VAL A 62 -2.69 9.08 -10.64
CA VAL A 62 -4.14 9.06 -10.76
C VAL A 62 -4.75 8.29 -9.61
N ASP A 63 -5.87 8.80 -9.11
CA ASP A 63 -6.55 8.22 -7.96
C ASP A 63 -7.21 6.91 -8.29
N TYR A 64 -6.90 5.92 -7.51
CA TYR A 64 -7.44 4.59 -7.60
C TYR A 64 -7.92 4.09 -6.26
N HIS A 65 -8.98 3.36 -6.28
CA HIS A 65 -9.49 2.73 -5.09
C HIS A 65 -8.90 1.34 -5.01
N ALA A 66 -8.01 1.14 -4.11
CA ALA A 66 -7.40 -0.14 -3.91
C ALA A 66 -8.03 -0.80 -2.73
N LYS A 67 -8.25 -2.09 -2.81
CA LYS A 67 -8.87 -2.78 -1.69
C LYS A 67 -7.99 -3.87 -1.15
N VAL A 68 -7.94 -3.94 0.15
CA VAL A 68 -7.20 -4.93 0.87
C VAL A 68 -8.18 -5.63 1.77
N SER A 69 -8.47 -6.84 1.51
CA SER A 69 -9.39 -7.55 2.31
C SER A 69 -8.68 -8.39 3.35
N VAL A 70 -9.28 -8.55 4.48
CA VAL A 70 -8.70 -9.32 5.51
C VAL A 70 -9.78 -10.12 6.24
N LYS A 71 -9.48 -11.36 6.47
CA LYS A 71 -10.35 -12.23 7.20
C LYS A 71 -9.73 -12.42 8.56
N ASN A 72 -10.52 -12.53 9.56
CA ASN A 72 -9.95 -12.74 10.85
C ASN A 72 -10.90 -13.55 11.69
N PRO A 73 -10.44 -14.66 12.24
CA PRO A 73 -11.22 -15.43 13.14
C PRO A 73 -10.84 -15.09 14.58
N TYR A 74 -11.60 -14.25 15.21
CA TYR A 74 -11.37 -13.90 16.56
C TYR A 74 -12.73 -13.83 17.25
N SER A 75 -13.37 -12.66 17.15
CA SER A 75 -14.73 -12.43 17.67
C SER A 75 -15.09 -10.96 17.63
N GLN A 76 -14.20 -10.14 18.09
CA GLN A 76 -14.43 -8.73 18.23
C GLN A 76 -13.73 -7.96 17.15
N SER A 77 -14.14 -6.74 16.98
CA SER A 77 -13.45 -5.83 16.14
C SER A 77 -12.22 -5.33 16.92
N ILE A 78 -11.11 -5.38 16.29
CA ILE A 78 -9.87 -4.93 16.88
C ILE A 78 -9.34 -3.82 15.98
N PRO A 79 -9.01 -2.67 16.55
CA PRO A 79 -8.47 -1.55 15.80
C PRO A 79 -7.06 -1.83 15.29
N ILE A 80 -6.71 -1.26 14.17
CA ILE A 80 -5.38 -1.47 13.63
C ILE A 80 -4.45 -0.42 14.23
N CYS A 81 -3.18 -0.74 14.36
CA CYS A 81 -2.22 0.25 14.79
C CYS A 81 -2.07 1.23 13.64
N GLN A 82 -1.83 0.66 12.46
CA GLN A 82 -1.82 1.38 11.22
C GLN A 82 -1.84 0.36 10.10
N ILE A 83 -2.17 0.80 8.92
CA ILE A 83 -2.11 -0.05 7.75
C ILE A 83 -1.23 0.64 6.72
N SER A 84 -0.17 0.01 6.36
CA SER A 84 0.77 0.62 5.48
C SER A 84 0.66 0.07 4.08
N TYR A 85 0.77 0.95 3.11
CA TYR A 85 0.81 0.57 1.73
C TYR A 85 2.11 1.05 1.16
N ILE A 86 2.85 0.17 0.58
CA ILE A 86 4.05 0.54 -0.10
C ILE A 86 3.89 0.17 -1.55
N LEU A 87 3.71 1.14 -2.38
CA LEU A 87 3.45 0.88 -3.75
C LEU A 87 4.66 1.14 -4.60
N LYS A 88 4.81 0.37 -5.63
CA LYS A 88 5.93 0.48 -6.51
C LYS A 88 5.47 0.85 -7.88
N SER A 89 6.34 1.46 -8.63
CA SER A 89 5.97 1.89 -9.97
C SER A 89 7.07 1.67 -11.00
N ALA A 90 6.82 0.71 -11.89
CA ALA A 90 7.67 0.36 -13.03
C ALA A 90 9.02 -0.22 -12.64
N THR A 91 9.88 0.59 -12.08
CA THR A 91 11.21 0.16 -11.77
C THR A 91 11.82 0.98 -10.62
N ARG A 92 11.71 2.29 -10.66
CA ARG A 92 12.33 3.11 -9.65
C ARG A 92 11.36 4.11 -9.05
N THR A 93 11.53 4.38 -7.78
CA THR A 93 10.69 5.27 -6.98
C THR A 93 9.39 4.61 -6.59
N ILE A 94 9.09 4.70 -5.32
CA ILE A 94 7.91 4.11 -4.76
C ILE A 94 7.20 5.14 -3.89
N ALA A 95 6.09 4.76 -3.34
CA ALA A 95 5.36 5.58 -2.38
C ALA A 95 4.94 4.70 -1.21
N SER A 96 4.86 5.27 -0.04
CA SER A 96 4.54 4.53 1.15
C SER A 96 3.67 5.38 2.05
N GLY A 97 2.98 4.74 2.96
CA GLY A 97 2.11 5.47 3.85
C GLY A 97 1.49 4.56 4.86
N THR A 98 0.94 5.13 5.89
CA THR A 98 0.28 4.42 6.95
C THR A 98 -1.07 5.09 7.25
N ILE A 99 -2.16 4.39 7.01
CA ILE A 99 -3.46 5.01 7.27
C ILE A 99 -4.01 4.67 8.66
N PRO A 100 -4.34 5.71 9.46
CA PRO A 100 -4.95 5.54 10.76
C PRO A 100 -6.48 5.36 10.65
N ASP A 101 -6.93 4.22 11.10
CA ASP A 101 -8.37 3.81 11.10
C ASP A 101 -9.11 4.02 9.77
N PRO A 102 -8.78 3.25 8.71
CA PRO A 102 -9.60 3.27 7.50
C PRO A 102 -10.78 2.30 7.68
N GLY A 103 -10.59 1.39 8.60
CA GLY A 103 -11.52 0.39 8.95
C GLY A 103 -10.96 -0.39 10.08
N SER A 104 -11.53 -1.52 10.37
CA SER A 104 -11.08 -2.36 11.47
C SER A 104 -11.22 -3.80 11.03
N LEU A 105 -10.71 -4.73 11.81
CA LEU A 105 -10.98 -6.10 11.49
C LEU A 105 -12.42 -6.43 11.89
N VAL A 106 -13.01 -7.36 11.23
CA VAL A 106 -14.43 -7.63 11.36
C VAL A 106 -14.81 -8.27 12.71
N GLY A 107 -14.02 -9.20 13.17
CA GLY A 107 -14.33 -9.92 14.34
C GLY A 107 -14.20 -11.37 14.06
N SER A 108 -15.12 -11.86 13.32
CA SER A 108 -15.12 -13.21 12.87
C SER A 108 -15.73 -13.28 11.46
N GLY A 109 -14.90 -13.09 10.45
CA GLY A 109 -15.35 -13.18 9.08
C GLY A 109 -14.37 -12.48 8.18
N THR A 110 -14.85 -11.88 7.11
CA THR A 110 -14.00 -11.18 6.20
C THR A 110 -14.46 -9.72 6.00
N THR A 111 -13.53 -8.80 6.03
CA THR A 111 -13.80 -7.39 5.86
C THR A 111 -12.93 -6.80 4.76
N VAL A 112 -13.52 -5.95 3.96
CA VAL A 112 -12.80 -5.31 2.89
C VAL A 112 -12.37 -3.91 3.30
N LEU A 113 -11.09 -3.69 3.32
CA LEU A 113 -10.55 -2.40 3.65
C LEU A 113 -10.09 -1.75 2.35
N ASP A 114 -9.89 -0.46 2.35
CA ASP A 114 -9.55 0.21 1.11
C ASP A 114 -8.70 1.43 1.34
N VAL A 115 -7.86 1.70 0.37
CA VAL A 115 -7.02 2.86 0.36
C VAL A 115 -7.19 3.54 -0.97
N PRO A 116 -7.48 4.83 -0.98
CA PRO A 116 -7.42 5.57 -2.19
C PRO A 116 -5.95 5.89 -2.44
N VAL A 117 -5.39 5.28 -3.43
CA VAL A 117 -4.00 5.45 -3.72
C VAL A 117 -3.85 6.09 -5.07
N LYS A 118 -2.82 6.84 -5.28
CA LYS A 118 -2.51 7.20 -6.63
C LYS A 118 -1.46 6.30 -7.16
N VAL A 119 -1.77 5.67 -8.23
CA VAL A 119 -0.89 4.70 -8.76
C VAL A 119 0.00 5.35 -9.75
N ALA A 120 1.24 4.92 -9.75
CA ALA A 120 2.25 5.41 -10.64
C ALA A 120 2.65 6.86 -10.32
N TYR A 121 2.17 7.35 -9.17
CA TYR A 121 2.58 8.64 -8.60
C TYR A 121 4.09 8.68 -8.49
N SER A 122 4.63 7.56 -8.06
CA SER A 122 6.03 7.37 -7.88
C SER A 122 6.80 7.54 -9.19
N ILE A 123 6.31 6.95 -10.28
CA ILE A 123 6.99 7.11 -11.54
C ILE A 123 6.72 8.50 -12.11
N ALA A 124 5.49 9.02 -11.89
CA ALA A 124 5.09 10.37 -12.31
C ALA A 124 6.06 11.43 -11.83
N VAL A 125 6.39 11.39 -10.56
CA VAL A 125 7.29 12.37 -9.97
C VAL A 125 8.73 12.19 -10.44
N SER A 126 9.07 10.99 -10.88
CA SER A 126 10.42 10.69 -11.31
C SER A 126 10.61 11.00 -12.83
N LEU A 127 9.98 10.24 -13.69
CA LEU A 127 10.11 10.45 -15.15
C LEU A 127 8.74 10.63 -15.81
N MET A 128 7.74 10.01 -15.23
CA MET A 128 6.33 10.06 -15.66
C MET A 128 6.00 9.23 -16.86
N LYS A 129 5.66 7.96 -16.57
CA LYS A 129 5.07 7.02 -17.51
C LYS A 129 5.67 7.04 -18.91
N ASP A 130 5.13 7.95 -19.74
CA ASP A 130 5.46 8.12 -21.18
C ASP A 130 4.24 8.72 -21.82
N MET A 131 3.11 8.43 -21.17
CA MET A 131 1.78 8.70 -21.68
C MET A 131 1.63 8.30 -23.15
N CYS A 132 1.48 7.03 -23.37
CA CYS A 132 1.26 6.50 -24.68
C CYS A 132 -0.16 5.99 -24.75
N THR A 133 -0.81 6.19 -25.87
CA THR A 133 -2.14 5.71 -26.05
C THR A 133 -2.11 4.16 -26.13
N ASP A 134 -2.87 3.53 -25.23
CA ASP A 134 -2.82 2.07 -24.96
C ASP A 134 -1.50 1.74 -24.29
N TRP A 135 -1.54 1.52 -23.01
CA TRP A 135 -0.33 1.39 -22.23
C TRP A 135 -0.53 0.48 -21.02
N ASP A 136 0.42 -0.40 -20.82
CA ASP A 136 0.43 -1.31 -19.68
C ASP A 136 1.50 -0.84 -18.73
N ILE A 137 1.15 -0.57 -17.50
CA ILE A 137 2.14 -0.10 -16.56
C ILE A 137 2.19 -1.02 -15.32
N ASP A 138 3.41 -1.35 -14.94
CA ASP A 138 3.67 -2.29 -13.87
C ASP A 138 3.65 -1.59 -12.50
N TYR A 139 2.70 -1.96 -11.70
CA TYR A 139 2.51 -1.41 -10.38
C TYR A 139 2.27 -2.55 -9.34
N GLN A 140 2.57 -2.28 -8.07
CA GLN A 140 2.34 -3.22 -6.97
C GLN A 140 2.10 -2.43 -5.71
N LEU A 141 1.39 -2.99 -4.74
CA LEU A 141 1.30 -2.38 -3.42
C LEU A 141 1.44 -3.45 -2.37
N ASP A 142 2.48 -3.31 -1.62
CA ASP A 142 2.84 -4.21 -0.56
C ASP A 142 2.19 -3.67 0.68
N ILE A 143 1.29 -4.40 1.28
CA ILE A 143 0.55 -3.87 2.40
C ILE A 143 1.01 -4.50 3.69
N GLY A 144 1.09 -3.68 4.69
CA GLY A 144 1.43 -4.17 5.99
C GLY A 144 0.43 -3.69 7.01
N LEU A 145 -0.47 -4.57 7.41
CA LEU A 145 -1.45 -4.20 8.40
C LEU A 145 -0.99 -4.59 9.79
N THR A 146 -1.19 -3.74 10.75
CA THR A 146 -0.72 -4.00 12.07
C THR A 146 -1.87 -4.11 13.07
N PHE A 147 -1.89 -5.19 13.81
CA PHE A 147 -2.85 -5.41 14.87
C PHE A 147 -2.14 -5.79 16.13
N ASP A 148 -2.64 -5.34 17.23
CA ASP A 148 -2.12 -5.72 18.51
C ASP A 148 -3.05 -6.74 19.15
N ILE A 149 -2.58 -7.94 19.24
CA ILE A 149 -3.35 -9.02 19.80
C ILE A 149 -2.57 -9.64 20.93
N PRO A 150 -3.09 -9.51 22.19
CA PRO A 150 -2.41 -9.97 23.43
C PRO A 150 -1.72 -11.33 23.33
N VAL A 151 -2.32 -12.25 22.58
CA VAL A 151 -1.79 -13.61 22.39
C VAL A 151 -0.34 -13.58 21.87
N VAL A 152 -0.07 -12.67 20.95
CA VAL A 152 1.26 -12.59 20.34
C VAL A 152 1.91 -11.25 20.64
N GLY A 153 1.13 -10.21 20.48
CA GLY A 153 1.62 -8.88 20.66
C GLY A 153 1.24 -8.03 19.47
N ASP A 154 2.05 -7.05 19.19
CA ASP A 154 1.85 -6.19 18.03
C ASP A 154 2.40 -6.89 16.80
N ILE A 155 1.54 -7.20 15.85
CA ILE A 155 1.97 -7.87 14.65
C ILE A 155 1.60 -7.10 13.38
N THR A 156 2.59 -6.90 12.54
CA THR A 156 2.38 -6.29 11.25
C THR A 156 2.47 -7.40 10.20
N ILE A 157 1.40 -7.63 9.52
CA ILE A 157 1.33 -8.70 8.56
C ILE A 157 1.46 -8.15 7.14
N PRO A 158 2.58 -8.50 6.47
CA PRO A 158 2.81 -8.12 5.10
C PRO A 158 2.15 -9.03 4.14
N VAL A 159 1.53 -8.41 3.24
CA VAL A 159 0.81 -9.02 2.24
C VAL A 159 1.14 -8.34 0.92
N SER A 160 1.61 -9.11 -0.02
CA SER A 160 2.07 -8.58 -1.27
C SER A 160 1.19 -9.09 -2.42
N THR A 161 1.19 -8.35 -3.50
CA THR A 161 0.51 -8.73 -4.72
C THR A 161 0.89 -7.68 -5.76
N GLN A 162 0.53 -7.90 -6.99
CA GLN A 162 0.86 -6.96 -8.01
C GLN A 162 -0.42 -6.33 -8.56
N GLY A 163 -0.31 -5.09 -8.92
CA GLY A 163 -1.43 -4.37 -9.46
C GLY A 163 -1.12 -3.94 -10.85
N GLU A 164 -1.68 -4.61 -11.78
CA GLU A 164 -1.38 -4.33 -13.14
C GLU A 164 -2.33 -3.28 -13.61
N ILE A 165 -1.79 -2.19 -14.05
CA ILE A 165 -2.58 -1.07 -14.40
C ILE A 165 -2.54 -0.88 -15.90
N LYS A 166 -3.63 -1.15 -16.56
CA LYS A 166 -3.71 -0.84 -17.95
C LYS A 166 -4.35 0.50 -18.13
N LEU A 167 -3.66 1.33 -18.85
CA LEU A 167 -4.06 2.68 -19.07
C LEU A 167 -4.35 2.89 -20.56
N PRO A 168 -5.60 2.64 -20.98
CA PRO A 168 -5.98 2.72 -22.37
C PRO A 168 -6.30 4.13 -22.82
N SER A 169 -5.25 4.86 -23.21
CA SER A 169 -5.35 6.22 -23.78
C SER A 169 -6.11 7.23 -22.88
N LEU A 170 -5.37 7.94 -22.06
CA LEU A 170 -5.97 8.91 -21.17
C LEU A 170 -5.66 10.32 -21.63
N ARG A 171 -4.37 10.63 -21.65
CA ARG A 171 -3.84 11.95 -22.00
C ARG A 171 -4.29 13.07 -21.06
N ASP A 172 -3.31 13.54 -20.28
CA ASP A 172 -3.43 14.64 -19.29
C ASP A 172 -3.94 14.21 -17.93
N PHE A 173 -4.37 12.98 -17.84
CA PHE A 173 -4.66 12.39 -16.54
C PHE A 173 -3.33 11.92 -16.00
N PHE A 174 -2.84 10.90 -16.64
CA PHE A 174 -1.57 10.28 -16.40
C PHE A 174 -1.41 9.24 -17.46
N GLY A 1 0.67 24.82 -13.19
CA GLY A 1 0.98 25.65 -14.36
C GLY A 1 1.94 24.93 -15.25
N HIS A 2 2.40 25.58 -16.29
CA HIS A 2 3.35 24.95 -17.18
C HIS A 2 4.77 25.36 -16.81
N HIS A 3 5.45 24.48 -16.15
CA HIS A 3 6.84 24.66 -15.78
C HIS A 3 7.46 23.31 -15.78
N HIS A 4 8.28 23.05 -16.76
CA HIS A 4 8.89 21.74 -16.96
C HIS A 4 10.13 21.62 -16.04
N HIS A 5 9.96 22.02 -14.79
CA HIS A 5 11.01 22.03 -13.80
C HIS A 5 11.41 20.60 -13.49
N HIS A 6 12.61 20.24 -13.85
CA HIS A 6 13.05 18.86 -13.74
C HIS A 6 14.39 18.74 -13.04
N HIS A 7 14.63 17.58 -12.45
CA HIS A 7 15.85 17.24 -11.67
C HIS A 7 15.88 17.95 -10.33
N LEU A 8 16.50 17.30 -9.36
CA LEU A 8 16.69 17.81 -7.99
C LEU A 8 15.39 17.83 -7.18
N GLU A 9 14.42 18.59 -7.65
CA GLU A 9 13.19 18.75 -6.96
C GLU A 9 12.31 17.48 -7.07
N ALA A 10 12.15 16.98 -8.28
CA ALA A 10 11.34 15.76 -8.50
C ALA A 10 11.97 14.58 -7.79
N SER A 11 13.28 14.49 -7.88
CA SER A 11 14.02 13.43 -7.26
C SER A 11 14.04 13.56 -5.72
N ALA A 12 13.77 14.77 -5.22
CA ALA A 12 13.71 15.00 -3.80
C ALA A 12 12.49 14.30 -3.20
N ASP A 13 11.34 14.44 -3.88
CA ASP A 13 10.11 13.77 -3.42
C ASP A 13 10.26 12.28 -3.59
N GLU A 14 10.90 11.91 -4.67
CA GLU A 14 11.21 10.53 -5.03
C GLU A 14 12.00 9.87 -3.87
N LYS A 15 13.03 10.57 -3.43
CA LYS A 15 13.90 10.08 -2.38
C LYS A 15 13.17 10.03 -1.02
N VAL A 16 12.46 11.09 -0.64
CA VAL A 16 11.81 11.13 0.68
C VAL A 16 10.70 10.09 0.84
N VAL A 17 9.99 9.77 -0.24
CA VAL A 17 8.94 8.78 -0.14
C VAL A 17 9.58 7.37 -0.02
N GLU A 18 10.77 7.22 -0.57
CA GLU A 18 11.51 5.97 -0.50
C GLU A 18 11.98 5.81 0.97
N GLU A 19 12.35 6.93 1.59
CA GLU A 19 12.72 6.99 3.02
C GLU A 19 11.59 6.44 3.88
N LYS A 20 10.35 6.82 3.52
CA LYS A 20 9.16 6.37 4.24
C LYS A 20 9.02 4.87 4.11
N ALA A 21 9.17 4.38 2.90
CA ALA A 21 9.09 2.95 2.62
C ALA A 21 10.11 2.20 3.44
N SER A 22 11.32 2.74 3.51
CA SER A 22 12.41 2.13 4.26
C SER A 22 12.03 1.99 5.76
N VAL A 23 11.21 2.91 6.26
CA VAL A 23 10.76 2.86 7.64
C VAL A 23 9.67 1.79 7.78
N ILE A 24 8.70 1.83 6.88
CA ILE A 24 7.58 0.91 6.89
C ILE A 24 8.06 -0.54 6.71
N SER A 25 8.85 -0.76 5.67
CA SER A 25 9.35 -2.07 5.37
C SER A 25 10.29 -2.57 6.44
N SER A 26 10.88 -1.68 7.22
CA SER A 26 11.77 -2.07 8.29
C SER A 26 10.98 -2.83 9.37
N LEU A 27 9.82 -2.29 9.73
CA LEU A 27 8.98 -2.91 10.75
C LEU A 27 8.31 -4.13 10.12
N LEU A 28 7.88 -3.97 8.89
CA LEU A 28 7.21 -5.02 8.18
C LEU A 28 8.15 -6.24 8.02
N ASP A 29 9.44 -5.98 7.85
CA ASP A 29 10.47 -7.03 7.73
C ASP A 29 10.64 -7.80 9.04
N LYS A 30 10.76 -7.10 10.16
CA LYS A 30 10.93 -7.76 11.46
C LYS A 30 9.68 -8.54 11.82
N ALA A 31 8.55 -8.02 11.42
CA ALA A 31 7.30 -8.65 11.68
C ALA A 31 7.10 -9.85 10.78
N LYS A 32 7.63 -9.80 9.57
CA LYS A 32 7.52 -10.91 8.60
C LYS A 32 8.19 -12.17 9.14
N GLY A 33 9.40 -12.01 9.67
CA GLY A 33 10.14 -13.13 10.24
C GLY A 33 9.41 -13.76 11.41
N PHE A 34 8.71 -12.92 12.14
CA PHE A 34 7.92 -13.34 13.26
C PHE A 34 6.59 -13.96 12.77
N PHE A 35 5.91 -13.25 11.88
CA PHE A 35 4.62 -13.70 11.33
C PHE A 35 4.66 -15.10 10.75
N ALA A 36 5.77 -15.42 10.08
CA ALA A 36 5.93 -16.69 9.39
C ALA A 36 5.59 -17.91 10.27
N GLU A 37 6.11 -17.93 11.48
CA GLU A 37 5.84 -19.06 12.38
C GLU A 37 5.05 -18.64 13.64
N LYS A 38 5.36 -17.47 14.15
CA LYS A 38 4.88 -17.05 15.46
C LYS A 38 3.43 -16.63 15.35
N LEU A 39 3.08 -16.06 14.22
CA LEU A 39 1.70 -15.65 13.97
C LEU A 39 1.01 -16.68 13.11
N ALA A 40 1.63 -17.82 13.00
CA ALA A 40 1.03 -18.95 12.35
C ALA A 40 0.36 -19.76 13.43
N ASN A 41 1.03 -19.80 14.57
CA ASN A 41 0.53 -20.46 15.77
C ASN A 41 -0.57 -19.63 16.37
N ILE A 42 -0.29 -18.36 16.53
CA ILE A 42 -1.24 -17.40 17.05
C ILE A 42 -2.17 -16.98 15.94
N PRO A 43 -3.48 -17.23 16.07
CA PRO A 43 -4.46 -16.84 15.07
C PRO A 43 -4.47 -15.33 14.83
N THR A 44 -4.21 -14.96 13.63
CA THR A 44 -4.21 -13.59 13.22
C THR A 44 -5.10 -13.40 11.99
N PRO A 45 -5.60 -12.17 11.77
CA PRO A 45 -6.42 -11.86 10.61
C PRO A 45 -5.63 -12.07 9.31
N GLU A 46 -6.23 -12.74 8.37
CA GLU A 46 -5.59 -13.06 7.13
C GLU A 46 -6.02 -12.01 6.13
N ALA A 47 -5.09 -11.17 5.76
CA ALA A 47 -5.35 -10.07 4.87
C ALA A 47 -4.73 -10.33 3.53
N THR A 48 -5.42 -9.97 2.49
CA THR A 48 -4.92 -10.16 1.18
C THR A 48 -5.30 -8.97 0.27
N VAL A 49 -4.35 -8.53 -0.53
CA VAL A 49 -4.57 -7.45 -1.47
C VAL A 49 -5.15 -8.03 -2.73
N ASP A 50 -6.08 -7.35 -3.33
CA ASP A 50 -6.76 -7.92 -4.50
C ASP A 50 -6.50 -7.15 -5.77
N ASP A 51 -6.87 -5.89 -5.79
CA ASP A 51 -6.74 -5.09 -7.02
C ASP A 51 -6.99 -3.63 -6.65
N VAL A 52 -7.06 -2.73 -7.62
CA VAL A 52 -7.23 -1.30 -7.36
C VAL A 52 -8.35 -0.72 -8.24
N ASP A 53 -8.94 0.36 -7.78
CA ASP A 53 -10.00 1.06 -8.51
C ASP A 53 -9.70 2.56 -8.60
N PHE A 54 -9.49 3.05 -9.81
CA PHE A 54 -9.15 4.47 -10.04
C PHE A 54 -10.38 5.37 -10.05
N LYS A 55 -10.22 6.56 -9.47
CA LYS A 55 -11.27 7.56 -9.50
C LYS A 55 -11.14 8.48 -10.74
N GLY A 56 -10.21 9.43 -10.69
CA GLY A 56 -10.06 10.36 -11.79
C GLY A 56 -8.79 11.18 -11.71
N VAL A 57 -8.94 12.47 -11.60
CA VAL A 57 -7.80 13.38 -11.59
C VAL A 57 -7.45 13.77 -10.16
N THR A 58 -6.17 13.85 -9.87
CA THR A 58 -5.68 14.22 -8.57
C THR A 58 -4.36 15.01 -8.75
N ARG A 59 -4.07 15.93 -7.85
CA ARG A 59 -2.86 16.75 -7.96
C ARG A 59 -1.62 15.95 -7.66
N ASP A 60 -1.81 14.85 -6.99
CA ASP A 60 -0.75 13.93 -6.71
C ASP A 60 -1.12 12.57 -7.26
N GLY A 61 -0.79 12.37 -8.52
CA GLY A 61 -1.10 11.13 -9.20
C GLY A 61 -2.59 10.95 -9.37
N VAL A 62 -3.06 9.78 -9.06
CA VAL A 62 -4.47 9.47 -9.11
C VAL A 62 -4.85 8.74 -7.85
N ASP A 63 -6.02 9.01 -7.33
CA ASP A 63 -6.45 8.35 -6.13
C ASP A 63 -7.19 7.08 -6.48
N TYR A 64 -6.52 5.97 -6.25
CA TYR A 64 -7.09 4.68 -6.44
C TYR A 64 -7.46 4.13 -5.10
N HIS A 65 -8.56 3.47 -5.03
CA HIS A 65 -8.86 2.75 -3.83
C HIS A 65 -8.55 1.30 -4.02
N ALA A 66 -7.51 0.87 -3.38
CA ALA A 66 -7.05 -0.47 -3.46
C ALA A 66 -7.90 -1.37 -2.59
N LYS A 67 -8.27 -2.51 -3.14
CA LYS A 67 -9.13 -3.44 -2.46
C LYS A 67 -8.30 -4.42 -1.64
N VAL A 68 -8.49 -4.41 -0.35
CA VAL A 68 -7.78 -5.30 0.54
C VAL A 68 -8.78 -5.99 1.45
N SER A 69 -8.93 -7.26 1.28
CA SER A 69 -9.86 -7.99 2.08
C SER A 69 -9.16 -8.74 3.19
N VAL A 70 -9.76 -8.68 4.35
CA VAL A 70 -9.19 -9.32 5.52
C VAL A 70 -10.23 -10.22 6.17
N LYS A 71 -9.85 -11.43 6.50
CA LYS A 71 -10.70 -12.34 7.21
C LYS A 71 -10.08 -12.66 8.55
N ASN A 72 -10.87 -12.80 9.55
CA ASN A 72 -10.35 -13.00 10.88
C ASN A 72 -11.19 -14.00 11.64
N PRO A 73 -10.62 -15.15 12.00
CA PRO A 73 -11.33 -16.13 12.77
C PRO A 73 -11.16 -15.92 14.28
N TYR A 74 -12.14 -15.27 14.84
CA TYR A 74 -12.28 -14.97 16.27
C TYR A 74 -13.69 -14.47 16.48
N SER A 75 -13.94 -13.94 17.63
CA SER A 75 -15.16 -13.24 17.90
C SER A 75 -14.82 -11.93 18.58
N GLN A 76 -13.52 -11.64 18.65
CA GLN A 76 -13.04 -10.46 19.30
C GLN A 76 -12.79 -9.37 18.29
N SER A 77 -13.09 -8.17 18.65
CA SER A 77 -12.87 -7.05 17.80
C SER A 77 -11.40 -6.65 17.85
N ILE A 78 -10.67 -7.01 16.82
CA ILE A 78 -9.28 -6.63 16.70
C ILE A 78 -9.20 -5.34 15.89
N PRO A 79 -8.70 -4.26 16.47
CA PRO A 79 -8.59 -2.99 15.79
C PRO A 79 -7.39 -2.96 14.84
N ILE A 80 -7.64 -2.53 13.62
CA ILE A 80 -6.58 -2.34 12.69
C ILE A 80 -5.97 -0.97 12.94
N CYS A 81 -4.93 -0.99 13.74
CA CYS A 81 -4.26 0.20 14.21
C CYS A 81 -3.74 1.05 13.06
N GLN A 82 -3.18 0.42 12.08
CA GLN A 82 -2.51 1.13 11.05
C GLN A 82 -2.43 0.30 9.78
N ILE A 83 -2.46 0.95 8.66
CA ILE A 83 -2.26 0.30 7.41
C ILE A 83 -1.17 1.04 6.64
N SER A 84 -0.10 0.37 6.41
CA SER A 84 0.99 0.98 5.72
C SER A 84 1.30 0.22 4.43
N TYR A 85 1.18 0.90 3.31
CA TYR A 85 1.39 0.29 2.01
C TYR A 85 2.68 0.77 1.36
N ILE A 86 3.28 -0.11 0.60
CA ILE A 86 4.44 0.18 -0.18
C ILE A 86 4.08 -0.08 -1.64
N LEU A 87 4.05 0.94 -2.40
CA LEU A 87 3.74 0.88 -3.80
C LEU A 87 5.04 0.91 -4.54
N LYS A 88 5.19 0.09 -5.56
CA LYS A 88 6.34 0.18 -6.43
C LYS A 88 5.90 0.23 -7.85
N SER A 89 6.70 0.82 -8.70
CA SER A 89 6.31 0.89 -10.12
C SER A 89 7.50 1.11 -11.06
N ALA A 90 7.44 0.42 -12.21
CA ALA A 90 8.37 0.54 -13.34
C ALA A 90 9.83 0.21 -13.00
N THR A 91 10.51 1.15 -12.41
CA THR A 91 11.92 1.01 -12.11
C THR A 91 12.35 2.12 -11.14
N ARG A 92 11.72 3.29 -11.26
CA ARG A 92 12.02 4.39 -10.38
C ARG A 92 10.77 4.94 -9.80
N THR A 93 10.89 5.31 -8.55
CA THR A 93 9.83 5.89 -7.75
C THR A 93 8.81 4.86 -7.30
N ILE A 94 8.48 4.94 -6.06
CA ILE A 94 7.60 4.06 -5.42
C ILE A 94 6.74 4.97 -4.53
N ALA A 95 5.75 4.46 -3.90
CA ALA A 95 4.98 5.29 -2.98
C ALA A 95 4.79 4.59 -1.67
N SER A 96 4.45 5.34 -0.68
CA SER A 96 4.24 4.80 0.62
C SER A 96 3.10 5.54 1.28
N GLY A 97 2.45 4.88 2.19
CA GLY A 97 1.38 5.48 2.90
C GLY A 97 1.21 4.81 4.21
N THR A 98 0.76 5.53 5.17
CA THR A 98 0.54 5.03 6.48
C THR A 98 -0.74 5.64 7.02
N ILE A 99 -1.76 4.86 7.12
CA ILE A 99 -3.03 5.35 7.60
C ILE A 99 -3.41 4.70 8.93
N PRO A 100 -3.37 5.47 10.02
CA PRO A 100 -3.84 5.00 11.33
C PRO A 100 -5.35 4.91 11.33
N ASP A 101 -5.86 3.76 11.79
CA ASP A 101 -7.31 3.41 11.80
C ASP A 101 -8.04 3.75 10.48
N PRO A 102 -7.86 2.90 9.45
CA PRO A 102 -8.46 3.11 8.13
C PRO A 102 -9.86 2.51 8.00
N GLY A 103 -10.28 1.75 8.99
CA GLY A 103 -11.55 1.12 8.92
C GLY A 103 -11.76 0.18 10.07
N SER A 104 -12.69 -0.71 9.94
CA SER A 104 -13.03 -1.64 10.98
C SER A 104 -12.83 -3.07 10.53
N LEU A 105 -12.34 -3.89 11.42
CA LEU A 105 -12.15 -5.27 11.15
C LEU A 105 -13.33 -6.05 11.68
N VAL A 106 -13.75 -7.04 10.96
CA VAL A 106 -14.73 -7.91 11.49
C VAL A 106 -14.01 -8.99 12.20
N GLY A 107 -14.09 -8.92 13.49
CA GLY A 107 -13.44 -9.86 14.37
C GLY A 107 -13.84 -11.29 14.12
N SER A 108 -14.98 -11.48 13.52
CA SER A 108 -15.45 -12.80 13.25
C SER A 108 -15.67 -13.06 11.76
N GLY A 109 -15.20 -12.20 10.88
CA GLY A 109 -15.49 -12.46 9.49
C GLY A 109 -14.54 -11.84 8.52
N THR A 110 -14.99 -11.75 7.28
CA THR A 110 -14.23 -11.17 6.21
C THR A 110 -14.74 -9.76 5.94
N THR A 111 -13.85 -8.82 5.88
CA THR A 111 -14.20 -7.46 5.62
C THR A 111 -13.34 -6.96 4.46
N VAL A 112 -13.96 -6.30 3.52
CA VAL A 112 -13.22 -5.77 2.41
C VAL A 112 -12.96 -4.30 2.68
N LEU A 113 -11.72 -3.97 2.81
CA LEU A 113 -11.29 -2.64 3.09
C LEU A 113 -10.78 -2.02 1.81
N ASP A 114 -10.71 -0.73 1.78
CA ASP A 114 -10.23 -0.02 0.63
C ASP A 114 -9.25 1.04 1.08
N VAL A 115 -8.11 1.07 0.44
CA VAL A 115 -7.09 2.02 0.80
C VAL A 115 -7.05 3.10 -0.23
N PRO A 116 -7.16 4.36 0.15
CA PRO A 116 -6.89 5.42 -0.77
C PRO A 116 -5.37 5.42 -1.01
N VAL A 117 -4.97 5.05 -2.18
CA VAL A 117 -3.57 4.96 -2.52
C VAL A 117 -3.28 5.96 -3.62
N LYS A 118 -2.13 6.59 -3.56
CA LYS A 118 -1.74 7.48 -4.62
C LYS A 118 -1.02 6.66 -5.66
N VAL A 119 -1.79 6.13 -6.58
CA VAL A 119 -1.27 5.27 -7.60
C VAL A 119 -0.96 6.09 -8.81
N ALA A 120 0.10 5.68 -9.52
CA ALA A 120 0.59 6.35 -10.70
C ALA A 120 1.28 7.66 -10.35
N TYR A 121 1.29 7.98 -9.07
CA TYR A 121 1.96 9.15 -8.57
C TYR A 121 3.43 8.94 -8.71
N SER A 122 3.87 7.75 -8.36
CA SER A 122 5.25 7.35 -8.46
C SER A 122 5.69 7.40 -9.92
N ILE A 123 4.74 7.20 -10.77
CA ILE A 123 4.96 7.16 -12.17
C ILE A 123 5.10 8.57 -12.69
N ALA A 124 4.15 9.46 -12.33
CA ALA A 124 4.16 10.87 -12.74
C ALA A 124 5.45 11.58 -12.30
N VAL A 125 5.92 11.20 -11.13
CA VAL A 125 7.15 11.73 -10.57
C VAL A 125 8.37 11.28 -11.39
N SER A 126 8.32 10.08 -11.90
CA SER A 126 9.44 9.52 -12.61
C SER A 126 9.35 9.78 -14.14
N LEU A 127 8.36 9.16 -14.80
CA LEU A 127 8.24 9.27 -16.26
C LEU A 127 6.88 9.79 -16.72
N MET A 128 5.85 9.61 -15.88
CA MET A 128 4.44 9.99 -16.17
C MET A 128 3.97 9.27 -17.46
N LYS A 129 4.47 8.03 -17.63
CA LYS A 129 4.33 7.20 -18.85
C LYS A 129 5.17 7.86 -19.94
N ASP A 130 4.64 8.99 -20.35
CA ASP A 130 5.06 9.95 -21.39
C ASP A 130 3.73 10.53 -21.89
N MET A 131 2.71 10.34 -21.02
CA MET A 131 1.32 10.47 -21.34
C MET A 131 1.01 9.49 -22.48
N CYS A 132 0.92 8.24 -22.12
CA CYS A 132 0.69 7.18 -23.07
C CYS A 132 -0.73 6.70 -22.94
N THR A 133 -1.42 6.67 -24.05
CA THR A 133 -2.76 6.27 -24.11
C THR A 133 -2.86 4.77 -24.45
N ASP A 134 -3.47 4.02 -23.53
CA ASP A 134 -3.75 2.56 -23.70
C ASP A 134 -2.54 1.69 -23.60
N TRP A 135 -2.23 1.26 -22.38
CA TRP A 135 -1.16 0.30 -22.10
C TRP A 135 -1.21 -0.09 -20.63
N ASP A 136 -0.64 -1.23 -20.29
CA ASP A 136 -0.58 -1.67 -18.90
C ASP A 136 0.77 -1.33 -18.34
N ILE A 137 0.78 -0.95 -17.09
CA ILE A 137 2.01 -0.54 -16.45
C ILE A 137 2.21 -1.39 -15.21
N ASP A 138 3.45 -1.78 -14.97
CA ASP A 138 3.77 -2.58 -13.82
C ASP A 138 3.78 -1.75 -12.54
N TYR A 139 2.85 -2.05 -11.72
CA TYR A 139 2.64 -1.45 -10.45
C TYR A 139 2.60 -2.58 -9.42
N GLN A 140 2.96 -2.32 -8.19
CA GLN A 140 2.94 -3.33 -7.18
C GLN A 140 2.31 -2.77 -5.93
N LEU A 141 1.68 -3.62 -5.16
CA LEU A 141 1.09 -3.23 -3.93
C LEU A 141 1.48 -4.20 -2.83
N ASP A 142 2.16 -3.68 -1.87
CA ASP A 142 2.69 -4.41 -0.74
C ASP A 142 2.16 -3.73 0.49
N ILE A 143 1.59 -4.45 1.40
CA ILE A 143 1.01 -3.78 2.57
C ILE A 143 1.34 -4.51 3.85
N GLY A 144 1.62 -3.74 4.88
CA GLY A 144 1.82 -4.27 6.19
C GLY A 144 0.64 -3.93 7.08
N LEU A 145 -0.31 -4.82 7.14
CA LEU A 145 -1.51 -4.62 7.95
C LEU A 145 -1.15 -4.64 9.42
N THR A 146 -1.41 -3.57 10.11
CA THR A 146 -1.06 -3.49 11.50
C THR A 146 -2.30 -3.72 12.37
N PHE A 147 -2.35 -4.86 13.02
CA PHE A 147 -3.43 -5.18 13.94
C PHE A 147 -2.83 -5.40 15.31
N ASP A 148 -3.56 -5.11 16.36
CA ASP A 148 -3.00 -5.35 17.67
C ASP A 148 -3.58 -6.60 18.28
N ILE A 149 -2.71 -7.55 18.49
CA ILE A 149 -3.05 -8.78 19.12
C ILE A 149 -2.41 -8.75 20.50
N PRO A 150 -3.24 -8.55 21.56
CA PRO A 150 -2.81 -8.33 22.97
C PRO A 150 -1.50 -9.00 23.42
N VAL A 151 -1.36 -10.29 23.17
CA VAL A 151 -0.16 -11.04 23.60
C VAL A 151 1.16 -10.55 22.97
N VAL A 152 1.09 -9.87 21.85
CA VAL A 152 2.29 -9.36 21.18
C VAL A 152 2.19 -7.84 21.02
N GLY A 153 1.03 -7.41 20.69
CA GLY A 153 0.79 -6.01 20.45
C GLY A 153 0.48 -5.80 18.99
N ASP A 154 0.84 -4.65 18.48
CA ASP A 154 0.57 -4.37 17.08
C ASP A 154 1.68 -4.90 16.20
N ILE A 155 1.29 -5.70 15.25
CA ILE A 155 2.20 -6.31 14.30
C ILE A 155 1.78 -6.02 12.86
N THR A 156 2.75 -5.85 11.98
CA THR A 156 2.47 -5.63 10.59
C THR A 156 2.51 -6.93 9.80
N ILE A 157 1.41 -7.29 9.20
CA ILE A 157 1.31 -8.49 8.42
C ILE A 157 1.62 -8.21 6.96
N PRO A 158 2.68 -8.84 6.41
CA PRO A 158 3.11 -8.65 5.03
C PRO A 158 2.15 -9.26 4.01
N VAL A 159 1.71 -8.45 3.08
CA VAL A 159 0.91 -8.89 1.97
C VAL A 159 1.52 -8.28 0.72
N SER A 160 2.02 -9.09 -0.16
CA SER A 160 2.72 -8.60 -1.31
C SER A 160 2.13 -9.17 -2.59
N THR A 161 2.08 -8.36 -3.65
CA THR A 161 1.55 -8.76 -4.92
C THR A 161 1.71 -7.62 -5.91
N GLN A 162 1.74 -7.91 -7.18
CA GLN A 162 1.84 -6.86 -8.15
C GLN A 162 0.47 -6.56 -8.72
N GLY A 163 0.28 -5.36 -9.15
CA GLY A 163 -0.98 -4.96 -9.67
C GLY A 163 -0.85 -4.51 -11.08
N GLU A 164 -1.53 -5.16 -11.94
CA GLU A 164 -1.47 -4.83 -13.34
C GLU A 164 -2.64 -3.96 -13.65
N ILE A 165 -2.37 -2.80 -14.11
CA ILE A 165 -3.40 -1.88 -14.45
C ILE A 165 -3.21 -1.28 -15.83
N LYS A 166 -4.11 -1.65 -16.72
CA LYS A 166 -4.11 -1.17 -18.06
C LYS A 166 -4.94 0.06 -18.12
N LEU A 167 -4.39 1.09 -18.66
CA LEU A 167 -5.03 2.38 -18.65
C LEU A 167 -5.49 2.78 -20.04
N PRO A 168 -6.82 2.75 -20.29
CA PRO A 168 -7.41 3.14 -21.56
C PRO A 168 -7.33 4.65 -21.78
N SER A 169 -6.42 5.04 -22.64
CA SER A 169 -6.08 6.41 -22.96
C SER A 169 -5.57 7.24 -21.75
N LEU A 170 -6.49 7.80 -20.95
CA LEU A 170 -6.13 8.67 -19.82
C LEU A 170 -5.44 9.94 -20.28
N ARG A 171 -5.73 10.35 -21.49
CA ARG A 171 -5.16 11.54 -22.06
C ARG A 171 -5.91 12.69 -21.45
N ASP A 172 -5.30 13.29 -20.43
CA ASP A 172 -5.93 14.25 -19.53
C ASP A 172 -6.74 13.52 -18.51
N PHE A 173 -6.01 13.06 -17.57
CA PHE A 173 -6.41 12.26 -16.46
C PHE A 173 -5.17 12.28 -15.63
N PHE A 174 -4.06 12.15 -16.38
CA PHE A 174 -2.76 12.45 -15.89
C PHE A 174 -2.44 13.83 -16.45
N GLY A 1 -2.80 14.85 4.28
CA GLY A 1 -3.64 14.41 3.18
C GLY A 1 -4.63 15.49 2.82
N HIS A 2 -5.53 15.17 1.90
CA HIS A 2 -6.56 16.10 1.42
C HIS A 2 -5.90 17.30 0.75
N HIS A 3 -5.66 17.15 -0.55
CA HIS A 3 -4.90 18.10 -1.37
C HIS A 3 -3.42 18.03 -1.01
N HIS A 4 -2.59 17.67 -1.99
CA HIS A 4 -1.15 17.59 -1.76
C HIS A 4 -0.57 18.98 -1.43
N HIS A 5 -1.35 20.01 -1.77
CA HIS A 5 -1.05 21.42 -1.53
C HIS A 5 0.04 21.93 -2.47
N HIS A 6 1.27 21.55 -2.22
CA HIS A 6 2.38 22.02 -3.02
C HIS A 6 3.43 20.92 -3.18
N HIS A 7 4.47 21.26 -3.90
CA HIS A 7 5.70 20.48 -4.08
C HIS A 7 6.76 21.51 -4.38
N LEU A 8 6.48 22.29 -5.45
CA LEU A 8 7.28 23.43 -5.91
C LEU A 8 8.70 23.04 -6.31
N GLU A 9 9.51 22.85 -5.32
CA GLU A 9 10.86 22.45 -5.48
C GLU A 9 11.06 21.21 -4.64
N ALA A 10 11.20 20.10 -5.30
CA ALA A 10 11.27 18.82 -4.68
C ALA A 10 12.58 18.60 -3.96
N SER A 11 12.53 18.72 -2.68
CA SER A 11 13.63 18.51 -1.82
C SER A 11 13.18 17.67 -0.63
N ALA A 12 12.33 18.26 0.19
CA ALA A 12 11.79 17.59 1.35
C ALA A 12 10.65 16.68 0.94
N ASP A 13 9.92 17.11 -0.07
CA ASP A 13 8.73 16.40 -0.57
C ASP A 13 9.04 14.95 -0.97
N GLU A 14 10.02 14.79 -1.82
CA GLU A 14 10.43 13.46 -2.27
C GLU A 14 11.19 12.71 -1.17
N LYS A 15 11.85 13.46 -0.31
CA LYS A 15 12.63 12.90 0.78
C LYS A 15 11.74 12.22 1.81
N VAL A 16 10.79 12.97 2.33
CA VAL A 16 9.94 12.51 3.43
C VAL A 16 9.14 11.25 3.10
N VAL A 17 8.72 11.09 1.86
CA VAL A 17 8.01 9.88 1.46
C VAL A 17 8.98 8.69 1.36
N GLU A 18 10.22 8.98 0.97
CA GLU A 18 11.23 7.95 0.81
C GLU A 18 11.70 7.47 2.18
N GLU A 19 12.02 8.41 3.06
CA GLU A 19 12.47 8.06 4.39
C GLU A 19 11.37 7.36 5.17
N LYS A 20 10.12 7.74 4.88
CA LYS A 20 8.96 7.10 5.48
C LYS A 20 8.96 5.64 5.08
N ALA A 21 9.13 5.41 3.78
CA ALA A 21 9.14 4.07 3.22
C ALA A 21 10.28 3.26 3.77
N SER A 22 11.43 3.91 3.93
CA SER A 22 12.62 3.27 4.45
C SER A 22 12.37 2.73 5.88
N VAL A 23 11.73 3.54 6.72
CA VAL A 23 11.44 3.12 8.08
C VAL A 23 10.37 2.03 8.08
N ILE A 24 9.35 2.21 7.26
CA ILE A 24 8.27 1.23 7.13
C ILE A 24 8.83 -0.10 6.62
N SER A 25 9.67 -0.04 5.60
CA SER A 25 10.33 -1.20 5.03
C SER A 25 11.12 -1.94 6.12
N SER A 26 11.80 -1.19 6.96
CA SER A 26 12.60 -1.77 8.03
C SER A 26 11.68 -2.46 9.08
N LEU A 27 10.44 -2.01 9.19
CA LEU A 27 9.50 -2.63 10.10
C LEU A 27 9.03 -3.94 9.47
N LEU A 28 8.51 -3.85 8.24
CA LEU A 28 8.01 -5.03 7.53
C LEU A 28 9.08 -6.08 7.34
N ASP A 29 10.31 -5.63 7.09
CA ASP A 29 11.47 -6.51 6.90
C ASP A 29 11.60 -7.52 8.04
N LYS A 30 11.47 -7.07 9.26
CA LYS A 30 11.51 -7.94 10.41
C LYS A 30 10.17 -8.61 10.69
N ALA A 31 9.10 -7.92 10.36
CA ALA A 31 7.75 -8.43 10.55
C ALA A 31 7.52 -9.69 9.69
N LYS A 32 8.17 -9.72 8.52
CA LYS A 32 8.14 -10.88 7.62
C LYS A 32 8.63 -12.14 8.32
N GLY A 33 9.49 -11.96 9.32
CA GLY A 33 9.98 -13.08 10.08
C GLY A 33 8.91 -13.59 11.02
N PHE A 34 8.38 -12.69 11.86
CA PHE A 34 7.33 -13.04 12.83
C PHE A 34 6.13 -13.65 12.13
N PHE A 35 5.77 -13.09 11.00
CA PHE A 35 4.64 -13.58 10.27
C PHE A 35 4.87 -14.98 9.71
N ALA A 36 6.08 -15.24 9.28
CA ALA A 36 6.40 -16.52 8.68
C ALA A 36 6.52 -17.63 9.72
N GLU A 37 7.00 -17.30 10.90
CA GLU A 37 7.21 -18.31 11.92
C GLU A 37 6.17 -18.29 13.04
N LYS A 38 5.85 -17.13 13.54
CA LYS A 38 5.04 -17.03 14.72
C LYS A 38 3.60 -17.04 14.34
N LEU A 39 3.30 -16.28 13.33
CA LEU A 39 1.92 -16.13 12.89
C LEU A 39 1.54 -17.23 11.92
N ALA A 40 2.38 -18.23 11.83
CA ALA A 40 2.10 -19.41 11.06
C ALA A 40 1.32 -20.36 11.93
N ASN A 41 1.72 -20.46 13.19
CA ASN A 41 1.02 -21.30 14.15
C ASN A 41 -0.11 -20.54 14.80
N ILE A 42 0.12 -19.28 15.05
CA ILE A 42 -0.88 -18.42 15.65
C ILE A 42 -1.72 -17.81 14.53
N PRO A 43 -3.01 -18.17 14.48
CA PRO A 43 -3.86 -17.72 13.41
C PRO A 43 -4.37 -16.30 13.61
N THR A 44 -3.76 -15.39 12.91
CA THR A 44 -4.21 -14.04 12.85
C THR A 44 -5.12 -13.92 11.63
N PRO A 45 -6.12 -13.01 11.65
CA PRO A 45 -7.01 -12.78 10.51
C PRO A 45 -6.18 -12.48 9.26
N GLU A 46 -6.60 -12.99 8.12
CA GLU A 46 -5.79 -12.86 6.93
C GLU A 46 -6.20 -11.71 6.10
N ALA A 47 -5.24 -11.06 5.55
CA ALA A 47 -5.47 -9.97 4.67
C ALA A 47 -4.93 -10.30 3.32
N THR A 48 -5.68 -9.98 2.34
CA THR A 48 -5.30 -10.26 1.00
C THR A 48 -5.55 -9.03 0.13
N VAL A 49 -4.52 -8.62 -0.56
CA VAL A 49 -4.56 -7.47 -1.43
C VAL A 49 -4.52 -7.95 -2.86
N ASP A 50 -5.30 -7.27 -3.72
CA ASP A 50 -5.35 -7.58 -5.19
C ASP A 50 -6.59 -6.99 -5.87
N ASP A 51 -6.66 -5.67 -5.93
CA ASP A 51 -7.64 -4.95 -6.76
C ASP A 51 -7.36 -3.48 -6.61
N VAL A 52 -7.02 -2.83 -7.69
CA VAL A 52 -6.70 -1.41 -7.66
C VAL A 52 -7.45 -0.70 -8.78
N ASP A 53 -8.40 0.13 -8.41
CA ASP A 53 -9.23 0.80 -9.40
C ASP A 53 -9.13 2.31 -9.30
N PHE A 54 -9.15 2.96 -10.46
CA PHE A 54 -9.04 4.41 -10.56
C PHE A 54 -10.37 5.06 -10.21
N LYS A 55 -10.33 6.01 -9.30
CA LYS A 55 -11.56 6.60 -8.84
C LYS A 55 -11.61 8.11 -9.11
N GLY A 56 -10.54 8.68 -9.64
CA GLY A 56 -10.55 10.10 -9.88
C GLY A 56 -9.33 10.57 -10.61
N VAL A 57 -9.45 11.71 -11.24
CA VAL A 57 -8.37 12.25 -12.02
C VAL A 57 -7.69 13.44 -11.35
N THR A 58 -6.45 13.27 -11.04
CA THR A 58 -5.62 14.30 -10.50
C THR A 58 -4.35 14.25 -11.30
N ARG A 59 -3.89 15.39 -11.79
CA ARG A 59 -2.73 15.42 -12.68
C ARG A 59 -1.44 15.37 -11.90
N ASP A 60 -1.55 15.57 -10.60
CA ASP A 60 -0.43 15.39 -9.72
C ASP A 60 -0.74 14.23 -8.80
N GLY A 61 -0.76 13.05 -9.38
CA GLY A 61 -1.03 11.85 -8.64
C GLY A 61 -2.44 11.42 -8.81
N VAL A 62 -2.65 10.43 -9.65
CA VAL A 62 -3.98 9.97 -9.96
C VAL A 62 -4.53 9.11 -8.81
N ASP A 63 -5.82 9.24 -8.57
CA ASP A 63 -6.45 8.63 -7.41
C ASP A 63 -6.95 7.25 -7.69
N TYR A 64 -6.36 6.31 -7.03
CA TYR A 64 -6.79 4.95 -7.07
C TYR A 64 -7.14 4.50 -5.70
N HIS A 65 -8.02 3.60 -5.61
CA HIS A 65 -8.35 3.03 -4.35
C HIS A 65 -8.09 1.56 -4.38
N ALA A 66 -7.06 1.18 -3.68
CA ALA A 66 -6.66 -0.18 -3.59
C ALA A 66 -7.54 -0.91 -2.60
N LYS A 67 -7.80 -2.14 -2.91
CA LYS A 67 -8.68 -2.94 -2.13
C LYS A 67 -7.89 -3.89 -1.25
N VAL A 68 -8.07 -3.75 0.04
CA VAL A 68 -7.45 -4.63 0.97
C VAL A 68 -8.56 -5.45 1.60
N SER A 69 -8.64 -6.69 1.26
CA SER A 69 -9.68 -7.51 1.80
C SER A 69 -9.18 -8.36 2.94
N VAL A 70 -9.83 -8.24 4.06
CA VAL A 70 -9.43 -8.93 5.25
C VAL A 70 -10.48 -9.94 5.68
N LYS A 71 -10.05 -11.16 5.90
CA LYS A 71 -10.93 -12.20 6.38
C LYS A 71 -10.64 -12.40 7.87
N ASN A 72 -11.56 -12.02 8.64
CA ASN A 72 -11.45 -12.15 10.07
C ASN A 72 -12.40 -13.21 10.59
N PRO A 73 -11.87 -14.33 11.12
CA PRO A 73 -12.68 -15.26 11.83
C PRO A 73 -12.56 -15.02 13.33
N TYR A 74 -13.51 -14.28 13.82
CA TYR A 74 -13.67 -13.84 15.21
C TYR A 74 -14.97 -13.10 15.27
N SER A 75 -15.55 -13.02 16.42
CA SER A 75 -16.77 -12.25 16.59
C SER A 75 -16.42 -10.78 16.78
N GLN A 76 -15.17 -10.55 17.15
CA GLN A 76 -14.69 -9.23 17.41
C GLN A 76 -13.98 -8.62 16.23
N SER A 77 -14.10 -7.35 16.10
CA SER A 77 -13.36 -6.61 15.14
C SER A 77 -12.00 -6.29 15.77
N ILE A 78 -10.97 -6.97 15.32
CA ILE A 78 -9.65 -6.73 15.87
C ILE A 78 -9.11 -5.44 15.28
N PRO A 79 -8.88 -4.42 16.14
CA PRO A 79 -8.45 -3.09 15.69
C PRO A 79 -7.17 -3.10 14.89
N ILE A 80 -7.19 -2.32 13.83
CA ILE A 80 -6.04 -2.12 13.01
C ILE A 80 -5.54 -0.70 13.13
N CYS A 81 -4.52 -0.53 13.97
CA CYS A 81 -3.92 0.76 14.27
C CYS A 81 -3.53 1.49 12.99
N GLN A 82 -2.76 0.85 12.16
CA GLN A 82 -2.35 1.46 10.94
C GLN A 82 -2.23 0.40 9.87
N ILE A 83 -2.24 0.83 8.65
CA ILE A 83 -2.05 -0.02 7.53
C ILE A 83 -1.08 0.68 6.57
N SER A 84 0.07 0.11 6.41
CA SER A 84 1.09 0.72 5.62
C SER A 84 1.06 0.21 4.20
N TYR A 85 0.93 1.09 3.25
CA TYR A 85 0.96 0.69 1.86
C TYR A 85 2.30 1.07 1.29
N ILE A 86 2.92 0.14 0.65
CA ILE A 86 4.17 0.42 0.01
C ILE A 86 3.98 0.19 -1.46
N LEU A 87 3.93 1.26 -2.17
CA LEU A 87 3.77 1.27 -3.59
C LEU A 87 5.13 1.27 -4.17
N LYS A 88 5.36 0.44 -5.12
CA LYS A 88 6.60 0.46 -5.81
C LYS A 88 6.33 0.47 -7.29
N SER A 89 7.14 1.18 -8.06
CA SER A 89 6.91 1.22 -9.47
C SER A 89 8.19 1.26 -10.31
N ALA A 90 8.59 0.09 -10.73
CA ALA A 90 9.66 -0.18 -11.69
C ALA A 90 11.03 0.39 -11.37
N THR A 91 11.21 1.64 -11.69
CA THR A 91 12.50 2.27 -11.69
C THR A 91 12.96 2.79 -10.33
N ARG A 92 12.35 3.86 -9.88
CA ARG A 92 12.87 4.55 -8.70
C ARG A 92 11.80 4.97 -7.73
N THR A 93 10.94 5.85 -8.17
CA THR A 93 9.96 6.42 -7.31
C THR A 93 8.93 5.39 -6.85
N ILE A 94 8.59 5.49 -5.60
CA ILE A 94 7.69 4.63 -4.94
C ILE A 94 6.84 5.54 -4.05
N ALA A 95 5.81 5.04 -3.46
CA ALA A 95 5.01 5.85 -2.53
C ALA A 95 4.64 5.00 -1.34
N SER A 96 4.74 5.54 -0.17
CA SER A 96 4.41 4.78 0.99
C SER A 96 3.88 5.69 2.08
N GLY A 97 3.18 5.11 3.00
CA GLY A 97 2.62 5.84 4.10
C GLY A 97 1.79 4.93 4.94
N THR A 98 1.52 5.33 6.15
CA THR A 98 0.71 4.55 7.04
C THR A 98 -0.68 5.14 7.08
N ILE A 99 -1.69 4.33 6.85
CA ILE A 99 -3.03 4.84 6.97
C ILE A 99 -3.57 4.46 8.36
N PRO A 100 -3.75 5.44 9.24
CA PRO A 100 -4.27 5.20 10.57
C PRO A 100 -5.79 5.02 10.52
N ASP A 101 -6.23 3.82 10.87
CA ASP A 101 -7.65 3.45 10.84
C ASP A 101 -8.25 3.53 9.42
N PRO A 102 -8.10 2.46 8.63
CA PRO A 102 -8.67 2.39 7.28
C PRO A 102 -10.01 1.63 7.28
N GLY A 103 -10.47 1.29 8.44
CA GLY A 103 -11.69 0.57 8.56
C GLY A 103 -11.62 -0.39 9.72
N SER A 104 -12.52 -1.31 9.76
CA SER A 104 -12.57 -2.27 10.83
C SER A 104 -12.85 -3.64 10.27
N LEU A 105 -12.44 -4.66 11.00
CA LEU A 105 -12.73 -6.02 10.62
C LEU A 105 -14.16 -6.35 10.84
N VAL A 106 -14.61 -7.23 10.05
CA VAL A 106 -15.94 -7.69 10.11
C VAL A 106 -16.00 -8.85 11.11
N GLY A 107 -17.04 -8.87 11.90
CA GLY A 107 -17.28 -9.96 12.83
C GLY A 107 -17.56 -11.25 12.10
N SER A 108 -16.52 -11.99 11.83
CA SER A 108 -16.52 -13.24 11.12
C SER A 108 -16.99 -13.14 9.68
N GLY A 109 -16.06 -12.83 8.81
CA GLY A 109 -16.33 -12.77 7.41
C GLY A 109 -15.17 -12.16 6.68
N THR A 110 -15.39 -11.75 5.47
CA THR A 110 -14.39 -11.10 4.68
C THR A 110 -14.86 -9.70 4.33
N THR A 111 -14.16 -8.71 4.81
CA THR A 111 -14.51 -7.34 4.54
C THR A 111 -13.47 -6.71 3.62
N VAL A 112 -13.94 -6.04 2.59
CA VAL A 112 -13.04 -5.38 1.66
C VAL A 112 -12.89 -3.94 2.06
N LEU A 113 -11.71 -3.58 2.49
CA LEU A 113 -11.43 -2.24 2.96
C LEU A 113 -10.90 -1.38 1.81
N ASP A 114 -11.17 -0.10 1.90
CA ASP A 114 -10.81 0.86 0.85
C ASP A 114 -9.62 1.70 1.31
N VAL A 115 -8.53 1.62 0.57
CA VAL A 115 -7.38 2.45 0.89
C VAL A 115 -6.99 3.34 -0.30
N PRO A 116 -7.06 4.68 -0.12
CA PRO A 116 -6.65 5.62 -1.16
C PRO A 116 -5.14 5.56 -1.38
N VAL A 117 -4.75 5.31 -2.59
CA VAL A 117 -3.37 5.24 -2.95
C VAL A 117 -3.12 6.19 -4.10
N LYS A 118 -2.05 6.94 -4.04
CA LYS A 118 -1.71 7.81 -5.11
C LYS A 118 -0.88 7.01 -6.08
N VAL A 119 -1.53 6.47 -7.04
CA VAL A 119 -0.93 5.53 -7.94
C VAL A 119 -0.42 6.22 -9.16
N ALA A 120 0.68 5.69 -9.67
CA ALA A 120 1.31 6.11 -10.91
C ALA A 120 1.99 7.45 -10.81
N TYR A 121 1.86 8.10 -9.66
CA TYR A 121 2.52 9.39 -9.46
C TYR A 121 3.99 9.17 -9.44
N SER A 122 4.36 8.03 -8.94
CA SER A 122 5.70 7.60 -8.86
C SER A 122 6.28 7.42 -10.29
N ILE A 123 5.44 6.97 -11.19
CA ILE A 123 5.77 6.81 -12.58
C ILE A 123 5.89 8.18 -13.24
N ALA A 124 4.91 9.03 -13.00
CA ALA A 124 4.83 10.36 -13.59
C ALA A 124 6.01 11.23 -13.23
N VAL A 125 6.37 11.27 -11.96
CA VAL A 125 7.47 12.12 -11.51
C VAL A 125 8.84 11.53 -11.95
N SER A 126 8.88 10.22 -12.16
CA SER A 126 10.10 9.57 -12.57
C SER A 126 10.32 9.72 -14.08
N LEU A 127 9.57 8.97 -14.88
CA LEU A 127 9.80 9.00 -16.31
C LEU A 127 8.57 9.33 -17.15
N MET A 128 7.38 8.83 -16.72
CA MET A 128 6.11 9.01 -17.47
C MET A 128 6.17 8.34 -18.85
N LYS A 129 5.43 7.25 -19.03
CA LYS A 129 5.38 6.56 -20.33
C LYS A 129 4.48 7.33 -21.25
N ASP A 130 3.49 7.97 -20.61
CA ASP A 130 2.41 8.71 -21.28
C ASP A 130 1.33 7.76 -21.76
N MET A 131 0.31 7.67 -20.94
CA MET A 131 -0.83 6.76 -21.16
C MET A 131 -1.61 7.16 -22.44
N CYS A 132 -2.05 6.18 -23.24
CA CYS A 132 -2.76 6.48 -24.46
C CYS A 132 -3.98 5.57 -24.73
N THR A 133 -3.73 4.37 -25.26
CA THR A 133 -4.71 3.45 -25.73
C THR A 133 -4.27 2.01 -25.43
N ASP A 134 -5.19 1.21 -24.84
CA ASP A 134 -4.93 -0.21 -24.41
C ASP A 134 -3.60 -0.30 -23.71
N TRP A 135 -3.63 -0.12 -22.43
CA TRP A 135 -2.43 0.20 -21.73
C TRP A 135 -2.19 -0.70 -20.51
N ASP A 136 -0.92 -0.91 -20.18
CA ASP A 136 -0.48 -1.69 -19.01
C ASP A 136 0.66 -0.99 -18.31
N ILE A 137 0.61 -0.94 -17.01
CA ILE A 137 1.70 -0.40 -16.21
C ILE A 137 2.01 -1.36 -15.07
N ASP A 138 3.29 -1.58 -14.83
CA ASP A 138 3.71 -2.49 -13.78
C ASP A 138 3.82 -1.74 -12.49
N TYR A 139 3.06 -2.19 -11.52
CA TYR A 139 2.94 -1.56 -10.23
C TYR A 139 2.66 -2.66 -9.19
N GLN A 140 2.87 -2.38 -7.90
CA GLN A 140 2.47 -3.28 -6.81
C GLN A 140 2.48 -2.56 -5.49
N LEU A 141 1.74 -3.09 -4.51
CA LEU A 141 1.74 -2.53 -3.18
C LEU A 141 1.83 -3.63 -2.17
N ASP A 142 2.70 -3.45 -1.25
CA ASP A 142 2.85 -4.36 -0.15
C ASP A 142 2.17 -3.70 1.01
N ILE A 143 1.21 -4.35 1.54
CA ILE A 143 0.45 -3.80 2.60
C ILE A 143 0.89 -4.35 3.92
N GLY A 144 1.08 -3.48 4.85
CA GLY A 144 1.40 -3.86 6.17
C GLY A 144 0.28 -3.47 7.11
N LEU A 145 -0.68 -4.33 7.23
CA LEU A 145 -1.79 -4.12 8.14
C LEU A 145 -1.35 -4.51 9.53
N THR A 146 -1.85 -3.85 10.53
CA THR A 146 -1.40 -4.16 11.86
C THR A 146 -2.57 -4.42 12.80
N PHE A 147 -2.66 -5.64 13.28
CA PHE A 147 -3.66 -6.01 14.28
C PHE A 147 -2.94 -6.01 15.63
N ASP A 148 -3.67 -5.91 16.70
CA ASP A 148 -3.05 -6.02 18.01
C ASP A 148 -3.67 -7.17 18.78
N ILE A 149 -2.84 -8.05 19.24
CA ILE A 149 -3.28 -9.18 20.04
C ILE A 149 -2.37 -9.31 21.26
N PRO A 150 -2.95 -9.32 22.49
CA PRO A 150 -2.18 -9.35 23.77
C PRO A 150 -1.12 -10.45 23.82
N VAL A 151 -1.36 -11.53 23.10
CA VAL A 151 -0.45 -12.67 23.05
C VAL A 151 0.94 -12.25 22.52
N VAL A 152 0.97 -11.38 21.54
CA VAL A 152 2.25 -11.00 20.96
C VAL A 152 2.46 -9.48 21.01
N GLY A 153 1.44 -8.75 20.64
CA GLY A 153 1.52 -7.32 20.63
C GLY A 153 1.07 -6.75 19.32
N ASP A 154 1.85 -5.83 18.81
CA ASP A 154 1.58 -5.13 17.57
C ASP A 154 2.40 -5.77 16.44
N ILE A 155 1.74 -6.34 15.43
CA ILE A 155 2.48 -6.92 14.32
C ILE A 155 1.96 -6.40 12.99
N THR A 156 2.82 -5.76 12.26
CA THR A 156 2.50 -5.32 10.93
C THR A 156 2.68 -6.50 9.97
N ILE A 157 1.61 -6.97 9.42
CA ILE A 157 1.63 -8.13 8.56
C ILE A 157 1.76 -7.70 7.10
N PRO A 158 2.84 -8.08 6.43
CA PRO A 158 3.05 -7.79 5.02
C PRO A 158 2.36 -8.77 4.13
N VAL A 159 1.72 -8.21 3.18
CA VAL A 159 0.98 -8.90 2.22
C VAL A 159 1.07 -8.15 0.88
N SER A 160 1.36 -8.87 -0.18
CA SER A 160 1.51 -8.24 -1.47
C SER A 160 1.08 -9.11 -2.64
N THR A 161 0.86 -8.44 -3.74
CA THR A 161 0.50 -9.02 -4.99
C THR A 161 1.01 -8.04 -6.02
N GLN A 162 0.86 -8.31 -7.27
CA GLN A 162 1.27 -7.34 -8.23
C GLN A 162 0.08 -6.55 -8.68
N GLY A 163 0.21 -5.26 -8.70
CA GLY A 163 -0.87 -4.45 -9.07
C GLY A 163 -0.73 -4.08 -10.50
N GLU A 164 -1.05 -4.99 -11.33
CA GLU A 164 -0.98 -4.69 -12.70
C GLU A 164 -2.27 -4.11 -13.09
N ILE A 165 -2.21 -2.95 -13.54
CA ILE A 165 -3.34 -2.24 -13.88
C ILE A 165 -3.34 -1.93 -15.34
N LYS A 166 -4.21 -2.61 -16.01
CA LYS A 166 -4.37 -2.55 -17.41
C LYS A 166 -5.50 -1.63 -17.75
N LEU A 167 -5.09 -0.46 -18.07
CA LEU A 167 -5.92 0.68 -18.22
C LEU A 167 -6.49 0.79 -19.63
N PRO A 168 -7.81 0.93 -19.76
CA PRO A 168 -8.44 1.18 -21.05
C PRO A 168 -8.08 2.59 -21.49
N SER A 169 -8.02 2.82 -22.77
CA SER A 169 -7.62 4.10 -23.33
C SER A 169 -8.40 5.33 -22.73
N LEU A 170 -7.78 6.02 -21.79
CA LEU A 170 -8.28 7.30 -21.30
C LEU A 170 -7.48 8.41 -21.94
N ARG A 171 -6.25 8.07 -22.28
CA ARG A 171 -5.25 8.96 -22.88
C ARG A 171 -4.83 10.04 -21.87
N ASP A 172 -5.74 10.90 -21.51
CA ASP A 172 -5.45 11.96 -20.60
C ASP A 172 -6.26 11.79 -19.34
N PHE A 173 -5.64 11.18 -18.40
CA PHE A 173 -6.18 10.88 -17.11
C PHE A 173 -4.97 10.71 -16.26
N PHE A 174 -4.07 9.93 -16.81
CA PHE A 174 -2.75 9.82 -16.32
C PHE A 174 -1.85 10.48 -17.35
N GLY A 1 26.80 5.80 -18.40
CA GLY A 1 26.92 6.80 -17.34
C GLY A 1 26.84 8.19 -17.88
N HIS A 2 25.64 8.65 -18.13
CA HIS A 2 25.41 9.96 -18.70
C HIS A 2 24.09 10.52 -18.18
N HIS A 3 24.08 11.81 -17.83
CA HIS A 3 22.88 12.56 -17.39
C HIS A 3 22.40 12.18 -15.98
N HIS A 4 22.30 10.87 -15.70
CA HIS A 4 21.77 10.32 -14.44
C HIS A 4 20.40 10.90 -14.08
N HIS A 5 19.36 10.21 -14.47
CA HIS A 5 17.99 10.65 -14.21
C HIS A 5 17.57 10.52 -12.73
N HIS A 6 18.24 11.30 -11.89
CA HIS A 6 18.05 11.43 -10.43
C HIS A 6 18.91 12.54 -9.96
N HIS A 7 18.53 13.15 -8.83
CA HIS A 7 19.26 14.26 -8.22
C HIS A 7 19.20 15.49 -9.10
N LEU A 8 18.06 15.66 -9.76
CA LEU A 8 17.80 16.81 -10.59
C LEU A 8 17.76 18.04 -9.64
N GLU A 9 16.85 17.99 -8.68
CA GLU A 9 16.74 19.01 -7.64
C GLU A 9 16.90 18.37 -6.28
N ALA A 10 16.64 17.05 -6.22
CA ALA A 10 16.57 16.28 -4.99
C ALA A 10 15.41 16.82 -4.16
N SER A 11 14.25 16.35 -4.50
CA SER A 11 13.02 16.85 -3.94
C SER A 11 12.78 16.28 -2.55
N ALA A 12 11.87 16.92 -1.82
CA ALA A 12 11.52 16.49 -0.50
C ALA A 12 10.87 15.13 -0.56
N ASP A 13 10.08 14.90 -1.63
CA ASP A 13 9.40 13.60 -1.85
C ASP A 13 10.41 12.50 -1.88
N GLU A 14 11.38 12.66 -2.77
CA GLU A 14 12.45 11.70 -3.00
C GLU A 14 13.18 11.35 -1.70
N LYS A 15 13.32 12.33 -0.82
CA LYS A 15 13.95 12.16 0.44
C LYS A 15 13.03 11.40 1.41
N VAL A 16 11.83 11.93 1.63
CA VAL A 16 10.94 11.40 2.66
C VAL A 16 10.36 10.04 2.31
N VAL A 17 10.10 9.81 1.04
CA VAL A 17 9.49 8.55 0.63
C VAL A 17 10.47 7.39 0.83
N GLU A 18 11.75 7.69 0.67
CA GLU A 18 12.80 6.71 0.78
C GLU A 18 13.05 6.35 2.24
N GLU A 19 13.15 7.38 3.08
CA GLU A 19 13.41 7.18 4.49
C GLU A 19 12.20 6.59 5.20
N LYS A 20 11.00 7.00 4.80
CA LYS A 20 9.79 6.46 5.38
C LYS A 20 9.68 4.98 5.04
N ALA A 21 10.05 4.63 3.81
CA ALA A 21 10.05 3.25 3.37
C ALA A 21 11.05 2.44 4.18
N SER A 22 12.18 3.07 4.49
CA SER A 22 13.22 2.47 5.29
C SER A 22 12.68 2.10 6.67
N VAL A 23 12.02 3.07 7.31
CA VAL A 23 11.42 2.89 8.64
C VAL A 23 10.38 1.77 8.62
N ILE A 24 9.46 1.85 7.67
CA ILE A 24 8.38 0.88 7.56
C ILE A 24 8.93 -0.51 7.26
N SER A 25 9.98 -0.58 6.47
CA SER A 25 10.59 -1.86 6.11
C SER A 25 11.14 -2.56 7.37
N SER A 26 11.67 -1.79 8.31
CA SER A 26 12.17 -2.36 9.55
C SER A 26 11.00 -2.82 10.44
N LEU A 27 9.92 -2.08 10.40
CA LEU A 27 8.72 -2.44 11.13
C LEU A 27 8.13 -3.73 10.53
N LEU A 28 8.15 -3.83 9.20
CA LEU A 28 7.68 -5.04 8.53
C LEU A 28 8.54 -6.21 8.97
N ASP A 29 9.85 -5.97 9.06
CA ASP A 29 10.82 -6.98 9.47
C ASP A 29 10.50 -7.55 10.84
N LYS A 30 10.19 -6.67 11.80
CA LYS A 30 9.86 -7.12 13.15
C LYS A 30 8.58 -7.94 13.16
N ALA A 31 7.67 -7.61 12.26
CA ALA A 31 6.39 -8.29 12.21
C ALA A 31 6.51 -9.65 11.54
N LYS A 32 7.37 -9.75 10.56
CA LYS A 32 7.56 -10.97 9.77
C LYS A 32 8.21 -12.13 10.57
N GLY A 33 8.35 -11.98 11.86
CA GLY A 33 8.83 -13.07 12.67
C GLY A 33 7.75 -13.58 13.61
N PHE A 34 6.72 -12.78 13.82
CA PHE A 34 5.65 -13.15 14.74
C PHE A 34 4.66 -14.10 14.11
N PHE A 35 4.54 -14.05 12.79
CA PHE A 35 3.50 -14.77 12.06
C PHE A 35 3.47 -16.30 12.34
N ALA A 36 4.62 -16.86 12.64
CA ALA A 36 4.71 -18.28 12.85
C ALA A 36 4.33 -18.69 14.27
N GLU A 37 4.63 -17.85 15.24
CA GLU A 37 4.38 -18.23 16.63
C GLU A 37 3.34 -17.34 17.33
N LYS A 38 3.47 -16.04 17.20
CA LYS A 38 2.62 -15.12 17.95
C LYS A 38 1.28 -14.94 17.25
N LEU A 39 1.23 -15.24 15.97
CA LEU A 39 -0.03 -15.17 15.24
C LEU A 39 -0.68 -16.55 15.17
N ALA A 40 -0.02 -17.52 15.76
CA ALA A 40 -0.51 -18.88 15.72
C ALA A 40 -1.38 -19.17 16.94
N ASN A 41 -0.81 -18.99 18.12
CA ASN A 41 -1.52 -19.27 19.37
C ASN A 41 -2.44 -18.12 19.77
N ILE A 42 -2.41 -17.08 19.00
CA ILE A 42 -3.23 -15.93 19.24
C ILE A 42 -4.12 -15.69 18.02
N PRO A 43 -5.45 -15.63 18.21
CA PRO A 43 -6.39 -15.39 17.13
C PRO A 43 -6.12 -14.07 16.41
N THR A 44 -5.59 -14.16 15.23
CA THR A 44 -5.25 -13.04 14.43
C THR A 44 -5.74 -13.24 13.00
N PRO A 45 -6.02 -12.15 12.28
CA PRO A 45 -6.56 -12.23 10.93
C PRO A 45 -5.50 -12.54 9.86
N GLU A 46 -5.98 -12.93 8.72
CA GLU A 46 -5.19 -13.22 7.56
C GLU A 46 -5.53 -12.15 6.53
N ALA A 47 -4.59 -11.70 5.77
CA ALA A 47 -4.87 -10.62 4.87
C ALA A 47 -4.38 -10.90 3.47
N THR A 48 -5.03 -10.33 2.51
CA THR A 48 -4.64 -10.46 1.14
C THR A 48 -4.97 -9.17 0.37
N VAL A 49 -4.00 -8.66 -0.33
CA VAL A 49 -4.22 -7.52 -1.16
C VAL A 49 -4.52 -8.03 -2.55
N ASP A 50 -5.43 -7.39 -3.24
CA ASP A 50 -5.91 -7.96 -4.48
C ASP A 50 -5.64 -7.12 -5.70
N ASP A 51 -6.27 -5.98 -5.76
CA ASP A 51 -6.24 -5.16 -6.97
C ASP A 51 -6.58 -3.75 -6.58
N VAL A 52 -6.36 -2.81 -7.45
CA VAL A 52 -6.65 -1.45 -7.14
C VAL A 52 -7.55 -0.83 -8.22
N ASP A 53 -8.60 -0.16 -7.80
CA ASP A 53 -9.51 0.45 -8.75
C ASP A 53 -9.30 1.95 -8.78
N PHE A 54 -9.27 2.51 -10.00
CA PHE A 54 -9.19 3.96 -10.18
C PHE A 54 -10.38 4.58 -9.53
N LYS A 55 -10.21 5.70 -8.89
CA LYS A 55 -11.28 6.22 -8.09
C LYS A 55 -11.44 7.72 -8.31
N GLY A 56 -10.44 8.48 -7.88
CA GLY A 56 -10.53 9.91 -7.97
C GLY A 56 -9.53 10.50 -8.91
N VAL A 57 -9.33 11.79 -8.80
CA VAL A 57 -8.44 12.52 -9.65
C VAL A 57 -7.49 13.41 -8.85
N THR A 58 -6.23 13.27 -9.13
CA THR A 58 -5.19 14.09 -8.58
C THR A 58 -4.06 14.10 -9.61
N ARG A 59 -3.63 15.27 -10.00
CA ARG A 59 -2.73 15.44 -11.14
C ARG A 59 -1.29 14.94 -10.92
N ASP A 60 -0.78 15.02 -9.71
CA ASP A 60 0.61 14.59 -9.45
C ASP A 60 0.64 13.30 -8.66
N GLY A 61 -0.50 12.68 -8.54
CA GLY A 61 -0.60 11.46 -7.78
C GLY A 61 -2.05 11.09 -7.61
N VAL A 62 -2.55 10.38 -8.56
CA VAL A 62 -3.95 10.04 -8.64
C VAL A 62 -4.34 9.08 -7.52
N ASP A 63 -5.51 9.30 -6.96
CA ASP A 63 -5.96 8.54 -5.82
C ASP A 63 -6.84 7.39 -6.23
N TYR A 64 -6.28 6.22 -6.15
CA TYR A 64 -7.00 4.99 -6.38
C TYR A 64 -7.34 4.39 -5.04
N HIS A 65 -8.22 3.45 -5.03
CA HIS A 65 -8.55 2.76 -3.81
C HIS A 65 -8.38 1.29 -4.00
N ALA A 66 -7.37 0.78 -3.35
CA ALA A 66 -6.99 -0.61 -3.44
C ALA A 66 -7.87 -1.51 -2.61
N LYS A 67 -8.10 -2.67 -3.13
CA LYS A 67 -8.86 -3.68 -2.48
C LYS A 67 -7.93 -4.56 -1.65
N VAL A 68 -8.09 -4.47 -0.36
CA VAL A 68 -7.36 -5.31 0.56
C VAL A 68 -8.39 -6.13 1.30
N SER A 69 -8.39 -7.39 1.11
CA SER A 69 -9.36 -8.23 1.74
C SER A 69 -8.76 -8.85 2.98
N VAL A 70 -9.47 -8.77 4.07
CA VAL A 70 -9.00 -9.36 5.28
C VAL A 70 -9.96 -10.42 5.77
N LYS A 71 -9.39 -11.53 6.12
CA LYS A 71 -10.06 -12.68 6.66
C LYS A 71 -9.79 -12.67 8.16
N ASN A 72 -10.79 -12.41 8.95
CA ASN A 72 -10.57 -12.29 10.38
C ASN A 72 -11.55 -13.11 11.17
N PRO A 73 -11.06 -14.16 11.85
CA PRO A 73 -11.88 -14.96 12.69
C PRO A 73 -11.70 -14.66 14.18
N TYR A 74 -12.60 -13.85 14.70
CA TYR A 74 -12.74 -13.57 16.09
C TYR A 74 -13.94 -12.67 16.18
N SER A 75 -14.65 -12.71 17.28
CA SER A 75 -15.88 -11.94 17.42
C SER A 75 -15.57 -10.45 17.73
N GLN A 76 -14.33 -10.08 17.64
CA GLN A 76 -13.92 -8.73 17.90
C GLN A 76 -13.70 -8.03 16.60
N SER A 77 -14.16 -6.83 16.50
CA SER A 77 -13.84 -6.01 15.41
C SER A 77 -12.62 -5.17 15.81
N ILE A 78 -11.44 -5.64 15.43
CA ILE A 78 -10.23 -5.00 15.83
C ILE A 78 -10.02 -3.76 14.95
N PRO A 79 -9.82 -2.60 15.57
CA PRO A 79 -9.58 -1.36 14.85
C PRO A 79 -8.24 -1.41 14.15
N ILE A 80 -8.21 -1.01 12.91
CA ILE A 80 -6.99 -1.02 12.16
C ILE A 80 -6.24 0.24 12.46
N CYS A 81 -5.18 0.09 13.22
CA CYS A 81 -4.37 1.20 13.67
C CYS A 81 -3.87 2.02 12.48
N GLN A 82 -3.27 1.35 11.54
CA GLN A 82 -2.76 1.99 10.36
C GLN A 82 -2.57 0.99 9.26
N ILE A 83 -2.59 1.47 8.07
CA ILE A 83 -2.27 0.70 6.92
C ILE A 83 -1.04 1.28 6.31
N SER A 84 -0.01 0.54 6.34
CA SER A 84 1.21 1.00 5.79
C SER A 84 1.28 0.51 4.35
N TYR A 85 1.31 1.40 3.41
CA TYR A 85 1.34 0.96 2.04
C TYR A 85 2.70 1.21 1.44
N ILE A 86 3.23 0.19 0.84
CA ILE A 86 4.48 0.27 0.17
C ILE A 86 4.16 -0.05 -1.26
N LEU A 87 4.22 0.92 -2.06
CA LEU A 87 3.85 0.79 -3.42
C LEU A 87 5.09 0.89 -4.28
N LYS A 88 5.33 -0.09 -5.10
CA LYS A 88 6.49 -0.03 -5.94
C LYS A 88 6.09 0.54 -7.25
N SER A 89 6.94 1.30 -7.79
CA SER A 89 6.69 1.93 -9.04
C SER A 89 7.35 1.11 -10.13
N ALA A 90 6.72 1.06 -11.28
CA ALA A 90 7.24 0.33 -12.41
C ALA A 90 8.57 0.91 -12.84
N THR A 91 9.46 0.03 -13.26
CA THR A 91 10.80 0.35 -13.70
C THR A 91 11.70 0.70 -12.49
N ARG A 92 11.35 1.75 -11.76
CA ARG A 92 12.11 2.19 -10.58
C ARG A 92 11.21 2.94 -9.63
N THR A 93 11.75 3.25 -8.43
CA THR A 93 11.11 4.12 -7.45
C THR A 93 9.99 3.40 -6.63
N ILE A 94 9.65 3.94 -5.48
CA ILE A 94 8.68 3.37 -4.57
C ILE A 94 7.95 4.50 -3.82
N ALA A 95 6.69 4.27 -3.47
CA ALA A 95 5.87 5.21 -2.73
C ALA A 95 5.47 4.59 -1.41
N SER A 96 5.57 5.34 -0.35
CA SER A 96 5.25 4.84 0.95
C SER A 96 4.30 5.80 1.66
N GLY A 97 3.61 5.30 2.64
CA GLY A 97 2.72 6.12 3.42
C GLY A 97 1.94 5.27 4.39
N THR A 98 1.36 5.88 5.38
CA THR A 98 0.58 5.17 6.34
C THR A 98 -0.81 5.77 6.44
N ILE A 99 -1.82 4.94 6.33
CA ILE A 99 -3.18 5.40 6.44
C ILE A 99 -3.68 5.09 7.86
N PRO A 100 -3.79 6.10 8.74
CA PRO A 100 -4.25 5.91 10.11
C PRO A 100 -5.75 5.72 10.17
N ASP A 101 -6.15 4.54 10.61
CA ASP A 101 -7.56 4.11 10.74
C ASP A 101 -8.35 4.27 9.43
N PRO A 102 -8.25 3.31 8.54
CA PRO A 102 -9.00 3.29 7.31
C PRO A 102 -10.22 2.36 7.38
N GLY A 103 -10.48 1.85 8.56
CA GLY A 103 -11.58 0.96 8.75
C GLY A 103 -11.33 0.05 9.92
N SER A 104 -12.09 -1.00 10.01
CA SER A 104 -11.97 -1.92 11.11
C SER A 104 -12.25 -3.33 10.64
N LEU A 105 -11.78 -4.32 11.40
CA LEU A 105 -11.99 -5.70 11.04
C LEU A 105 -13.40 -6.11 11.29
N VAL A 106 -13.80 -7.13 10.60
CA VAL A 106 -15.12 -7.66 10.68
C VAL A 106 -15.16 -8.73 11.77
N GLY A 107 -16.23 -8.73 12.53
CA GLY A 107 -16.41 -9.72 13.56
C GLY A 107 -16.71 -11.08 12.97
N SER A 108 -15.66 -11.86 12.82
CA SER A 108 -15.67 -13.22 12.28
C SER A 108 -16.20 -13.32 10.85
N GLY A 109 -15.33 -13.06 9.90
CA GLY A 109 -15.68 -13.19 8.51
C GLY A 109 -14.63 -12.53 7.67
N THR A 110 -14.96 -12.22 6.47
CA THR A 110 -14.05 -11.55 5.62
C THR A 110 -14.63 -10.18 5.22
N THR A 111 -13.77 -9.21 5.15
CA THR A 111 -14.16 -7.87 4.81
C THR A 111 -13.20 -7.28 3.79
N VAL A 112 -13.75 -6.57 2.83
CA VAL A 112 -12.93 -5.85 1.89
C VAL A 112 -12.69 -4.45 2.42
N LEU A 113 -11.47 -4.08 2.51
CA LEU A 113 -11.10 -2.82 3.06
C LEU A 113 -10.74 -1.84 1.97
N ASP A 114 -11.07 -0.59 2.21
CA ASP A 114 -10.83 0.49 1.27
C ASP A 114 -9.60 1.27 1.68
N VAL A 115 -8.57 1.25 0.85
CA VAL A 115 -7.38 2.02 1.13
C VAL A 115 -6.99 2.95 -0.04
N PRO A 116 -6.99 4.27 0.20
CA PRO A 116 -6.52 5.24 -0.80
C PRO A 116 -5.00 5.11 -1.07
N VAL A 117 -4.65 4.93 -2.32
CA VAL A 117 -3.27 4.74 -2.72
C VAL A 117 -2.89 5.76 -3.78
N LYS A 118 -1.66 6.27 -3.69
CA LYS A 118 -1.14 7.23 -4.63
C LYS A 118 -0.48 6.53 -5.80
N VAL A 119 -1.21 6.50 -6.86
CA VAL A 119 -0.79 5.92 -8.11
C VAL A 119 -0.27 7.04 -8.97
N ALA A 120 0.72 6.75 -9.83
CA ALA A 120 1.36 7.75 -10.73
C ALA A 120 2.31 8.66 -9.97
N TYR A 121 2.19 8.64 -8.66
CA TYR A 121 2.93 9.50 -7.76
C TYR A 121 4.42 9.33 -8.00
N SER A 122 4.88 8.11 -7.85
CA SER A 122 6.29 7.83 -8.00
C SER A 122 6.68 7.83 -9.48
N ILE A 123 5.73 7.54 -10.31
CA ILE A 123 5.97 7.38 -11.74
C ILE A 123 6.26 8.72 -12.40
N ALA A 124 5.40 9.72 -12.15
CA ALA A 124 5.56 11.06 -12.71
C ALA A 124 6.84 11.69 -12.20
N VAL A 125 7.01 11.62 -10.90
CA VAL A 125 8.17 12.15 -10.20
C VAL A 125 9.48 11.54 -10.71
N SER A 126 9.46 10.26 -10.98
CA SER A 126 10.65 9.56 -11.36
C SER A 126 10.99 9.74 -12.87
N LEU A 127 10.37 8.94 -13.72
CA LEU A 127 10.74 8.92 -15.13
C LEU A 127 9.58 9.16 -16.10
N MET A 128 8.37 8.81 -15.67
CA MET A 128 7.16 8.86 -16.50
C MET A 128 7.18 7.79 -17.58
N LYS A 129 6.15 6.99 -17.62
CA LYS A 129 6.03 5.89 -18.55
C LYS A 129 5.78 6.38 -19.94
N ASP A 130 5.02 7.43 -19.94
CA ASP A 130 4.46 8.07 -21.11
C ASP A 130 3.29 7.23 -21.53
N MET A 131 2.23 7.40 -20.76
CA MET A 131 1.04 6.59 -20.85
C MET A 131 0.31 6.90 -22.14
N CYS A 132 0.24 5.92 -23.00
CA CYS A 132 -0.33 6.07 -24.33
C CYS A 132 -1.83 5.73 -24.33
N THR A 133 -2.47 5.81 -25.47
CA THR A 133 -3.85 5.49 -25.55
C THR A 133 -4.04 3.97 -25.64
N ASP A 134 -4.47 3.43 -24.50
CA ASP A 134 -4.58 1.99 -24.20
C ASP A 134 -3.22 1.49 -23.87
N TRP A 135 -2.98 1.41 -22.61
CA TRP A 135 -1.71 1.14 -22.07
C TRP A 135 -1.88 0.38 -20.77
N ASP A 136 -0.95 -0.47 -20.45
CA ASP A 136 -0.99 -1.22 -19.22
C ASP A 136 0.29 -1.00 -18.46
N ILE A 137 0.20 -0.88 -17.18
CA ILE A 137 1.36 -0.65 -16.34
C ILE A 137 1.28 -1.58 -15.13
N ASP A 138 2.37 -2.25 -14.84
CA ASP A 138 2.40 -3.20 -13.74
C ASP A 138 3.16 -2.61 -12.59
N TYR A 139 2.48 -2.27 -11.53
CA TYR A 139 3.19 -1.83 -10.37
C TYR A 139 3.00 -2.85 -9.26
N GLN A 140 3.68 -2.70 -8.18
CA GLN A 140 3.63 -3.73 -7.14
C GLN A 140 3.07 -3.13 -5.88
N LEU A 141 2.12 -3.79 -5.28
CA LEU A 141 1.49 -3.26 -4.10
C LEU A 141 1.72 -4.14 -2.89
N ASP A 142 2.25 -3.53 -1.85
CA ASP A 142 2.50 -4.17 -0.58
C ASP A 142 1.69 -3.43 0.48
N ILE A 143 0.81 -4.10 1.13
CA ILE A 143 0.04 -3.47 2.18
C ILE A 143 0.42 -4.08 3.51
N GLY A 144 0.85 -3.25 4.42
CA GLY A 144 1.17 -3.68 5.73
C GLY A 144 0.01 -3.47 6.66
N LEU A 145 -0.66 -4.55 6.97
CA LEU A 145 -1.80 -4.54 7.87
C LEU A 145 -1.34 -4.42 9.30
N THR A 146 -1.44 -3.24 9.86
CA THR A 146 -1.01 -3.01 11.22
C THR A 146 -2.17 -3.22 12.21
N PHE A 147 -2.02 -4.22 13.06
CA PHE A 147 -2.98 -4.51 14.11
C PHE A 147 -2.23 -4.57 15.40
N ASP A 148 -2.90 -4.29 16.48
CA ASP A 148 -2.32 -4.45 17.80
C ASP A 148 -3.35 -4.58 18.85
N ILE A 149 -3.08 -5.44 19.78
CA ILE A 149 -3.90 -5.70 20.91
C ILE A 149 -3.01 -5.41 22.12
N PRO A 150 -3.48 -4.57 23.07
CA PRO A 150 -2.69 -4.15 24.25
C PRO A 150 -1.97 -5.30 24.98
N VAL A 151 -2.67 -6.42 25.16
CA VAL A 151 -2.09 -7.59 25.82
C VAL A 151 -0.94 -8.14 24.98
N VAL A 152 -1.26 -8.37 23.73
CA VAL A 152 -0.36 -8.87 22.72
C VAL A 152 -1.20 -9.14 21.47
N GLY A 153 -0.66 -8.82 20.34
CA GLY A 153 -1.37 -9.00 19.08
C GLY A 153 -0.91 -7.97 18.09
N ASP A 154 0.21 -7.40 18.42
CA ASP A 154 0.89 -6.40 17.66
C ASP A 154 1.56 -7.02 16.45
N ILE A 155 1.16 -6.60 15.29
CA ILE A 155 1.69 -7.14 14.06
C ILE A 155 1.39 -6.20 12.88
N THR A 156 2.30 -6.11 11.95
CA THR A 156 2.01 -5.51 10.68
C THR A 156 2.31 -6.51 9.58
N ILE A 157 1.28 -7.11 9.02
CA ILE A 157 1.45 -8.14 8.02
C ILE A 157 1.55 -7.52 6.63
N PRO A 158 2.72 -7.61 6.00
CA PRO A 158 2.90 -7.13 4.66
C PRO A 158 2.45 -8.14 3.62
N VAL A 159 1.39 -7.82 2.96
CA VAL A 159 0.90 -8.65 1.90
C VAL A 159 1.19 -7.98 0.57
N SER A 160 1.67 -8.72 -0.37
CA SER A 160 2.09 -8.18 -1.64
C SER A 160 1.43 -8.87 -2.83
N THR A 161 1.38 -8.15 -3.95
CA THR A 161 0.87 -8.66 -5.20
C THR A 161 1.21 -7.64 -6.27
N GLN A 162 1.00 -7.97 -7.51
CA GLN A 162 1.26 -7.05 -8.58
C GLN A 162 -0.04 -6.41 -9.01
N GLY A 163 -0.02 -5.13 -9.13
CA GLY A 163 -1.17 -4.42 -9.54
C GLY A 163 -1.04 -4.04 -10.98
N GLU A 164 -1.76 -4.74 -11.81
CA GLU A 164 -1.73 -4.48 -13.21
C GLU A 164 -2.81 -3.46 -13.48
N ILE A 165 -2.42 -2.33 -13.98
CA ILE A 165 -3.33 -1.23 -14.16
C ILE A 165 -3.63 -1.11 -15.64
N LYS A 166 -4.89 -1.25 -16.04
CA LYS A 166 -5.24 -1.03 -17.42
C LYS A 166 -5.69 0.40 -17.59
N LEU A 167 -4.97 1.10 -18.38
CA LEU A 167 -5.21 2.47 -18.63
C LEU A 167 -5.77 2.66 -20.05
N PRO A 168 -7.11 2.67 -20.20
CA PRO A 168 -7.76 2.73 -21.49
C PRO A 168 -7.94 4.15 -22.00
N SER A 169 -6.87 4.69 -22.60
CA SER A 169 -6.82 6.04 -23.22
C SER A 169 -7.22 7.18 -22.26
N LEU A 170 -7.23 6.88 -20.97
CA LEU A 170 -7.64 7.81 -19.94
C LEU A 170 -6.77 9.07 -19.94
N ARG A 171 -5.45 8.87 -19.80
CA ARG A 171 -4.46 9.96 -19.81
C ARG A 171 -4.59 10.93 -18.60
N ASP A 172 -3.43 11.43 -18.14
CA ASP A 172 -3.33 12.43 -17.00
C ASP A 172 -3.53 11.80 -15.62
N PHE A 173 -3.85 10.55 -15.59
CA PHE A 173 -4.08 9.85 -14.32
C PHE A 173 -2.98 8.84 -14.08
N PHE A 174 -2.96 7.82 -14.93
CA PHE A 174 -2.02 6.68 -14.89
C PHE A 174 -1.83 6.06 -13.51
N GLY A 1 2.82 30.18 -5.95
CA GLY A 1 3.33 28.99 -5.25
C GLY A 1 4.67 29.26 -4.65
N HIS A 2 4.94 28.65 -3.52
CA HIS A 2 6.19 28.84 -2.84
C HIS A 2 6.62 27.54 -2.23
N HIS A 3 7.54 26.87 -2.88
CA HIS A 3 8.11 25.62 -2.40
C HIS A 3 9.41 25.30 -3.11
N HIS A 4 10.50 25.62 -2.45
CA HIS A 4 11.84 25.39 -2.97
C HIS A 4 12.70 24.68 -1.93
N HIS A 5 13.98 24.51 -2.27
CA HIS A 5 15.03 23.93 -1.39
C HIS A 5 14.93 22.41 -1.23
N HIS A 6 13.72 21.86 -1.31
CA HIS A 6 13.57 20.40 -1.20
C HIS A 6 14.02 19.68 -2.47
N HIS A 7 15.32 19.55 -2.58
CA HIS A 7 16.04 18.87 -3.65
C HIS A 7 17.53 19.03 -3.39
N LEU A 8 18.14 18.04 -2.78
CA LEU A 8 19.56 18.10 -2.50
C LEU A 8 20.28 17.92 -3.81
N GLU A 9 19.86 16.91 -4.51
CA GLU A 9 20.27 16.68 -5.85
C GLU A 9 19.07 16.80 -6.74
N ALA A 10 18.06 15.99 -6.46
CA ALA A 10 16.82 16.05 -7.20
C ALA A 10 15.69 15.50 -6.36
N SER A 11 15.80 14.26 -5.98
CA SER A 11 14.77 13.60 -5.25
C SER A 11 14.90 13.78 -3.75
N ALA A 12 14.15 14.71 -3.22
CA ALA A 12 14.07 14.89 -1.80
C ALA A 12 12.78 14.26 -1.32
N ASP A 13 11.70 14.59 -2.03
CA ASP A 13 10.36 14.11 -1.71
C ASP A 13 10.25 12.63 -1.97
N GLU A 14 10.82 12.20 -3.10
CA GLU A 14 10.82 10.81 -3.45
C GLU A 14 11.69 10.00 -2.47
N LYS A 15 12.72 10.64 -1.94
CA LYS A 15 13.64 9.95 -1.06
C LYS A 15 13.00 9.73 0.31
N VAL A 16 12.28 10.73 0.79
CA VAL A 16 11.64 10.63 2.10
C VAL A 16 10.52 9.58 2.12
N VAL A 17 9.87 9.36 0.98
CA VAL A 17 8.84 8.32 0.94
C VAL A 17 9.48 6.93 0.96
N GLU A 18 10.69 6.82 0.41
CA GLU A 18 11.41 5.55 0.45
C GLU A 18 11.83 5.24 1.88
N GLU A 19 12.15 6.30 2.63
CA GLU A 19 12.48 6.20 4.04
C GLU A 19 11.31 5.60 4.81
N LYS A 20 10.12 6.12 4.52
CA LYS A 20 8.89 5.63 5.10
C LYS A 20 8.68 4.17 4.69
N ALA A 21 8.88 3.90 3.40
CA ALA A 21 8.73 2.55 2.85
C ALA A 21 9.70 1.60 3.52
N SER A 22 10.88 2.09 3.84
CA SER A 22 11.89 1.30 4.51
C SER A 22 11.43 0.94 5.92
N VAL A 23 10.72 1.83 6.59
CA VAL A 23 10.18 1.55 7.91
C VAL A 23 9.06 0.52 7.81
N ILE A 24 8.32 0.58 6.73
CA ILE A 24 7.32 -0.42 6.50
C ILE A 24 8.03 -1.75 6.19
N SER A 25 9.09 -1.67 5.41
CA SER A 25 9.89 -2.83 5.01
C SER A 25 10.63 -3.47 6.21
N SER A 26 10.96 -2.67 7.21
CA SER A 26 11.56 -3.19 8.41
C SER A 26 10.55 -4.01 9.22
N LEU A 27 9.28 -3.58 9.20
CA LEU A 27 8.27 -4.40 9.80
C LEU A 27 7.83 -5.53 8.91
N LEU A 28 8.11 -5.43 7.62
CA LEU A 28 7.89 -6.55 6.74
C LEU A 28 8.89 -7.63 7.11
N ASP A 29 10.08 -7.20 7.53
CA ASP A 29 11.14 -8.11 7.99
C ASP A 29 10.78 -8.68 9.36
N LYS A 30 10.21 -7.84 10.22
CA LYS A 30 9.66 -8.25 11.52
C LYS A 30 8.70 -9.41 11.33
N ALA A 31 7.68 -9.15 10.56
CA ALA A 31 6.70 -10.16 10.22
C ALA A 31 7.32 -11.36 9.50
N LYS A 32 8.24 -11.10 8.61
CA LYS A 32 8.97 -12.13 7.87
C LYS A 32 9.63 -13.13 8.81
N GLY A 33 10.03 -12.67 9.96
CA GLY A 33 10.62 -13.54 10.92
C GLY A 33 9.61 -14.03 11.94
N PHE A 34 9.28 -13.17 12.88
CA PHE A 34 8.40 -13.51 13.99
C PHE A 34 6.98 -13.88 13.54
N PHE A 35 6.42 -13.17 12.57
CA PHE A 35 5.06 -13.55 12.14
C PHE A 35 5.07 -14.88 11.42
N ALA A 36 6.05 -15.07 10.56
CA ALA A 36 6.15 -16.27 9.78
C ALA A 36 6.32 -17.51 10.64
N GLU A 37 7.18 -17.46 11.63
CA GLU A 37 7.45 -18.64 12.43
C GLU A 37 6.61 -18.73 13.70
N LYS A 38 6.43 -17.62 14.40
CA LYS A 38 5.77 -17.64 15.70
C LYS A 38 4.29 -17.80 15.50
N LEU A 39 3.79 -17.03 14.57
CA LEU A 39 2.36 -16.96 14.28
C LEU A 39 1.89 -18.02 13.31
N ALA A 40 2.77 -18.94 12.96
CA ALA A 40 2.40 -20.05 12.09
C ALA A 40 1.58 -21.07 12.85
N ASN A 41 1.55 -20.89 14.16
CA ASN A 41 0.82 -21.79 15.04
C ASN A 41 -0.36 -21.05 15.67
N ILE A 42 -0.53 -19.79 15.29
CA ILE A 42 -1.60 -18.96 15.84
C ILE A 42 -2.44 -18.40 14.70
N PRO A 43 -3.74 -18.75 14.66
CA PRO A 43 -4.62 -18.28 13.60
C PRO A 43 -4.96 -16.80 13.73
N THR A 44 -4.20 -15.99 13.02
CA THR A 44 -4.37 -14.56 12.96
C THR A 44 -5.28 -14.22 11.78
N PRO A 45 -5.73 -12.95 11.65
CA PRO A 45 -6.48 -12.54 10.49
C PRO A 45 -5.62 -12.60 9.23
N GLU A 46 -6.23 -12.91 8.12
CA GLU A 46 -5.54 -13.01 6.88
C GLU A 46 -5.70 -11.72 6.12
N ALA A 47 -4.61 -11.15 5.73
CA ALA A 47 -4.61 -9.95 5.00
C ALA A 47 -4.47 -10.27 3.54
N THR A 48 -5.10 -9.50 2.70
CA THR A 48 -4.96 -9.67 1.29
C THR A 48 -5.39 -8.41 0.54
N VAL A 49 -4.48 -7.84 -0.22
CA VAL A 49 -4.87 -6.73 -1.05
C VAL A 49 -5.46 -7.32 -2.32
N ASP A 50 -6.53 -6.76 -2.79
CA ASP A 50 -7.28 -7.42 -3.84
C ASP A 50 -6.90 -6.86 -5.22
N ASP A 51 -7.11 -5.57 -5.39
CA ASP A 51 -6.76 -4.86 -6.62
C ASP A 51 -6.99 -3.40 -6.39
N VAL A 52 -6.77 -2.60 -7.41
CA VAL A 52 -6.99 -1.20 -7.30
C VAL A 52 -7.85 -0.71 -8.50
N ASP A 53 -8.86 0.06 -8.21
CA ASP A 53 -9.81 0.53 -9.22
C ASP A 53 -9.61 2.02 -9.52
N PHE A 54 -9.64 2.39 -10.78
CA PHE A 54 -9.48 3.79 -11.19
C PHE A 54 -10.80 4.51 -11.32
N LYS A 55 -10.83 5.76 -10.90
CA LYS A 55 -12.05 6.54 -10.97
C LYS A 55 -11.82 7.83 -11.74
N GLY A 56 -11.07 8.73 -11.14
CA GLY A 56 -10.90 10.03 -11.74
C GLY A 56 -9.48 10.30 -12.21
N VAL A 57 -9.22 11.55 -12.47
CA VAL A 57 -7.96 11.98 -13.01
C VAL A 57 -7.25 12.92 -12.02
N THR A 58 -5.97 13.06 -12.17
CA THR A 58 -5.19 14.00 -11.43
C THR A 58 -4.06 14.44 -12.36
N ARG A 59 -3.55 15.65 -12.18
CA ARG A 59 -2.44 16.15 -12.96
C ARG A 59 -1.23 15.24 -12.82
N ASP A 60 -1.00 14.80 -11.61
CA ASP A 60 0.10 13.94 -11.32
C ASP A 60 -0.43 12.60 -10.83
N GLY A 61 -0.56 11.67 -11.74
CA GLY A 61 -1.05 10.35 -11.40
C GLY A 61 -2.52 10.17 -11.68
N VAL A 62 -2.98 8.95 -11.65
CA VAL A 62 -4.36 8.64 -11.91
C VAL A 62 -5.03 8.32 -10.56
N ASP A 63 -6.30 8.61 -10.44
CA ASP A 63 -7.01 8.43 -9.19
C ASP A 63 -7.52 7.01 -9.04
N TYR A 64 -6.87 6.26 -8.17
CA TYR A 64 -7.21 4.89 -7.89
C TYR A 64 -7.65 4.66 -6.43
N HIS A 65 -8.37 3.59 -6.22
CA HIS A 65 -8.85 3.18 -4.92
C HIS A 65 -8.57 1.69 -4.75
N ALA A 66 -7.68 1.35 -3.85
CA ALA A 66 -7.27 -0.03 -3.63
C ALA A 66 -8.13 -0.72 -2.60
N LYS A 67 -8.36 -2.00 -2.82
CA LYS A 67 -9.14 -2.82 -1.92
C LYS A 67 -8.25 -3.73 -1.11
N VAL A 68 -8.29 -3.58 0.20
CA VAL A 68 -7.49 -4.40 1.10
C VAL A 68 -8.44 -5.18 1.98
N SER A 69 -8.52 -6.45 1.78
CA SER A 69 -9.46 -7.23 2.53
C SER A 69 -8.78 -7.96 3.67
N VAL A 70 -9.47 -8.05 4.77
CA VAL A 70 -8.94 -8.74 5.94
C VAL A 70 -9.95 -9.78 6.41
N LYS A 71 -9.53 -11.01 6.41
CA LYS A 71 -10.35 -12.11 6.86
C LYS A 71 -9.95 -12.37 8.30
N ASN A 72 -10.79 -12.05 9.23
CA ASN A 72 -10.38 -12.10 10.61
C ASN A 72 -11.25 -13.00 11.46
N PRO A 73 -10.67 -14.08 11.99
CA PRO A 73 -11.35 -14.90 12.93
C PRO A 73 -10.96 -14.55 14.37
N TYR A 74 -11.77 -13.72 14.96
CA TYR A 74 -11.71 -13.20 16.33
C TYR A 74 -12.94 -12.39 16.51
N SER A 75 -13.76 -12.76 17.45
CA SER A 75 -15.02 -12.10 17.68
C SER A 75 -14.84 -10.70 18.25
N GLN A 76 -13.67 -10.43 18.79
CA GLN A 76 -13.40 -9.14 19.34
C GLN A 76 -13.04 -8.15 18.23
N SER A 77 -13.62 -6.98 18.29
CA SER A 77 -13.29 -5.93 17.38
C SER A 77 -11.99 -5.27 17.84
N ILE A 78 -10.90 -5.68 17.26
CA ILE A 78 -9.60 -5.17 17.65
C ILE A 78 -9.35 -3.83 16.97
N PRO A 79 -9.00 -2.78 17.74
CA PRO A 79 -8.67 -1.47 17.19
C PRO A 79 -7.57 -1.57 16.16
N ILE A 80 -7.83 -1.10 14.95
CA ILE A 80 -6.85 -1.15 13.89
C ILE A 80 -5.72 -0.21 14.18
N CYS A 81 -4.63 -0.77 14.60
CA CYS A 81 -3.48 -0.01 14.95
C CYS A 81 -2.87 0.66 13.73
N GLN A 82 -2.53 -0.12 12.73
CA GLN A 82 -1.86 0.42 11.57
C GLN A 82 -2.13 -0.38 10.30
N ILE A 83 -2.51 0.32 9.25
CA ILE A 83 -2.62 -0.26 7.92
C ILE A 83 -1.65 0.50 7.07
N SER A 84 -0.64 -0.15 6.60
CA SER A 84 0.39 0.53 5.88
C SER A 84 0.48 0.00 4.46
N TYR A 85 0.74 0.88 3.50
CA TYR A 85 0.79 0.50 2.10
C TYR A 85 2.07 0.96 1.44
N ILE A 86 2.57 0.17 0.54
CA ILE A 86 3.70 0.52 -0.26
C ILE A 86 3.29 0.48 -1.72
N LEU A 87 3.40 1.60 -2.36
CA LEU A 87 3.09 1.75 -3.75
C LEU A 87 4.41 1.78 -4.49
N LYS A 88 4.62 0.89 -5.40
CA LYS A 88 5.82 0.92 -6.20
C LYS A 88 5.54 1.00 -7.65
N SER A 89 6.50 1.50 -8.38
CA SER A 89 6.43 1.56 -9.81
C SER A 89 7.85 1.50 -10.33
N ALA A 90 8.20 0.37 -10.94
CA ALA A 90 9.54 0.10 -11.47
C ALA A 90 10.55 -0.06 -10.33
N THR A 91 10.97 1.06 -9.75
CA THR A 91 11.93 1.08 -8.65
C THR A 91 12.35 2.53 -8.32
N ARG A 92 12.32 3.41 -9.35
CA ARG A 92 12.81 4.78 -9.20
C ARG A 92 11.97 5.59 -8.22
N THR A 93 10.69 5.69 -8.44
CA THR A 93 9.85 6.39 -7.52
C THR A 93 8.71 5.50 -7.07
N ILE A 94 8.34 5.64 -5.82
CA ILE A 94 7.35 4.86 -5.20
C ILE A 94 6.56 5.80 -4.30
N ALA A 95 5.57 5.31 -3.63
CA ALA A 95 4.86 6.10 -2.64
C ALA A 95 4.63 5.25 -1.42
N SER A 96 4.65 5.85 -0.29
CA SER A 96 4.52 5.13 0.93
C SER A 96 3.48 5.82 1.77
N GLY A 97 2.82 5.08 2.64
CA GLY A 97 1.80 5.66 3.45
C GLY A 97 1.28 4.71 4.46
N THR A 98 0.57 5.23 5.41
CA THR A 98 0.00 4.44 6.48
C THR A 98 -1.28 5.11 6.96
N ILE A 99 -2.36 4.36 7.09
CA ILE A 99 -3.59 4.95 7.59
C ILE A 99 -3.85 4.48 9.03
N PRO A 100 -3.83 5.41 10.00
CA PRO A 100 -4.19 5.07 11.37
C PRO A 100 -5.71 4.98 11.49
N ASP A 101 -6.19 3.77 11.78
CA ASP A 101 -7.64 3.48 11.90
C ASP A 101 -8.40 3.87 10.61
N PRO A 102 -8.31 3.06 9.53
CA PRO A 102 -9.01 3.34 8.28
C PRO A 102 -10.38 2.67 8.21
N GLY A 103 -10.72 2.04 9.30
CA GLY A 103 -11.93 1.30 9.40
C GLY A 103 -11.99 0.61 10.72
N SER A 104 -12.74 -0.44 10.82
CA SER A 104 -12.90 -1.15 12.06
C SER A 104 -12.85 -2.65 11.84
N LEU A 105 -12.19 -3.38 12.73
CA LEU A 105 -12.14 -4.81 12.59
C LEU A 105 -13.52 -5.40 12.87
N VAL A 106 -13.97 -6.20 11.92
CA VAL A 106 -15.30 -6.80 11.86
C VAL A 106 -15.75 -7.59 13.12
N GLY A 107 -14.88 -8.41 13.66
CA GLY A 107 -15.29 -9.29 14.72
C GLY A 107 -15.87 -10.55 14.12
N SER A 108 -14.98 -11.47 13.76
CA SER A 108 -15.32 -12.73 13.10
C SER A 108 -15.97 -12.51 11.72
N GLY A 109 -15.16 -12.46 10.69
CA GLY A 109 -15.67 -12.31 9.36
C GLY A 109 -14.65 -11.69 8.46
N THR A 110 -15.05 -11.41 7.25
CA THR A 110 -14.19 -10.78 6.31
C THR A 110 -14.62 -9.34 6.09
N THR A 111 -13.72 -8.43 6.30
CA THR A 111 -13.99 -7.05 6.11
C THR A 111 -13.10 -6.49 5.02
N VAL A 112 -13.68 -5.77 4.11
CA VAL A 112 -12.93 -5.17 3.04
C VAL A 112 -12.62 -3.75 3.40
N LEU A 113 -11.36 -3.50 3.65
CA LEU A 113 -10.88 -2.20 3.98
C LEU A 113 -10.46 -1.54 2.68
N ASP A 114 -10.22 -0.26 2.70
CA ASP A 114 -9.94 0.43 1.47
C ASP A 114 -8.93 1.54 1.69
N VAL A 115 -8.15 1.80 0.66
CA VAL A 115 -7.17 2.88 0.68
C VAL A 115 -7.19 3.66 -0.64
N PRO A 116 -7.33 5.00 -0.59
CA PRO A 116 -7.19 5.83 -1.76
C PRO A 116 -5.70 5.89 -2.15
N VAL A 117 -5.36 5.32 -3.28
CA VAL A 117 -3.97 5.24 -3.68
C VAL A 117 -3.83 5.91 -5.02
N LYS A 118 -2.94 6.85 -5.14
CA LYS A 118 -2.79 7.51 -6.38
C LYS A 118 -1.77 6.75 -7.22
N VAL A 119 -2.27 6.01 -8.17
CA VAL A 119 -1.47 5.12 -8.96
C VAL A 119 -1.00 5.80 -10.22
N ALA A 120 0.22 5.45 -10.64
CA ALA A 120 0.92 6.05 -11.80
C ALA A 120 1.51 7.40 -11.41
N TYR A 121 1.21 7.82 -10.20
CA TYR A 121 1.73 9.03 -9.60
C TYR A 121 3.24 8.96 -9.56
N SER A 122 3.75 7.93 -8.92
CA SER A 122 5.16 7.74 -8.71
C SER A 122 5.96 7.73 -10.04
N ILE A 123 5.40 7.12 -11.07
CA ILE A 123 6.11 7.00 -12.33
C ILE A 123 6.05 8.34 -13.11
N ALA A 124 4.96 9.10 -12.91
CA ALA A 124 4.86 10.45 -13.45
C ALA A 124 5.89 11.33 -12.76
N VAL A 125 6.00 11.16 -11.44
CA VAL A 125 6.98 11.84 -10.62
C VAL A 125 8.41 11.56 -11.12
N SER A 126 8.61 10.36 -11.65
CA SER A 126 9.87 10.00 -12.24
C SER A 126 10.05 10.65 -13.62
N LEU A 127 9.45 10.06 -14.64
CA LEU A 127 9.60 10.56 -16.01
C LEU A 127 8.27 10.81 -16.71
N MET A 128 7.21 10.13 -16.22
CA MET A 128 5.88 10.06 -16.89
C MET A 128 6.06 9.23 -18.16
N LYS A 129 5.30 8.16 -18.25
CA LYS A 129 5.44 7.16 -19.32
C LYS A 129 5.26 7.73 -20.70
N ASP A 130 4.39 8.76 -20.79
CA ASP A 130 3.85 9.35 -22.08
C ASP A 130 2.72 8.43 -22.55
N MET A 131 2.76 7.26 -21.94
CA MET A 131 1.85 6.19 -22.04
C MET A 131 1.94 5.45 -23.38
N CYS A 132 1.00 5.71 -24.29
CA CYS A 132 0.84 5.03 -25.60
C CYS A 132 -0.65 5.12 -25.85
N THR A 133 -1.26 4.08 -26.34
CA THR A 133 -2.66 3.95 -26.32
C THR A 133 -3.00 2.54 -25.84
N ASP A 134 -3.32 2.44 -24.54
CA ASP A 134 -3.70 1.18 -23.87
C ASP A 134 -2.52 0.22 -23.68
N TRP A 135 -1.87 0.32 -22.53
CA TRP A 135 -0.78 -0.59 -22.19
C TRP A 135 -0.69 -0.64 -20.68
N ASP A 136 -0.08 -1.67 -20.14
CA ASP A 136 0.05 -1.78 -18.69
C ASP A 136 1.44 -1.42 -18.23
N ILE A 137 1.53 -0.76 -17.09
CA ILE A 137 2.81 -0.39 -16.53
C ILE A 137 3.01 -1.11 -15.20
N ASP A 138 4.25 -1.24 -14.81
CA ASP A 138 4.61 -1.88 -13.56
C ASP A 138 4.24 -1.04 -12.36
N TYR A 139 3.34 -1.56 -11.61
CA TYR A 139 2.92 -1.04 -10.36
C TYR A 139 2.89 -2.18 -9.35
N GLN A 140 3.08 -1.87 -8.11
CA GLN A 140 3.07 -2.88 -7.08
C GLN A 140 2.36 -2.34 -5.88
N LEU A 141 1.73 -3.19 -5.14
CA LEU A 141 1.03 -2.81 -3.96
C LEU A 141 1.28 -3.83 -2.88
N ASP A 142 1.84 -3.36 -1.82
CA ASP A 142 2.18 -4.19 -0.68
C ASP A 142 1.48 -3.62 0.51
N ILE A 143 0.89 -4.45 1.33
CA ILE A 143 0.23 -3.96 2.53
C ILE A 143 0.83 -4.62 3.75
N GLY A 144 1.20 -3.82 4.70
CA GLY A 144 1.71 -4.30 5.93
C GLY A 144 0.82 -3.88 7.06
N LEU A 145 -0.18 -4.67 7.34
CA LEU A 145 -1.10 -4.32 8.39
C LEU A 145 -0.60 -4.74 9.75
N THR A 146 -0.95 -4.01 10.77
CA THR A 146 -0.48 -4.25 12.11
C THR A 146 -1.66 -4.38 13.08
N PHE A 147 -1.75 -5.50 13.73
CA PHE A 147 -2.75 -5.73 14.76
C PHE A 147 -2.07 -6.34 15.95
N ASP A 148 -2.47 -5.95 17.12
CA ASP A 148 -1.87 -6.46 18.32
C ASP A 148 -2.83 -7.37 19.03
N ILE A 149 -2.36 -8.56 19.27
CA ILE A 149 -3.10 -9.58 19.96
C ILE A 149 -2.29 -10.05 21.16
N PRO A 150 -2.88 -10.01 22.37
CA PRO A 150 -2.22 -10.35 23.66
C PRO A 150 -1.30 -11.58 23.64
N VAL A 151 -1.63 -12.58 22.84
CA VAL A 151 -0.85 -13.82 22.76
C VAL A 151 0.61 -13.58 22.32
N VAL A 152 0.84 -12.62 21.44
CA VAL A 152 2.20 -12.35 20.94
C VAL A 152 2.55 -10.87 20.98
N GLY A 153 1.55 -10.03 20.92
CA GLY A 153 1.77 -8.63 20.91
C GLY A 153 1.41 -8.05 19.57
N ASP A 154 2.19 -7.10 19.11
CA ASP A 154 1.92 -6.42 17.85
C ASP A 154 2.65 -7.09 16.71
N ILE A 155 1.90 -7.55 15.72
CA ILE A 155 2.51 -8.10 14.54
C ILE A 155 1.96 -7.55 13.27
N THR A 156 2.83 -7.46 12.31
CA THR A 156 2.50 -7.07 11.02
C THR A 156 2.26 -8.29 10.16
N ILE A 157 1.43 -8.15 9.17
CA ILE A 157 1.19 -9.21 8.23
C ILE A 157 1.44 -8.66 6.83
N PRO A 158 2.51 -9.13 6.19
CA PRO A 158 2.95 -8.61 4.91
C PRO A 158 2.34 -9.34 3.73
N VAL A 159 1.55 -8.63 2.98
CA VAL A 159 0.99 -9.17 1.77
C VAL A 159 1.46 -8.37 0.59
N SER A 160 1.98 -9.05 -0.38
CA SER A 160 2.55 -8.42 -1.52
C SER A 160 1.75 -8.75 -2.75
N THR A 161 1.63 -7.82 -3.64
CA THR A 161 0.85 -7.99 -4.82
C THR A 161 1.38 -7.11 -5.94
N GLN A 162 1.47 -7.66 -7.12
CA GLN A 162 1.92 -6.91 -8.24
C GLN A 162 0.71 -6.45 -9.02
N GLY A 163 0.58 -5.16 -9.13
CA GLY A 163 -0.55 -4.60 -9.77
C GLY A 163 -0.24 -4.20 -11.16
N GLU A 164 -0.85 -4.84 -12.08
CA GLU A 164 -0.63 -4.52 -13.45
C GLU A 164 -1.64 -3.47 -13.79
N ILE A 165 -1.16 -2.34 -14.17
CA ILE A 165 -2.04 -1.23 -14.36
C ILE A 165 -2.10 -0.86 -15.81
N LYS A 166 -3.21 -1.15 -16.40
CA LYS A 166 -3.43 -0.81 -17.77
C LYS A 166 -3.97 0.60 -17.86
N LEU A 167 -3.42 1.37 -18.74
CA LEU A 167 -3.96 2.68 -18.98
C LEU A 167 -4.74 2.57 -20.29
N PRO A 168 -6.08 2.38 -20.23
CA PRO A 168 -6.89 2.19 -21.44
C PRO A 168 -7.02 3.45 -22.30
N SER A 169 -5.96 3.73 -23.07
CA SER A 169 -5.83 4.85 -24.00
C SER A 169 -6.43 6.16 -23.47
N LEU A 170 -5.70 6.86 -22.62
CA LEU A 170 -6.19 8.10 -22.09
C LEU A 170 -5.50 9.26 -22.76
N ARG A 171 -4.17 9.36 -22.60
CA ARG A 171 -3.36 10.46 -23.20
C ARG A 171 -3.63 11.80 -22.52
N ASP A 172 -4.42 11.76 -21.49
CA ASP A 172 -4.77 12.95 -20.72
C ASP A 172 -4.70 12.64 -19.25
N PHE A 173 -5.18 11.46 -18.90
CA PHE A 173 -5.11 10.98 -17.54
C PHE A 173 -3.73 10.43 -17.38
N PHE A 174 -3.33 9.72 -18.41
CA PHE A 174 -2.05 9.18 -18.55
C PHE A 174 -1.94 8.85 -20.03
N GLY A 1 3.06 35.06 -3.70
CA GLY A 1 2.85 35.27 -5.13
C GLY A 1 2.44 33.99 -5.78
N HIS A 2 2.57 33.91 -7.08
CA HIS A 2 2.22 32.70 -7.79
C HIS A 2 3.33 32.30 -8.73
N HIS A 3 4.11 31.37 -8.28
CA HIS A 3 5.25 30.90 -9.00
C HIS A 3 5.07 29.41 -9.22
N HIS A 4 4.66 29.03 -10.40
CA HIS A 4 4.44 27.63 -10.71
C HIS A 4 5.56 27.04 -11.51
N HIS A 5 6.37 26.30 -10.82
CA HIS A 5 7.48 25.59 -11.37
C HIS A 5 7.63 24.43 -10.41
N HIS A 6 7.92 23.23 -10.88
CA HIS A 6 7.84 22.07 -10.00
C HIS A 6 8.98 21.91 -9.00
N HIS A 7 8.98 22.75 -8.02
CA HIS A 7 9.86 22.65 -6.89
C HIS A 7 9.10 22.92 -5.63
N LEU A 8 8.32 21.95 -5.25
CA LEU A 8 7.57 21.98 -4.04
C LEU A 8 7.68 20.65 -3.35
N GLU A 9 8.78 20.54 -2.61
CA GLU A 9 9.19 19.29 -1.95
C GLU A 9 9.49 18.22 -2.99
N ALA A 10 9.70 18.68 -4.23
CA ALA A 10 9.95 17.81 -5.36
C ALA A 10 11.33 17.20 -5.24
N SER A 11 11.44 15.94 -5.63
CA SER A 11 12.67 15.13 -5.51
C SER A 11 12.97 14.76 -4.05
N ALA A 12 12.72 15.67 -3.13
CA ALA A 12 12.84 15.38 -1.72
C ALA A 12 11.76 14.38 -1.34
N ASP A 13 10.58 14.58 -1.92
CA ASP A 13 9.42 13.69 -1.74
C ASP A 13 9.75 12.28 -2.23
N GLU A 14 10.63 12.22 -3.21
CA GLU A 14 11.12 10.96 -3.78
C GLU A 14 12.16 10.35 -2.83
N LYS A 15 13.12 11.20 -2.45
CA LYS A 15 14.24 10.84 -1.58
C LYS A 15 13.77 10.30 -0.22
N VAL A 16 12.82 10.99 0.40
CA VAL A 16 12.34 10.58 1.73
C VAL A 16 11.66 9.22 1.71
N VAL A 17 11.22 8.79 0.55
CA VAL A 17 10.60 7.48 0.43
C VAL A 17 11.62 6.40 0.66
N GLU A 18 12.73 6.53 -0.01
CA GLU A 18 13.78 5.52 0.01
C GLU A 18 14.33 5.27 1.41
N GLU A 19 14.37 6.30 2.23
CA GLU A 19 14.86 6.14 3.58
C GLU A 19 13.79 5.47 4.49
N LYS A 20 12.54 5.85 4.30
CA LYS A 20 11.44 5.33 5.12
C LYS A 20 11.09 3.91 4.71
N ALA A 21 11.20 3.64 3.42
CA ALA A 21 10.91 2.31 2.88
C ALA A 21 11.81 1.28 3.51
N SER A 22 13.04 1.67 3.80
CA SER A 22 13.99 0.80 4.44
C SER A 22 13.50 0.43 5.85
N VAL A 23 13.01 1.44 6.58
CA VAL A 23 12.51 1.24 7.93
C VAL A 23 11.26 0.35 7.90
N ILE A 24 10.34 0.68 7.02
CA ILE A 24 9.10 -0.06 6.88
C ILE A 24 9.36 -1.52 6.49
N SER A 25 10.25 -1.74 5.52
CA SER A 25 10.58 -3.08 5.07
C SER A 25 11.20 -3.90 6.20
N SER A 26 12.03 -3.27 7.01
CA SER A 26 12.64 -3.94 8.13
C SER A 26 11.59 -4.35 9.16
N LEU A 27 10.58 -3.50 9.34
CA LEU A 27 9.49 -3.81 10.24
C LEU A 27 8.70 -4.99 9.67
N LEU A 28 8.46 -4.95 8.37
CA LEU A 28 7.77 -6.04 7.68
C LEU A 28 8.53 -7.34 7.89
N ASP A 29 9.84 -7.28 7.71
CA ASP A 29 10.71 -8.45 7.89
C ASP A 29 10.69 -9.02 9.30
N LYS A 30 10.75 -8.16 10.33
CA LYS A 30 10.76 -8.67 11.70
C LYS A 30 9.45 -9.36 12.04
N ALA A 31 8.38 -8.88 11.45
CA ALA A 31 7.07 -9.44 11.64
C ALA A 31 6.86 -10.70 10.80
N LYS A 32 7.35 -10.65 9.57
CA LYS A 32 7.20 -11.72 8.57
C LYS A 32 7.62 -13.09 9.11
N GLY A 33 8.82 -13.18 9.66
CA GLY A 33 9.28 -14.44 10.21
C GLY A 33 8.64 -14.76 11.55
N PHE A 34 8.09 -13.73 12.17
CA PHE A 34 7.48 -13.83 13.47
C PHE A 34 6.09 -14.51 13.36
N PHE A 35 5.49 -14.40 12.18
CA PHE A 35 4.15 -14.97 11.93
C PHE A 35 4.19 -16.45 11.66
N ALA A 36 5.36 -16.98 11.44
CA ALA A 36 5.53 -18.37 11.05
C ALA A 36 4.95 -19.33 12.09
N GLU A 37 5.33 -19.16 13.32
CA GLU A 37 4.87 -20.06 14.35
C GLU A 37 4.03 -19.37 15.44
N LYS A 38 4.45 -18.17 15.92
CA LYS A 38 3.71 -17.52 17.03
C LYS A 38 2.34 -17.17 16.60
N LEU A 39 2.23 -16.81 15.36
CA LEU A 39 0.95 -16.38 14.81
C LEU A 39 0.33 -17.48 13.98
N ALA A 40 0.83 -18.68 14.19
CA ALA A 40 0.24 -19.86 13.60
C ALA A 40 -0.71 -20.44 14.62
N ASN A 41 -0.42 -20.18 15.88
CA ASN A 41 -1.29 -20.58 16.98
C ASN A 41 -2.21 -19.44 17.33
N ILE A 42 -1.63 -18.26 17.50
CA ILE A 42 -2.41 -17.07 17.81
C ILE A 42 -3.16 -16.63 16.56
N PRO A 43 -4.49 -16.55 16.62
CA PRO A 43 -5.32 -16.18 15.48
C PRO A 43 -5.17 -14.71 15.08
N THR A 44 -4.64 -14.49 13.92
CA THR A 44 -4.56 -13.20 13.33
C THR A 44 -5.43 -13.17 12.09
N PRO A 45 -6.13 -12.06 11.86
CA PRO A 45 -6.94 -11.89 10.65
C PRO A 45 -6.09 -12.06 9.38
N GLU A 46 -6.65 -12.73 8.39
CA GLU A 46 -5.93 -13.02 7.18
C GLU A 46 -6.27 -12.00 6.14
N ALA A 47 -5.31 -11.17 5.85
CA ALA A 47 -5.47 -10.12 4.91
C ALA A 47 -4.91 -10.51 3.58
N THR A 48 -5.60 -10.15 2.55
CA THR A 48 -5.14 -10.41 1.24
C THR A 48 -5.47 -9.23 0.31
N VAL A 49 -4.49 -8.83 -0.46
CA VAL A 49 -4.63 -7.78 -1.42
C VAL A 49 -5.09 -8.39 -2.73
N ASP A 50 -5.96 -7.72 -3.43
CA ASP A 50 -6.58 -8.37 -4.58
C ASP A 50 -6.56 -7.55 -5.87
N ASP A 51 -6.97 -6.30 -5.81
CA ASP A 51 -7.15 -5.53 -7.04
C ASP A 51 -7.17 -4.04 -6.72
N VAL A 52 -7.11 -3.21 -7.74
CA VAL A 52 -7.12 -1.76 -7.58
C VAL A 52 -8.13 -1.09 -8.53
N ASP A 53 -9.16 -0.51 -7.96
CA ASP A 53 -10.21 0.16 -8.73
C ASP A 53 -9.90 1.63 -8.87
N PHE A 54 -9.94 2.15 -10.10
CA PHE A 54 -9.70 3.57 -10.34
C PHE A 54 -10.70 4.44 -9.58
N LYS A 55 -10.22 5.52 -9.00
CA LYS A 55 -11.04 6.39 -8.23
C LYS A 55 -11.05 7.80 -8.84
N GLY A 56 -9.88 8.42 -9.01
CA GLY A 56 -9.89 9.79 -9.44
C GLY A 56 -8.50 10.33 -9.67
N VAL A 57 -8.44 11.63 -9.88
CA VAL A 57 -7.21 12.29 -10.27
C VAL A 57 -6.55 13.03 -9.10
N THR A 58 -5.26 13.14 -9.18
CA THR A 58 -4.39 13.88 -8.32
C THR A 58 -3.14 14.08 -9.15
N ARG A 59 -2.31 15.04 -8.85
CA ARG A 59 -1.12 15.20 -9.63
C ARG A 59 -0.14 14.10 -9.31
N ASP A 60 0.41 13.54 -10.37
CA ASP A 60 1.41 12.47 -10.33
C ASP A 60 0.77 11.13 -10.02
N GLY A 61 0.26 11.00 -8.84
CA GLY A 61 -0.37 9.78 -8.46
C GLY A 61 -1.83 9.95 -8.39
N VAL A 62 -2.55 9.10 -9.04
CA VAL A 62 -3.99 9.18 -9.04
C VAL A 62 -4.57 8.19 -8.04
N ASP A 63 -5.73 8.50 -7.52
CA ASP A 63 -6.33 7.69 -6.48
C ASP A 63 -7.02 6.49 -7.01
N TYR A 64 -6.70 5.37 -6.42
CA TYR A 64 -7.32 4.09 -6.68
C TYR A 64 -7.70 3.43 -5.38
N HIS A 65 -8.65 2.54 -5.42
CA HIS A 65 -9.00 1.74 -4.27
C HIS A 65 -8.27 0.46 -4.38
N ALA A 66 -7.29 0.27 -3.57
CA ALA A 66 -6.70 -1.02 -3.50
C ALA A 66 -7.56 -1.85 -2.60
N LYS A 67 -8.03 -2.92 -3.14
CA LYS A 67 -8.95 -3.77 -2.46
C LYS A 67 -8.21 -4.74 -1.61
N VAL A 68 -8.29 -4.51 -0.34
CA VAL A 68 -7.67 -5.36 0.64
C VAL A 68 -8.77 -6.02 1.43
N SER A 69 -8.95 -7.27 1.25
CA SER A 69 -9.95 -7.95 1.98
C SER A 69 -9.36 -8.75 3.09
N VAL A 70 -9.89 -8.55 4.26
CA VAL A 70 -9.38 -9.19 5.43
C VAL A 70 -10.41 -10.15 5.99
N LYS A 71 -10.05 -11.39 6.07
CA LYS A 71 -10.88 -12.38 6.67
C LYS A 71 -10.42 -12.52 8.10
N ASN A 72 -11.21 -12.08 9.02
CA ASN A 72 -10.78 -12.09 10.40
C ASN A 72 -11.42 -13.22 11.17
N PRO A 73 -10.62 -14.20 11.62
CA PRO A 73 -11.08 -15.18 12.54
C PRO A 73 -10.62 -14.81 13.94
N TYR A 74 -11.51 -14.19 14.67
CA TYR A 74 -11.26 -13.70 15.99
C TYR A 74 -12.59 -13.09 16.37
N SER A 75 -12.90 -13.01 17.62
CA SER A 75 -14.23 -12.57 17.99
C SER A 75 -14.41 -11.05 17.93
N GLN A 76 -13.39 -10.30 18.26
CA GLN A 76 -13.55 -8.87 18.30
C GLN A 76 -13.25 -8.22 16.97
N SER A 77 -13.78 -7.05 16.79
CA SER A 77 -13.49 -6.24 15.65
C SER A 77 -12.22 -5.45 15.97
N ILE A 78 -11.15 -5.77 15.28
CA ILE A 78 -9.88 -5.15 15.57
C ILE A 78 -9.74 -3.85 14.77
N PRO A 79 -9.39 -2.76 15.42
CA PRO A 79 -9.14 -1.52 14.74
C PRO A 79 -7.69 -1.42 14.27
N ILE A 80 -7.49 -1.31 12.98
CA ILE A 80 -6.16 -1.15 12.45
C ILE A 80 -5.65 0.25 12.76
N CYS A 81 -4.64 0.33 13.61
CA CYS A 81 -4.06 1.61 14.00
C CYS A 81 -3.57 2.33 12.76
N GLN A 82 -2.86 1.62 11.94
CA GLN A 82 -2.43 2.11 10.68
C GLN A 82 -2.18 0.94 9.80
N ILE A 83 -2.21 1.17 8.56
CA ILE A 83 -1.91 0.18 7.62
C ILE A 83 -0.80 0.73 6.75
N SER A 84 0.24 -0.01 6.63
CA SER A 84 1.42 0.47 6.00
C SER A 84 1.30 0.39 4.50
N TYR A 85 1.58 1.50 3.89
CA TYR A 85 1.44 1.68 2.48
C TYR A 85 2.80 1.64 1.84
N ILE A 86 2.97 0.70 0.96
CA ILE A 86 4.15 0.65 0.17
C ILE A 86 3.70 0.48 -1.27
N LEU A 87 3.83 1.51 -2.00
CA LEU A 87 3.45 1.52 -3.37
C LEU A 87 4.72 1.35 -4.16
N LYS A 88 4.71 0.43 -5.10
CA LYS A 88 5.91 0.15 -5.85
C LYS A 88 5.73 0.32 -7.34
N SER A 89 6.86 0.45 -8.00
CA SER A 89 6.99 0.56 -9.41
C SER A 89 8.34 -0.05 -9.77
N ALA A 90 8.42 -0.69 -10.94
CA ALA A 90 9.61 -1.45 -11.40
C ALA A 90 10.95 -0.75 -11.09
N THR A 91 11.25 0.32 -11.78
CA THR A 91 12.49 1.01 -11.56
C THR A 91 12.40 2.50 -11.85
N ARG A 92 11.85 3.23 -10.89
CA ARG A 92 11.80 4.69 -10.87
C ARG A 92 12.06 5.09 -9.46
N THR A 93 11.16 4.69 -8.61
CA THR A 93 11.21 4.85 -7.20
C THR A 93 9.93 4.22 -6.71
N ILE A 94 9.65 4.32 -5.45
CA ILE A 94 8.43 3.82 -4.92
C ILE A 94 7.81 4.89 -4.04
N ALA A 95 6.74 4.58 -3.37
CA ALA A 95 6.11 5.52 -2.47
C ALA A 95 5.80 4.84 -1.16
N SER A 96 6.20 5.46 -0.08
CA SER A 96 6.03 4.91 1.24
C SER A 96 4.91 5.65 1.98
N GLY A 97 4.65 5.22 3.19
CA GLY A 97 3.69 5.90 4.00
C GLY A 97 2.90 4.95 4.84
N THR A 98 2.17 5.47 5.74
CA THR A 98 1.30 4.71 6.57
C THR A 98 -0.04 5.42 6.61
N ILE A 99 -1.11 4.72 6.36
CA ILE A 99 -2.39 5.37 6.43
C ILE A 99 -3.12 4.99 7.73
N PRO A 100 -3.27 5.98 8.65
CA PRO A 100 -3.85 5.77 9.97
C PRO A 100 -5.37 5.61 9.93
N ASP A 101 -5.81 4.43 10.38
CA ASP A 101 -7.22 4.02 10.46
C ASP A 101 -8.03 4.36 9.20
N PRO A 102 -7.90 3.56 8.15
CA PRO A 102 -8.69 3.71 6.93
C PRO A 102 -9.96 2.86 6.96
N GLY A 103 -10.18 2.20 8.06
CA GLY A 103 -11.30 1.33 8.20
C GLY A 103 -11.12 0.45 9.40
N SER A 104 -12.04 -0.43 9.63
CA SER A 104 -11.95 -1.35 10.73
C SER A 104 -12.51 -2.70 10.30
N LEU A 105 -12.00 -3.75 10.86
CA LEU A 105 -12.45 -5.08 10.51
C LEU A 105 -13.34 -5.64 11.55
N VAL A 106 -14.34 -6.37 11.11
CA VAL A 106 -15.28 -6.99 11.97
C VAL A 106 -14.71 -8.29 12.55
N GLY A 107 -15.34 -8.80 13.56
CA GLY A 107 -14.93 -10.03 14.17
C GLY A 107 -15.64 -11.19 13.58
N SER A 108 -14.90 -12.22 13.25
CA SER A 108 -15.39 -13.41 12.61
C SER A 108 -16.15 -13.13 11.30
N GLY A 109 -15.40 -12.83 10.27
CA GLY A 109 -15.99 -12.60 8.98
C GLY A 109 -15.00 -11.96 8.03
N THR A 110 -15.39 -11.80 6.80
CA THR A 110 -14.56 -11.18 5.80
C THR A 110 -15.00 -9.74 5.58
N THR A 111 -14.07 -8.86 5.51
CA THR A 111 -14.35 -7.47 5.32
C THR A 111 -13.42 -6.88 4.28
N VAL A 112 -13.98 -6.17 3.35
CA VAL A 112 -13.22 -5.55 2.31
C VAL A 112 -12.93 -4.12 2.70
N LEU A 113 -11.67 -3.80 2.80
CA LEU A 113 -11.25 -2.50 3.21
C LEU A 113 -10.79 -1.68 2.02
N ASP A 114 -11.01 -0.39 2.09
CA ASP A 114 -10.66 0.50 0.98
C ASP A 114 -9.55 1.44 1.36
N VAL A 115 -8.41 1.27 0.76
CA VAL A 115 -7.32 2.18 0.97
C VAL A 115 -7.03 2.99 -0.30
N PRO A 116 -7.00 4.32 -0.20
CA PRO A 116 -6.65 5.19 -1.33
C PRO A 116 -5.18 5.04 -1.68
N VAL A 117 -4.92 4.46 -2.80
CA VAL A 117 -3.60 4.22 -3.27
C VAL A 117 -3.30 5.13 -4.43
N LYS A 118 -2.15 5.75 -4.42
CA LYS A 118 -1.75 6.61 -5.47
C LYS A 118 -0.99 5.75 -6.48
N VAL A 119 -1.62 5.40 -7.55
CA VAL A 119 -0.97 4.48 -8.47
C VAL A 119 -0.22 5.21 -9.55
N ALA A 120 0.97 4.67 -9.87
CA ALA A 120 1.89 5.21 -10.85
C ALA A 120 2.47 6.50 -10.34
N TYR A 121 2.24 6.76 -9.05
CA TYR A 121 2.73 7.93 -8.38
C TYR A 121 4.22 7.93 -8.40
N SER A 122 4.80 6.79 -8.13
CA SER A 122 6.23 6.67 -8.07
C SER A 122 6.88 6.93 -9.41
N ILE A 123 6.18 6.60 -10.46
CA ILE A 123 6.71 6.83 -11.76
C ILE A 123 6.53 8.31 -12.09
N ALA A 124 5.32 8.81 -11.88
CA ALA A 124 5.01 10.17 -12.19
C ALA A 124 5.73 11.21 -11.35
N VAL A 125 5.81 11.00 -10.03
CA VAL A 125 6.45 11.98 -9.15
C VAL A 125 7.93 12.08 -9.48
N SER A 126 8.49 11.01 -10.01
CA SER A 126 9.84 11.00 -10.40
C SER A 126 9.97 11.73 -11.75
N LEU A 127 9.33 11.19 -12.79
CA LEU A 127 9.33 11.84 -14.09
C LEU A 127 7.90 12.06 -14.63
N MET A 128 7.20 10.98 -14.88
CA MET A 128 5.83 10.95 -15.36
C MET A 128 5.57 9.51 -15.62
N LYS A 129 4.33 9.07 -15.50
CA LYS A 129 3.95 7.68 -15.74
C LYS A 129 4.47 7.28 -17.05
N ASP A 130 4.17 8.11 -18.01
CA ASP A 130 4.71 7.97 -19.39
C ASP A 130 4.10 8.97 -20.33
N MET A 131 2.83 9.20 -20.15
CA MET A 131 2.02 10.00 -21.08
C MET A 131 1.87 9.43 -22.46
N CYS A 132 0.75 8.82 -22.61
CA CYS A 132 0.23 8.28 -23.82
C CYS A 132 -1.24 8.26 -23.58
N THR A 133 -1.99 7.82 -24.50
CA THR A 133 -3.36 7.65 -24.26
C THR A 133 -3.67 6.17 -24.41
N ASP A 134 -3.80 5.51 -23.25
CA ASP A 134 -4.00 4.06 -23.09
C ASP A 134 -2.67 3.33 -23.04
N TRP A 135 -2.22 3.04 -21.83
CA TRP A 135 -0.96 2.37 -21.61
C TRP A 135 -0.99 1.67 -20.26
N ASP A 136 -0.14 0.70 -20.07
CA ASP A 136 -0.07 0.00 -18.80
C ASP A 136 1.34 0.12 -18.26
N ILE A 137 1.47 0.09 -16.94
CA ILE A 137 2.78 0.15 -16.31
C ILE A 137 2.94 -0.92 -15.23
N ASP A 138 4.19 -1.22 -14.91
CA ASP A 138 4.53 -2.23 -13.91
C ASP A 138 4.27 -1.73 -12.53
N TYR A 139 3.17 -2.12 -12.01
CA TYR A 139 2.79 -1.80 -10.67
C TYR A 139 2.74 -3.07 -9.79
N GLN A 140 2.86 -2.87 -8.49
CA GLN A 140 2.65 -3.91 -7.50
C GLN A 140 2.49 -3.19 -6.18
N LEU A 141 1.90 -3.81 -5.21
CA LEU A 141 1.79 -3.18 -3.93
C LEU A 141 2.34 -4.04 -2.84
N ASP A 142 2.78 -3.40 -1.82
CA ASP A 142 3.14 -4.02 -0.57
C ASP A 142 2.36 -3.32 0.48
N ILE A 143 1.44 -3.99 1.04
CA ILE A 143 0.64 -3.41 2.04
C ILE A 143 0.88 -4.11 3.37
N GLY A 144 0.92 -3.36 4.44
CA GLY A 144 1.19 -3.95 5.72
C GLY A 144 0.08 -3.74 6.71
N LEU A 145 -0.67 -4.79 6.95
CA LEU A 145 -1.76 -4.76 7.92
C LEU A 145 -1.21 -4.76 9.31
N THR A 146 -1.33 -3.66 9.97
CA THR A 146 -0.85 -3.55 11.29
C THR A 146 -1.98 -3.67 12.28
N PHE A 147 -2.00 -4.77 12.97
CA PHE A 147 -2.99 -5.02 13.96
C PHE A 147 -2.31 -4.97 15.30
N ASP A 148 -2.91 -4.34 16.24
CA ASP A 148 -2.35 -4.33 17.56
C ASP A 148 -3.26 -5.02 18.53
N ILE A 149 -2.81 -6.16 18.95
CA ILE A 149 -3.54 -7.01 19.84
C ILE A 149 -2.73 -7.12 21.11
N PRO A 150 -3.28 -6.75 22.28
CA PRO A 150 -2.57 -6.74 23.58
C PRO A 150 -1.91 -8.08 23.94
N VAL A 151 -2.37 -9.14 23.31
CA VAL A 151 -1.87 -10.48 23.52
C VAL A 151 -0.46 -10.64 22.89
N VAL A 152 -0.22 -9.99 21.78
CA VAL A 152 1.04 -10.16 21.07
C VAL A 152 1.81 -8.84 20.86
N GLY A 153 1.08 -7.76 20.66
CA GLY A 153 1.69 -6.48 20.42
C GLY A 153 1.25 -5.91 19.10
N ASP A 154 2.07 -5.08 18.51
CA ASP A 154 1.77 -4.48 17.22
C ASP A 154 2.44 -5.33 16.16
N ILE A 155 1.66 -5.94 15.30
CA ILE A 155 2.22 -6.74 14.25
C ILE A 155 1.71 -6.35 12.87
N THR A 156 2.62 -6.24 11.94
CA THR A 156 2.31 -5.83 10.59
C THR A 156 2.47 -6.98 9.58
N ILE A 157 1.37 -7.46 9.02
CA ILE A 157 1.40 -8.51 8.01
C ILE A 157 1.64 -7.92 6.63
N PRO A 158 2.76 -8.24 5.98
CA PRO A 158 3.04 -7.80 4.63
C PRO A 158 2.36 -8.65 3.63
N VAL A 159 1.55 -8.01 2.90
CA VAL A 159 0.79 -8.60 1.92
C VAL A 159 1.00 -7.84 0.59
N SER A 160 1.57 -8.53 -0.37
CA SER A 160 1.98 -7.93 -1.62
C SER A 160 1.41 -8.68 -2.83
N THR A 161 1.41 -8.03 -4.00
CA THR A 161 0.92 -8.61 -5.24
C THR A 161 1.32 -7.72 -6.38
N GLN A 162 1.44 -8.26 -7.57
CA GLN A 162 1.74 -7.45 -8.72
C GLN A 162 0.49 -7.21 -9.51
N GLY A 163 0.34 -6.03 -10.03
CA GLY A 163 -0.82 -5.71 -10.77
C GLY A 163 -0.51 -4.75 -11.86
N GLU A 164 -1.29 -4.73 -12.86
CA GLU A 164 -1.04 -3.80 -13.93
C GLU A 164 -1.97 -2.67 -13.80
N ILE A 165 -1.43 -1.51 -13.86
CA ILE A 165 -2.24 -0.36 -13.87
C ILE A 165 -2.36 0.04 -15.30
N LYS A 166 -3.52 -0.17 -15.84
CA LYS A 166 -3.81 0.10 -17.20
C LYS A 166 -4.65 1.34 -17.26
N LEU A 167 -4.08 2.38 -17.84
CA LEU A 167 -4.72 3.67 -17.85
C LEU A 167 -5.32 3.95 -19.22
N PRO A 168 -6.66 3.87 -19.36
CA PRO A 168 -7.33 4.12 -20.62
C PRO A 168 -7.36 5.60 -20.97
N SER A 169 -6.44 5.97 -21.83
CA SER A 169 -6.24 7.32 -22.35
C SER A 169 -5.82 8.33 -21.28
N LEU A 170 -6.80 8.86 -20.55
CA LEU A 170 -6.63 9.87 -19.50
C LEU A 170 -6.06 11.18 -20.02
N ARG A 171 -4.78 11.14 -20.35
CA ARG A 171 -4.00 12.25 -20.84
C ARG A 171 -3.86 13.38 -19.79
N ASP A 172 -4.93 14.05 -19.49
CA ASP A 172 -4.89 15.14 -18.51
C ASP A 172 -5.38 14.67 -17.18
N PHE A 173 -5.55 13.39 -17.04
CA PHE A 173 -6.06 12.83 -15.81
C PHE A 173 -4.95 12.00 -15.19
N PHE A 174 -3.75 12.16 -15.78
CA PHE A 174 -2.55 11.46 -15.38
C PHE A 174 -2.58 10.00 -15.73
N GLY A 1 11.55 13.32 -13.69
CA GLY A 1 11.96 12.97 -15.05
C GLY A 1 12.03 14.17 -15.97
N HIS A 2 11.01 15.01 -15.93
CA HIS A 2 10.94 16.14 -16.84
C HIS A 2 10.41 17.38 -16.13
N HIS A 3 11.19 18.46 -16.20
CA HIS A 3 10.90 19.73 -15.51
C HIS A 3 10.97 19.55 -13.99
N HIS A 4 12.18 19.57 -13.48
CA HIS A 4 12.40 19.29 -12.08
C HIS A 4 12.19 20.51 -11.23
N HIS A 5 11.01 20.63 -10.70
CA HIS A 5 10.72 21.67 -9.74
C HIS A 5 10.43 21.05 -8.39
N HIS A 6 10.45 21.90 -7.37
CA HIS A 6 10.30 21.52 -5.95
C HIS A 6 9.18 20.49 -5.70
N HIS A 7 7.96 20.84 -6.06
CA HIS A 7 6.84 19.94 -5.82
C HIS A 7 6.22 19.49 -7.15
N LEU A 8 6.75 20.01 -8.26
CA LEU A 8 6.27 19.59 -9.58
C LEU A 8 6.60 18.12 -9.74
N GLU A 9 7.84 17.79 -9.46
CA GLU A 9 8.24 16.41 -9.44
C GLU A 9 8.69 16.05 -8.05
N ALA A 10 9.94 16.34 -7.74
CA ALA A 10 10.51 16.06 -6.44
C ALA A 10 11.86 16.72 -6.35
N SER A 11 12.27 17.03 -5.16
CA SER A 11 13.58 17.57 -4.92
C SER A 11 14.19 16.93 -3.67
N ALA A 12 13.62 17.20 -2.51
CA ALA A 12 14.07 16.60 -1.27
C ALA A 12 13.17 15.42 -0.93
N ASP A 13 12.00 15.41 -1.56
CA ASP A 13 10.91 14.46 -1.34
C ASP A 13 11.39 13.04 -1.54
N GLU A 14 12.30 12.87 -2.49
CA GLU A 14 12.86 11.59 -2.82
C GLU A 14 13.54 10.92 -1.61
N LYS A 15 14.30 11.70 -0.84
CA LYS A 15 14.96 11.17 0.34
C LYS A 15 13.94 10.89 1.43
N VAL A 16 13.01 11.79 1.55
CA VAL A 16 12.02 11.78 2.61
C VAL A 16 11.15 10.53 2.56
N VAL A 17 10.72 10.19 1.37
CA VAL A 17 9.90 9.03 1.22
C VAL A 17 10.75 7.76 1.44
N GLU A 18 12.05 7.86 1.14
CA GLU A 18 12.92 6.69 1.28
C GLU A 18 13.25 6.39 2.72
N GLU A 19 13.48 7.42 3.51
CA GLU A 19 13.79 7.23 4.92
C GLU A 19 12.62 6.59 5.66
N LYS A 20 11.40 6.99 5.28
CA LYS A 20 10.20 6.45 5.88
C LYS A 20 10.05 4.99 5.49
N ALA A 21 10.26 4.71 4.20
CA ALA A 21 10.15 3.37 3.67
C ALA A 21 11.08 2.41 4.39
N SER A 22 12.26 2.91 4.74
CA SER A 22 13.25 2.10 5.43
C SER A 22 12.72 1.67 6.82
N VAL A 23 12.10 2.61 7.54
CA VAL A 23 11.56 2.34 8.88
C VAL A 23 10.42 1.31 8.78
N ILE A 24 9.59 1.48 7.78
CA ILE A 24 8.46 0.60 7.56
C ILE A 24 8.96 -0.79 7.15
N SER A 25 9.92 -0.82 6.24
CA SER A 25 10.47 -2.07 5.75
C SER A 25 11.12 -2.86 6.88
N SER A 26 11.84 -2.16 7.74
CA SER A 26 12.51 -2.77 8.89
C SER A 26 11.49 -3.51 9.78
N LEU A 27 10.30 -2.94 9.90
CA LEU A 27 9.25 -3.51 10.70
C LEU A 27 8.70 -4.74 9.95
N LEU A 28 8.46 -4.55 8.65
CA LEU A 28 7.97 -5.63 7.76
C LEU A 28 8.86 -6.85 7.83
N ASP A 29 10.17 -6.62 7.77
CA ASP A 29 11.17 -7.70 7.85
C ASP A 29 10.99 -8.58 9.07
N LYS A 30 10.79 -7.98 10.24
CA LYS A 30 10.65 -8.79 11.44
C LYS A 30 9.26 -9.40 11.55
N ALA A 31 8.27 -8.70 11.05
CA ALA A 31 6.91 -9.15 11.15
C ALA A 31 6.61 -10.28 10.19
N LYS A 32 7.27 -10.28 9.04
CA LYS A 32 7.07 -11.33 8.04
C LYS A 32 7.41 -12.71 8.62
N GLY A 33 8.54 -12.80 9.30
CA GLY A 33 8.95 -14.05 9.91
C GLY A 33 8.09 -14.42 11.10
N PHE A 34 7.62 -13.41 11.80
CA PHE A 34 6.77 -13.59 12.97
C PHE A 34 5.36 -13.99 12.56
N PHE A 35 4.85 -13.38 11.50
CA PHE A 35 3.51 -13.69 11.00
C PHE A 35 3.42 -15.11 10.49
N ALA A 36 4.40 -15.51 9.71
CA ALA A 36 4.42 -16.84 9.13
C ALA A 36 4.60 -17.92 10.20
N GLU A 37 5.00 -17.53 11.40
CA GLU A 37 5.27 -18.49 12.44
C GLU A 37 4.24 -18.39 13.53
N LYS A 38 4.28 -17.28 14.20
CA LYS A 38 3.59 -17.11 15.45
C LYS A 38 2.17 -16.97 15.15
N LEU A 39 1.98 -16.28 14.11
CA LEU A 39 0.64 -15.86 13.72
C LEU A 39 -0.01 -16.87 12.81
N ALA A 40 0.70 -17.94 12.54
CA ALA A 40 0.15 -19.06 11.81
C ALA A 40 -0.52 -19.99 12.80
N ASN A 41 -0.13 -19.80 14.04
CA ASN A 41 -0.66 -20.57 15.15
C ASN A 41 -1.62 -19.72 15.94
N ILE A 42 -1.28 -18.47 16.12
CA ILE A 42 -2.14 -17.50 16.79
C ILE A 42 -3.15 -16.96 15.78
N PRO A 43 -4.45 -17.04 16.09
CA PRO A 43 -5.51 -16.53 15.22
C PRO A 43 -5.32 -15.08 14.84
N THR A 44 -5.06 -14.87 13.58
CA THR A 44 -4.91 -13.55 13.03
C THR A 44 -5.55 -13.46 11.68
N PRO A 45 -6.12 -12.30 11.35
CA PRO A 45 -6.77 -12.08 10.06
C PRO A 45 -5.79 -12.20 8.89
N GLU A 46 -6.21 -12.90 7.86
CA GLU A 46 -5.35 -13.20 6.74
C GLU A 46 -5.69 -12.22 5.61
N ALA A 47 -4.79 -11.27 5.41
CA ALA A 47 -4.99 -10.18 4.48
C ALA A 47 -4.24 -10.36 3.20
N THR A 48 -4.87 -9.94 2.15
CA THR A 48 -4.30 -10.02 0.84
C THR A 48 -4.60 -8.73 0.06
N VAL A 49 -3.65 -8.32 -0.74
CA VAL A 49 -3.85 -7.21 -1.64
C VAL A 49 -4.32 -7.84 -2.93
N ASP A 50 -5.24 -7.24 -3.61
CA ASP A 50 -5.84 -7.98 -4.71
C ASP A 50 -5.78 -7.26 -6.05
N ASP A 51 -6.12 -5.99 -6.07
CA ASP A 51 -6.25 -5.24 -7.33
C ASP A 51 -6.50 -3.79 -7.01
N VAL A 52 -6.38 -2.96 -7.99
CA VAL A 52 -6.53 -1.54 -7.85
C VAL A 52 -7.54 -0.98 -8.87
N ASP A 53 -8.52 -0.26 -8.37
CA ASP A 53 -9.60 0.32 -9.16
C ASP A 53 -9.42 1.79 -9.35
N PHE A 54 -9.80 2.28 -10.51
CA PHE A 54 -9.82 3.71 -10.78
C PHE A 54 -10.75 4.38 -9.76
N LYS A 55 -10.29 5.42 -9.14
CA LYS A 55 -11.02 6.05 -8.13
C LYS A 55 -11.30 7.50 -8.56
N GLY A 56 -10.27 8.20 -8.93
CA GLY A 56 -10.42 9.54 -9.42
C GLY A 56 -9.43 9.80 -10.48
N VAL A 57 -9.34 11.03 -10.94
CA VAL A 57 -8.38 11.36 -11.96
C VAL A 57 -7.50 12.53 -11.51
N THR A 58 -6.21 12.36 -11.64
CA THR A 58 -5.25 13.39 -11.29
C THR A 58 -4.01 13.00 -11.99
N ARG A 59 -3.33 13.90 -12.61
CA ARG A 59 -2.13 13.49 -13.25
C ARG A 59 -0.95 13.66 -12.30
N ASP A 60 0.06 12.87 -12.55
CA ASP A 60 1.36 12.87 -11.81
C ASP A 60 1.23 12.16 -10.49
N GLY A 61 0.17 11.41 -10.35
CA GLY A 61 -0.06 10.70 -9.13
C GLY A 61 -1.50 10.78 -8.76
N VAL A 62 -2.20 9.76 -9.07
CA VAL A 62 -3.62 9.75 -8.87
C VAL A 62 -4.01 8.93 -7.65
N ASP A 63 -5.01 9.41 -6.95
CA ASP A 63 -5.56 8.71 -5.80
C ASP A 63 -6.41 7.59 -6.33
N TYR A 64 -5.96 6.40 -6.11
CA TYR A 64 -6.53 5.26 -6.72
C TYR A 64 -7.01 4.31 -5.63
N HIS A 65 -7.97 3.48 -5.96
CA HIS A 65 -8.60 2.60 -4.99
C HIS A 65 -7.87 1.27 -4.95
N ALA A 66 -7.16 1.02 -3.89
CA ALA A 66 -6.46 -0.23 -3.77
C ALA A 66 -7.25 -1.15 -2.89
N LYS A 67 -7.66 -2.26 -3.45
CA LYS A 67 -8.52 -3.18 -2.77
C LYS A 67 -7.73 -4.25 -2.07
N VAL A 68 -7.97 -4.38 -0.80
CA VAL A 68 -7.36 -5.39 0.00
C VAL A 68 -8.48 -6.16 0.67
N SER A 69 -8.29 -7.40 0.85
CA SER A 69 -9.29 -8.17 1.49
C SER A 69 -8.66 -8.99 2.57
N VAL A 70 -9.36 -9.14 3.63
CA VAL A 70 -8.85 -9.86 4.73
C VAL A 70 -9.94 -10.68 5.38
N LYS A 71 -9.61 -11.91 5.67
CA LYS A 71 -10.51 -12.78 6.36
C LYS A 71 -10.03 -13.00 7.75
N ASN A 72 -10.85 -12.60 8.65
CA ASN A 72 -10.54 -12.60 10.07
C ASN A 72 -11.27 -13.71 10.79
N PRO A 73 -10.53 -14.67 11.37
CA PRO A 73 -11.12 -15.68 12.19
C PRO A 73 -11.17 -15.23 13.65
N TYR A 74 -12.32 -14.72 14.02
CA TYR A 74 -12.70 -14.18 15.33
C TYR A 74 -14.12 -13.72 15.20
N SER A 75 -14.60 -13.01 16.18
CA SER A 75 -15.89 -12.36 16.10
C SER A 75 -15.75 -10.95 16.62
N GLN A 76 -14.51 -10.52 16.68
CA GLN A 76 -14.14 -9.26 17.18
C GLN A 76 -13.62 -8.41 16.05
N SER A 77 -14.15 -7.23 15.92
CA SER A 77 -13.65 -6.30 14.97
C SER A 77 -12.33 -5.74 15.50
N ILE A 78 -11.25 -6.30 15.02
CA ILE A 78 -9.94 -5.90 15.40
C ILE A 78 -9.63 -4.55 14.79
N PRO A 79 -9.32 -3.55 15.62
CA PRO A 79 -9.03 -2.23 15.15
C PRO A 79 -7.68 -2.14 14.47
N ILE A 80 -7.62 -1.41 13.40
CA ILE A 80 -6.41 -1.23 12.70
C ILE A 80 -5.61 -0.11 13.35
N CYS A 81 -4.34 -0.33 13.54
CA CYS A 81 -3.50 0.69 14.10
C CYS A 81 -3.08 1.63 12.98
N GLN A 82 -2.77 1.03 11.85
CA GLN A 82 -2.33 1.73 10.68
C GLN A 82 -2.21 0.74 9.54
N ILE A 83 -2.33 1.21 8.35
CA ILE A 83 -2.10 0.40 7.18
C ILE A 83 -0.90 0.95 6.46
N SER A 84 0.14 0.18 6.44
CA SER A 84 1.34 0.57 5.77
C SER A 84 1.31 0.02 4.36
N TYR A 85 1.32 0.89 3.40
CA TYR A 85 1.35 0.48 2.01
C TYR A 85 2.67 0.88 1.44
N ILE A 86 3.22 0.05 0.65
CA ILE A 86 4.42 0.37 -0.02
C ILE A 86 4.08 0.37 -1.48
N LEU A 87 4.04 1.53 -2.02
CA LEU A 87 3.59 1.80 -3.35
C LEU A 87 4.82 1.69 -4.20
N LYS A 88 4.82 0.81 -5.15
CA LYS A 88 6.03 0.58 -5.86
C LYS A 88 5.94 0.70 -7.34
N SER A 89 7.09 0.98 -7.88
CA SER A 89 7.35 1.05 -9.28
C SER A 89 8.20 -0.15 -9.59
N ALA A 90 8.05 -0.69 -10.78
CA ALA A 90 8.75 -1.89 -11.21
C ALA A 90 10.27 -1.84 -10.97
N THR A 91 10.84 -0.65 -10.94
CA THR A 91 12.27 -0.52 -10.67
C THR A 91 12.63 0.80 -9.96
N ARG A 92 12.23 1.93 -10.53
CA ARG A 92 12.71 3.21 -10.03
C ARG A 92 11.65 3.98 -9.24
N THR A 93 11.99 4.27 -7.97
CA THR A 93 11.20 5.13 -7.06
C THR A 93 9.89 4.48 -6.56
N ILE A 94 9.66 4.57 -5.25
CA ILE A 94 8.50 4.01 -4.64
C ILE A 94 7.91 5.05 -3.65
N ALA A 95 6.69 4.83 -3.21
CA ALA A 95 6.06 5.67 -2.20
C ALA A 95 5.70 4.79 -1.02
N SER A 96 5.58 5.35 0.15
CA SER A 96 5.27 4.57 1.31
C SER A 96 4.71 5.46 2.39
N GLY A 97 3.83 4.91 3.19
CA GLY A 97 3.23 5.66 4.26
C GLY A 97 2.31 4.78 5.06
N THR A 98 1.94 5.24 6.22
CA THR A 98 1.04 4.53 7.08
C THR A 98 -0.25 5.32 7.23
N ILE A 99 -1.35 4.75 6.85
CA ILE A 99 -2.61 5.45 7.01
C ILE A 99 -3.38 4.93 8.23
N PRO A 100 -3.66 5.82 9.20
CA PRO A 100 -4.42 5.45 10.39
C PRO A 100 -5.93 5.44 10.12
N ASP A 101 -6.55 4.31 10.41
CA ASP A 101 -7.99 4.07 10.20
C ASP A 101 -8.49 4.39 8.77
N PRO A 102 -8.12 3.54 7.80
CA PRO A 102 -8.62 3.65 6.45
C PRO A 102 -9.69 2.57 6.17
N GLY A 103 -10.07 1.83 7.20
CA GLY A 103 -11.05 0.79 7.03
C GLY A 103 -10.91 -0.25 8.12
N SER A 104 -12.00 -0.65 8.69
CA SER A 104 -11.99 -1.63 9.75
C SER A 104 -12.63 -2.93 9.29
N LEU A 105 -12.13 -4.04 9.78
CA LEU A 105 -12.65 -5.32 9.41
C LEU A 105 -13.93 -5.64 10.20
N VAL A 106 -14.86 -6.34 9.56
CA VAL A 106 -16.16 -6.67 10.15
C VAL A 106 -16.08 -7.38 11.52
N GLY A 107 -15.22 -8.38 11.61
CA GLY A 107 -15.10 -9.14 12.82
C GLY A 107 -14.99 -10.61 12.53
N SER A 108 -15.80 -11.08 11.61
CA SER A 108 -15.81 -12.47 11.24
C SER A 108 -15.88 -12.63 9.72
N GLY A 109 -14.85 -13.20 9.14
CA GLY A 109 -14.91 -13.54 7.74
C GLY A 109 -14.11 -12.62 6.86
N THR A 110 -14.34 -12.75 5.56
CA THR A 110 -13.66 -11.97 4.56
C THR A 110 -14.34 -10.63 4.37
N THR A 111 -13.60 -9.60 4.59
CA THR A 111 -14.08 -8.28 4.45
C THR A 111 -13.17 -7.49 3.51
N VAL A 112 -13.78 -6.71 2.64
CA VAL A 112 -13.04 -5.92 1.69
C VAL A 112 -12.78 -4.52 2.22
N LEU A 113 -11.55 -4.12 2.17
CA LEU A 113 -11.12 -2.84 2.65
C LEU A 113 -10.39 -2.16 1.51
N ASP A 114 -10.31 -0.87 1.52
CA ASP A 114 -9.61 -0.20 0.45
C ASP A 114 -8.85 0.99 0.95
N VAL A 115 -7.69 1.17 0.39
CA VAL A 115 -6.85 2.28 0.71
C VAL A 115 -6.78 3.16 -0.50
N PRO A 116 -7.00 4.45 -0.35
CA PRO A 116 -6.73 5.35 -1.40
C PRO A 116 -5.22 5.58 -1.43
N VAL A 117 -4.57 5.07 -2.44
CA VAL A 117 -3.16 5.22 -2.56
C VAL A 117 -2.84 6.09 -3.75
N LYS A 118 -1.74 6.78 -3.71
CA LYS A 118 -1.33 7.58 -4.83
C LYS A 118 -0.54 6.72 -5.78
N VAL A 119 -1.17 6.29 -6.85
CA VAL A 119 -0.50 5.42 -7.79
C VAL A 119 0.11 6.24 -8.87
N ALA A 120 1.23 5.76 -9.37
CA ALA A 120 2.02 6.42 -10.40
C ALA A 120 2.65 7.67 -9.89
N TYR A 121 2.50 7.96 -8.60
CA TYR A 121 3.08 9.17 -8.06
C TYR A 121 4.57 9.00 -8.09
N SER A 122 5.03 7.80 -7.82
CA SER A 122 6.43 7.54 -7.85
C SER A 122 6.91 7.35 -9.30
N ILE A 123 6.02 6.86 -10.13
CA ILE A 123 6.34 6.51 -11.51
C ILE A 123 6.37 7.74 -12.42
N ALA A 124 5.31 8.53 -12.37
CA ALA A 124 5.13 9.72 -13.23
C ALA A 124 6.13 10.78 -12.88
N VAL A 125 6.38 10.92 -11.61
CA VAL A 125 7.33 11.87 -11.08
C VAL A 125 8.77 11.46 -11.38
N SER A 126 9.04 10.19 -11.34
CA SER A 126 10.38 9.73 -11.52
C SER A 126 10.73 9.57 -13.01
N LEU A 127 10.14 8.60 -13.69
CA LEU A 127 10.58 8.31 -15.05
C LEU A 127 9.47 8.33 -16.11
N MET A 128 8.23 8.01 -15.73
CA MET A 128 7.10 7.87 -16.71
C MET A 128 7.27 6.66 -17.62
N LYS A 129 6.19 6.34 -18.29
CA LYS A 129 6.21 5.25 -19.25
C LYS A 129 6.31 5.90 -20.61
N ASP A 130 5.23 6.61 -20.93
CA ASP A 130 5.00 7.32 -22.19
C ASP A 130 3.51 7.56 -22.22
N MET A 131 2.82 6.69 -21.47
CA MET A 131 1.39 6.70 -21.27
C MET A 131 0.62 6.41 -22.56
N CYS A 132 0.29 5.16 -22.78
CA CYS A 132 -0.48 4.77 -23.94
C CYS A 132 -1.96 4.69 -23.56
N THR A 133 -2.81 4.95 -24.51
CA THR A 133 -4.14 4.84 -24.39
C THR A 133 -4.50 3.36 -24.61
N ASP A 134 -5.10 2.74 -23.60
CA ASP A 134 -5.38 1.30 -23.58
C ASP A 134 -4.08 0.57 -23.47
N TRP A 135 -3.65 0.46 -22.23
CA TRP A 135 -2.33 0.04 -21.87
C TRP A 135 -2.34 -0.55 -20.47
N ASP A 136 -1.55 -1.57 -20.25
CA ASP A 136 -1.41 -2.14 -18.93
C ASP A 136 -0.06 -1.78 -18.41
N ILE A 137 0.03 -1.54 -17.15
CA ILE A 137 1.29 -1.19 -16.55
C ILE A 137 1.39 -1.90 -15.20
N ASP A 138 2.49 -2.56 -14.97
CA ASP A 138 2.67 -3.35 -13.78
C ASP A 138 3.19 -2.50 -12.61
N TYR A 139 2.30 -2.23 -11.74
CA TYR A 139 2.54 -1.51 -10.52
C TYR A 139 2.47 -2.51 -9.35
N GLN A 140 3.02 -2.17 -8.21
CA GLN A 140 2.96 -3.09 -7.06
C GLN A 140 2.66 -2.34 -5.77
N LEU A 141 2.15 -3.06 -4.77
CA LEU A 141 2.06 -2.56 -3.41
C LEU A 141 2.05 -3.70 -2.44
N ASP A 142 2.99 -3.67 -1.57
CA ASP A 142 3.02 -4.60 -0.46
C ASP A 142 2.53 -3.86 0.73
N ILE A 143 1.77 -4.50 1.53
CA ILE A 143 1.14 -3.83 2.62
C ILE A 143 1.43 -4.51 3.95
N GLY A 144 1.47 -3.71 4.97
CA GLY A 144 1.63 -4.18 6.30
C GLY A 144 0.43 -3.78 7.12
N LEU A 145 -0.56 -4.65 7.14
CA LEU A 145 -1.78 -4.40 7.89
C LEU A 145 -1.48 -4.45 9.35
N THR A 146 -1.47 -3.32 10.00
CA THR A 146 -1.12 -3.31 11.37
C THR A 146 -2.36 -3.44 12.23
N PHE A 147 -2.50 -4.59 12.84
CA PHE A 147 -3.59 -4.86 13.73
C PHE A 147 -3.06 -4.93 15.13
N ASP A 148 -3.78 -4.40 16.07
CA ASP A 148 -3.34 -4.45 17.44
C ASP A 148 -4.24 -5.40 18.20
N ILE A 149 -3.69 -6.54 18.57
CA ILE A 149 -4.46 -7.54 19.27
C ILE A 149 -3.94 -7.73 20.68
N PRO A 150 -4.82 -8.03 21.65
CA PRO A 150 -4.43 -8.21 23.06
C PRO A 150 -3.49 -9.39 23.28
N VAL A 151 -3.38 -10.25 22.28
CA VAL A 151 -2.53 -11.41 22.36
C VAL A 151 -1.05 -11.00 22.31
N VAL A 152 -0.72 -10.09 21.41
CA VAL A 152 0.67 -9.70 21.21
C VAL A 152 0.82 -8.18 21.29
N GLY A 153 0.22 -7.51 20.34
CA GLY A 153 0.31 -6.09 20.24
C GLY A 153 0.03 -5.68 18.83
N ASP A 154 0.76 -4.72 18.32
CA ASP A 154 0.57 -4.30 16.96
C ASP A 154 1.45 -5.09 16.02
N ILE A 155 0.83 -5.81 15.14
CA ILE A 155 1.51 -6.63 14.16
C ILE A 155 1.21 -6.15 12.75
N THR A 156 2.23 -5.91 11.96
CA THR A 156 2.02 -5.59 10.58
C THR A 156 1.98 -6.87 9.78
N ILE A 157 0.83 -7.25 9.33
CA ILE A 157 0.68 -8.43 8.54
C ILE A 157 1.06 -8.11 7.11
N PRO A 158 2.17 -8.68 6.63
CA PRO A 158 2.66 -8.42 5.30
C PRO A 158 1.97 -9.22 4.27
N VAL A 159 1.95 -8.64 3.14
CA VAL A 159 1.26 -9.12 2.04
C VAL A 159 1.82 -8.45 0.78
N SER A 160 2.28 -9.23 -0.17
CA SER A 160 2.91 -8.66 -1.34
C SER A 160 2.34 -9.28 -2.61
N THR A 161 2.06 -8.43 -3.56
CA THR A 161 1.59 -8.82 -4.84
C THR A 161 1.63 -7.58 -5.72
N GLN A 162 1.29 -7.72 -6.96
CA GLN A 162 1.32 -6.61 -7.84
C GLN A 162 -0.08 -6.04 -8.01
N GLY A 163 -0.14 -4.90 -8.55
CA GLY A 163 -1.36 -4.25 -8.84
C GLY A 163 -1.30 -3.80 -10.25
N GLU A 164 -2.09 -4.35 -11.08
CA GLU A 164 -2.04 -4.00 -12.46
C GLU A 164 -2.94 -2.85 -12.68
N ILE A 165 -2.43 -1.83 -13.29
CA ILE A 165 -3.20 -0.66 -13.53
C ILE A 165 -3.74 -0.75 -14.93
N LYS A 166 -5.03 -0.86 -15.00
CA LYS A 166 -5.73 -0.98 -16.22
C LYS A 166 -6.04 0.41 -16.77
N LEU A 167 -5.21 0.82 -17.71
CA LEU A 167 -5.24 2.17 -18.25
C LEU A 167 -5.88 2.23 -19.61
N PRO A 168 -7.11 2.75 -19.70
CA PRO A 168 -7.73 3.05 -20.98
C PRO A 168 -7.11 4.34 -21.58
N SER A 169 -7.60 4.78 -22.71
CA SER A 169 -7.15 6.01 -23.29
C SER A 169 -7.51 7.25 -22.43
N LEU A 170 -6.59 7.61 -21.55
CA LEU A 170 -6.71 8.81 -20.72
C LEU A 170 -5.69 9.88 -21.10
N ARG A 171 -4.48 9.43 -21.43
CA ARG A 171 -3.31 10.32 -21.70
C ARG A 171 -2.85 11.10 -20.45
N ASP A 172 -3.76 11.83 -19.84
CA ASP A 172 -3.49 12.62 -18.66
C ASP A 172 -4.30 12.06 -17.51
N PHE A 173 -3.64 11.26 -16.66
CA PHE A 173 -4.30 10.53 -15.55
C PHE A 173 -3.29 9.69 -14.78
N PHE A 174 -2.35 9.12 -15.49
CA PHE A 174 -1.38 8.23 -14.89
C PHE A 174 -0.01 8.63 -15.34
N GLY A 1 -1.25 35.34 7.92
CA GLY A 1 -0.63 34.03 7.99
C GLY A 1 -0.70 33.33 6.66
N HIS A 2 -0.11 32.14 6.58
CA HIS A 2 -0.06 31.35 5.34
C HIS A 2 0.85 31.93 4.28
N HIS A 3 1.27 31.07 3.38
CA HIS A 3 2.15 31.40 2.26
C HIS A 3 2.32 30.14 1.43
N HIS A 4 2.38 30.29 0.15
CA HIS A 4 2.51 29.12 -0.71
C HIS A 4 3.91 28.56 -0.67
N HIS A 5 4.02 27.42 -0.06
CA HIS A 5 5.27 26.70 0.04
C HIS A 5 5.40 25.83 -1.18
N HIS A 6 6.27 26.18 -2.07
CA HIS A 6 6.48 25.39 -3.27
C HIS A 6 7.68 24.49 -3.13
N HIS A 7 7.92 23.69 -4.15
CA HIS A 7 9.05 22.78 -4.20
C HIS A 7 9.02 21.72 -3.12
N LEU A 8 7.95 20.97 -3.13
CA LEU A 8 7.87 19.79 -2.31
C LEU A 8 8.37 18.69 -3.20
N GLU A 9 7.76 18.65 -4.37
CA GLU A 9 8.14 17.77 -5.43
C GLU A 9 9.38 18.38 -6.09
N ALA A 10 10.53 18.11 -5.47
CA ALA A 10 11.85 18.57 -5.85
C ALA A 10 12.79 18.34 -4.69
N SER A 11 13.46 17.20 -4.70
CA SER A 11 14.44 16.81 -3.68
C SER A 11 13.79 16.45 -2.33
N ALA A 12 12.96 17.35 -1.81
CA ALA A 12 12.34 17.21 -0.50
C ALA A 12 11.41 16.01 -0.40
N ASP A 13 10.40 15.95 -1.29
CA ASP A 13 9.41 14.87 -1.24
C ASP A 13 10.07 13.53 -1.51
N GLU A 14 11.00 13.52 -2.47
CA GLU A 14 11.78 12.32 -2.76
C GLU A 14 12.54 11.84 -1.53
N LYS A 15 13.08 12.79 -0.79
CA LYS A 15 13.86 12.49 0.39
C LYS A 15 13.00 11.90 1.48
N VAL A 16 11.96 12.62 1.83
CA VAL A 16 11.06 12.20 2.90
C VAL A 16 10.43 10.84 2.64
N VAL A 17 10.04 10.55 1.40
CA VAL A 17 9.45 9.27 1.12
C VAL A 17 10.47 8.15 1.31
N GLU A 18 11.71 8.38 0.88
CA GLU A 18 12.76 7.37 1.00
C GLU A 18 13.09 7.07 2.44
N GLU A 19 13.12 8.09 3.29
CA GLU A 19 13.44 7.86 4.69
C GLU A 19 12.26 7.22 5.42
N LYS A 20 11.03 7.61 5.09
CA LYS A 20 9.85 7.01 5.71
C LYS A 20 9.77 5.55 5.32
N ALA A 21 9.96 5.29 4.03
CA ALA A 21 9.94 3.93 3.49
C ALA A 21 10.97 3.06 4.17
N SER A 22 12.15 3.63 4.40
CA SER A 22 13.25 2.94 5.05
C SER A 22 12.79 2.44 6.43
N VAL A 23 12.09 3.29 7.16
CA VAL A 23 11.60 2.95 8.49
C VAL A 23 10.42 1.98 8.39
N ILE A 24 9.42 2.35 7.57
CA ILE A 24 8.21 1.56 7.41
C ILE A 24 8.51 0.13 6.96
N SER A 25 9.34 -0.01 5.93
CA SER A 25 9.67 -1.32 5.39
C SER A 25 10.37 -2.18 6.45
N SER A 26 11.19 -1.53 7.29
CA SER A 26 11.89 -2.23 8.35
C SER A 26 10.92 -2.67 9.47
N LEU A 27 9.79 -2.00 9.54
CA LEU A 27 8.79 -2.33 10.51
C LEU A 27 8.00 -3.56 10.04
N LEU A 28 7.67 -3.63 8.74
CA LEU A 28 7.04 -4.86 8.23
C LEU A 28 8.05 -5.99 8.34
N ASP A 29 9.30 -5.61 8.15
CA ASP A 29 10.44 -6.52 8.23
C ASP A 29 10.53 -7.23 9.58
N LYS A 30 10.19 -6.53 10.67
CA LYS A 30 10.25 -7.17 12.00
C LYS A 30 9.13 -8.19 12.15
N ALA A 31 8.03 -7.92 11.47
CA ALA A 31 6.85 -8.75 11.54
C ALA A 31 6.98 -9.99 10.66
N LYS A 32 7.70 -9.87 9.55
CA LYS A 32 7.91 -10.99 8.58
C LYS A 32 8.31 -12.27 9.28
N GLY A 33 9.28 -12.16 10.20
CA GLY A 33 9.78 -13.32 10.92
C GLY A 33 8.72 -14.01 11.73
N PHE A 34 7.79 -13.25 12.26
CA PHE A 34 6.72 -13.84 13.03
C PHE A 34 5.68 -14.37 12.10
N PHE A 35 5.33 -13.58 11.11
CA PHE A 35 4.27 -13.94 10.20
C PHE A 35 4.56 -15.18 9.39
N ALA A 36 5.71 -15.22 8.75
CA ALA A 36 6.07 -16.30 7.83
C ALA A 36 5.91 -17.69 8.44
N GLU A 37 6.35 -17.87 9.66
CA GLU A 37 6.27 -19.18 10.27
C GLU A 37 5.39 -19.26 11.49
N LYS A 38 5.44 -18.24 12.30
CA LYS A 38 4.92 -18.35 13.64
C LYS A 38 3.46 -17.93 13.71
N LEU A 39 3.07 -16.99 12.88
CA LEU A 39 1.68 -16.51 12.90
C LEU A 39 0.78 -17.39 12.05
N ALA A 40 1.38 -18.26 11.28
CA ALA A 40 0.63 -19.14 10.39
C ALA A 40 -0.26 -20.09 11.18
N ASN A 41 0.17 -20.43 12.38
CA ASN A 41 -0.55 -21.37 13.24
C ASN A 41 -1.25 -20.62 14.37
N ILE A 42 -1.38 -19.33 14.20
CA ILE A 42 -2.00 -18.48 15.18
C ILE A 42 -3.10 -17.67 14.54
N PRO A 43 -4.34 -17.74 15.06
CA PRO A 43 -5.46 -17.00 14.50
C PRO A 43 -5.22 -15.48 14.48
N THR A 44 -4.79 -15.02 13.35
CA THR A 44 -4.57 -13.63 13.08
C THR A 44 -5.29 -13.28 11.81
N PRO A 45 -5.85 -12.07 11.70
CA PRO A 45 -6.55 -11.64 10.49
C PRO A 45 -5.67 -11.83 9.26
N GLU A 46 -6.16 -12.62 8.35
CA GLU A 46 -5.39 -13.02 7.22
C GLU A 46 -5.75 -12.10 6.07
N ALA A 47 -4.81 -11.30 5.69
CA ALA A 47 -5.01 -10.27 4.71
C ALA A 47 -4.29 -10.56 3.44
N THR A 48 -4.88 -10.15 2.37
CA THR A 48 -4.32 -10.25 1.09
C THR A 48 -4.66 -8.97 0.33
N VAL A 49 -3.85 -8.62 -0.66
CA VAL A 49 -4.19 -7.51 -1.50
C VAL A 49 -5.15 -8.06 -2.50
N ASP A 50 -6.14 -7.32 -2.84
CA ASP A 50 -7.26 -7.87 -3.59
C ASP A 50 -7.27 -7.44 -5.04
N ASP A 51 -7.28 -6.14 -5.28
CA ASP A 51 -7.43 -5.61 -6.63
C ASP A 51 -7.15 -4.11 -6.60
N VAL A 52 -7.36 -3.43 -7.70
CA VAL A 52 -7.05 -2.02 -7.84
C VAL A 52 -8.17 -1.32 -8.56
N ASP A 53 -8.98 -0.61 -7.83
CA ASP A 53 -10.04 0.14 -8.45
C ASP A 53 -9.57 1.55 -8.74
N PHE A 54 -9.29 1.84 -10.00
CA PHE A 54 -8.81 3.15 -10.46
C PHE A 54 -10.00 4.15 -10.46
N LYS A 55 -10.02 5.06 -9.46
CA LYS A 55 -11.13 6.04 -9.29
C LYS A 55 -10.62 7.33 -8.72
N GLY A 56 -10.74 8.37 -9.48
CA GLY A 56 -10.30 9.66 -9.03
C GLY A 56 -9.13 10.16 -9.83
N VAL A 57 -8.85 11.45 -9.75
CA VAL A 57 -7.73 12.04 -10.44
C VAL A 57 -7.15 13.18 -9.58
N THR A 58 -5.88 13.47 -9.74
CA THR A 58 -5.28 14.57 -9.06
C THR A 58 -4.07 15.02 -9.88
N ARG A 59 -3.33 16.00 -9.40
CA ARG A 59 -2.19 16.51 -10.14
C ARG A 59 -1.01 15.56 -9.91
N ASP A 60 -0.77 15.20 -8.67
CA ASP A 60 0.29 14.28 -8.32
C ASP A 60 -0.25 12.88 -8.11
N GLY A 61 -0.19 12.08 -9.17
CA GLY A 61 -0.68 10.75 -9.13
C GLY A 61 -2.11 10.67 -9.59
N VAL A 62 -2.72 9.57 -9.33
CA VAL A 62 -4.12 9.32 -9.66
C VAL A 62 -4.67 8.49 -8.55
N ASP A 63 -5.73 8.93 -7.95
CA ASP A 63 -6.33 8.23 -6.85
C ASP A 63 -6.92 6.92 -7.31
N TYR A 64 -6.71 5.91 -6.55
CA TYR A 64 -7.35 4.67 -6.78
C TYR A 64 -7.64 4.07 -5.43
N HIS A 65 -8.44 3.08 -5.40
CA HIS A 65 -8.73 2.42 -4.17
C HIS A 65 -7.96 1.13 -4.12
N ALA A 66 -7.03 1.04 -3.20
CA ALA A 66 -6.25 -0.16 -3.05
C ALA A 66 -7.11 -1.14 -2.33
N LYS A 67 -7.59 -2.08 -3.05
CA LYS A 67 -8.55 -2.99 -2.57
C LYS A 67 -7.84 -4.14 -1.90
N VAL A 68 -8.20 -4.41 -0.68
CA VAL A 68 -7.64 -5.49 0.07
C VAL A 68 -8.77 -6.25 0.76
N SER A 69 -8.64 -7.53 0.87
CA SER A 69 -9.64 -8.29 1.54
C SER A 69 -9.03 -9.06 2.68
N VAL A 70 -9.66 -8.98 3.83
CA VAL A 70 -9.11 -9.58 5.03
C VAL A 70 -10.12 -10.52 5.66
N LYS A 71 -9.67 -11.69 6.05
CA LYS A 71 -10.49 -12.62 6.79
C LYS A 71 -10.01 -12.61 8.22
N ASN A 72 -10.90 -12.80 9.14
CA ASN A 72 -10.56 -12.67 10.52
C ASN A 72 -11.01 -13.89 11.30
N PRO A 73 -10.09 -14.58 11.96
CA PRO A 73 -10.45 -15.57 12.92
C PRO A 73 -10.37 -14.98 14.35
N TYR A 74 -11.51 -14.54 14.81
CA TYR A 74 -11.79 -13.89 16.10
C TYR A 74 -13.24 -13.52 16.05
N SER A 75 -13.75 -12.94 17.09
CA SER A 75 -15.11 -12.49 17.07
C SER A 75 -15.17 -11.00 17.44
N GLN A 76 -14.01 -10.40 17.58
CA GLN A 76 -13.93 -9.01 17.91
C GLN A 76 -13.64 -8.19 16.67
N SER A 77 -14.27 -7.04 16.57
CA SER A 77 -13.93 -6.11 15.53
C SER A 77 -12.65 -5.41 15.95
N ILE A 78 -11.55 -5.90 15.41
CA ILE A 78 -10.25 -5.39 15.75
C ILE A 78 -10.05 -4.02 15.10
N PRO A 79 -9.73 -3.00 15.90
CA PRO A 79 -9.42 -1.70 15.38
C PRO A 79 -8.10 -1.75 14.63
N ILE A 80 -8.09 -1.28 13.42
CA ILE A 80 -6.87 -1.32 12.66
C ILE A 80 -6.01 -0.14 13.06
N CYS A 81 -4.88 -0.45 13.67
CA CYS A 81 -3.95 0.55 14.15
C CYS A 81 -3.55 1.48 13.02
N GLN A 82 -3.09 0.88 11.94
CA GLN A 82 -2.71 1.61 10.77
C GLN A 82 -2.52 0.66 9.63
N ILE A 83 -2.52 1.20 8.46
CA ILE A 83 -2.27 0.45 7.29
C ILE A 83 -1.11 1.10 6.55
N SER A 84 -0.03 0.41 6.44
CA SER A 84 1.10 0.94 5.75
C SER A 84 1.06 0.47 4.31
N TYR A 85 0.98 1.38 3.38
CA TYR A 85 0.98 1.00 2.01
C TYR A 85 2.27 1.40 1.38
N ILE A 86 2.83 0.51 0.63
CA ILE A 86 4.01 0.78 -0.10
C ILE A 86 3.69 0.62 -1.57
N LEU A 87 3.69 1.73 -2.25
CA LEU A 87 3.42 1.80 -3.64
C LEU A 87 4.76 1.66 -4.30
N LYS A 88 4.96 0.69 -5.13
CA LYS A 88 6.23 0.49 -5.73
C LYS A 88 6.14 0.49 -7.25
N SER A 89 7.09 1.12 -7.89
CA SER A 89 7.15 1.11 -9.32
C SER A 89 8.41 0.39 -9.78
N ALA A 90 8.31 -0.31 -10.90
CA ALA A 90 9.40 -1.11 -11.43
C ALA A 90 10.63 -0.27 -11.78
N THR A 91 11.72 -0.48 -11.03
CA THR A 91 13.02 0.16 -11.24
C THR A 91 12.99 1.69 -10.88
N ARG A 92 11.90 2.13 -10.27
CA ARG A 92 11.76 3.52 -9.88
C ARG A 92 11.54 3.63 -8.38
N THR A 93 11.20 4.84 -7.93
CA THR A 93 11.00 5.10 -6.53
C THR A 93 9.64 4.51 -6.08
N ILE A 94 9.25 4.79 -4.86
CA ILE A 94 8.05 4.24 -4.30
C ILE A 94 7.31 5.34 -3.53
N ALA A 95 6.09 5.08 -3.15
CA ALA A 95 5.31 5.98 -2.28
C ALA A 95 4.95 5.22 -1.01
N SER A 96 5.01 5.87 0.12
CA SER A 96 4.74 5.19 1.37
C SER A 96 3.95 6.06 2.33
N GLY A 97 3.02 5.44 3.02
CA GLY A 97 2.21 6.15 3.97
C GLY A 97 1.48 5.19 4.86
N THR A 98 1.15 5.63 6.05
CA THR A 98 0.43 4.83 7.00
C THR A 98 -0.90 5.48 7.33
N ILE A 99 -2.01 4.80 7.12
CA ILE A 99 -3.29 5.41 7.52
C ILE A 99 -3.77 4.77 8.81
N PRO A 100 -3.72 5.50 9.92
CA PRO A 100 -4.27 5.04 11.18
C PRO A 100 -5.79 5.06 11.12
N ASP A 101 -6.39 3.89 11.26
CA ASP A 101 -7.84 3.68 11.10
C ASP A 101 -8.31 4.02 9.69
N PRO A 102 -8.14 3.07 8.75
CA PRO A 102 -8.61 3.22 7.37
C PRO A 102 -9.87 2.37 7.14
N GLY A 103 -10.41 1.89 8.23
CA GLY A 103 -11.54 1.01 8.22
C GLY A 103 -11.40 0.02 9.32
N SER A 104 -12.20 -1.01 9.32
CA SER A 104 -12.13 -2.03 10.34
C SER A 104 -12.59 -3.37 9.81
N LEU A 105 -12.39 -4.41 10.57
CA LEU A 105 -12.79 -5.72 10.16
C LEU A 105 -13.87 -6.30 11.06
N VAL A 106 -14.92 -6.81 10.42
CA VAL A 106 -16.18 -7.29 11.03
C VAL A 106 -16.07 -8.60 11.84
N GLY A 107 -14.92 -8.87 12.41
CA GLY A 107 -14.75 -10.10 13.14
C GLY A 107 -14.66 -11.27 12.21
N SER A 108 -15.09 -12.43 12.67
CA SER A 108 -15.07 -13.68 11.94
C SER A 108 -15.77 -13.60 10.59
N GLY A 109 -15.01 -13.27 9.60
CA GLY A 109 -15.51 -13.27 8.26
C GLY A 109 -14.54 -12.63 7.36
N THR A 110 -14.96 -12.31 6.18
CA THR A 110 -14.11 -11.68 5.24
C THR A 110 -14.72 -10.34 4.88
N THR A 111 -13.92 -9.35 4.83
CA THR A 111 -14.37 -8.04 4.55
C THR A 111 -13.46 -7.38 3.53
N VAL A 112 -14.05 -6.70 2.59
CA VAL A 112 -13.30 -5.99 1.61
C VAL A 112 -13.06 -4.57 2.08
N LEU A 113 -11.84 -4.20 2.12
CA LEU A 113 -11.43 -2.92 2.58
C LEU A 113 -10.68 -2.24 1.46
N ASP A 114 -10.60 -0.96 1.51
CA ASP A 114 -9.87 -0.23 0.51
C ASP A 114 -9.25 0.98 1.13
N VAL A 115 -8.13 1.37 0.61
CA VAL A 115 -7.41 2.50 1.11
C VAL A 115 -7.02 3.44 -0.06
N PRO A 116 -7.20 4.75 0.12
CA PRO A 116 -6.84 5.74 -0.90
C PRO A 116 -5.32 5.86 -1.10
N VAL A 117 -4.90 5.80 -2.34
CA VAL A 117 -3.52 5.91 -2.74
C VAL A 117 -3.45 6.26 -4.22
N LYS A 118 -2.42 6.96 -4.62
CA LYS A 118 -2.21 7.29 -6.00
C LYS A 118 -1.43 6.23 -6.73
N VAL A 119 -1.90 5.86 -7.89
CA VAL A 119 -1.24 4.88 -8.69
C VAL A 119 -0.34 5.57 -9.70
N ALA A 120 0.80 4.92 -9.99
CA ALA A 120 1.75 5.36 -11.00
C ALA A 120 2.49 6.64 -10.59
N TYR A 121 2.15 7.13 -9.40
CA TYR A 121 2.77 8.30 -8.79
C TYR A 121 4.29 8.20 -8.82
N SER A 122 4.80 7.04 -8.43
CA SER A 122 6.22 6.84 -8.32
C SER A 122 6.91 6.82 -9.71
N ILE A 123 6.27 6.23 -10.69
CA ILE A 123 6.85 6.17 -12.01
C ILE A 123 6.63 7.51 -12.79
N ALA A 124 5.55 8.23 -12.43
CA ALA A 124 5.21 9.53 -13.00
C ALA A 124 6.35 10.50 -12.91
N VAL A 125 6.91 10.63 -11.72
CA VAL A 125 7.97 11.59 -11.44
C VAL A 125 9.23 11.34 -12.27
N SER A 126 9.41 10.12 -12.76
CA SER A 126 10.58 9.80 -13.53
C SER A 126 10.30 9.90 -15.05
N LEU A 127 9.64 8.91 -15.61
CA LEU A 127 9.43 8.86 -17.07
C LEU A 127 7.97 8.83 -17.41
N MET A 128 7.14 8.83 -16.39
CA MET A 128 5.69 8.77 -16.50
C MET A 128 5.24 7.60 -17.34
N LYS A 129 5.31 6.42 -16.70
CA LYS A 129 4.97 5.08 -17.27
C LYS A 129 5.76 4.77 -18.57
N ASP A 130 5.35 5.40 -19.60
CA ASP A 130 5.83 5.35 -20.97
C ASP A 130 4.67 5.93 -21.70
N MET A 131 4.63 7.25 -21.70
CA MET A 131 3.44 7.95 -22.09
C MET A 131 2.91 7.62 -23.49
N CYS A 132 1.79 6.96 -23.48
CA CYS A 132 1.06 6.60 -24.65
C CYS A 132 -0.44 6.63 -24.33
N THR A 133 -1.25 6.25 -25.26
CA THR A 133 -2.61 6.37 -25.19
C THR A 133 -3.12 4.96 -25.47
N ASP A 134 -3.62 4.29 -24.41
CA ASP A 134 -4.00 2.84 -24.40
C ASP A 134 -2.77 2.02 -24.13
N TRP A 135 -2.65 1.59 -22.88
CA TRP A 135 -1.42 1.04 -22.37
C TRP A 135 -1.62 0.25 -21.06
N ASP A 136 -0.99 -0.90 -20.98
CA ASP A 136 -1.03 -1.73 -19.78
C ASP A 136 0.28 -1.62 -19.04
N ILE A 137 0.24 -1.67 -17.74
CA ILE A 137 1.45 -1.61 -16.94
C ILE A 137 1.19 -2.30 -15.59
N ASP A 138 2.22 -2.85 -14.99
CA ASP A 138 2.05 -3.41 -13.67
C ASP A 138 2.87 -2.64 -12.68
N TYR A 139 2.21 -2.14 -11.69
CA TYR A 139 2.84 -1.43 -10.64
C TYR A 139 2.84 -2.40 -9.45
N GLN A 140 3.48 -2.08 -8.40
CA GLN A 140 3.56 -3.03 -7.29
C GLN A 140 2.94 -2.49 -6.03
N LEU A 141 2.23 -3.34 -5.31
CA LEU A 141 1.55 -2.94 -4.09
C LEU A 141 1.90 -3.89 -2.93
N ASP A 142 2.27 -3.29 -1.81
CA ASP A 142 2.64 -4.04 -0.59
C ASP A 142 1.96 -3.35 0.57
N ILE A 143 1.18 -4.08 1.32
CA ILE A 143 0.49 -3.51 2.45
C ILE A 143 1.01 -4.12 3.76
N GLY A 144 0.99 -3.33 4.80
CA GLY A 144 1.31 -3.81 6.12
C GLY A 144 0.15 -3.58 7.05
N LEU A 145 -0.61 -4.61 7.27
CA LEU A 145 -1.78 -4.52 8.13
C LEU A 145 -1.35 -4.58 9.57
N THR A 146 -1.56 -3.50 10.29
CA THR A 146 -1.17 -3.46 11.67
C THR A 146 -2.36 -3.79 12.57
N PHE A 147 -2.34 -4.96 13.17
CA PHE A 147 -3.39 -5.36 14.10
C PHE A 147 -2.78 -5.54 15.45
N ASP A 148 -3.54 -5.24 16.49
CA ASP A 148 -3.02 -5.39 17.84
C ASP A 148 -3.58 -6.65 18.48
N ILE A 149 -2.70 -7.42 19.02
CA ILE A 149 -3.06 -8.61 19.75
C ILE A 149 -2.19 -8.68 21.00
N PRO A 150 -2.79 -8.88 22.18
CA PRO A 150 -2.08 -8.80 23.50
C PRO A 150 -0.91 -9.78 23.61
N VAL A 151 -0.95 -10.82 22.81
CA VAL A 151 0.07 -11.84 22.81
C VAL A 151 1.44 -11.33 22.30
N VAL A 152 1.41 -10.33 21.44
CA VAL A 152 2.65 -9.81 20.85
C VAL A 152 2.65 -8.30 20.88
N GLY A 153 1.55 -7.75 20.51
CA GLY A 153 1.42 -6.33 20.38
C GLY A 153 1.10 -5.96 18.97
N ASP A 154 1.99 -5.25 18.30
CA ASP A 154 1.76 -4.85 16.92
C ASP A 154 2.54 -5.71 15.94
N ILE A 155 1.83 -6.42 15.08
CA ILE A 155 2.46 -7.09 13.99
C ILE A 155 1.86 -6.66 12.66
N THR A 156 2.69 -6.09 11.82
CA THR A 156 2.25 -5.68 10.52
C THR A 156 2.35 -6.82 9.55
N ILE A 157 1.24 -7.33 9.15
CA ILE A 157 1.21 -8.43 8.23
C ILE A 157 1.50 -7.93 6.83
N PRO A 158 2.63 -8.37 6.25
CA PRO A 158 3.04 -7.96 4.93
C PRO A 158 2.39 -8.77 3.88
N VAL A 159 1.97 -8.08 2.90
CA VAL A 159 1.24 -8.63 1.87
C VAL A 159 1.53 -7.87 0.56
N SER A 160 2.15 -8.55 -0.38
CA SER A 160 2.54 -7.96 -1.63
C SER A 160 1.91 -8.69 -2.81
N THR A 161 1.77 -7.98 -3.91
CA THR A 161 1.27 -8.53 -5.13
C THR A 161 1.64 -7.57 -6.27
N GLN A 162 1.41 -7.99 -7.49
CA GLN A 162 1.65 -7.16 -8.63
C GLN A 162 0.35 -6.55 -9.08
N GLY A 163 0.35 -5.27 -9.20
CA GLY A 163 -0.83 -4.60 -9.62
C GLY A 163 -0.79 -4.39 -11.10
N GLU A 164 -1.23 -5.37 -11.82
CA GLU A 164 -1.25 -5.27 -13.24
C GLU A 164 -2.58 -4.64 -13.59
N ILE A 165 -2.50 -3.51 -14.22
CA ILE A 165 -3.63 -2.66 -14.49
C ILE A 165 -3.52 -2.07 -15.89
N LYS A 166 -4.54 -1.32 -16.27
CA LYS A 166 -4.57 -0.77 -17.59
C LYS A 166 -4.87 0.71 -17.54
N LEU A 167 -4.27 1.44 -18.43
CA LEU A 167 -4.60 2.82 -18.62
C LEU A 167 -4.93 3.02 -20.07
N PRO A 168 -6.22 3.03 -20.41
CA PRO A 168 -6.68 3.19 -21.79
C PRO A 168 -6.29 4.57 -22.35
N SER A 169 -6.47 4.75 -23.65
CA SER A 169 -6.28 5.99 -24.33
C SER A 169 -6.80 7.20 -23.54
N LEU A 170 -5.88 7.82 -22.84
CA LEU A 170 -6.13 8.99 -22.08
C LEU A 170 -4.80 9.66 -21.79
N ARG A 171 -4.76 10.93 -22.01
CA ARG A 171 -3.62 11.73 -21.63
C ARG A 171 -4.12 12.97 -20.94
N ASP A 172 -4.36 12.85 -19.63
CA ASP A 172 -4.96 13.93 -18.82
C ASP A 172 -5.16 13.47 -17.39
N PHE A 173 -5.54 12.22 -17.23
CA PHE A 173 -5.69 11.65 -15.91
C PHE A 173 -4.32 11.24 -15.47
N PHE A 174 -3.70 10.50 -16.34
CA PHE A 174 -2.35 10.14 -16.22
C PHE A 174 -1.88 9.90 -17.62
N GLY A 1 16.00 20.84 8.56
CA GLY A 1 14.54 20.97 8.62
C GLY A 1 13.90 20.12 7.55
N HIS A 2 12.60 20.03 7.54
CA HIS A 2 11.91 19.18 6.55
C HIS A 2 11.42 19.98 5.34
N HIS A 3 11.31 21.29 5.49
CA HIS A 3 10.87 22.14 4.37
C HIS A 3 12.05 22.54 3.51
N HIS A 4 12.22 21.87 2.39
CA HIS A 4 13.27 22.19 1.45
C HIS A 4 12.63 22.56 0.14
N HIS A 5 12.33 23.81 -0.04
CA HIS A 5 11.63 24.24 -1.22
C HIS A 5 12.61 24.69 -2.30
N HIS A 6 13.20 23.73 -2.98
CA HIS A 6 14.14 23.98 -4.07
C HIS A 6 14.12 22.87 -5.09
N HIS A 7 14.68 21.72 -4.72
CA HIS A 7 14.73 20.58 -5.64
C HIS A 7 14.46 19.30 -4.88
N LEU A 8 13.87 19.42 -3.72
CA LEU A 8 13.58 18.27 -2.88
C LEU A 8 12.57 17.38 -3.59
N GLU A 9 11.64 18.01 -4.27
CA GLU A 9 10.59 17.30 -4.96
C GLU A 9 11.04 16.91 -6.36
N ALA A 10 12.33 16.95 -6.58
CA ALA A 10 12.92 16.57 -7.83
C ALA A 10 14.05 15.59 -7.56
N SER A 11 13.74 14.31 -7.69
CA SER A 11 14.65 13.17 -7.46
C SER A 11 14.87 12.87 -5.94
N ALA A 12 14.95 13.91 -5.13
CA ALA A 12 15.22 13.77 -3.71
C ALA A 12 14.02 13.21 -2.93
N ASP A 13 12.79 13.49 -3.39
CA ASP A 13 11.60 13.00 -2.69
C ASP A 13 11.48 11.50 -2.90
N GLU A 14 11.90 11.06 -4.09
CA GLU A 14 11.96 9.64 -4.43
C GLU A 14 12.87 8.89 -3.46
N LYS A 15 13.98 9.53 -3.11
CA LYS A 15 14.91 8.98 -2.14
C LYS A 15 14.25 8.87 -0.77
N VAL A 16 13.76 9.98 -0.26
CA VAL A 16 13.16 10.02 1.07
C VAL A 16 11.95 9.06 1.21
N VAL A 17 11.30 8.73 0.11
CA VAL A 17 10.24 7.72 0.15
C VAL A 17 10.88 6.37 0.46
N GLU A 18 11.92 6.05 -0.30
CA GLU A 18 12.63 4.79 -0.20
C GLU A 18 13.28 4.65 1.21
N GLU A 19 13.64 5.80 1.80
CA GLU A 19 14.20 5.85 3.17
C GLU A 19 13.26 5.14 4.17
N LYS A 20 11.97 5.54 4.18
CA LYS A 20 11.01 4.88 5.09
C LYS A 20 10.56 3.54 4.56
N ALA A 21 10.50 3.40 3.23
CA ALA A 21 10.10 2.15 2.60
C ALA A 21 11.00 1.01 3.07
N SER A 22 12.29 1.31 3.12
CA SER A 22 13.29 0.37 3.59
C SER A 22 13.00 -0.06 5.06
N VAL A 23 12.59 0.91 5.88
CA VAL A 23 12.30 0.65 7.30
C VAL A 23 11.06 -0.23 7.41
N ILE A 24 10.00 0.16 6.72
CA ILE A 24 8.74 -0.59 6.74
C ILE A 24 8.97 -2.01 6.22
N SER A 25 9.73 -2.13 5.14
CA SER A 25 10.02 -3.41 4.56
C SER A 25 10.85 -4.29 5.50
N SER A 26 11.71 -3.66 6.30
CA SER A 26 12.52 -4.38 7.25
C SER A 26 11.63 -4.89 8.39
N LEU A 27 10.61 -4.10 8.75
CA LEU A 27 9.65 -4.48 9.77
C LEU A 27 8.87 -5.70 9.23
N LEU A 28 8.53 -5.62 7.95
CA LEU A 28 7.83 -6.71 7.28
C LEU A 28 8.64 -8.01 7.35
N ASP A 29 9.97 -7.90 7.22
CA ASP A 29 10.84 -9.07 7.30
C ASP A 29 10.76 -9.77 8.63
N LYS A 30 10.72 -9.02 9.72
CA LYS A 30 10.65 -9.65 11.04
C LYS A 30 9.27 -10.26 11.25
N ALA A 31 8.26 -9.54 10.79
CA ALA A 31 6.86 -9.94 10.96
C ALA A 31 6.50 -11.15 10.12
N LYS A 32 7.12 -11.27 8.97
CA LYS A 32 6.87 -12.38 8.04
C LYS A 32 7.25 -13.73 8.68
N GLY A 33 8.38 -13.75 9.38
CA GLY A 33 8.80 -14.95 10.09
C GLY A 33 8.05 -15.09 11.39
N PHE A 34 7.74 -13.95 11.98
CA PHE A 34 6.98 -13.85 13.23
C PHE A 34 5.63 -14.56 13.00
N PHE A 35 5.01 -14.24 11.86
CA PHE A 35 3.78 -14.86 11.38
C PHE A 35 3.90 -16.38 11.33
N ALA A 36 4.95 -16.86 10.66
CA ALA A 36 5.16 -18.30 10.44
C ALA A 36 5.15 -19.11 11.73
N GLU A 37 5.62 -18.51 12.78
CA GLU A 37 5.66 -19.17 14.05
C GLU A 37 4.49 -18.75 14.95
N LYS A 38 4.46 -17.50 15.30
CA LYS A 38 3.57 -17.02 16.32
C LYS A 38 2.17 -16.79 15.83
N LEU A 39 2.03 -16.60 14.57
CA LEU A 39 0.71 -16.39 13.99
C LEU A 39 0.19 -17.69 13.41
N ALA A 40 0.92 -18.75 13.64
CA ALA A 40 0.49 -20.07 13.23
C ALA A 40 -0.21 -20.75 14.39
N ASN A 41 0.29 -20.49 15.60
CA ASN A 41 -0.33 -21.06 16.80
C ASN A 41 -1.39 -20.11 17.35
N ILE A 42 -1.32 -18.89 16.93
CA ILE A 42 -2.28 -17.88 17.30
C ILE A 42 -3.02 -17.46 16.02
N PRO A 43 -4.31 -17.78 15.93
CA PRO A 43 -5.08 -17.49 14.73
C PRO A 43 -5.39 -16.01 14.56
N THR A 44 -4.59 -15.36 13.75
CA THR A 44 -4.77 -13.98 13.45
C THR A 44 -5.61 -13.83 12.17
N PRO A 45 -6.23 -12.66 11.96
CA PRO A 45 -6.97 -12.36 10.73
C PRO A 45 -6.06 -12.45 9.50
N GLU A 46 -6.63 -12.85 8.39
CA GLU A 46 -5.88 -13.02 7.17
C GLU A 46 -6.27 -11.96 6.16
N ALA A 47 -5.35 -11.05 5.92
CA ALA A 47 -5.60 -9.94 5.02
C ALA A 47 -5.00 -10.23 3.66
N THR A 48 -5.73 -9.90 2.64
CA THR A 48 -5.28 -10.09 1.29
C THR A 48 -5.57 -8.85 0.43
N VAL A 49 -4.55 -8.39 -0.25
CA VAL A 49 -4.63 -7.26 -1.15
C VAL A 49 -4.59 -7.85 -2.54
N ASP A 50 -5.37 -7.32 -3.46
CA ASP A 50 -5.47 -8.02 -4.74
C ASP A 50 -5.92 -7.17 -5.92
N ASP A 51 -6.75 -6.16 -5.68
CA ASP A 51 -7.34 -5.46 -6.82
C ASP A 51 -7.52 -4.00 -6.53
N VAL A 52 -7.48 -3.19 -7.57
CA VAL A 52 -7.61 -1.75 -7.48
C VAL A 52 -8.76 -1.25 -8.36
N ASP A 53 -9.35 -0.13 -7.98
CA ASP A 53 -10.43 0.50 -8.75
C ASP A 53 -10.01 1.86 -9.29
N PHE A 54 -9.98 1.98 -10.61
CA PHE A 54 -9.86 3.27 -11.27
C PHE A 54 -11.14 4.06 -10.94
N LYS A 55 -11.02 5.06 -10.10
CA LYS A 55 -12.19 5.81 -9.69
C LYS A 55 -12.26 7.19 -10.31
N GLY A 56 -11.15 7.66 -10.84
CA GLY A 56 -11.16 8.95 -11.45
C GLY A 56 -9.80 9.53 -11.57
N VAL A 57 -9.74 10.72 -12.09
CA VAL A 57 -8.52 11.43 -12.32
C VAL A 57 -8.48 12.71 -11.49
N THR A 58 -7.30 13.14 -11.14
CA THR A 58 -7.11 14.34 -10.41
C THR A 58 -5.71 14.88 -10.74
N ARG A 59 -5.33 15.95 -10.11
CA ARG A 59 -4.07 16.62 -10.42
C ARG A 59 -2.85 15.93 -9.79
N ASP A 60 -2.88 15.72 -8.49
CA ASP A 60 -1.74 15.12 -7.80
C ASP A 60 -1.91 13.62 -7.58
N GLY A 61 -1.62 12.84 -8.64
CA GLY A 61 -1.73 11.39 -8.53
C GLY A 61 -3.16 10.92 -8.57
N VAL A 62 -3.50 10.10 -9.54
CA VAL A 62 -4.86 9.63 -9.67
C VAL A 62 -5.23 8.64 -8.56
N ASP A 63 -6.50 8.54 -8.29
CA ASP A 63 -6.96 7.77 -7.18
C ASP A 63 -7.37 6.39 -7.58
N TYR A 64 -6.80 5.42 -6.92
CA TYR A 64 -7.18 4.04 -7.05
C TYR A 64 -7.61 3.52 -5.74
N HIS A 65 -8.79 3.05 -5.69
CA HIS A 65 -9.31 2.53 -4.49
C HIS A 65 -9.00 1.04 -4.49
N ALA A 66 -8.07 0.64 -3.68
CA ALA A 66 -7.66 -0.75 -3.63
C ALA A 66 -8.39 -1.56 -2.57
N LYS A 67 -8.65 -2.85 -2.89
CA LYS A 67 -9.28 -3.77 -1.97
C LYS A 67 -8.26 -4.43 -1.10
N VAL A 68 -8.55 -4.47 0.17
CA VAL A 68 -7.80 -5.26 1.09
C VAL A 68 -8.83 -6.03 1.89
N SER A 69 -8.95 -7.28 1.65
CA SER A 69 -9.95 -8.04 2.33
C SER A 69 -9.35 -8.93 3.36
N VAL A 70 -9.94 -8.94 4.50
CA VAL A 70 -9.42 -9.72 5.59
C VAL A 70 -10.50 -10.54 6.28
N LYS A 71 -10.24 -11.82 6.39
CA LYS A 71 -11.12 -12.69 7.10
C LYS A 71 -10.58 -12.85 8.50
N ASN A 72 -11.36 -12.45 9.47
CA ASN A 72 -10.91 -12.46 10.83
C ASN A 72 -11.63 -13.50 11.66
N PRO A 73 -10.92 -14.51 12.17
CA PRO A 73 -11.49 -15.45 13.08
C PRO A 73 -11.20 -15.06 14.53
N TYR A 74 -12.16 -14.40 15.12
CA TYR A 74 -12.17 -13.90 16.50
C TYR A 74 -13.56 -13.44 16.79
N SER A 75 -13.72 -12.71 17.86
CA SER A 75 -14.97 -12.08 18.19
C SER A 75 -14.67 -10.71 18.79
N GLN A 76 -13.49 -10.19 18.51
CA GLN A 76 -13.06 -8.92 19.02
C GLN A 76 -12.88 -7.93 17.88
N SER A 77 -13.26 -6.70 18.11
CA SER A 77 -13.07 -5.68 17.13
C SER A 77 -11.65 -5.13 17.23
N ILE A 78 -10.79 -5.67 16.42
CA ILE A 78 -9.39 -5.32 16.44
C ILE A 78 -9.19 -3.95 15.81
N PRO A 79 -8.59 -3.01 16.55
CA PRO A 79 -8.32 -1.69 16.02
C PRO A 79 -7.10 -1.72 15.12
N ILE A 80 -7.30 -1.29 13.91
CA ILE A 80 -6.21 -1.24 12.98
C ILE A 80 -5.53 0.10 13.15
N CYS A 81 -4.41 0.08 13.83
CA CYS A 81 -3.67 1.29 14.11
C CYS A 81 -3.31 2.01 12.82
N GLN A 82 -2.56 1.36 11.96
CA GLN A 82 -2.19 1.94 10.72
C GLN A 82 -1.98 0.91 9.65
N ILE A 83 -2.11 1.34 8.46
CA ILE A 83 -1.88 0.53 7.31
C ILE A 83 -0.58 0.98 6.71
N SER A 84 0.38 0.11 6.68
CA SER A 84 1.63 0.46 6.11
C SER A 84 1.51 0.32 4.59
N TYR A 85 1.70 1.42 3.95
CA TYR A 85 1.46 1.59 2.55
C TYR A 85 2.76 1.58 1.79
N ILE A 86 2.88 0.65 0.87
CA ILE A 86 4.03 0.54 0.03
C ILE A 86 3.58 0.32 -1.42
N LEU A 87 3.78 1.30 -2.22
CA LEU A 87 3.47 1.22 -3.62
C LEU A 87 4.77 1.29 -4.38
N LYS A 88 5.06 0.27 -5.15
CA LYS A 88 6.29 0.25 -5.90
C LYS A 88 5.92 0.12 -7.38
N SER A 89 6.56 0.89 -8.23
CA SER A 89 6.24 0.84 -9.67
C SER A 89 7.49 1.00 -10.52
N ALA A 90 7.50 0.30 -11.66
CA ALA A 90 8.60 0.35 -12.66
C ALA A 90 9.91 -0.15 -12.06
N THR A 91 9.79 -0.89 -10.93
CA THR A 91 10.93 -1.39 -10.16
C THR A 91 11.81 -0.19 -9.67
N ARG A 92 11.29 1.01 -9.77
CA ARG A 92 12.05 2.17 -9.42
C ARG A 92 11.31 3.03 -8.44
N THR A 93 10.20 3.58 -8.87
CA THR A 93 9.53 4.54 -8.07
C THR A 93 8.75 3.86 -6.94
N ILE A 94 8.35 4.65 -5.98
CA ILE A 94 7.83 4.15 -4.75
C ILE A 94 7.08 5.26 -4.04
N ALA A 95 5.98 4.90 -3.48
CA ALA A 95 5.21 5.77 -2.62
C ALA A 95 4.93 4.98 -1.36
N SER A 96 5.35 5.49 -0.24
CA SER A 96 5.19 4.76 0.99
C SER A 96 4.80 5.67 2.13
N GLY A 97 4.24 5.08 3.16
CA GLY A 97 3.85 5.79 4.31
C GLY A 97 2.99 4.92 5.16
N THR A 98 2.40 5.47 6.15
CA THR A 98 1.52 4.75 7.02
C THR A 98 0.21 5.50 7.10
N ILE A 99 -0.89 4.86 6.75
CA ILE A 99 -2.18 5.52 6.85
C ILE A 99 -2.93 5.00 8.09
N PRO A 100 -3.04 5.83 9.11
CA PRO A 100 -3.68 5.46 10.35
C PRO A 100 -5.21 5.58 10.32
N ASP A 101 -5.84 4.67 11.06
CA ASP A 101 -7.31 4.60 11.21
C ASP A 101 -8.10 4.76 9.91
N PRO A 102 -8.01 3.80 8.97
CA PRO A 102 -8.78 3.83 7.74
C PRO A 102 -10.00 2.88 7.81
N GLY A 103 -10.16 2.24 8.93
CA GLY A 103 -11.22 1.31 9.14
C GLY A 103 -10.77 0.23 10.10
N SER A 104 -11.61 -0.72 10.38
CA SER A 104 -11.28 -1.80 11.28
C SER A 104 -12.03 -3.06 10.91
N LEU A 105 -11.75 -4.12 11.61
CA LEU A 105 -12.32 -5.40 11.30
C LEU A 105 -13.41 -5.81 12.26
N VAL A 106 -14.51 -6.25 11.67
CA VAL A 106 -15.81 -6.56 12.33
C VAL A 106 -15.80 -7.73 13.36
N GLY A 107 -14.65 -8.11 13.87
CA GLY A 107 -14.61 -9.16 14.86
C GLY A 107 -14.58 -10.54 14.26
N SER A 108 -15.50 -10.82 13.41
CA SER A 108 -15.62 -12.12 12.81
C SER A 108 -16.18 -11.99 11.40
N GLY A 109 -15.39 -12.38 10.44
CA GLY A 109 -15.86 -12.41 9.08
C GLY A 109 -14.87 -11.81 8.13
N THR A 110 -15.19 -11.82 6.86
CA THR A 110 -14.35 -11.25 5.86
C THR A 110 -14.85 -9.84 5.54
N THR A 111 -14.06 -8.88 5.88
CA THR A 111 -14.38 -7.51 5.65
C THR A 111 -13.44 -6.94 4.62
N VAL A 112 -13.97 -6.17 3.71
CA VAL A 112 -13.16 -5.59 2.70
C VAL A 112 -12.79 -4.19 3.11
N LEU A 113 -11.56 -4.03 3.47
CA LEU A 113 -11.02 -2.79 3.86
C LEU A 113 -10.56 -2.10 2.60
N ASP A 114 -10.27 -0.85 2.67
CA ASP A 114 -9.89 -0.13 1.49
C ASP A 114 -8.79 0.83 1.76
N VAL A 115 -7.95 0.99 0.79
CA VAL A 115 -6.87 1.95 0.87
C VAL A 115 -7.02 2.92 -0.27
N PRO A 116 -7.01 4.22 0.00
CA PRO A 116 -6.92 5.17 -1.05
C PRO A 116 -5.47 5.15 -1.55
N VAL A 117 -5.28 4.64 -2.72
CA VAL A 117 -3.96 4.50 -3.23
C VAL A 117 -3.68 5.57 -4.26
N LYS A 118 -2.60 6.27 -4.07
CA LYS A 118 -2.25 7.35 -4.93
C LYS A 118 -1.41 6.75 -6.06
N VAL A 119 -2.05 6.36 -7.12
CA VAL A 119 -1.39 5.63 -8.18
C VAL A 119 -0.93 6.57 -9.25
N ALA A 120 0.19 6.22 -9.88
CA ALA A 120 0.83 6.99 -10.96
C ALA A 120 1.47 8.25 -10.41
N TYR A 121 1.27 8.47 -9.13
CA TYR A 121 1.83 9.59 -8.43
C TYR A 121 3.32 9.47 -8.42
N SER A 122 3.78 8.34 -7.96
CA SER A 122 5.18 8.11 -7.83
C SER A 122 5.85 8.12 -9.20
N ILE A 123 5.13 7.60 -10.17
CA ILE A 123 5.57 7.50 -11.53
C ILE A 123 5.76 8.88 -12.12
N ALA A 124 4.74 9.74 -11.95
CA ALA A 124 4.78 11.11 -12.47
C ALA A 124 5.85 11.93 -11.76
N VAL A 125 6.01 11.66 -10.47
CA VAL A 125 7.05 12.28 -9.69
C VAL A 125 8.43 11.93 -10.22
N SER A 126 8.67 10.65 -10.41
CA SER A 126 9.93 10.17 -10.91
C SER A 126 10.19 10.58 -12.37
N LEU A 127 9.50 9.94 -13.27
CA LEU A 127 9.78 10.12 -14.68
C LEU A 127 8.58 10.55 -15.52
N MET A 128 7.38 10.10 -15.13
CA MET A 128 6.12 10.23 -15.90
C MET A 128 6.31 9.45 -17.19
N LYS A 129 5.58 8.35 -17.30
CA LYS A 129 5.79 7.40 -18.40
C LYS A 129 5.39 7.95 -19.78
N ASP A 130 4.91 9.20 -19.80
CA ASP A 130 4.59 9.98 -21.04
C ASP A 130 3.20 9.67 -21.52
N MET A 131 2.78 8.47 -21.17
CA MET A 131 1.43 7.95 -21.40
C MET A 131 1.13 7.64 -22.88
N CYS A 132 0.28 6.64 -23.10
CA CYS A 132 -0.12 6.23 -24.44
C CYS A 132 -1.51 5.59 -24.36
N THR A 133 -2.22 5.50 -25.47
CA THR A 133 -3.47 4.83 -25.51
C THR A 133 -3.24 3.33 -25.56
N ASP A 134 -3.84 2.59 -24.62
CA ASP A 134 -3.65 1.13 -24.48
C ASP A 134 -2.25 0.90 -24.01
N TRP A 135 -2.13 0.90 -22.74
CA TRP A 135 -0.88 0.99 -22.10
C TRP A 135 -0.98 0.43 -20.69
N ASP A 136 0.10 -0.13 -20.19
CA ASP A 136 0.09 -0.71 -18.85
C ASP A 136 1.39 -0.41 -18.15
N ILE A 137 1.31 -0.29 -16.84
CA ILE A 137 2.45 -0.01 -16.02
C ILE A 137 2.67 -1.17 -15.05
N ASP A 138 3.92 -1.51 -14.80
CA ASP A 138 4.23 -2.52 -13.81
C ASP A 138 4.20 -1.90 -12.42
N TYR A 139 3.14 -2.16 -11.71
CA TYR A 139 2.90 -1.62 -10.39
C TYR A 139 2.50 -2.75 -9.45
N GLN A 140 2.92 -2.64 -8.22
CA GLN A 140 2.58 -3.61 -7.22
C GLN A 140 2.10 -2.87 -6.00
N LEU A 141 1.36 -3.55 -5.20
CA LEU A 141 0.86 -2.98 -3.99
C LEU A 141 1.26 -3.86 -2.84
N ASP A 142 1.92 -3.28 -1.91
CA ASP A 142 2.40 -3.96 -0.73
C ASP A 142 1.83 -3.29 0.47
N ILE A 143 1.11 -4.02 1.25
CA ILE A 143 0.51 -3.48 2.42
C ILE A 143 0.97 -4.20 3.66
N GLY A 144 1.44 -3.45 4.61
CA GLY A 144 1.79 -3.99 5.88
C GLY A 144 0.62 -3.81 6.80
N LEU A 145 -0.26 -4.78 6.82
CA LEU A 145 -1.47 -4.68 7.59
C LEU A 145 -1.11 -4.81 9.06
N THR A 146 -1.23 -3.75 9.79
CA THR A 146 -0.83 -3.74 11.17
C THR A 146 -2.03 -4.01 12.08
N PHE A 147 -2.04 -5.18 12.66
CA PHE A 147 -3.07 -5.53 13.61
C PHE A 147 -2.53 -5.41 14.99
N ASP A 148 -3.25 -4.75 15.86
CA ASP A 148 -2.86 -4.67 17.24
C ASP A 148 -3.69 -5.64 18.02
N ILE A 149 -3.07 -6.68 18.47
CA ILE A 149 -3.76 -7.69 19.22
C ILE A 149 -2.98 -7.91 20.50
N PRO A 150 -3.55 -7.58 21.68
CA PRO A 150 -2.84 -7.67 22.97
C PRO A 150 -2.23 -9.06 23.24
N VAL A 151 -2.81 -10.09 22.62
CA VAL A 151 -2.33 -11.45 22.75
C VAL A 151 -0.90 -11.61 22.20
N VAL A 152 -0.60 -10.91 21.13
CA VAL A 152 0.69 -11.08 20.47
C VAL A 152 1.47 -9.74 20.32
N GLY A 153 0.75 -8.68 20.16
CA GLY A 153 1.35 -7.39 19.99
C GLY A 153 0.93 -6.80 18.68
N ASP A 154 1.77 -5.98 18.11
CA ASP A 154 1.50 -5.41 16.82
C ASP A 154 2.31 -6.17 15.79
N ILE A 155 1.65 -6.67 14.80
CA ILE A 155 2.34 -7.39 13.76
C ILE A 155 1.84 -6.87 12.40
N THR A 156 2.76 -6.48 11.54
CA THR A 156 2.40 -6.03 10.23
C THR A 156 2.43 -7.21 9.26
N ILE A 157 1.29 -7.66 8.82
CA ILE A 157 1.25 -8.74 7.88
C ILE A 157 1.60 -8.20 6.50
N PRO A 158 2.74 -8.63 5.93
CA PRO A 158 3.19 -8.15 4.64
C PRO A 158 2.42 -8.80 3.52
N VAL A 159 1.47 -8.09 2.98
CA VAL A 159 0.70 -8.58 1.89
C VAL A 159 1.24 -7.93 0.63
N SER A 160 1.82 -8.72 -0.22
CA SER A 160 2.44 -8.22 -1.42
C SER A 160 1.66 -8.63 -2.65
N THR A 161 1.61 -7.79 -3.67
CA THR A 161 0.93 -8.17 -4.86
C THR A 161 1.45 -7.39 -6.03
N GLN A 162 2.09 -8.07 -6.92
CA GLN A 162 2.62 -7.46 -8.09
C GLN A 162 1.67 -7.66 -9.23
N GLY A 163 1.19 -6.58 -9.76
CA GLY A 163 0.19 -6.68 -10.76
C GLY A 163 0.45 -5.79 -11.92
N GLU A 164 -0.55 -5.06 -12.29
CA GLU A 164 -0.53 -4.29 -13.47
C GLU A 164 -1.55 -3.18 -13.38
N ILE A 165 -1.15 -2.01 -13.73
CA ILE A 165 -2.06 -0.93 -13.85
C ILE A 165 -2.21 -0.69 -15.32
N LYS A 166 -3.33 -1.02 -15.83
CA LYS A 166 -3.58 -0.95 -17.23
C LYS A 166 -4.55 0.12 -17.56
N LEU A 167 -4.15 0.92 -18.48
CA LEU A 167 -4.84 2.10 -18.84
C LEU A 167 -5.29 2.03 -20.31
N PRO A 168 -6.51 1.52 -20.55
CA PRO A 168 -7.08 1.34 -21.88
C PRO A 168 -7.45 2.65 -22.56
N SER A 169 -6.58 3.08 -23.43
CA SER A 169 -6.67 4.30 -24.25
C SER A 169 -6.69 5.63 -23.45
N LEU A 170 -6.43 5.58 -22.17
CA LEU A 170 -6.43 6.81 -21.38
C LEU A 170 -5.23 7.68 -21.70
N ARG A 171 -5.46 8.98 -21.79
CA ARG A 171 -4.40 9.98 -21.83
C ARG A 171 -4.87 11.18 -21.04
N ASP A 172 -3.96 11.80 -20.28
CA ASP A 172 -4.27 12.95 -19.35
C ASP A 172 -4.98 12.43 -18.07
N PHE A 173 -5.09 11.13 -17.98
CA PHE A 173 -5.64 10.46 -16.80
C PHE A 173 -4.50 9.86 -16.01
N PHE A 174 -3.31 10.14 -16.49
CA PHE A 174 -2.06 9.70 -15.92
C PHE A 174 -1.88 8.22 -15.93
N GLY A 1 -1.20 35.08 -18.85
CA GLY A 1 -0.98 33.70 -19.25
C GLY A 1 -1.22 32.77 -18.09
N HIS A 2 -1.86 31.68 -18.35
CA HIS A 2 -2.15 30.70 -17.34
C HIS A 2 -0.99 29.73 -17.24
N HIS A 3 -0.43 29.60 -16.07
CA HIS A 3 0.69 28.71 -15.86
C HIS A 3 0.23 27.43 -15.23
N HIS A 4 0.68 26.33 -15.76
CA HIS A 4 0.41 25.04 -15.20
C HIS A 4 1.64 24.17 -15.29
N HIS A 5 2.43 24.21 -14.27
CA HIS A 5 3.64 23.43 -14.19
C HIS A 5 3.72 22.77 -12.81
N HIS A 6 3.95 23.59 -11.79
CA HIS A 6 4.07 23.13 -10.38
C HIS A 6 5.27 22.18 -10.20
N HIS A 7 5.58 21.87 -8.95
CA HIS A 7 6.62 20.87 -8.60
C HIS A 7 6.74 20.72 -7.12
N LEU A 8 6.58 21.84 -6.40
CA LEU A 8 6.77 21.89 -4.94
C LEU A 8 7.96 21.12 -4.51
N GLU A 9 9.03 21.70 -4.84
CA GLU A 9 10.38 21.19 -4.67
C GLU A 9 10.67 20.05 -5.65
N ALA A 10 10.05 18.87 -5.44
CA ALA A 10 10.23 17.68 -6.31
C ALA A 10 11.65 17.16 -6.19
N SER A 11 12.19 17.26 -5.00
CA SER A 11 13.51 16.78 -4.72
C SER A 11 13.55 16.23 -3.29
N ALA A 12 13.14 17.07 -2.32
CA ALA A 12 13.05 16.65 -0.91
C ALA A 12 12.13 15.45 -0.79
N ASP A 13 11.08 15.45 -1.58
CA ASP A 13 10.06 14.40 -1.63
C ASP A 13 10.71 13.06 -1.90
N GLU A 14 11.62 13.03 -2.86
CA GLU A 14 12.33 11.81 -3.25
C GLU A 14 13.15 11.27 -2.07
N LYS A 15 13.82 12.16 -1.41
CA LYS A 15 14.64 11.86 -0.26
C LYS A 15 13.79 11.32 0.89
N VAL A 16 12.75 12.04 1.18
CA VAL A 16 11.84 11.75 2.27
C VAL A 16 11.05 10.47 2.07
N VAL A 17 10.53 10.26 0.88
CA VAL A 17 9.79 9.05 0.60
C VAL A 17 10.74 7.85 0.70
N GLU A 18 12.02 8.11 0.47
CA GLU A 18 13.02 7.06 0.48
C GLU A 18 13.35 6.62 1.91
N GLU A 19 13.53 7.59 2.81
CA GLU A 19 13.83 7.26 4.21
C GLU A 19 12.67 6.50 4.84
N LYS A 20 11.45 6.93 4.53
CA LYS A 20 10.26 6.30 5.06
C LYS A 20 10.13 4.89 4.54
N ALA A 21 10.43 4.72 3.25
CA ALA A 21 10.39 3.41 2.62
C ALA A 21 11.39 2.49 3.28
N SER A 22 12.57 3.01 3.57
CA SER A 22 13.61 2.24 4.21
C SER A 22 13.17 1.77 5.60
N VAL A 23 12.51 2.66 6.36
CA VAL A 23 12.00 2.30 7.69
C VAL A 23 11.01 1.16 7.58
N ILE A 24 10.05 1.32 6.67
CA ILE A 24 9.02 0.32 6.48
C ILE A 24 9.60 -0.98 5.91
N SER A 25 10.54 -0.86 4.98
CA SER A 25 11.19 -2.02 4.39
C SER A 25 11.92 -2.83 5.46
N SER A 26 12.59 -2.12 6.38
CA SER A 26 13.31 -2.75 7.46
C SER A 26 12.31 -3.37 8.46
N LEU A 27 11.16 -2.74 8.61
CA LEU A 27 10.10 -3.25 9.45
C LEU A 27 9.52 -4.51 8.81
N LEU A 28 9.23 -4.44 7.52
CA LEU A 28 8.69 -5.59 6.78
C LEU A 28 9.68 -6.74 6.82
N ASP A 29 10.96 -6.39 6.86
CA ASP A 29 12.05 -7.35 6.99
C ASP A 29 11.89 -8.18 8.25
N LYS A 30 11.59 -7.51 9.38
CA LYS A 30 11.41 -8.23 10.65
C LYS A 30 10.08 -8.94 10.64
N ALA A 31 9.11 -8.32 9.99
CA ALA A 31 7.76 -8.82 9.91
C ALA A 31 7.69 -10.15 9.21
N LYS A 32 8.48 -10.32 8.16
CA LYS A 32 8.49 -11.56 7.40
C LYS A 32 8.92 -12.75 8.26
N GLY A 33 9.80 -12.50 9.20
CA GLY A 33 10.24 -13.55 10.09
C GLY A 33 9.29 -13.71 11.25
N PHE A 34 8.99 -12.60 11.90
CA PHE A 34 8.12 -12.56 13.07
C PHE A 34 6.69 -13.03 12.74
N PHE A 35 6.22 -12.78 11.54
CA PHE A 35 4.91 -13.29 11.13
C PHE A 35 4.97 -14.79 10.88
N ALA A 36 6.09 -15.26 10.39
CA ALA A 36 6.27 -16.66 10.08
C ALA A 36 6.48 -17.49 11.33
N GLU A 37 7.01 -16.88 12.37
CA GLU A 37 7.26 -17.61 13.60
C GLU A 37 6.18 -17.39 14.64
N LYS A 38 5.83 -16.14 14.89
CA LYS A 38 4.96 -15.80 15.99
C LYS A 38 3.55 -16.13 15.63
N LEU A 39 3.19 -15.73 14.46
CA LEU A 39 1.82 -15.88 14.00
C LEU A 39 1.59 -17.19 13.30
N ALA A 40 2.50 -18.10 13.52
CA ALA A 40 2.35 -19.45 13.06
C ALA A 40 1.78 -20.26 14.20
N ASN A 41 1.95 -19.73 15.40
CA ASN A 41 1.45 -20.33 16.61
C ASN A 41 0.13 -19.70 16.98
N ILE A 42 0.04 -18.42 16.70
CA ILE A 42 -1.12 -17.62 17.01
C ILE A 42 -1.94 -17.37 15.75
N PRO A 43 -3.20 -17.83 15.72
CA PRO A 43 -4.10 -17.61 14.59
C PRO A 43 -4.49 -16.14 14.49
N THR A 44 -4.02 -15.49 13.45
CA THR A 44 -4.31 -14.10 13.22
C THR A 44 -5.11 -13.91 11.92
N PRO A 45 -5.61 -12.68 11.65
CA PRO A 45 -6.41 -12.41 10.47
C PRO A 45 -5.58 -12.39 9.19
N GLU A 46 -6.18 -12.84 8.13
CA GLU A 46 -5.52 -12.87 6.85
C GLU A 46 -5.91 -11.67 6.04
N ALA A 47 -4.95 -10.88 5.69
CA ALA A 47 -5.15 -9.73 4.88
C ALA A 47 -4.63 -10.02 3.49
N THR A 48 -5.32 -9.56 2.49
CA THR A 48 -4.89 -9.74 1.14
C THR A 48 -5.07 -8.44 0.38
N VAL A 49 -4.16 -8.16 -0.52
CA VAL A 49 -4.29 -7.01 -1.37
C VAL A 49 -4.84 -7.53 -2.67
N ASP A 50 -5.84 -6.89 -3.20
CA ASP A 50 -6.56 -7.47 -4.32
C ASP A 50 -6.38 -6.71 -5.62
N ASP A 51 -6.79 -5.47 -5.62
CA ASP A 51 -6.82 -4.69 -6.86
C ASP A 51 -6.94 -3.24 -6.52
N VAL A 52 -6.60 -2.39 -7.45
CA VAL A 52 -6.75 -0.99 -7.29
C VAL A 52 -7.36 -0.41 -8.58
N ASP A 53 -8.58 0.07 -8.47
CA ASP A 53 -9.32 0.54 -9.64
C ASP A 53 -9.40 2.05 -9.64
N PHE A 54 -9.65 2.61 -10.80
CA PHE A 54 -9.72 4.06 -10.95
C PHE A 54 -10.97 4.64 -10.31
N LYS A 55 -10.77 5.61 -9.46
CA LYS A 55 -11.81 6.27 -8.78
C LYS A 55 -11.94 7.71 -9.27
N GLY A 56 -10.83 8.39 -9.42
CA GLY A 56 -10.85 9.73 -9.92
C GLY A 56 -9.46 10.25 -10.01
N VAL A 57 -9.31 11.48 -10.40
CA VAL A 57 -8.00 12.05 -10.49
C VAL A 57 -7.74 13.04 -9.38
N THR A 58 -6.50 13.11 -9.00
CA THR A 58 -6.02 14.08 -8.04
C THR A 58 -4.59 14.30 -8.43
N ARG A 59 -4.20 15.53 -8.65
CA ARG A 59 -2.89 15.75 -9.21
C ARG A 59 -1.79 15.74 -8.17
N ASP A 60 -1.31 14.55 -7.97
CA ASP A 60 -0.22 14.16 -7.08
C ASP A 60 -0.11 12.67 -7.32
N GLY A 61 -0.32 12.34 -8.58
CA GLY A 61 -0.46 11.01 -9.03
C GLY A 61 -1.85 10.90 -9.55
N VAL A 62 -2.54 9.87 -9.18
CA VAL A 62 -3.92 9.74 -9.48
C VAL A 62 -4.59 8.89 -8.39
N ASP A 63 -5.76 9.30 -7.96
CA ASP A 63 -6.40 8.71 -6.78
C ASP A 63 -7.22 7.47 -7.14
N TYR A 64 -6.70 6.32 -6.80
CA TYR A 64 -7.34 5.07 -7.06
C TYR A 64 -7.85 4.43 -5.82
N HIS A 65 -8.76 3.52 -6.01
CA HIS A 65 -9.33 2.81 -4.93
C HIS A 65 -8.70 1.42 -4.87
N ALA A 66 -7.87 1.23 -3.90
CA ALA A 66 -7.28 -0.06 -3.64
C ALA A 66 -8.14 -0.84 -2.69
N LYS A 67 -8.51 -2.00 -3.11
CA LYS A 67 -9.34 -2.87 -2.32
C LYS A 67 -8.49 -3.92 -1.65
N VAL A 68 -8.60 -3.99 -0.36
CA VAL A 68 -7.92 -5.01 0.39
C VAL A 68 -8.97 -5.81 1.14
N SER A 69 -8.78 -7.06 1.29
CA SER A 69 -9.76 -7.86 1.97
C SER A 69 -9.14 -8.52 3.18
N VAL A 70 -9.85 -8.50 4.27
CA VAL A 70 -9.35 -9.07 5.48
C VAL A 70 -10.39 -10.00 6.09
N LYS A 71 -9.96 -11.19 6.39
CA LYS A 71 -10.77 -12.16 7.06
C LYS A 71 -10.12 -12.38 8.42
N ASN A 72 -10.89 -12.57 9.43
CA ASN A 72 -10.29 -12.73 10.73
C ASN A 72 -11.06 -13.75 11.54
N PRO A 73 -10.37 -14.63 12.27
CA PRO A 73 -11.05 -15.48 13.21
C PRO A 73 -10.91 -14.90 14.64
N TYR A 74 -11.94 -14.16 15.03
CA TYR A 74 -12.09 -13.48 16.34
C TYR A 74 -13.47 -12.90 16.31
N SER A 75 -14.19 -12.97 17.37
CA SER A 75 -15.54 -12.42 17.37
C SER A 75 -15.53 -10.92 17.70
N GLN A 76 -14.36 -10.41 18.02
CA GLN A 76 -14.20 -9.01 18.30
C GLN A 76 -13.90 -8.22 17.02
N SER A 77 -14.43 -7.03 16.95
CA SER A 77 -14.19 -6.17 15.83
C SER A 77 -12.95 -5.30 16.10
N ILE A 78 -11.85 -5.66 15.50
CA ILE A 78 -10.60 -4.98 15.70
C ILE A 78 -10.46 -3.89 14.61
N PRO A 79 -10.13 -2.66 14.98
CA PRO A 79 -9.82 -1.62 14.01
C PRO A 79 -8.41 -1.88 13.48
N ILE A 80 -8.18 -1.63 12.22
CA ILE A 80 -6.85 -1.83 11.69
C ILE A 80 -5.98 -0.61 11.98
N CYS A 81 -5.15 -0.80 12.99
CA CYS A 81 -4.30 0.20 13.62
C CYS A 81 -3.60 1.11 12.62
N GLN A 82 -2.72 0.54 11.85
CA GLN A 82 -2.00 1.27 10.85
C GLN A 82 -1.74 0.34 9.71
N ILE A 83 -1.66 0.88 8.57
CA ILE A 83 -1.38 0.13 7.41
C ILE A 83 -0.12 0.67 6.80
N SER A 84 0.88 -0.16 6.73
CA SER A 84 2.11 0.23 6.14
C SER A 84 1.94 0.14 4.64
N TYR A 85 2.12 1.26 4.02
CA TYR A 85 1.84 1.48 2.64
C TYR A 85 3.14 1.48 1.85
N ILE A 86 3.22 0.58 0.90
CA ILE A 86 4.32 0.50 0.00
C ILE A 86 3.78 0.40 -1.42
N LEU A 87 3.94 1.44 -2.14
CA LEU A 87 3.50 1.52 -3.49
C LEU A 87 4.75 1.44 -4.33
N LYS A 88 4.79 0.54 -5.28
CA LYS A 88 5.90 0.50 -6.18
C LYS A 88 5.47 0.58 -7.62
N SER A 89 6.31 1.20 -8.41
CA SER A 89 6.10 1.34 -9.83
C SER A 89 7.46 1.43 -10.48
N ALA A 90 7.92 0.30 -11.00
CA ALA A 90 9.26 0.17 -11.57
C ALA A 90 10.31 0.37 -10.46
N THR A 91 11.55 0.42 -10.82
CA THR A 91 12.60 0.60 -9.84
C THR A 91 13.04 2.06 -9.75
N ARG A 92 12.26 2.97 -10.32
CA ARG A 92 12.65 4.36 -10.32
C ARG A 92 12.04 5.05 -9.08
N THR A 93 10.72 5.16 -9.03
CA THR A 93 10.07 5.87 -7.96
C THR A 93 8.96 5.04 -7.34
N ILE A 94 8.84 5.13 -6.04
CA ILE A 94 7.85 4.40 -5.30
C ILE A 94 7.26 5.36 -4.25
N ALA A 95 6.18 4.97 -3.61
CA ALA A 95 5.59 5.78 -2.54
C ALA A 95 5.46 4.95 -1.28
N SER A 96 5.58 5.57 -0.12
CA SER A 96 5.54 4.86 1.13
C SER A 96 4.83 5.70 2.20
N GLY A 97 4.45 5.06 3.29
CA GLY A 97 3.84 5.74 4.40
C GLY A 97 2.99 4.80 5.22
N THR A 98 2.24 5.33 6.14
CA THR A 98 1.34 4.53 6.93
C THR A 98 -0.04 5.19 6.98
N ILE A 99 -1.07 4.45 6.64
CA ILE A 99 -2.41 5.00 6.70
C ILE A 99 -3.13 4.46 7.95
N PRO A 100 -3.50 5.35 8.88
CA PRO A 100 -4.15 4.97 10.11
C PRO A 100 -5.68 4.91 10.01
N ASP A 101 -6.24 3.78 10.44
CA ASP A 101 -7.71 3.53 10.48
C ASP A 101 -8.47 3.82 9.16
N PRO A 102 -8.29 2.98 8.15
CA PRO A 102 -9.01 3.04 6.91
C PRO A 102 -10.11 1.96 6.85
N GLY A 103 -10.46 1.44 8.01
CA GLY A 103 -11.45 0.41 8.09
C GLY A 103 -11.29 -0.44 9.34
N SER A 104 -12.22 -1.31 9.58
CA SER A 104 -12.17 -2.22 10.71
C SER A 104 -12.80 -3.54 10.29
N LEU A 105 -12.35 -4.66 10.84
CA LEU A 105 -12.95 -5.93 10.49
C LEU A 105 -14.24 -6.22 11.23
N VAL A 106 -15.04 -7.08 10.66
CA VAL A 106 -16.39 -7.35 11.14
C VAL A 106 -16.44 -8.38 12.28
N GLY A 107 -15.30 -8.94 12.64
CA GLY A 107 -15.29 -9.92 13.70
C GLY A 107 -15.77 -11.27 13.22
N SER A 108 -14.90 -11.95 12.48
CA SER A 108 -15.14 -13.25 11.89
C SER A 108 -15.96 -13.14 10.62
N GLY A 109 -15.26 -13.04 9.53
CA GLY A 109 -15.88 -12.94 8.25
C GLY A 109 -14.93 -12.32 7.27
N THR A 110 -15.29 -12.30 6.03
CA THR A 110 -14.48 -11.71 5.00
C THR A 110 -15.02 -10.33 4.69
N THR A 111 -14.27 -9.32 4.98
CA THR A 111 -14.74 -7.99 4.73
C THR A 111 -13.77 -7.22 3.86
N VAL A 112 -14.30 -6.47 2.92
CA VAL A 112 -13.50 -5.65 2.07
C VAL A 112 -13.24 -4.31 2.72
N LEU A 113 -12.02 -3.91 2.66
CA LEU A 113 -11.58 -2.67 3.22
C LEU A 113 -10.90 -1.91 2.10
N ASP A 114 -10.64 -0.65 2.29
CA ASP A 114 -10.09 0.13 1.20
C ASP A 114 -9.04 1.10 1.65
N VAL A 115 -8.11 1.33 0.78
CA VAL A 115 -7.08 2.32 0.93
C VAL A 115 -7.01 3.05 -0.36
N PRO A 116 -7.17 4.34 -0.36
CA PRO A 116 -6.93 5.06 -1.55
C PRO A 116 -5.43 5.22 -1.70
N VAL A 117 -4.86 4.52 -2.67
CA VAL A 117 -3.47 4.67 -2.90
C VAL A 117 -3.33 5.63 -4.05
N LYS A 118 -2.29 6.35 -4.08
CA LYS A 118 -2.13 7.32 -5.10
C LYS A 118 -1.17 6.78 -6.13
N VAL A 119 -1.72 6.26 -7.18
CA VAL A 119 -0.97 5.53 -8.17
C VAL A 119 -0.52 6.47 -9.22
N ALA A 120 0.62 6.17 -9.82
CA ALA A 120 1.20 6.97 -10.88
C ALA A 120 1.83 8.22 -10.32
N TYR A 121 1.99 8.27 -8.99
CA TYR A 121 2.73 9.35 -8.37
C TYR A 121 4.14 9.34 -8.92
N SER A 122 4.68 8.12 -9.09
CA SER A 122 6.00 7.93 -9.65
C SER A 122 6.07 8.57 -11.06
N ILE A 123 4.95 8.49 -11.71
CA ILE A 123 4.73 8.91 -13.06
C ILE A 123 4.52 10.43 -13.20
N ALA A 124 3.65 10.99 -12.35
CA ALA A 124 3.33 12.44 -12.32
C ALA A 124 4.59 13.30 -12.21
N VAL A 125 5.59 12.72 -11.58
CA VAL A 125 6.93 13.29 -11.41
C VAL A 125 7.57 13.70 -12.78
N SER A 126 7.03 13.12 -13.90
CA SER A 126 7.50 13.26 -15.31
C SER A 126 8.21 12.00 -15.76
N LEU A 127 7.85 10.91 -15.13
CA LEU A 127 8.34 9.59 -15.46
C LEU A 127 7.30 8.89 -16.35
N MET A 128 6.21 9.64 -16.61
CA MET A 128 5.04 9.24 -17.46
C MET A 128 5.45 8.30 -18.53
N LYS A 129 5.07 7.05 -18.32
CA LYS A 129 5.39 5.99 -19.21
C LYS A 129 4.97 6.28 -20.64
N ASP A 130 3.78 6.87 -20.82
CA ASP A 130 3.31 7.23 -22.18
C ASP A 130 1.91 7.79 -22.14
N MET A 131 1.00 6.98 -21.62
CA MET A 131 -0.43 7.29 -21.62
C MET A 131 -1.02 7.33 -23.01
N CYS A 132 -1.59 6.24 -23.38
CA CYS A 132 -2.21 6.07 -24.64
C CYS A 132 -3.46 5.24 -24.42
N THR A 133 -4.33 5.24 -25.38
CA THR A 133 -5.51 4.44 -25.35
C THR A 133 -5.15 2.97 -25.59
N ASP A 134 -5.46 2.12 -24.60
CA ASP A 134 -5.11 0.69 -24.59
C ASP A 134 -3.62 0.56 -24.35
N TRP A 135 -3.28 0.52 -23.09
CA TRP A 135 -1.93 0.61 -22.63
C TRP A 135 -1.86 0.04 -21.21
N ASP A 136 -0.68 -0.37 -20.75
CA ASP A 136 -0.53 -0.91 -19.40
C ASP A 136 0.80 -0.50 -18.79
N ILE A 137 0.88 -0.62 -17.48
CA ILE A 137 2.10 -0.34 -16.73
C ILE A 137 2.25 -1.37 -15.61
N ASP A 138 3.48 -1.73 -15.28
CA ASP A 138 3.72 -2.71 -14.23
C ASP A 138 3.84 -1.97 -12.90
N TYR A 139 2.83 -2.14 -12.09
CA TYR A 139 2.74 -1.51 -10.78
C TYR A 139 2.48 -2.61 -9.73
N GLN A 140 2.84 -2.35 -8.46
CA GLN A 140 2.59 -3.33 -7.43
C GLN A 140 2.28 -2.67 -6.12
N LEU A 141 1.46 -3.33 -5.34
CA LEU A 141 1.05 -2.83 -4.06
C LEU A 141 1.44 -3.82 -2.99
N ASP A 142 2.13 -3.32 -2.01
CA ASP A 142 2.67 -4.13 -0.93
C ASP A 142 2.23 -3.48 0.36
N ILE A 143 1.67 -4.25 1.26
CA ILE A 143 1.09 -3.70 2.45
C ILE A 143 1.57 -4.42 3.73
N GLY A 144 1.72 -3.64 4.78
CA GLY A 144 2.01 -4.18 6.08
C GLY A 144 0.83 -3.88 7.00
N LEU A 145 -0.08 -4.83 7.07
CA LEU A 145 -1.33 -4.64 7.82
C LEU A 145 -1.02 -4.82 9.31
N THR A 146 -1.30 -3.82 10.11
CA THR A 146 -0.98 -3.91 11.52
C THR A 146 -2.25 -4.14 12.38
N PHE A 147 -2.21 -5.16 13.22
CA PHE A 147 -3.27 -5.43 14.19
C PHE A 147 -2.63 -5.41 15.57
N ASP A 148 -3.30 -4.85 16.56
CA ASP A 148 -2.74 -4.92 17.91
C ASP A 148 -3.70 -5.59 18.83
N ILE A 149 -3.22 -6.63 19.44
CA ILE A 149 -4.01 -7.45 20.32
C ILE A 149 -3.18 -7.88 21.53
N PRO A 150 -3.79 -7.96 22.73
CA PRO A 150 -3.09 -8.34 23.99
C PRO A 150 -2.57 -9.78 23.96
N VAL A 151 -2.91 -10.48 22.90
CA VAL A 151 -2.50 -11.84 22.67
C VAL A 151 -0.98 -11.91 22.38
N VAL A 152 -0.44 -10.81 21.88
CA VAL A 152 0.97 -10.78 21.50
C VAL A 152 1.53 -9.34 21.38
N GLY A 153 0.74 -8.45 20.84
CA GLY A 153 1.16 -7.08 20.64
C GLY A 153 0.66 -6.56 19.32
N ASP A 154 1.34 -5.57 18.79
CA ASP A 154 0.99 -5.01 17.49
C ASP A 154 1.88 -5.60 16.42
N ILE A 155 1.27 -6.26 15.46
CA ILE A 155 2.02 -6.96 14.45
C ILE A 155 1.67 -6.50 13.05
N THR A 156 2.69 -6.23 12.26
CA THR A 156 2.51 -5.91 10.88
C THR A 156 2.58 -7.19 10.01
N ILE A 157 1.48 -7.54 9.40
CA ILE A 157 1.42 -8.69 8.51
C ILE A 157 1.73 -8.23 7.09
N PRO A 158 2.81 -8.74 6.50
CA PRO A 158 3.17 -8.42 5.15
C PRO A 158 2.39 -9.20 4.16
N VAL A 159 1.82 -8.47 3.29
CA VAL A 159 1.00 -8.96 2.28
C VAL A 159 1.36 -8.24 0.97
N SER A 160 1.55 -8.99 -0.08
CA SER A 160 2.01 -8.42 -1.33
C SER A 160 1.20 -8.98 -2.49
N THR A 161 1.11 -8.23 -3.56
CA THR A 161 0.46 -8.70 -4.75
C THR A 161 1.15 -8.08 -5.96
N GLN A 162 1.39 -8.87 -6.96
CA GLN A 162 1.97 -8.37 -8.18
C GLN A 162 0.86 -8.14 -9.17
N GLY A 163 0.74 -6.94 -9.64
CA GLY A 163 -0.28 -6.66 -10.57
C GLY A 163 0.21 -5.77 -11.63
N GLU A 164 -0.68 -5.07 -12.20
CA GLU A 164 -0.40 -4.17 -13.24
C GLU A 164 -1.53 -3.22 -13.36
N ILE A 165 -1.29 -2.11 -13.94
CA ILE A 165 -2.35 -1.18 -14.12
C ILE A 165 -2.53 -0.98 -15.59
N LYS A 166 -3.60 -1.50 -16.07
CA LYS A 166 -3.95 -1.38 -17.44
C LYS A 166 -4.88 -0.24 -17.61
N LEU A 167 -4.57 0.58 -18.55
CA LEU A 167 -5.23 1.81 -18.77
C LEU A 167 -6.04 1.75 -20.06
N PRO A 168 -7.32 1.36 -19.95
CA PRO A 168 -8.17 1.21 -21.09
C PRO A 168 -8.78 2.51 -21.54
N SER A 169 -8.00 3.25 -22.32
CA SER A 169 -8.40 4.52 -22.97
C SER A 169 -8.89 5.60 -21.98
N LEU A 170 -8.43 5.53 -20.72
CA LEU A 170 -8.85 6.49 -19.71
C LEU A 170 -8.46 7.89 -20.11
N ARG A 171 -7.13 8.08 -20.24
CA ARG A 171 -6.51 9.39 -20.49
C ARG A 171 -6.76 10.35 -19.32
N ASP A 172 -5.74 11.15 -19.00
CA ASP A 172 -5.77 12.12 -17.87
C ASP A 172 -5.55 11.40 -16.52
N PHE A 173 -5.34 10.09 -16.59
CA PHE A 173 -5.02 9.28 -15.41
C PHE A 173 -3.59 8.82 -15.58
N PHE A 174 -3.11 9.17 -16.77
CA PHE A 174 -1.75 9.03 -17.25
C PHE A 174 -0.94 7.82 -16.82
N GLY A 1 -6.65 12.48 11.57
CA GLY A 1 -6.12 12.13 10.27
C GLY A 1 -5.80 13.35 9.47
N HIS A 2 -4.60 13.39 8.92
CA HIS A 2 -4.16 14.48 8.08
C HIS A 2 -3.32 13.95 6.96
N HIS A 3 -3.73 14.23 5.76
CA HIS A 3 -3.00 13.81 4.59
C HIS A 3 -2.17 14.96 4.03
N HIS A 4 -0.89 14.88 4.25
CA HIS A 4 0.03 15.91 3.82
C HIS A 4 1.42 15.32 3.80
N HIS A 5 2.38 16.04 3.29
CA HIS A 5 3.72 15.54 3.25
C HIS A 5 4.69 16.69 3.16
N HIS A 6 5.85 16.50 3.72
CA HIS A 6 6.90 17.49 3.67
C HIS A 6 7.40 17.60 2.24
N HIS A 7 7.68 18.82 1.83
CA HIS A 7 8.07 19.15 0.45
C HIS A 7 6.89 19.01 -0.48
N LEU A 8 6.22 20.13 -0.67
CA LEU A 8 5.07 20.20 -1.52
C LEU A 8 5.52 20.00 -2.96
N GLU A 9 5.34 18.78 -3.42
CA GLU A 9 5.73 18.32 -4.74
C GLU A 9 7.08 18.81 -5.21
N ALA A 10 8.11 18.31 -4.58
CA ALA A 10 9.47 18.66 -4.92
C ALA A 10 10.31 17.41 -5.05
N SER A 11 11.50 17.55 -5.64
CA SER A 11 12.37 16.41 -5.93
C SER A 11 12.79 15.60 -4.68
N ALA A 12 12.91 16.26 -3.54
CA ALA A 12 13.35 15.57 -2.33
C ALA A 12 12.28 14.69 -1.73
N ASP A 13 11.01 14.92 -2.11
CA ASP A 13 9.88 14.13 -1.59
C ASP A 13 10.05 12.65 -1.89
N GLU A 14 10.78 12.39 -2.97
CA GLU A 14 11.10 11.04 -3.37
C GLU A 14 11.83 10.30 -2.24
N LYS A 15 12.85 10.95 -1.65
CA LYS A 15 13.62 10.30 -0.58
C LYS A 15 12.84 10.27 0.68
N VAL A 16 11.84 11.11 0.76
CA VAL A 16 11.00 11.18 1.92
C VAL A 16 10.15 9.95 1.95
N VAL A 17 9.82 9.48 0.76
CA VAL A 17 9.19 8.21 0.61
C VAL A 17 10.21 7.15 0.97
N GLU A 18 11.44 7.33 0.48
CA GLU A 18 12.49 6.32 0.62
C GLU A 18 12.89 6.08 2.06
N GLU A 19 13.13 7.16 2.84
CA GLU A 19 13.37 7.00 4.27
C GLU A 19 12.22 6.21 4.95
N LYS A 20 10.99 6.63 4.68
CA LYS A 20 9.80 6.05 5.28
C LYS A 20 9.63 4.59 4.88
N ALA A 21 9.73 4.34 3.58
CA ALA A 21 9.56 3.01 3.02
C ALA A 21 10.53 2.03 3.63
N SER A 22 11.75 2.47 3.86
CA SER A 22 12.75 1.62 4.44
C SER A 22 12.39 1.24 5.88
N VAL A 23 11.90 2.22 6.64
CA VAL A 23 11.49 1.98 8.03
C VAL A 23 10.32 0.99 8.06
N ILE A 24 9.35 1.23 7.21
CA ILE A 24 8.17 0.39 7.10
C ILE A 24 8.56 -1.02 6.65
N SER A 25 9.32 -1.11 5.57
CA SER A 25 9.74 -2.38 5.00
C SER A 25 10.53 -3.22 6.01
N SER A 26 11.32 -2.56 6.85
CA SER A 26 12.10 -3.26 7.86
C SER A 26 11.16 -3.85 8.94
N LEU A 27 10.05 -3.18 9.19
CA LEU A 27 9.07 -3.65 10.16
C LEU A 27 8.32 -4.82 9.53
N LEU A 28 7.98 -4.65 8.26
CA LEU A 28 7.28 -5.67 7.49
C LEU A 28 8.14 -6.92 7.36
N ASP A 29 9.45 -6.73 7.33
CA ASP A 29 10.38 -7.84 7.22
C ASP A 29 10.38 -8.70 8.48
N LYS A 30 10.49 -8.05 9.63
CA LYS A 30 10.55 -8.77 10.90
C LYS A 30 9.24 -9.46 11.20
N ALA A 31 8.15 -8.81 10.85
CA ALA A 31 6.83 -9.33 11.11
C ALA A 31 6.47 -10.43 10.14
N LYS A 32 6.97 -10.33 8.90
CA LYS A 32 6.69 -11.33 7.86
C LYS A 32 7.07 -12.72 8.33
N GLY A 33 8.32 -12.84 8.78
CA GLY A 33 8.81 -14.11 9.25
C GLY A 33 8.03 -14.59 10.44
N PHE A 34 7.95 -13.72 11.44
CA PHE A 34 7.27 -13.98 12.70
C PHE A 34 5.82 -14.44 12.47
N PHE A 35 5.14 -13.79 11.56
CA PHE A 35 3.79 -14.15 11.20
C PHE A 35 3.75 -15.52 10.55
N ALA A 36 4.57 -15.70 9.54
CA ALA A 36 4.58 -16.94 8.77
C ALA A 36 5.00 -18.15 9.62
N GLU A 37 5.70 -17.91 10.70
CA GLU A 37 6.14 -18.99 11.56
C GLU A 37 5.19 -19.32 12.72
N LYS A 38 4.80 -18.32 13.50
CA LYS A 38 3.90 -18.63 14.63
C LYS A 38 2.49 -18.23 14.36
N LEU A 39 2.32 -17.13 13.74
CA LEU A 39 0.95 -16.60 13.53
C LEU A 39 0.24 -17.28 12.38
N ALA A 40 0.92 -18.18 11.72
CA ALA A 40 0.31 -19.01 10.71
C ALA A 40 -0.34 -20.21 11.38
N ASN A 41 -0.06 -20.33 12.68
CA ASN A 41 -0.62 -21.39 13.50
C ASN A 41 -1.62 -20.78 14.46
N ILE A 42 -1.21 -19.71 15.13
CA ILE A 42 -2.09 -18.99 16.03
C ILE A 42 -3.04 -18.13 15.20
N PRO A 43 -4.37 -18.40 15.30
CA PRO A 43 -5.40 -17.69 14.53
C PRO A 43 -5.30 -16.18 14.65
N THR A 44 -5.09 -15.55 13.53
CA THR A 44 -5.02 -14.12 13.38
C THR A 44 -5.70 -13.75 12.05
N PRO A 45 -6.04 -12.46 11.81
CA PRO A 45 -6.73 -12.05 10.59
C PRO A 45 -5.83 -12.15 9.36
N GLU A 46 -6.39 -12.69 8.30
CA GLU A 46 -5.68 -12.92 7.08
C GLU A 46 -5.96 -11.79 6.10
N ALA A 47 -4.96 -11.03 5.82
CA ALA A 47 -5.08 -9.92 4.91
C ALA A 47 -4.60 -10.31 3.55
N THR A 48 -5.43 -10.11 2.57
CA THR A 48 -5.07 -10.42 1.24
C THR A 48 -5.31 -9.21 0.32
N VAL A 49 -4.30 -8.91 -0.48
CA VAL A 49 -4.32 -7.84 -1.45
C VAL A 49 -4.98 -8.31 -2.71
N ASP A 50 -5.70 -7.46 -3.34
CA ASP A 50 -6.46 -7.89 -4.50
C ASP A 50 -6.03 -7.17 -5.75
N ASP A 51 -6.31 -5.89 -5.79
CA ASP A 51 -6.03 -5.02 -6.93
C ASP A 51 -6.31 -3.61 -6.49
N VAL A 52 -6.03 -2.63 -7.30
CA VAL A 52 -6.29 -1.27 -6.93
C VAL A 52 -7.33 -0.67 -7.89
N ASP A 53 -8.39 -0.12 -7.33
CA ASP A 53 -9.55 0.35 -8.11
C ASP A 53 -9.46 1.85 -8.41
N PHE A 54 -9.42 2.22 -9.69
CA PHE A 54 -9.43 3.64 -10.11
C PHE A 54 -10.70 4.32 -9.69
N LYS A 55 -10.56 5.41 -8.99
CA LYS A 55 -11.72 6.10 -8.48
C LYS A 55 -11.93 7.41 -9.21
N GLY A 56 -11.01 8.32 -9.03
CA GLY A 56 -11.15 9.62 -9.59
C GLY A 56 -9.84 10.17 -10.05
N VAL A 57 -9.88 11.34 -10.62
CA VAL A 57 -8.70 11.95 -11.16
C VAL A 57 -8.14 12.96 -10.17
N THR A 58 -6.85 12.95 -10.02
CA THR A 58 -6.20 13.88 -9.15
C THR A 58 -4.94 14.42 -9.82
N ARG A 59 -4.63 15.67 -9.56
CA ARG A 59 -3.50 16.39 -10.16
C ARG A 59 -2.16 15.70 -9.88
N ASP A 60 -1.96 15.27 -8.64
CA ASP A 60 -0.71 14.62 -8.19
C ASP A 60 -0.51 13.33 -8.99
N GLY A 61 -1.49 12.51 -8.87
CA GLY A 61 -1.56 11.27 -9.54
C GLY A 61 -2.97 10.83 -9.42
N VAL A 62 -3.37 9.86 -10.16
CA VAL A 62 -4.75 9.42 -10.19
C VAL A 62 -5.15 8.74 -8.83
N ASP A 63 -6.39 9.01 -8.40
CA ASP A 63 -6.88 8.58 -7.09
C ASP A 63 -7.46 7.18 -7.19
N TYR A 64 -6.79 6.25 -6.57
CA TYR A 64 -7.22 4.90 -6.52
C TYR A 64 -7.46 4.43 -5.10
N HIS A 65 -8.20 3.36 -4.97
CA HIS A 65 -8.38 2.69 -3.70
C HIS A 65 -7.81 1.31 -3.79
N ALA A 66 -6.83 1.03 -3.00
CA ALA A 66 -6.25 -0.28 -2.96
C ALA A 66 -7.17 -1.16 -2.18
N LYS A 67 -7.60 -2.22 -2.81
CA LYS A 67 -8.54 -3.09 -2.23
C LYS A 67 -7.85 -4.14 -1.40
N VAL A 68 -7.98 -4.00 -0.13
CA VAL A 68 -7.38 -4.90 0.82
C VAL A 68 -8.50 -5.65 1.50
N SER A 69 -8.63 -6.88 1.21
CA SER A 69 -9.64 -7.66 1.82
C SER A 69 -9.09 -8.50 2.93
N VAL A 70 -9.58 -8.26 4.11
CA VAL A 70 -9.12 -8.96 5.28
C VAL A 70 -10.14 -9.99 5.75
N LYS A 71 -9.72 -11.22 5.76
CA LYS A 71 -10.53 -12.32 6.21
C LYS A 71 -10.14 -12.61 7.64
N ASN A 72 -11.00 -12.32 8.56
CA ASN A 72 -10.68 -12.46 9.96
C ASN A 72 -11.45 -13.57 10.66
N PRO A 73 -10.77 -14.60 11.21
CA PRO A 73 -11.41 -15.60 12.00
C PRO A 73 -11.36 -15.27 13.52
N TYR A 74 -12.45 -14.69 14.00
CA TYR A 74 -12.70 -14.29 15.40
C TYR A 74 -14.17 -13.92 15.49
N SER A 75 -14.54 -13.17 16.49
CA SER A 75 -15.86 -12.62 16.60
C SER A 75 -15.79 -11.22 17.20
N GLN A 76 -14.61 -10.64 17.13
CA GLN A 76 -14.38 -9.33 17.65
C GLN A 76 -14.07 -8.37 16.52
N SER A 77 -14.53 -7.16 16.65
CA SER A 77 -14.30 -6.16 15.64
C SER A 77 -12.96 -5.48 15.86
N ILE A 78 -11.92 -6.10 15.32
CA ILE A 78 -10.56 -5.60 15.47
C ILE A 78 -10.35 -4.35 14.63
N PRO A 79 -10.01 -3.24 15.26
CA PRO A 79 -9.71 -2.02 14.56
C PRO A 79 -8.22 -1.96 14.22
N ILE A 80 -7.90 -1.79 12.96
CA ILE A 80 -6.52 -1.67 12.58
C ILE A 80 -6.03 -0.29 12.92
N CYS A 81 -4.91 -0.22 13.59
CA CYS A 81 -4.37 1.03 14.03
C CYS A 81 -3.82 1.81 12.85
N GLN A 82 -3.17 1.10 11.95
CA GLN A 82 -2.61 1.69 10.78
C GLN A 82 -2.52 0.66 9.70
N ILE A 83 -2.51 1.11 8.50
CA ILE A 83 -2.29 0.25 7.37
C ILE A 83 -1.10 0.81 6.60
N SER A 84 -0.08 0.03 6.48
CA SER A 84 1.14 0.48 5.89
C SER A 84 1.21 0.02 4.43
N TYR A 85 1.48 0.91 3.51
CA TYR A 85 1.54 0.51 2.12
C TYR A 85 2.85 0.95 1.48
N ILE A 86 3.38 0.10 0.66
CA ILE A 86 4.51 0.41 -0.15
C ILE A 86 4.08 0.26 -1.61
N LEU A 87 3.95 1.35 -2.27
CA LEU A 87 3.52 1.41 -3.65
C LEU A 87 4.76 1.63 -4.46
N LYS A 88 5.06 0.79 -5.36
CA LYS A 88 6.20 1.04 -6.18
C LYS A 88 5.75 1.05 -7.62
N SER A 89 6.46 1.75 -8.48
CA SER A 89 6.08 1.79 -9.88
C SER A 89 7.31 1.74 -10.77
N ALA A 90 7.31 0.79 -11.72
CA ALA A 90 8.41 0.57 -12.68
C ALA A 90 9.73 0.27 -11.95
N THR A 91 9.60 -0.04 -10.66
CA THR A 91 10.72 -0.34 -9.78
C THR A 91 11.62 0.92 -9.51
N ARG A 92 11.31 2.06 -10.13
CA ARG A 92 12.06 3.30 -9.86
C ARG A 92 11.47 4.05 -8.67
N THR A 93 10.39 4.79 -8.92
CA THR A 93 9.77 5.62 -7.91
C THR A 93 8.78 4.78 -7.06
N ILE A 94 8.36 5.31 -5.93
CA ILE A 94 7.66 4.57 -4.96
C ILE A 94 6.91 5.59 -4.08
N ALA A 95 5.78 5.19 -3.57
CA ALA A 95 5.00 5.98 -2.65
C ALA A 95 4.68 5.14 -1.44
N SER A 96 4.96 5.61 -0.28
CA SER A 96 4.73 4.82 0.89
C SER A 96 4.14 5.68 1.96
N GLY A 97 3.37 5.07 2.81
CA GLY A 97 2.75 5.76 3.86
C GLY A 97 1.95 4.82 4.69
N THR A 98 1.42 5.32 5.75
CA THR A 98 0.59 4.55 6.62
C THR A 98 -0.68 5.32 6.85
N ILE A 99 -1.81 4.66 6.81
CA ILE A 99 -3.03 5.36 7.17
C ILE A 99 -3.42 4.98 8.59
N PRO A 100 -3.25 5.90 9.54
CA PRO A 100 -3.69 5.69 10.91
C PRO A 100 -5.21 5.79 11.00
N ASP A 101 -5.82 4.79 11.60
CA ASP A 101 -7.29 4.64 11.71
C ASP A 101 -7.95 4.66 10.32
N PRO A 102 -7.73 3.61 9.53
CA PRO A 102 -8.23 3.51 8.16
C PRO A 102 -9.45 2.59 8.01
N GLY A 103 -9.90 2.00 9.07
CA GLY A 103 -11.01 1.10 9.01
C GLY A 103 -10.94 0.08 10.12
N SER A 104 -11.89 -0.79 10.17
CA SER A 104 -11.94 -1.80 11.19
C SER A 104 -12.63 -3.06 10.67
N LEU A 105 -12.33 -4.17 11.29
CA LEU A 105 -12.87 -5.46 10.91
C LEU A 105 -14.27 -5.65 11.45
N VAL A 106 -15.08 -6.30 10.65
CA VAL A 106 -16.49 -6.57 10.94
C VAL A 106 -16.69 -7.57 12.09
N GLY A 107 -15.65 -8.29 12.44
CA GLY A 107 -15.74 -9.29 13.47
C GLY A 107 -15.19 -10.59 12.98
N SER A 108 -15.76 -11.07 11.91
CA SER A 108 -15.30 -12.25 11.26
C SER A 108 -15.76 -12.21 9.83
N GLY A 109 -14.89 -12.62 8.96
CA GLY A 109 -15.22 -12.69 7.57
C GLY A 109 -14.30 -11.82 6.78
N THR A 110 -14.51 -11.75 5.49
CA THR A 110 -13.71 -10.92 4.65
C THR A 110 -14.30 -9.52 4.55
N THR A 111 -13.56 -8.56 5.01
CA THR A 111 -13.95 -7.20 4.95
C THR A 111 -13.01 -6.45 4.03
N VAL A 112 -13.56 -5.66 3.16
CA VAL A 112 -12.78 -4.96 2.21
C VAL A 112 -12.46 -3.58 2.76
N LEU A 113 -11.20 -3.31 2.85
CA LEU A 113 -10.71 -2.09 3.36
C LEU A 113 -10.17 -1.24 2.22
N ASP A 114 -10.29 0.07 2.35
CA ASP A 114 -9.88 0.99 1.28
C ASP A 114 -8.67 1.78 1.66
N VAL A 115 -7.64 1.68 0.86
CA VAL A 115 -6.50 2.56 0.99
C VAL A 115 -6.63 3.62 -0.06
N PRO A 116 -6.79 4.88 0.31
CA PRO A 116 -6.68 5.93 -0.66
C PRO A 116 -5.22 6.01 -1.03
N VAL A 117 -4.90 5.60 -2.21
CA VAL A 117 -3.54 5.55 -2.60
C VAL A 117 -3.37 6.31 -3.91
N LYS A 118 -2.32 7.05 -4.02
CA LYS A 118 -2.08 7.84 -5.21
C LYS A 118 -1.20 7.03 -6.14
N VAL A 119 -1.81 6.33 -7.07
CA VAL A 119 -1.05 5.45 -7.95
C VAL A 119 -0.71 6.17 -9.20
N ALA A 120 0.44 5.81 -9.76
CA ALA A 120 0.96 6.43 -10.97
C ALA A 120 1.49 7.83 -10.67
N TYR A 121 1.31 8.25 -9.42
CA TYR A 121 1.88 9.46 -8.86
C TYR A 121 3.36 9.35 -8.98
N SER A 122 3.83 8.16 -8.69
CA SER A 122 5.20 7.81 -8.75
C SER A 122 5.74 7.94 -10.18
N ILE A 123 4.88 7.69 -11.14
CA ILE A 123 5.22 7.75 -12.55
C ILE A 123 5.21 9.18 -13.07
N ALA A 124 4.13 9.89 -12.78
CA ALA A 124 3.94 11.27 -13.25
C ALA A 124 4.97 12.20 -12.64
N VAL A 125 5.21 12.03 -11.36
CA VAL A 125 6.18 12.80 -10.62
C VAL A 125 7.61 12.50 -11.09
N SER A 126 7.82 11.30 -11.57
CA SER A 126 9.11 10.88 -12.03
C SER A 126 9.35 11.26 -13.50
N LEU A 127 8.67 10.57 -14.38
CA LEU A 127 8.93 10.72 -15.80
C LEU A 127 7.68 11.07 -16.63
N MET A 128 6.52 10.53 -16.24
CA MET A 128 5.23 10.65 -16.98
C MET A 128 5.33 10.10 -18.39
N LYS A 129 4.59 9.04 -18.62
CA LYS A 129 4.54 8.41 -19.90
C LYS A 129 3.91 9.34 -20.93
N ASP A 130 2.60 9.46 -20.83
CA ASP A 130 1.71 10.22 -21.74
C ASP A 130 0.35 9.65 -21.52
N MET A 131 0.38 8.35 -21.24
CA MET A 131 -0.79 7.50 -21.03
C MET A 131 -1.55 7.28 -22.34
N CYS A 132 -1.79 6.04 -22.66
CA CYS A 132 -2.48 5.68 -23.87
C CYS A 132 -3.63 4.75 -23.53
N THR A 133 -4.67 4.80 -24.33
CA THR A 133 -5.83 4.01 -24.17
C THR A 133 -5.47 2.52 -24.28
N ASP A 134 -5.68 1.78 -23.20
CA ASP A 134 -5.36 0.35 -23.09
C ASP A 134 -3.88 0.15 -22.92
N TRP A 135 -3.47 0.31 -21.70
CA TRP A 135 -2.09 0.28 -21.27
C TRP A 135 -1.97 -0.31 -19.86
N ASP A 136 -1.30 -1.44 -19.75
CA ASP A 136 -1.05 -2.03 -18.44
C ASP A 136 0.36 -1.65 -18.01
N ILE A 137 0.47 -1.08 -16.85
CA ILE A 137 1.74 -0.59 -16.38
C ILE A 137 2.26 -1.41 -15.18
N ASP A 138 3.58 -1.58 -15.10
CA ASP A 138 4.18 -2.31 -13.99
C ASP A 138 4.16 -1.48 -12.73
N TYR A 139 3.31 -1.86 -11.89
CA TYR A 139 3.07 -1.26 -10.63
C TYR A 139 3.04 -2.39 -9.60
N GLN A 140 3.41 -2.12 -8.39
CA GLN A 140 3.33 -3.13 -7.37
C GLN A 140 3.00 -2.53 -6.02
N LEU A 141 2.47 -3.36 -5.17
CA LEU A 141 1.95 -2.95 -3.91
C LEU A 141 2.41 -3.92 -2.84
N ASP A 142 2.70 -3.43 -1.67
CA ASP A 142 3.12 -4.27 -0.54
C ASP A 142 2.48 -3.67 0.67
N ILE A 143 1.59 -4.38 1.27
CA ILE A 143 0.86 -3.80 2.38
C ILE A 143 1.12 -4.51 3.69
N GLY A 144 1.19 -3.76 4.75
CA GLY A 144 1.35 -4.31 6.06
C GLY A 144 0.20 -3.91 6.94
N LEU A 145 -0.63 -4.86 7.24
CA LEU A 145 -1.79 -4.64 8.11
C LEU A 145 -1.42 -4.73 9.55
N THR A 146 -1.54 -3.66 10.27
CA THR A 146 -1.23 -3.66 11.65
C THR A 146 -2.47 -4.01 12.48
N PHE A 147 -2.49 -5.20 13.02
CA PHE A 147 -3.58 -5.63 13.88
C PHE A 147 -3.06 -5.77 15.26
N ASP A 148 -3.85 -5.40 16.23
CA ASP A 148 -3.46 -5.50 17.61
C ASP A 148 -4.25 -6.62 18.28
N ILE A 149 -3.56 -7.70 18.60
CA ILE A 149 -4.16 -8.84 19.28
C ILE A 149 -3.40 -9.05 20.58
N PRO A 150 -4.11 -9.09 21.74
CA PRO A 150 -3.50 -9.21 23.09
C PRO A 150 -2.46 -10.35 23.28
N VAL A 151 -2.38 -11.28 22.35
CA VAL A 151 -1.43 -12.38 22.46
C VAL A 151 0.01 -11.91 22.18
N VAL A 152 0.13 -10.80 21.47
CA VAL A 152 1.45 -10.27 21.11
C VAL A 152 1.42 -8.74 21.01
N GLY A 153 0.31 -8.21 20.61
CA GLY A 153 0.19 -6.82 20.40
C GLY A 153 -0.06 -6.58 18.95
N ASP A 154 0.58 -5.62 18.38
CA ASP A 154 0.41 -5.34 16.98
C ASP A 154 1.48 -6.02 16.17
N ILE A 155 1.05 -6.69 15.13
CA ILE A 155 1.95 -7.32 14.20
C ILE A 155 1.43 -6.99 12.80
N THR A 156 2.31 -6.55 11.92
CA THR A 156 1.90 -6.21 10.57
C THR A 156 1.96 -7.42 9.65
N ILE A 157 0.82 -7.80 9.10
CA ILE A 157 0.79 -8.85 8.11
C ILE A 157 1.17 -8.24 6.77
N PRO A 158 2.35 -8.60 6.24
CA PRO A 158 2.81 -8.10 4.98
C PRO A 158 2.34 -8.94 3.86
N VAL A 159 1.52 -8.34 3.13
CA VAL A 159 0.89 -8.89 2.06
C VAL A 159 1.32 -8.16 0.78
N SER A 160 2.10 -8.85 -0.02
CA SER A 160 2.72 -8.28 -1.21
C SER A 160 1.81 -8.46 -2.42
N THR A 161 1.94 -7.57 -3.40
CA THR A 161 1.10 -7.61 -4.56
C THR A 161 1.91 -7.27 -5.78
N GLN A 162 1.67 -7.95 -6.85
CA GLN A 162 2.12 -7.50 -8.13
C GLN A 162 0.91 -6.86 -8.74
N GLY A 163 0.97 -5.58 -9.05
CA GLY A 163 -0.20 -4.92 -9.46
C GLY A 163 -0.19 -4.58 -10.89
N GLU A 164 -0.73 -5.44 -11.68
CA GLU A 164 -0.85 -5.14 -13.06
C GLU A 164 -2.15 -4.45 -13.20
N ILE A 165 -2.09 -3.25 -13.65
CA ILE A 165 -3.26 -2.48 -13.80
C ILE A 165 -3.40 -1.99 -15.19
N LYS A 166 -4.48 -2.36 -15.78
CA LYS A 166 -4.78 -2.05 -17.13
C LYS A 166 -5.56 -0.75 -17.22
N LEU A 167 -4.87 0.27 -17.60
CA LEU A 167 -5.47 1.55 -17.82
C LEU A 167 -6.08 1.56 -19.20
N PRO A 168 -7.39 1.61 -19.30
CA PRO A 168 -8.07 1.58 -20.58
C PRO A 168 -8.09 2.97 -21.21
N SER A 169 -8.97 3.20 -22.15
CA SER A 169 -9.24 4.53 -22.63
C SER A 169 -9.64 5.41 -21.43
N LEU A 170 -8.65 6.07 -20.88
CA LEU A 170 -8.80 6.90 -19.70
C LEU A 170 -7.82 8.04 -19.91
N ARG A 171 -7.56 8.32 -21.18
CA ARG A 171 -6.62 9.33 -21.57
C ARG A 171 -7.12 10.67 -21.07
N ASP A 172 -6.29 11.31 -20.27
CA ASP A 172 -6.56 12.56 -19.58
C ASP A 172 -7.39 12.27 -18.35
N PHE A 173 -6.68 11.72 -17.41
CA PHE A 173 -7.17 11.30 -16.13
C PHE A 173 -5.88 10.98 -15.43
N PHE A 174 -5.08 10.22 -16.15
CA PHE A 174 -3.69 10.07 -15.85
C PHE A 174 -2.94 10.81 -16.94
N GLY A 1 12.52 9.34 13.70
CA GLY A 1 11.12 9.64 14.02
C GLY A 1 10.30 9.88 12.79
N HIS A 2 9.51 10.93 12.81
CA HIS A 2 8.64 11.24 11.70
C HIS A 2 8.62 12.76 11.50
N HIS A 3 9.73 13.45 11.85
CA HIS A 3 9.79 14.90 11.65
C HIS A 3 9.65 15.16 10.15
N HIS A 4 8.59 15.82 9.80
CA HIS A 4 8.14 15.89 8.43
C HIS A 4 8.44 17.17 7.67
N HIS A 5 9.20 17.00 6.61
CA HIS A 5 9.44 18.03 5.60
C HIS A 5 8.85 17.56 4.30
N HIS A 6 7.90 16.62 4.41
CA HIS A 6 7.20 16.06 3.27
C HIS A 6 6.26 17.16 2.74
N HIS A 7 6.79 17.97 1.86
CA HIS A 7 6.14 19.19 1.43
C HIS A 7 5.63 19.12 0.00
N LEU A 8 4.52 18.42 -0.15
CA LEU A 8 3.72 18.29 -1.38
C LEU A 8 4.52 18.17 -2.68
N GLU A 9 4.73 19.28 -3.33
CA GLU A 9 5.42 19.29 -4.60
C GLU A 9 6.85 19.74 -4.39
N ALA A 10 7.74 18.77 -4.28
CA ALA A 10 9.15 19.03 -4.08
C ALA A 10 9.91 17.73 -4.12
N SER A 11 11.16 17.78 -4.51
CA SER A 11 12.00 16.61 -4.51
C SER A 11 12.40 16.25 -3.09
N ALA A 12 12.24 17.22 -2.18
CA ALA A 12 12.42 16.95 -0.78
C ALA A 12 11.33 15.97 -0.35
N ASP A 13 10.10 16.25 -0.77
CA ASP A 13 8.94 15.40 -0.51
C ASP A 13 9.18 14.00 -1.08
N GLU A 14 9.73 13.97 -2.30
CA GLU A 14 10.11 12.72 -2.98
C GLU A 14 11.11 11.90 -2.13
N LYS A 15 12.06 12.60 -1.53
CA LYS A 15 13.05 11.98 -0.65
C LYS A 15 12.36 11.47 0.62
N VAL A 16 11.58 12.32 1.21
CA VAL A 16 10.94 12.07 2.49
C VAL A 16 9.96 10.91 2.45
N VAL A 17 9.26 10.78 1.35
CA VAL A 17 8.32 9.69 1.21
C VAL A 17 9.10 8.36 1.18
N GLU A 18 10.34 8.41 0.68
CA GLU A 18 11.18 7.20 0.63
C GLU A 18 11.72 6.92 2.01
N GLU A 19 12.17 7.99 2.62
CA GLU A 19 12.76 8.02 3.95
C GLU A 19 11.80 7.40 4.97
N LYS A 20 10.53 7.81 4.91
CA LYS A 20 9.53 7.26 5.80
C LYS A 20 9.20 5.84 5.43
N ALA A 21 9.21 5.54 4.14
CA ALA A 21 8.92 4.21 3.66
C ALA A 21 9.92 3.22 4.23
N SER A 22 11.19 3.61 4.26
CA SER A 22 12.24 2.78 4.80
C SER A 22 11.99 2.46 6.28
N VAL A 23 11.49 3.45 7.02
CA VAL A 23 11.17 3.26 8.43
C VAL A 23 10.00 2.29 8.56
N ILE A 24 9.10 2.36 7.61
CA ILE A 24 7.95 1.47 7.57
C ILE A 24 8.42 0.05 7.25
N SER A 25 9.23 -0.06 6.21
CA SER A 25 9.79 -1.32 5.78
C SER A 25 10.60 -1.99 6.91
N SER A 26 11.23 -1.16 7.72
CA SER A 26 12.03 -1.62 8.84
C SER A 26 11.20 -2.48 9.82
N LEU A 27 9.94 -2.14 9.99
CA LEU A 27 9.10 -2.90 10.88
C LEU A 27 8.64 -4.16 10.15
N LEU A 28 8.24 -4.00 8.90
CA LEU A 28 7.77 -5.11 8.06
C LEU A 28 8.85 -6.17 7.84
N ASP A 29 10.11 -5.75 7.73
CA ASP A 29 11.20 -6.71 7.53
C ASP A 29 11.35 -7.68 8.69
N LYS A 30 11.08 -7.24 9.90
CA LYS A 30 11.21 -8.15 11.05
C LYS A 30 9.96 -9.00 11.21
N ALA A 31 8.88 -8.55 10.60
CA ALA A 31 7.60 -9.24 10.68
C ALA A 31 7.62 -10.49 9.83
N LYS A 32 8.38 -10.44 8.74
CA LYS A 32 8.52 -11.55 7.79
C LYS A 32 8.88 -12.87 8.49
N GLY A 33 9.91 -12.85 9.30
CA GLY A 33 10.33 -14.05 9.98
C GLY A 33 9.66 -14.20 11.32
N PHE A 34 8.73 -13.32 11.60
CA PHE A 34 8.02 -13.36 12.84
C PHE A 34 6.84 -14.35 12.72
N PHE A 35 6.35 -14.55 11.50
CA PHE A 35 5.16 -15.37 11.27
C PHE A 35 5.37 -16.84 11.49
N ALA A 36 6.52 -17.34 11.05
CA ALA A 36 6.78 -18.78 10.96
C ALA A 36 6.46 -19.55 12.23
N GLU A 37 6.96 -19.09 13.34
CA GLU A 37 6.69 -19.74 14.58
C GLU A 37 5.95 -18.84 15.56
N LYS A 38 6.21 -17.53 15.48
CA LYS A 38 5.75 -16.63 16.53
C LYS A 38 4.34 -16.19 16.30
N LEU A 39 3.86 -16.52 15.15
CA LEU A 39 2.47 -16.28 14.79
C LEU A 39 1.84 -17.55 14.27
N ALA A 40 2.47 -18.67 14.57
CA ALA A 40 1.99 -19.96 14.14
C ALA A 40 0.87 -20.41 15.06
N ASN A 41 1.08 -20.24 16.35
CA ASN A 41 0.09 -20.62 17.36
C ASN A 41 -0.76 -19.42 17.74
N ILE A 42 -0.62 -18.37 16.96
CA ILE A 42 -1.36 -17.16 17.16
C ILE A 42 -2.27 -16.96 15.96
N PRO A 43 -3.59 -16.96 16.16
CA PRO A 43 -4.54 -16.75 15.07
C PRO A 43 -4.41 -15.33 14.49
N THR A 44 -3.98 -15.24 13.26
CA THR A 44 -3.80 -13.97 12.62
C THR A 44 -4.71 -13.85 11.39
N PRO A 45 -5.30 -12.68 11.19
CA PRO A 45 -6.19 -12.44 10.05
C PRO A 45 -5.41 -12.28 8.73
N GLU A 46 -5.98 -12.77 7.66
CA GLU A 46 -5.35 -12.69 6.37
C GLU A 46 -5.90 -11.52 5.61
N ALA A 47 -5.04 -10.72 5.09
CA ALA A 47 -5.45 -9.61 4.29
C ALA A 47 -5.02 -9.85 2.88
N THR A 48 -5.88 -9.62 1.96
CA THR A 48 -5.52 -9.81 0.59
C THR A 48 -5.55 -8.51 -0.19
N VAL A 49 -4.44 -8.23 -0.79
CA VAL A 49 -4.23 -7.03 -1.57
C VAL A 49 -4.31 -7.36 -3.05
N ASP A 50 -4.88 -6.42 -3.83
CA ASP A 50 -4.98 -6.51 -5.32
C ASP A 50 -6.36 -6.55 -5.93
N ASP A 51 -6.90 -5.37 -5.97
CA ASP A 51 -8.13 -4.97 -6.65
C ASP A 51 -7.99 -3.47 -6.74
N VAL A 52 -7.81 -2.95 -7.92
CA VAL A 52 -7.42 -1.57 -8.06
C VAL A 52 -8.18 -0.88 -9.20
N ASP A 53 -8.71 0.32 -8.93
CA ASP A 53 -9.48 1.09 -9.93
C ASP A 53 -9.10 2.57 -9.92
N PHE A 54 -8.96 3.16 -11.10
CA PHE A 54 -8.61 4.58 -11.27
C PHE A 54 -9.85 5.45 -11.36
N LYS A 55 -9.79 6.63 -10.76
CA LYS A 55 -10.91 7.56 -10.78
C LYS A 55 -10.57 8.71 -11.68
N GLY A 56 -9.44 9.29 -11.42
CA GLY A 56 -8.99 10.41 -12.22
C GLY A 56 -7.55 10.71 -12.00
N VAL A 57 -7.04 11.70 -12.68
CA VAL A 57 -5.64 12.04 -12.57
C VAL A 57 -5.47 13.24 -11.63
N THR A 58 -4.35 13.28 -10.94
CA THR A 58 -4.01 14.37 -10.07
C THR A 58 -2.59 14.83 -10.37
N ARG A 59 -2.10 15.83 -9.67
CA ARG A 59 -0.75 16.29 -9.91
C ARG A 59 0.23 15.32 -9.27
N ASP A 60 -0.20 14.72 -8.19
CA ASP A 60 0.56 13.72 -7.51
C ASP A 60 0.10 12.34 -7.95
N GLY A 61 0.64 11.90 -9.08
CA GLY A 61 0.26 10.65 -9.66
C GLY A 61 -1.19 10.66 -10.11
N VAL A 62 -1.71 9.51 -10.32
CA VAL A 62 -3.07 9.36 -10.71
C VAL A 62 -3.85 8.80 -9.52
N ASP A 63 -5.07 9.23 -9.38
CA ASP A 63 -5.83 8.92 -8.20
C ASP A 63 -6.50 7.58 -8.28
N TYR A 64 -6.17 6.76 -7.33
CA TYR A 64 -6.69 5.44 -7.23
C TYR A 64 -7.21 5.16 -5.85
N HIS A 65 -7.84 4.04 -5.74
CA HIS A 65 -8.36 3.54 -4.51
C HIS A 65 -8.06 2.05 -4.48
N ALA A 66 -7.27 1.64 -3.53
CA ALA A 66 -6.86 0.26 -3.40
C ALA A 66 -7.80 -0.48 -2.50
N LYS A 67 -7.99 -1.72 -2.82
CA LYS A 67 -8.90 -2.58 -2.08
C LYS A 67 -8.14 -3.71 -1.43
N VAL A 68 -8.30 -3.82 -0.13
CA VAL A 68 -7.64 -4.85 0.64
C VAL A 68 -8.69 -5.57 1.49
N SER A 69 -8.94 -6.79 1.19
CA SER A 69 -9.97 -7.50 1.88
C SER A 69 -9.37 -8.37 2.96
N VAL A 70 -9.90 -8.27 4.15
CA VAL A 70 -9.37 -9.02 5.27
C VAL A 70 -10.33 -10.13 5.67
N LYS A 71 -9.81 -11.32 5.71
CA LYS A 71 -10.56 -12.50 6.04
C LYS A 71 -10.01 -13.13 7.30
N ASN A 72 -10.85 -13.32 8.25
CA ASN A 72 -10.50 -13.98 9.48
C ASN A 72 -11.68 -14.65 10.10
N PRO A 73 -11.68 -15.99 10.19
CA PRO A 73 -12.65 -16.69 10.94
C PRO A 73 -12.05 -17.08 12.31
N TYR A 74 -12.34 -16.25 13.29
CA TYR A 74 -11.95 -16.44 14.66
C TYR A 74 -12.46 -15.25 15.39
N SER A 75 -13.45 -15.44 16.27
CA SER A 75 -14.11 -14.34 16.95
C SER A 75 -13.16 -13.43 17.75
N GLN A 76 -12.62 -12.50 17.05
CA GLN A 76 -11.74 -11.54 17.49
C GLN A 76 -11.85 -10.38 16.53
N SER A 77 -12.49 -9.35 16.95
CA SER A 77 -12.61 -8.19 16.14
C SER A 77 -11.45 -7.27 16.40
N ILE A 78 -10.44 -7.34 15.55
CA ILE A 78 -9.30 -6.48 15.69
C ILE A 78 -9.32 -5.36 14.68
N PRO A 79 -9.02 -4.13 15.12
CA PRO A 79 -8.90 -3.01 14.23
C PRO A 79 -7.47 -2.86 13.73
N ILE A 80 -7.29 -2.17 12.64
CA ILE A 80 -5.97 -1.94 12.13
C ILE A 80 -5.44 -0.66 12.73
N CYS A 81 -4.41 -0.77 13.51
CA CYS A 81 -3.83 0.39 14.15
C CYS A 81 -3.17 1.30 13.11
N GLN A 82 -2.55 0.69 12.12
CA GLN A 82 -1.85 1.42 11.09
C GLN A 82 -1.82 0.60 9.82
N ILE A 83 -2.49 1.03 8.80
CA ILE A 83 -2.41 0.34 7.54
C ILE A 83 -1.36 1.05 6.70
N SER A 84 -0.34 0.35 6.34
CA SER A 84 0.76 0.95 5.67
C SER A 84 0.85 0.49 4.23
N TYR A 85 0.80 1.40 3.29
CA TYR A 85 0.98 1.01 1.92
C TYR A 85 2.31 1.53 1.44
N ILE A 86 3.00 0.71 0.76
CA ILE A 86 4.21 1.11 0.14
C ILE A 86 3.99 0.96 -1.32
N LEU A 87 3.88 2.06 -1.97
CA LEU A 87 3.56 2.11 -3.35
C LEU A 87 4.85 2.09 -4.10
N LYS A 88 5.02 1.11 -4.92
CA LYS A 88 6.28 0.92 -5.57
C LYS A 88 6.25 1.00 -7.05
N SER A 89 7.42 1.15 -7.56
CA SER A 89 7.72 1.11 -8.93
C SER A 89 8.39 -0.19 -9.20
N ALA A 90 8.18 -0.74 -10.36
CA ALA A 90 8.81 -1.98 -10.74
C ALA A 90 10.31 -1.80 -10.91
N THR A 91 10.78 -0.55 -11.00
CA THR A 91 12.18 -0.33 -11.23
C THR A 91 12.79 0.91 -10.51
N ARG A 92 12.06 2.03 -10.42
CA ARG A 92 12.68 3.24 -9.88
C ARG A 92 11.70 4.14 -9.14
N THR A 93 12.07 4.52 -7.89
CA THR A 93 11.29 5.43 -7.01
C THR A 93 10.04 4.75 -6.41
N ILE A 94 9.77 5.00 -5.14
CA ILE A 94 8.59 4.46 -4.50
C ILE A 94 7.88 5.56 -3.69
N ALA A 95 6.70 5.26 -3.19
CA ALA A 95 5.94 6.16 -2.35
C ALA A 95 5.40 5.37 -1.15
N SER A 96 4.80 6.03 -0.20
CA SER A 96 4.31 5.37 0.98
C SER A 96 3.14 6.13 1.57
N GLY A 97 2.55 5.57 2.60
CA GLY A 97 1.45 6.20 3.27
C GLY A 97 0.84 5.27 4.27
N THR A 98 0.40 5.79 5.38
CA THR A 98 -0.19 4.99 6.41
C THR A 98 -1.49 5.59 6.88
N ILE A 99 -2.49 4.77 7.07
CA ILE A 99 -3.73 5.28 7.65
C ILE A 99 -3.93 4.65 9.02
N PRO A 100 -3.75 5.43 10.09
CA PRO A 100 -4.03 4.98 11.46
C PRO A 100 -5.55 4.84 11.65
N ASP A 101 -5.99 3.62 11.90
CA ASP A 101 -7.43 3.28 12.06
C ASP A 101 -8.23 3.57 10.78
N PRO A 102 -8.15 2.65 9.78
CA PRO A 102 -8.82 2.76 8.48
C PRO A 102 -10.02 1.80 8.34
N GLY A 103 -10.41 1.22 9.45
CA GLY A 103 -11.45 0.24 9.47
C GLY A 103 -11.12 -0.84 10.46
N SER A 104 -11.91 -1.87 10.51
CA SER A 104 -11.69 -2.95 11.48
C SER A 104 -12.21 -4.27 10.93
N LEU A 105 -11.91 -5.36 11.63
CA LEU A 105 -12.40 -6.65 11.23
C LEU A 105 -13.84 -6.88 11.51
N VAL A 106 -14.35 -7.81 10.76
CA VAL A 106 -15.70 -8.28 10.80
C VAL A 106 -15.92 -9.26 11.99
N GLY A 107 -14.82 -9.82 12.48
CA GLY A 107 -14.90 -10.76 13.55
C GLY A 107 -14.65 -12.16 13.08
N SER A 108 -15.51 -12.62 12.20
CA SER A 108 -15.41 -13.95 11.69
C SER A 108 -16.02 -14.01 10.29
N GLY A 109 -15.22 -13.65 9.33
CA GLY A 109 -15.63 -13.66 7.96
C GLY A 109 -14.68 -12.82 7.17
N THR A 110 -15.14 -12.25 6.11
CA THR A 110 -14.31 -11.40 5.32
C THR A 110 -14.92 -10.00 5.20
N THR A 111 -14.09 -9.00 5.33
CA THR A 111 -14.51 -7.64 5.24
C THR A 111 -13.60 -6.89 4.29
N VAL A 112 -14.17 -6.06 3.47
CA VAL A 112 -13.41 -5.33 2.51
C VAL A 112 -12.98 -3.99 3.06
N LEU A 113 -11.70 -3.84 3.24
CA LEU A 113 -11.14 -2.62 3.71
C LEU A 113 -10.52 -1.90 2.52
N ASP A 114 -10.19 -0.66 2.67
CA ASP A 114 -9.77 0.11 1.52
C ASP A 114 -8.73 1.15 1.88
N VAL A 115 -7.88 1.45 0.92
CA VAL A 115 -6.84 2.46 1.09
C VAL A 115 -6.94 3.48 -0.04
N PRO A 116 -6.90 4.77 0.26
CA PRO A 116 -6.72 5.77 -0.77
C PRO A 116 -5.24 5.78 -1.16
N VAL A 117 -4.93 5.32 -2.36
CA VAL A 117 -3.55 5.19 -2.76
C VAL A 117 -3.27 6.04 -3.97
N LYS A 118 -2.16 6.73 -3.98
CA LYS A 118 -1.75 7.44 -5.14
C LYS A 118 -0.93 6.49 -5.97
N VAL A 119 -1.54 5.93 -6.96
CA VAL A 119 -0.94 4.89 -7.75
C VAL A 119 -0.28 5.49 -8.97
N ALA A 120 0.82 4.87 -9.38
CA ALA A 120 1.62 5.25 -10.55
C ALA A 120 2.39 6.52 -10.30
N TYR A 121 2.26 7.07 -9.09
CA TYR A 121 3.00 8.25 -8.67
C TYR A 121 4.47 7.99 -8.87
N SER A 122 4.94 6.85 -8.38
CA SER A 122 6.33 6.52 -8.45
C SER A 122 6.80 6.35 -9.89
N ILE A 123 5.91 5.94 -10.76
CA ILE A 123 6.27 5.76 -12.14
C ILE A 123 6.29 7.11 -12.85
N ALA A 124 5.22 7.86 -12.69
CA ALA A 124 5.01 9.14 -13.36
C ALA A 124 6.04 10.21 -12.99
N VAL A 125 6.26 10.40 -11.70
CA VAL A 125 7.15 11.47 -11.24
C VAL A 125 8.62 11.13 -11.54
N SER A 126 8.91 9.87 -11.70
CA SER A 126 10.28 9.45 -11.87
C SER A 126 10.64 9.20 -13.34
N LEU A 127 9.98 8.23 -13.98
CA LEU A 127 10.39 7.82 -15.31
C LEU A 127 9.30 7.87 -16.38
N MET A 128 8.06 7.44 -16.03
CA MET A 128 6.97 7.22 -17.01
C MET A 128 7.35 6.09 -17.94
N LYS A 129 6.52 5.80 -18.88
CA LYS A 129 6.82 4.73 -19.81
C LYS A 129 6.43 5.24 -21.17
N ASP A 130 5.14 5.21 -21.42
CA ASP A 130 4.53 5.76 -22.60
C ASP A 130 3.06 5.49 -22.52
N MET A 131 2.34 6.44 -21.98
CA MET A 131 0.87 6.37 -21.91
C MET A 131 0.24 6.07 -23.31
N CYS A 132 -0.15 4.82 -23.53
CA CYS A 132 -0.76 4.40 -24.79
C CYS A 132 -2.25 4.11 -24.65
N THR A 133 -2.91 3.98 -25.78
CA THR A 133 -4.23 3.51 -25.91
C THR A 133 -4.23 1.98 -25.75
N ASP A 134 -5.06 1.49 -24.85
CA ASP A 134 -5.11 0.07 -24.42
C ASP A 134 -3.72 -0.36 -23.95
N TRP A 135 -3.51 -0.21 -22.68
CA TRP A 135 -2.21 -0.36 -22.09
C TRP A 135 -2.37 -0.89 -20.67
N ASP A 136 -1.33 -1.49 -20.12
CA ASP A 136 -1.37 -1.98 -18.75
C ASP A 136 -0.03 -1.73 -18.09
N ILE A 137 -0.03 -1.50 -16.79
CA ILE A 137 1.20 -1.24 -16.07
C ILE A 137 1.29 -2.13 -14.84
N ASP A 138 2.50 -2.53 -14.53
CA ASP A 138 2.78 -3.37 -13.37
C ASP A 138 3.22 -2.48 -12.23
N TYR A 139 2.42 -2.38 -11.21
CA TYR A 139 2.80 -1.59 -10.06
C TYR A 139 2.62 -2.48 -8.84
N GLN A 140 3.19 -2.15 -7.74
CA GLN A 140 3.08 -2.95 -6.57
C GLN A 140 2.82 -2.11 -5.34
N LEU A 141 2.11 -2.66 -4.35
CA LEU A 141 1.96 -1.99 -3.09
C LEU A 141 2.03 -3.01 -1.97
N ASP A 142 2.97 -2.83 -1.11
CA ASP A 142 3.12 -3.64 0.09
C ASP A 142 2.23 -3.10 1.14
N ILE A 143 1.34 -3.88 1.64
CA ILE A 143 0.48 -3.38 2.68
C ILE A 143 0.85 -4.00 3.99
N GLY A 144 1.26 -3.17 4.89
CA GLY A 144 1.57 -3.60 6.21
C GLY A 144 0.38 -3.42 7.10
N LEU A 145 -0.36 -4.48 7.27
CA LEU A 145 -1.53 -4.48 8.11
C LEU A 145 -1.10 -4.57 9.55
N THR A 146 -1.22 -3.51 10.31
CA THR A 146 -0.85 -3.57 11.69
C THR A 146 -2.05 -4.01 12.50
N PHE A 147 -2.02 -5.23 12.96
CA PHE A 147 -3.08 -5.75 13.78
C PHE A 147 -2.54 -6.02 15.14
N ASP A 148 -3.21 -5.57 16.15
CA ASP A 148 -2.80 -5.90 17.47
C ASP A 148 -3.77 -6.87 18.06
N ILE A 149 -3.32 -8.06 18.28
CA ILE A 149 -4.13 -9.06 18.90
C ILE A 149 -3.59 -9.17 20.32
N PRO A 150 -4.44 -8.90 21.33
CA PRO A 150 -4.05 -8.87 22.77
C PRO A 150 -3.08 -9.97 23.23
N VAL A 151 -3.18 -11.15 22.64
CA VAL A 151 -2.34 -12.27 23.01
C VAL A 151 -0.89 -12.15 22.51
N VAL A 152 -0.65 -11.36 21.48
CA VAL A 152 0.70 -11.24 20.92
C VAL A 152 1.16 -9.78 20.84
N GLY A 153 0.22 -8.88 20.70
CA GLY A 153 0.54 -7.49 20.59
C GLY A 153 0.35 -7.02 19.18
N ASP A 154 1.02 -5.96 18.82
CA ASP A 154 0.89 -5.39 17.48
C ASP A 154 1.89 -5.99 16.52
N ILE A 155 1.37 -6.60 15.49
CA ILE A 155 2.18 -7.14 14.42
C ILE A 155 1.72 -6.66 13.06
N THR A 156 2.65 -6.32 12.20
CA THR A 156 2.30 -5.92 10.86
C THR A 156 2.37 -7.10 9.92
N ILE A 157 1.32 -7.34 9.20
CA ILE A 157 1.32 -8.38 8.22
C ILE A 157 1.50 -7.75 6.85
N PRO A 158 2.71 -7.88 6.26
CA PRO A 158 2.99 -7.37 4.95
C PRO A 158 2.40 -8.26 3.87
N VAL A 159 1.40 -7.77 3.21
CA VAL A 159 0.86 -8.50 2.11
C VAL A 159 1.33 -7.83 0.87
N SER A 160 1.95 -8.57 0.01
CA SER A 160 2.58 -8.01 -1.16
C SER A 160 2.08 -8.73 -2.39
N THR A 161 2.08 -8.04 -3.51
CA THR A 161 1.69 -8.61 -4.77
C THR A 161 1.94 -7.55 -5.82
N GLN A 162 2.00 -7.95 -7.05
CA GLN A 162 2.07 -6.98 -8.09
C GLN A 162 0.71 -6.78 -8.68
N GLY A 163 0.38 -5.57 -8.90
CA GLY A 163 -0.88 -5.24 -9.40
C GLY A 163 -0.78 -4.77 -10.80
N GLU A 164 -1.31 -5.54 -11.68
CA GLU A 164 -1.36 -5.15 -13.03
C GLU A 164 -2.64 -4.41 -13.21
N ILE A 165 -2.52 -3.20 -13.60
CA ILE A 165 -3.64 -2.34 -13.73
C ILE A 165 -3.80 -1.89 -15.15
N LYS A 166 -5.02 -1.84 -15.58
CA LYS A 166 -5.37 -1.58 -16.95
C LYS A 166 -5.56 -0.10 -17.21
N LEU A 167 -5.03 0.33 -18.32
CA LEU A 167 -5.16 1.69 -18.78
C LEU A 167 -5.95 1.65 -20.10
N PRO A 168 -7.28 1.85 -20.04
CA PRO A 168 -8.17 1.79 -21.24
C PRO A 168 -8.05 3.05 -22.13
N SER A 169 -6.82 3.42 -22.46
CA SER A 169 -6.47 4.58 -23.26
C SER A 169 -6.82 5.86 -22.53
N LEU A 170 -5.88 6.39 -21.84
CA LEU A 170 -6.11 7.62 -21.17
C LEU A 170 -5.56 8.77 -21.97
N ARG A 171 -4.26 8.72 -22.23
CA ARG A 171 -3.50 9.80 -22.89
C ARG A 171 -3.55 11.10 -22.09
N ASP A 172 -2.43 11.39 -21.43
CA ASP A 172 -2.26 12.51 -20.50
C ASP A 172 -3.04 12.30 -19.20
N PHE A 173 -2.61 11.29 -18.50
CA PHE A 173 -3.15 10.86 -17.19
C PHE A 173 -2.02 10.14 -16.48
N PHE A 174 -1.40 9.24 -17.22
CA PHE A 174 -0.23 8.55 -16.79
C PHE A 174 0.95 9.29 -17.37
N GLY A 1 17.58 0.51 -18.18
CA GLY A 1 17.82 -0.51 -17.14
C GLY A 1 18.64 0.04 -16.00
N HIS A 2 19.94 0.00 -16.12
CA HIS A 2 20.82 0.52 -15.10
C HIS A 2 21.68 1.63 -15.65
N HIS A 3 21.35 2.85 -15.32
CA HIS A 3 22.17 3.99 -15.70
C HIS A 3 22.94 4.45 -14.51
N HIS A 4 24.22 4.64 -14.65
CA HIS A 4 25.01 5.14 -13.53
C HIS A 4 24.67 6.60 -13.32
N HIS A 5 24.40 6.96 -12.11
CA HIS A 5 24.03 8.32 -11.80
C HIS A 5 24.40 8.70 -10.38
N HIS A 6 25.33 9.62 -10.27
CA HIS A 6 25.80 10.11 -9.00
C HIS A 6 25.96 11.63 -9.03
N HIS A 7 25.11 12.30 -8.28
CA HIS A 7 25.09 13.75 -8.16
C HIS A 7 24.82 14.50 -9.44
N LEU A 8 23.57 14.60 -9.72
CA LEU A 8 22.99 15.36 -10.82
C LEU A 8 21.84 16.11 -10.22
N GLU A 9 22.14 16.58 -9.01
CA GLU A 9 21.21 17.04 -7.99
C GLU A 9 20.75 15.81 -7.28
N ALA A 10 19.73 15.14 -7.86
CA ALA A 10 19.17 13.84 -7.40
C ALA A 10 17.75 13.74 -7.82
N SER A 11 17.29 12.56 -8.09
CA SER A 11 15.89 12.34 -8.22
C SER A 11 15.39 12.24 -6.78
N ALA A 12 15.10 13.40 -6.21
CA ALA A 12 14.83 13.57 -4.80
C ALA A 12 13.83 12.59 -4.26
N ASP A 13 12.69 12.56 -4.86
CA ASP A 13 11.58 11.76 -4.41
C ASP A 13 11.92 10.27 -4.32
N GLU A 14 12.62 9.73 -5.31
CA GLU A 14 12.98 8.30 -5.28
C GLU A 14 14.00 8.02 -4.16
N LYS A 15 14.82 9.01 -3.85
CA LYS A 15 15.81 8.93 -2.79
C LYS A 15 15.12 9.05 -1.42
N VAL A 16 14.37 10.09 -1.27
CA VAL A 16 13.69 10.43 -0.05
C VAL A 16 12.70 9.35 0.39
N VAL A 17 11.96 8.79 -0.55
CA VAL A 17 11.07 7.71 -0.16
C VAL A 17 11.90 6.49 0.22
N GLU A 18 13.11 6.37 -0.35
CA GLU A 18 13.97 5.22 -0.08
C GLU A 18 14.33 5.21 1.41
N GLU A 19 14.47 6.40 1.95
CA GLU A 19 14.75 6.62 3.37
C GLU A 19 13.58 6.11 4.21
N LYS A 20 12.38 6.53 3.84
CA LYS A 20 11.15 6.15 4.52
C LYS A 20 10.90 4.64 4.39
N ALA A 21 11.13 4.15 3.18
CA ALA A 21 10.94 2.76 2.84
C ALA A 21 11.81 1.87 3.69
N SER A 22 13.03 2.32 3.96
CA SER A 22 13.96 1.57 4.77
C SER A 22 13.39 1.35 6.18
N VAL A 23 12.74 2.38 6.72
CA VAL A 23 12.15 2.32 8.04
C VAL A 23 11.00 1.32 8.08
N ILE A 24 10.08 1.44 7.11
CA ILE A 24 8.92 0.57 7.05
C ILE A 24 9.33 -0.87 6.69
N SER A 25 10.28 -1.02 5.78
CA SER A 25 10.76 -2.36 5.38
C SER A 25 11.37 -3.08 6.58
N SER A 26 12.06 -2.33 7.43
CA SER A 26 12.66 -2.90 8.62
C SER A 26 11.57 -3.36 9.63
N LEU A 27 10.37 -2.82 9.50
CA LEU A 27 9.29 -3.23 10.37
C LEU A 27 8.78 -4.56 9.83
N LEU A 28 8.48 -4.61 8.53
CA LEU A 28 8.03 -5.84 7.87
C LEU A 28 9.09 -6.95 7.97
N ASP A 29 10.36 -6.55 7.93
CA ASP A 29 11.51 -7.47 8.05
C ASP A 29 11.41 -8.33 9.29
N LYS A 30 11.15 -7.71 10.42
CA LYS A 30 11.03 -8.43 11.66
C LYS A 30 9.64 -9.02 11.84
N ALA A 31 8.63 -8.35 11.30
CA ALA A 31 7.26 -8.85 11.35
C ALA A 31 7.11 -10.20 10.68
N LYS A 32 7.90 -10.42 9.62
CA LYS A 32 7.92 -11.71 8.92
C LYS A 32 8.35 -12.84 9.85
N GLY A 33 9.12 -12.49 10.87
CA GLY A 33 9.50 -13.45 11.86
C GLY A 33 8.32 -13.76 12.76
N PHE A 34 7.68 -12.71 13.28
CA PHE A 34 6.49 -12.88 14.14
C PHE A 34 5.39 -13.62 13.40
N PHE A 35 5.19 -13.34 12.15
CA PHE A 35 4.14 -14.03 11.41
C PHE A 35 4.38 -15.54 11.36
N ALA A 36 5.62 -15.94 11.28
CA ALA A 36 5.96 -17.34 11.21
C ALA A 36 5.84 -18.03 12.59
N GLU A 37 6.27 -17.32 13.63
CA GLU A 37 6.28 -17.91 14.97
C GLU A 37 5.05 -17.58 15.81
N LYS A 38 4.60 -16.36 15.72
CA LYS A 38 3.60 -15.85 16.66
C LYS A 38 2.26 -16.12 16.11
N LEU A 39 2.15 -15.79 14.87
CA LEU A 39 0.90 -15.84 14.16
C LEU A 39 0.62 -17.24 13.65
N ALA A 40 1.47 -18.15 14.03
CA ALA A 40 1.27 -19.54 13.74
C ALA A 40 0.28 -20.10 14.74
N ASN A 41 0.41 -19.65 15.97
CA ASN A 41 -0.44 -20.10 17.06
C ASN A 41 -1.69 -19.25 17.15
N ILE A 42 -1.54 -17.96 16.96
CA ILE A 42 -2.65 -17.06 17.08
C ILE A 42 -3.57 -17.21 15.88
N PRO A 43 -4.89 -17.26 16.07
CA PRO A 43 -5.81 -17.24 14.97
C PRO A 43 -5.80 -15.84 14.43
N THR A 44 -5.00 -15.63 13.44
CA THR A 44 -4.71 -14.31 13.02
C THR A 44 -5.53 -13.94 11.79
N PRO A 45 -6.09 -12.71 11.75
CA PRO A 45 -6.84 -12.20 10.61
C PRO A 45 -5.96 -12.16 9.37
N GLU A 46 -6.41 -12.80 8.33
CA GLU A 46 -5.64 -12.91 7.12
C GLU A 46 -6.07 -11.87 6.12
N ALA A 47 -5.23 -10.87 5.96
CA ALA A 47 -5.47 -9.80 5.05
C ALA A 47 -4.70 -10.02 3.78
N THR A 48 -5.27 -9.63 2.69
CA THR A 48 -4.61 -9.78 1.42
C THR A 48 -4.97 -8.64 0.47
N VAL A 49 -4.04 -8.30 -0.39
CA VAL A 49 -4.27 -7.30 -1.42
C VAL A 49 -4.98 -8.03 -2.54
N ASP A 50 -5.93 -7.40 -3.16
CA ASP A 50 -6.79 -8.13 -4.09
C ASP A 50 -7.00 -7.41 -5.41
N ASP A 51 -7.19 -6.11 -5.40
CA ASP A 51 -7.58 -5.42 -6.62
C ASP A 51 -7.29 -3.93 -6.53
N VAL A 52 -7.28 -3.28 -7.68
CA VAL A 52 -6.97 -1.87 -7.78
C VAL A 52 -8.01 -1.15 -8.66
N ASP A 53 -8.87 -0.37 -8.02
CA ASP A 53 -9.84 0.43 -8.78
C ASP A 53 -9.37 1.84 -8.86
N PHE A 54 -8.92 2.27 -10.03
CA PHE A 54 -8.55 3.67 -10.25
C PHE A 54 -9.80 4.53 -10.07
N LYS A 55 -9.66 5.66 -9.42
CA LYS A 55 -10.81 6.49 -9.15
C LYS A 55 -11.08 7.48 -10.26
N GLY A 56 -10.27 8.53 -10.38
CA GLY A 56 -10.62 9.52 -11.36
C GLY A 56 -9.45 10.30 -11.90
N VAL A 57 -9.11 11.39 -11.25
CA VAL A 57 -8.11 12.28 -11.76
C VAL A 57 -7.23 12.88 -10.67
N THR A 58 -5.97 12.95 -10.95
CA THR A 58 -4.99 13.61 -10.13
C THR A 58 -3.88 14.05 -11.10
N ARG A 59 -3.09 15.04 -10.75
CA ARG A 59 -2.00 15.48 -11.62
C ARG A 59 -0.67 14.93 -11.11
N ASP A 60 -0.63 14.65 -9.83
CA ASP A 60 0.56 14.18 -9.14
C ASP A 60 0.46 12.64 -8.96
N GLY A 61 -0.34 12.02 -9.81
CA GLY A 61 -0.61 10.61 -9.77
C GLY A 61 -2.03 10.38 -10.20
N VAL A 62 -2.58 9.24 -9.92
CA VAL A 62 -3.99 8.95 -10.16
C VAL A 62 -4.53 8.26 -8.94
N ASP A 63 -5.47 8.89 -8.28
CA ASP A 63 -6.04 8.32 -7.07
C ASP A 63 -6.84 7.07 -7.37
N TYR A 64 -6.67 6.07 -6.56
CA TYR A 64 -7.37 4.84 -6.68
C TYR A 64 -7.66 4.34 -5.28
N HIS A 65 -8.42 3.30 -5.14
CA HIS A 65 -8.60 2.74 -3.82
C HIS A 65 -8.22 1.29 -3.86
N ALA A 66 -7.27 0.93 -3.03
CA ALA A 66 -6.73 -0.41 -3.02
C ALA A 66 -7.63 -1.35 -2.29
N LYS A 67 -7.91 -2.46 -2.89
CA LYS A 67 -8.74 -3.44 -2.27
C LYS A 67 -7.88 -4.38 -1.46
N VAL A 68 -8.03 -4.31 -0.19
CA VAL A 68 -7.37 -5.21 0.70
C VAL A 68 -8.40 -5.82 1.63
N SER A 69 -8.67 -7.07 1.43
CA SER A 69 -9.68 -7.73 2.17
C SER A 69 -9.12 -8.56 3.26
N VAL A 70 -9.71 -8.44 4.40
CA VAL A 70 -9.27 -9.15 5.56
C VAL A 70 -10.29 -10.22 5.92
N LYS A 71 -9.82 -11.42 6.12
CA LYS A 71 -10.67 -12.49 6.56
C LYS A 71 -10.29 -12.86 7.98
N ASN A 72 -11.18 -12.58 8.89
CA ASN A 72 -10.89 -12.73 10.31
C ASN A 72 -12.00 -13.46 11.03
N PRO A 73 -11.69 -14.56 11.74
CA PRO A 73 -12.66 -15.26 12.53
C PRO A 73 -12.63 -14.86 14.04
N TYR A 74 -13.51 -13.96 14.38
CA TYR A 74 -13.77 -13.48 15.74
C TYR A 74 -15.17 -12.92 15.74
N SER A 75 -15.53 -12.18 16.73
CA SER A 75 -16.82 -11.53 16.74
C SER A 75 -16.64 -10.05 17.11
N GLN A 76 -15.40 -9.61 17.05
CA GLN A 76 -15.06 -8.26 17.38
C GLN A 76 -14.46 -7.52 16.22
N SER A 77 -14.91 -6.33 16.01
CA SER A 77 -14.37 -5.46 15.02
C SER A 77 -13.00 -4.94 15.49
N ILE A 78 -11.95 -5.58 15.04
CA ILE A 78 -10.60 -5.18 15.40
C ILE A 78 -10.15 -4.08 14.45
N PRO A 79 -9.82 -2.91 14.96
CA PRO A 79 -9.29 -1.84 14.17
C PRO A 79 -7.79 -2.02 13.97
N ILE A 80 -7.25 -1.42 12.97
CA ILE A 80 -5.84 -1.54 12.75
C ILE A 80 -5.17 -0.26 13.20
N CYS A 81 -3.98 -0.38 13.76
CA CYS A 81 -3.26 0.78 14.28
C CYS A 81 -2.97 1.77 13.14
N GLN A 82 -2.31 1.29 12.10
CA GLN A 82 -2.14 2.06 10.91
C GLN A 82 -1.95 1.13 9.74
N ILE A 83 -2.44 1.52 8.62
CA ILE A 83 -2.23 0.76 7.43
C ILE A 83 -1.07 1.37 6.69
N SER A 84 -0.03 0.62 6.54
CA SER A 84 1.11 1.11 5.88
C SER A 84 1.10 0.60 4.47
N TYR A 85 1.05 1.47 3.54
CA TYR A 85 1.05 1.04 2.18
C TYR A 85 2.36 1.39 1.58
N ILE A 86 2.91 0.47 0.88
CA ILE A 86 4.13 0.67 0.22
C ILE A 86 3.81 0.52 -1.25
N LEU A 87 3.82 1.62 -1.91
CA LEU A 87 3.36 1.75 -3.27
C LEU A 87 4.57 1.80 -4.20
N LYS A 88 4.65 0.87 -5.13
CA LYS A 88 5.76 0.85 -6.09
C LYS A 88 5.32 1.38 -7.40
N SER A 89 6.22 1.96 -8.12
CA SER A 89 5.86 2.45 -9.43
C SER A 89 6.85 2.08 -10.55
N ALA A 90 6.51 0.97 -11.22
CA ALA A 90 7.13 0.46 -12.46
C ALA A 90 8.66 0.29 -12.46
N THR A 91 9.37 1.39 -12.58
CA THR A 91 10.80 1.38 -12.77
C THR A 91 11.56 0.95 -11.51
N ARG A 92 11.59 1.82 -10.51
CA ARG A 92 12.29 1.55 -9.23
C ARG A 92 11.66 2.36 -8.13
N THR A 93 10.90 3.36 -8.52
CA THR A 93 10.38 4.31 -7.59
C THR A 93 9.32 3.70 -6.69
N ILE A 94 9.20 4.25 -5.51
CA ILE A 94 8.36 3.74 -4.48
C ILE A 94 7.81 4.94 -3.70
N ALA A 95 6.62 4.78 -3.17
CA ALA A 95 5.95 5.75 -2.32
C ALA A 95 5.48 5.01 -1.07
N SER A 96 5.39 5.70 0.02
CA SER A 96 5.05 5.08 1.27
C SER A 96 4.03 5.92 2.04
N GLY A 97 3.44 5.34 3.06
CA GLY A 97 2.49 6.07 3.85
C GLY A 97 1.80 5.20 4.86
N THR A 98 1.67 5.72 6.05
CA THR A 98 1.01 5.03 7.13
C THR A 98 -0.27 5.75 7.50
N ILE A 99 -1.41 5.13 7.25
CA ILE A 99 -2.68 5.74 7.60
C ILE A 99 -3.23 5.18 8.92
N PRO A 100 -3.23 5.99 10.01
CA PRO A 100 -3.72 5.59 11.32
C PRO A 100 -5.24 5.45 11.33
N ASP A 101 -5.71 4.23 11.57
CA ASP A 101 -7.13 3.84 11.57
C ASP A 101 -7.86 4.30 10.30
N PRO A 102 -7.84 3.49 9.24
CA PRO A 102 -8.57 3.75 8.01
C PRO A 102 -9.88 2.95 7.98
N GLY A 103 -10.20 2.34 9.10
CA GLY A 103 -11.36 1.51 9.19
C GLY A 103 -11.11 0.38 10.15
N SER A 104 -11.93 -0.64 10.10
CA SER A 104 -11.80 -1.77 10.98
C SER A 104 -12.33 -3.01 10.31
N LEU A 105 -11.94 -4.17 10.79
CA LEU A 105 -12.46 -5.39 10.26
C LEU A 105 -13.79 -5.69 10.93
N VAL A 106 -14.70 -6.31 10.21
CA VAL A 106 -16.05 -6.58 10.72
C VAL A 106 -16.10 -7.40 12.01
N GLY A 107 -15.32 -8.44 12.07
CA GLY A 107 -15.34 -9.31 13.19
C GLY A 107 -15.22 -10.74 12.76
N SER A 108 -16.10 -11.15 11.90
CA SER A 108 -16.13 -12.49 11.41
C SER A 108 -16.36 -12.49 9.91
N GLY A 109 -15.43 -13.01 9.17
CA GLY A 109 -15.61 -13.14 7.75
C GLY A 109 -14.71 -12.25 6.98
N THR A 110 -15.04 -12.04 5.74
CA THR A 110 -14.27 -11.20 4.89
C THR A 110 -14.77 -9.76 5.00
N THR A 111 -13.87 -8.86 5.04
CA THR A 111 -14.17 -7.49 5.10
C THR A 111 -13.21 -6.76 4.19
N VAL A 112 -13.75 -6.12 3.20
CA VAL A 112 -12.93 -5.42 2.27
C VAL A 112 -12.66 -4.02 2.76
N LEU A 113 -11.42 -3.76 3.02
CA LEU A 113 -10.99 -2.48 3.42
C LEU A 113 -10.39 -1.82 2.20
N ASP A 114 -10.47 -0.52 2.10
CA ASP A 114 -9.96 0.13 0.94
C ASP A 114 -9.26 1.43 1.26
N VAL A 115 -7.98 1.44 0.97
CA VAL A 115 -7.14 2.59 1.20
C VAL A 115 -7.03 3.44 -0.06
N PRO A 116 -7.25 4.75 0.04
CA PRO A 116 -7.04 5.66 -1.07
C PRO A 116 -5.54 5.83 -1.32
N VAL A 117 -5.10 5.34 -2.44
CA VAL A 117 -3.70 5.32 -2.80
C VAL A 117 -3.64 5.87 -4.18
N LYS A 118 -2.57 6.44 -4.58
CA LYS A 118 -2.48 6.92 -5.92
C LYS A 118 -1.40 6.22 -6.78
N VAL A 119 -1.79 5.83 -8.00
CA VAL A 119 -0.91 5.13 -8.97
C VAL A 119 -0.29 6.15 -9.85
N ALA A 120 0.94 5.84 -10.30
CA ALA A 120 1.75 6.75 -11.15
C ALA A 120 2.35 7.85 -10.32
N TYR A 121 1.88 7.93 -9.09
CA TYR A 121 2.30 8.93 -8.14
C TYR A 121 3.76 8.90 -7.95
N SER A 122 4.27 7.74 -7.67
CA SER A 122 5.64 7.61 -7.36
C SER A 122 6.52 7.78 -8.61
N ILE A 123 6.12 7.18 -9.71
CA ILE A 123 6.95 7.25 -10.88
C ILE A 123 6.96 8.64 -11.51
N ALA A 124 5.78 9.23 -11.75
CA ALA A 124 5.69 10.53 -12.42
C ALA A 124 6.39 11.64 -11.68
N VAL A 125 6.42 11.57 -10.35
CA VAL A 125 7.03 12.61 -9.58
C VAL A 125 8.57 12.57 -9.70
N SER A 126 9.13 11.39 -9.91
CA SER A 126 10.57 11.30 -9.95
C SER A 126 11.10 11.07 -11.39
N LEU A 127 10.47 10.19 -12.14
CA LEU A 127 10.94 9.82 -13.48
C LEU A 127 9.87 10.04 -14.55
N MET A 128 8.69 9.46 -14.32
CA MET A 128 7.54 9.47 -15.25
C MET A 128 7.75 8.49 -16.40
N LYS A 129 6.68 7.76 -16.76
CA LYS A 129 6.75 6.78 -17.83
C LYS A 129 7.10 7.47 -19.13
N ASP A 130 6.13 8.19 -19.67
CA ASP A 130 6.28 8.98 -20.91
C ASP A 130 4.93 9.49 -21.37
N MET A 131 3.86 8.94 -20.79
CA MET A 131 2.49 9.16 -21.27
C MET A 131 2.26 8.55 -22.63
N CYS A 132 1.85 7.32 -22.61
CA CYS A 132 1.57 6.57 -23.80
C CYS A 132 0.06 6.45 -23.93
N THR A 133 -0.42 6.26 -25.12
CA THR A 133 -1.81 6.10 -25.32
C THR A 133 -2.17 4.61 -25.39
N ASP A 134 -2.69 4.10 -24.27
CA ASP A 134 -3.13 2.70 -24.12
C ASP A 134 -1.93 1.75 -23.99
N TRP A 135 -1.66 1.38 -22.76
CA TRP A 135 -0.53 0.57 -22.41
C TRP A 135 -0.82 -0.06 -21.05
N ASP A 136 -0.15 -1.14 -20.73
CA ASP A 136 -0.35 -1.75 -19.43
C ASP A 136 0.86 -1.51 -18.55
N ILE A 137 0.61 -1.39 -17.27
CA ILE A 137 1.64 -1.13 -16.28
C ILE A 137 1.53 -2.13 -15.16
N ASP A 138 2.62 -2.73 -14.81
CA ASP A 138 2.65 -3.57 -13.66
C ASP A 138 3.31 -2.80 -12.54
N TYR A 139 2.50 -2.29 -11.65
CA TYR A 139 3.06 -1.54 -10.54
C TYR A 139 2.95 -2.48 -9.35
N GLN A 140 3.53 -2.17 -8.25
CA GLN A 140 3.45 -3.13 -7.14
C GLN A 140 2.80 -2.52 -5.93
N LEU A 141 2.10 -3.36 -5.20
CA LEU A 141 1.43 -2.95 -4.01
C LEU A 141 1.76 -3.88 -2.87
N ASP A 142 2.36 -3.31 -1.89
CA ASP A 142 2.78 -4.01 -0.70
C ASP A 142 2.13 -3.32 0.45
N ILE A 143 1.40 -4.03 1.24
CA ILE A 143 0.75 -3.38 2.36
C ILE A 143 1.16 -4.01 3.65
N GLY A 144 1.52 -3.18 4.56
CA GLY A 144 1.83 -3.57 5.86
C GLY A 144 0.71 -3.16 6.78
N LEU A 145 -0.26 -4.01 6.89
CA LEU A 145 -1.36 -3.78 7.80
C LEU A 145 -0.99 -4.29 9.17
N THR A 146 -1.37 -3.61 10.20
CA THR A 146 -1.03 -4.05 11.51
C THR A 146 -2.25 -4.11 12.42
N PHE A 147 -2.48 -5.28 12.94
CA PHE A 147 -3.60 -5.51 13.83
C PHE A 147 -3.06 -5.59 15.23
N ASP A 148 -3.75 -5.00 16.15
CA ASP A 148 -3.39 -5.18 17.53
C ASP A 148 -4.19 -6.33 18.03
N ILE A 149 -3.54 -7.42 18.24
CA ILE A 149 -4.22 -8.58 18.70
C ILE A 149 -3.98 -8.69 20.18
N PRO A 150 -5.05 -8.79 20.99
CA PRO A 150 -4.97 -8.82 22.46
C PRO A 150 -4.24 -10.07 23.00
N VAL A 151 -3.87 -10.95 22.11
CA VAL A 151 -3.14 -12.14 22.48
C VAL A 151 -1.69 -11.76 22.78
N VAL A 152 -1.03 -11.05 21.83
CA VAL A 152 0.35 -10.62 22.05
C VAL A 152 0.96 -9.72 20.92
N GLY A 153 0.67 -8.44 20.99
CA GLY A 153 1.40 -7.50 20.21
C GLY A 153 0.68 -7.00 19.03
N ASP A 154 1.07 -5.83 18.61
CA ASP A 154 0.59 -5.33 17.38
C ASP A 154 1.66 -5.63 16.37
N ILE A 155 1.32 -6.47 15.47
CA ILE A 155 2.23 -6.88 14.42
C ILE A 155 1.69 -6.57 13.05
N THR A 156 2.57 -6.32 12.10
CA THR A 156 2.14 -6.09 10.74
C THR A 156 2.26 -7.39 9.93
N ILE A 157 1.41 -7.54 8.94
CA ILE A 157 1.47 -8.67 8.06
C ILE A 157 1.86 -8.17 6.68
N PRO A 158 3.07 -8.51 6.23
CA PRO A 158 3.56 -8.11 4.91
C PRO A 158 2.83 -8.80 3.77
N VAL A 159 1.97 -8.06 3.10
CA VAL A 159 1.31 -8.59 1.93
C VAL A 159 1.95 -7.94 0.73
N SER A 160 2.57 -8.73 -0.10
CA SER A 160 3.32 -8.22 -1.21
C SER A 160 2.92 -8.89 -2.54
N THR A 161 2.43 -8.09 -3.47
CA THR A 161 2.02 -8.60 -4.76
C THR A 161 2.06 -7.47 -5.78
N GLN A 162 1.87 -7.76 -7.04
CA GLN A 162 1.90 -6.74 -8.04
C GLN A 162 0.50 -6.35 -8.43
N GLY A 163 0.38 -5.14 -8.85
CA GLY A 163 -0.85 -4.64 -9.32
C GLY A 163 -0.71 -4.38 -10.79
N GLU A 164 -1.22 -5.24 -11.57
CA GLU A 164 -1.14 -5.06 -12.98
C GLU A 164 -2.39 -4.40 -13.47
N ILE A 165 -2.20 -3.27 -14.07
CA ILE A 165 -3.27 -2.41 -14.47
C ILE A 165 -3.08 -1.97 -15.92
N LYS A 166 -4.14 -2.05 -16.67
CA LYS A 166 -4.11 -1.65 -18.05
C LYS A 166 -4.69 -0.25 -18.15
N LEU A 167 -3.98 0.63 -18.78
CA LEU A 167 -4.41 1.99 -18.82
C LEU A 167 -4.76 2.42 -20.24
N PRO A 168 -6.02 2.79 -20.47
CA PRO A 168 -6.46 3.26 -21.76
C PRO A 168 -6.20 4.76 -21.95
N SER A 169 -5.23 5.06 -22.82
CA SER A 169 -4.80 6.41 -23.19
C SER A 169 -4.43 7.34 -22.03
N LEU A 170 -5.44 7.96 -21.40
CA LEU A 170 -5.28 8.90 -20.28
C LEU A 170 -4.64 10.22 -20.74
N ARG A 171 -3.40 10.15 -21.24
CA ARG A 171 -2.67 11.28 -21.86
C ARG A 171 -2.32 12.43 -20.90
N ASP A 172 -2.75 12.35 -19.65
CA ASP A 172 -2.48 13.43 -18.69
C ASP A 172 -2.20 12.84 -17.29
N PHE A 173 -2.22 11.52 -17.20
CA PHE A 173 -2.29 10.86 -15.89
C PHE A 173 -1.05 10.02 -15.48
N PHE A 174 -0.13 9.73 -16.39
CA PHE A 174 0.96 8.81 -15.99
C PHE A 174 2.31 9.30 -16.51
N GLY A 1 18.32 22.73 -0.23
CA GLY A 1 16.96 22.19 -0.12
C GLY A 1 16.74 21.58 1.23
N HIS A 2 15.76 20.68 1.33
CA HIS A 2 15.41 19.97 2.57
C HIS A 2 14.88 20.91 3.66
N HIS A 3 15.79 21.55 4.37
CA HIS A 3 15.41 22.38 5.51
C HIS A 3 15.54 23.87 5.20
N HIS A 4 16.39 24.22 4.26
CA HIS A 4 16.57 25.62 3.90
C HIS A 4 16.88 25.68 2.41
N HIS A 5 16.44 26.75 1.75
CA HIS A 5 16.53 26.91 0.30
C HIS A 5 15.46 26.12 -0.40
N HIS A 6 14.30 26.76 -0.55
CA HIS A 6 13.12 26.23 -1.28
C HIS A 6 12.39 25.08 -0.56
N HIS A 7 13.12 24.33 0.27
CA HIS A 7 12.61 23.19 1.05
C HIS A 7 12.22 22.01 0.15
N LEU A 8 11.10 22.14 -0.55
CA LEU A 8 10.56 21.07 -1.35
C LEU A 8 11.11 21.00 -2.77
N GLU A 9 11.67 22.11 -3.27
CA GLU A 9 12.23 22.12 -4.62
C GLU A 9 13.61 21.48 -4.66
N ALA A 10 13.61 20.20 -4.41
CA ALA A 10 14.78 19.34 -4.38
C ALA A 10 14.28 17.91 -4.25
N SER A 11 12.99 17.74 -4.54
CA SER A 11 12.28 16.50 -4.38
C SER A 11 12.33 16.04 -2.92
N ALA A 12 11.61 16.75 -2.08
CA ALA A 12 11.59 16.46 -0.66
C ALA A 12 10.78 15.21 -0.42
N ASP A 13 9.64 15.11 -1.09
CA ASP A 13 8.75 13.95 -0.97
C ASP A 13 9.46 12.67 -1.32
N GLU A 14 10.36 12.74 -2.28
CA GLU A 14 11.17 11.59 -2.69
C GLU A 14 11.98 11.10 -1.48
N LYS A 15 12.63 12.05 -0.82
CA LYS A 15 13.40 11.81 0.40
C LYS A 15 12.49 11.27 1.49
N VAL A 16 11.31 11.81 1.59
CA VAL A 16 10.36 11.42 2.60
C VAL A 16 9.93 9.98 2.41
N VAL A 17 9.71 9.59 1.15
CA VAL A 17 9.40 8.21 0.82
C VAL A 17 10.54 7.29 1.28
N GLU A 18 11.75 7.81 1.22
CA GLU A 18 12.92 7.03 1.57
C GLU A 18 12.95 6.83 3.09
N GLU A 19 12.70 7.93 3.78
CA GLU A 19 12.59 7.96 5.23
C GLU A 19 11.50 7.01 5.70
N LYS A 20 10.29 7.16 5.13
CA LYS A 20 9.15 6.33 5.52
C LYS A 20 9.45 4.86 5.30
N ALA A 21 9.97 4.53 4.13
CA ALA A 21 10.24 3.14 3.76
C ALA A 21 11.19 2.48 4.76
N SER A 22 12.23 3.19 5.12
CA SER A 22 13.20 2.70 6.07
C SER A 22 12.57 2.45 7.46
N VAL A 23 11.83 3.43 7.96
CA VAL A 23 11.17 3.31 9.27
C VAL A 23 10.16 2.16 9.24
N ILE A 24 9.48 2.02 8.13
CA ILE A 24 8.48 0.98 7.96
C ILE A 24 9.15 -0.39 7.91
N SER A 25 10.19 -0.49 7.09
CA SER A 25 10.94 -1.74 6.92
C SER A 25 11.51 -2.21 8.26
N SER A 26 11.94 -1.27 9.08
CA SER A 26 12.49 -1.55 10.39
C SER A 26 11.42 -2.21 11.30
N LEU A 27 10.17 -1.74 11.18
CA LEU A 27 9.09 -2.30 11.95
C LEU A 27 8.68 -3.64 11.32
N LEU A 28 8.62 -3.67 9.99
CA LEU A 28 8.27 -4.90 9.26
C LEU A 28 9.21 -6.02 9.62
N ASP A 29 10.47 -5.66 9.82
CA ASP A 29 11.52 -6.61 10.17
C ASP A 29 11.18 -7.40 11.44
N LYS A 30 10.63 -6.71 12.44
CA LYS A 30 10.32 -7.37 13.70
C LYS A 30 8.97 -8.08 13.60
N ALA A 31 8.05 -7.50 12.84
CA ALA A 31 6.71 -8.00 12.72
C ALA A 31 6.58 -9.21 11.80
N LYS A 32 7.13 -9.09 10.58
CA LYS A 32 7.01 -10.14 9.55
C LYS A 32 7.61 -11.44 10.03
N GLY A 33 8.81 -11.36 10.59
CA GLY A 33 9.48 -12.53 11.08
C GLY A 33 8.67 -13.23 12.17
N PHE A 34 8.34 -12.48 13.21
CA PHE A 34 7.59 -12.99 14.36
C PHE A 34 6.25 -13.57 13.91
N PHE A 35 5.61 -12.88 12.98
CA PHE A 35 4.34 -13.32 12.46
C PHE A 35 4.48 -14.61 11.65
N ALA A 36 5.38 -14.60 10.68
CA ALA A 36 5.53 -15.73 9.77
C ALA A 36 5.90 -17.02 10.48
N GLU A 37 6.59 -16.91 11.60
CA GLU A 37 7.00 -18.10 12.31
C GLU A 37 6.01 -18.61 13.36
N LYS A 38 5.41 -17.72 14.14
CA LYS A 38 4.42 -18.20 15.11
C LYS A 38 3.03 -17.85 14.73
N LEU A 39 2.83 -16.62 14.38
CA LEU A 39 1.45 -16.09 14.20
C LEU A 39 0.79 -16.54 12.93
N ALA A 40 1.54 -17.09 12.04
CA ALA A 40 1.00 -17.63 10.81
C ALA A 40 0.15 -18.86 11.10
N ASN A 41 0.40 -19.50 12.23
CA ASN A 41 -0.32 -20.70 12.63
C ASN A 41 -1.12 -20.44 13.90
N ILE A 42 -1.32 -19.17 14.19
CA ILE A 42 -2.07 -18.75 15.34
C ILE A 42 -3.14 -17.76 14.89
N PRO A 43 -4.41 -17.93 15.37
CA PRO A 43 -5.54 -17.05 15.01
C PRO A 43 -5.19 -15.55 14.94
N THR A 44 -5.06 -15.08 13.72
CA THR A 44 -4.77 -13.71 13.40
C THR A 44 -5.50 -13.34 12.10
N PRO A 45 -5.80 -12.06 11.86
CA PRO A 45 -6.44 -11.63 10.62
C PRO A 45 -5.55 -11.89 9.41
N GLU A 46 -6.07 -12.61 8.45
CA GLU A 46 -5.33 -12.94 7.26
C GLU A 46 -5.68 -11.95 6.17
N ALA A 47 -4.74 -11.13 5.81
CA ALA A 47 -4.97 -10.09 4.85
C ALA A 47 -4.35 -10.40 3.52
N THR A 48 -5.03 -10.02 2.48
CA THR A 48 -4.55 -10.17 1.15
C THR A 48 -4.99 -8.94 0.33
N VAL A 49 -4.12 -8.46 -0.55
CA VAL A 49 -4.44 -7.32 -1.39
C VAL A 49 -5.18 -7.86 -2.58
N ASP A 50 -6.17 -7.14 -3.02
CA ASP A 50 -7.08 -7.73 -3.98
C ASP A 50 -6.93 -7.16 -5.39
N ASP A 51 -7.18 -5.87 -5.55
CA ASP A 51 -7.29 -5.30 -6.90
C ASP A 51 -7.25 -3.78 -6.86
N VAL A 52 -7.07 -3.17 -8.02
CA VAL A 52 -6.92 -1.75 -8.18
C VAL A 52 -8.02 -1.17 -9.07
N ASP A 53 -8.80 -0.28 -8.51
CA ASP A 53 -9.83 0.43 -9.26
C ASP A 53 -9.59 1.92 -9.20
N PHE A 54 -9.12 2.49 -10.31
CA PHE A 54 -8.77 3.91 -10.35
C PHE A 54 -9.98 4.80 -10.58
N LYS A 55 -10.06 5.86 -9.80
CA LYS A 55 -11.21 6.75 -9.83
C LYS A 55 -10.89 8.25 -9.79
N GLY A 56 -10.53 8.75 -10.90
CA GLY A 56 -10.31 10.16 -11.03
C GLY A 56 -8.93 10.48 -11.48
N VAL A 57 -8.45 11.61 -11.07
CA VAL A 57 -7.12 12.05 -11.39
C VAL A 57 -6.55 12.78 -10.19
N THR A 58 -5.26 12.81 -10.08
CA THR A 58 -4.59 13.49 -9.01
C THR A 58 -3.43 14.28 -9.65
N ARG A 59 -2.84 15.23 -8.92
CA ARG A 59 -1.71 16.01 -9.43
C ARG A 59 -0.55 15.10 -9.79
N ASP A 60 -0.32 14.11 -8.95
CA ASP A 60 0.69 13.13 -9.15
C ASP A 60 0.08 11.79 -8.87
N GLY A 61 -0.19 11.06 -9.90
CA GLY A 61 -0.79 9.78 -9.75
C GLY A 61 -2.28 9.83 -9.92
N VAL A 62 -2.96 8.82 -9.43
CA VAL A 62 -4.41 8.68 -9.56
C VAL A 62 -4.92 7.90 -8.38
N ASP A 63 -5.82 8.50 -7.63
CA ASP A 63 -6.37 7.84 -6.47
C ASP A 63 -7.23 6.68 -6.91
N TYR A 64 -6.99 5.56 -6.33
CA TYR A 64 -7.73 4.38 -6.64
C TYR A 64 -8.17 3.75 -5.35
N HIS A 65 -9.03 2.78 -5.45
CA HIS A 65 -9.41 2.03 -4.29
C HIS A 65 -8.50 0.87 -4.16
N ALA A 66 -7.64 0.90 -3.18
CA ALA A 66 -6.78 -0.21 -2.93
C ALA A 66 -7.57 -1.19 -2.12
N LYS A 67 -7.86 -2.30 -2.72
CA LYS A 67 -8.67 -3.29 -2.09
C LYS A 67 -7.83 -4.19 -1.27
N VAL A 68 -8.13 -4.22 -0.02
CA VAL A 68 -7.43 -5.04 0.92
C VAL A 68 -8.45 -5.87 1.66
N SER A 69 -8.47 -7.12 1.39
CA SER A 69 -9.41 -7.97 2.04
C SER A 69 -8.77 -8.71 3.18
N VAL A 70 -9.36 -8.56 4.33
CA VAL A 70 -8.83 -9.15 5.53
C VAL A 70 -9.83 -10.13 6.13
N LYS A 71 -9.36 -11.34 6.34
CA LYS A 71 -10.13 -12.41 6.93
C LYS A 71 -9.83 -12.43 8.42
N ASN A 72 -10.78 -12.07 9.23
CA ASN A 72 -10.54 -11.99 10.68
C ASN A 72 -11.25 -13.11 11.41
N PRO A 73 -10.50 -14.04 12.02
CA PRO A 73 -11.03 -14.96 12.96
C PRO A 73 -10.49 -14.66 14.39
N TYR A 74 -11.27 -13.95 15.20
CA TYR A 74 -10.81 -13.60 16.55
C TYR A 74 -12.00 -13.03 17.37
N SER A 75 -13.06 -12.58 16.65
CA SER A 75 -14.31 -12.03 17.23
C SER A 75 -14.02 -10.66 17.85
N GLN A 76 -13.00 -10.04 17.36
CA GLN A 76 -12.53 -8.79 17.79
C GLN A 76 -12.55 -7.82 16.62
N SER A 77 -13.44 -6.85 16.69
CA SER A 77 -13.51 -5.79 15.70
C SER A 77 -12.36 -4.86 15.97
N ILE A 78 -11.25 -5.18 15.38
CA ILE A 78 -9.98 -4.54 15.66
C ILE A 78 -9.93 -3.14 15.10
N PRO A 79 -9.69 -2.13 15.95
CA PRO A 79 -9.39 -0.81 15.48
C PRO A 79 -7.99 -0.89 14.89
N ILE A 80 -7.92 -0.77 13.59
CA ILE A 80 -6.69 -0.94 12.88
C ILE A 80 -5.72 0.13 13.30
N CYS A 81 -4.59 -0.30 13.85
CA CYS A 81 -3.58 0.62 14.32
C CYS A 81 -3.15 1.53 13.19
N GLN A 82 -2.77 0.92 12.09
CA GLN A 82 -2.36 1.63 10.92
C GLN A 82 -2.29 0.68 9.76
N ILE A 83 -2.57 1.19 8.62
CA ILE A 83 -2.45 0.44 7.41
C ILE A 83 -1.29 1.03 6.61
N SER A 84 -0.27 0.27 6.46
CA SER A 84 0.87 0.72 5.75
C SER A 84 0.73 0.31 4.31
N TYR A 85 1.25 1.08 3.43
CA TYR A 85 1.23 0.75 2.05
C TYR A 85 2.55 1.15 1.45
N ILE A 86 3.05 0.33 0.62
CA ILE A 86 4.22 0.63 -0.11
C ILE A 86 4.10 0.04 -1.50
N LEU A 87 3.97 0.90 -2.45
CA LEU A 87 3.80 0.49 -3.79
C LEU A 87 5.01 0.82 -4.60
N LYS A 88 5.35 -0.07 -5.45
CA LYS A 88 6.48 0.10 -6.28
C LYS A 88 6.10 0.47 -7.67
N SER A 89 6.99 1.14 -8.31
CA SER A 89 6.82 1.54 -9.68
C SER A 89 8.11 1.27 -10.43
N ALA A 90 7.99 0.64 -11.58
CA ALA A 90 9.14 0.29 -12.35
C ALA A 90 9.72 1.47 -13.06
N THR A 91 10.57 2.13 -12.36
CA THR A 91 11.29 3.28 -12.81
C THR A 91 12.46 3.44 -11.88
N ARG A 92 12.10 3.48 -10.58
CA ARG A 92 13.05 3.58 -9.44
C ARG A 92 12.31 4.01 -8.16
N THR A 93 11.57 5.10 -8.27
CA THR A 93 10.85 5.66 -7.13
C THR A 93 9.66 4.79 -6.72
N ILE A 94 9.44 4.69 -5.42
CA ILE A 94 8.35 3.95 -4.86
C ILE A 94 7.52 4.88 -3.95
N ALA A 95 6.44 4.40 -3.38
CA ALA A 95 5.64 5.20 -2.46
C ALA A 95 5.34 4.40 -1.23
N SER A 96 5.52 5.00 -0.08
CA SER A 96 5.28 4.34 1.17
C SER A 96 4.49 5.26 2.11
N GLY A 97 3.83 4.67 3.09
CA GLY A 97 3.10 5.45 4.06
C GLY A 97 2.35 4.57 5.03
N THR A 98 1.85 5.16 6.09
CA THR A 98 1.06 4.46 7.09
C THR A 98 -0.18 5.26 7.45
N ILE A 99 -1.35 4.73 7.18
CA ILE A 99 -2.58 5.43 7.54
C ILE A 99 -3.14 4.88 8.86
N PRO A 100 -3.06 5.65 9.95
CA PRO A 100 -3.59 5.24 11.24
C PRO A 100 -5.12 5.29 11.27
N ASP A 101 -5.74 4.14 11.56
CA ASP A 101 -7.21 4.00 11.65
C ASP A 101 -7.93 4.44 10.35
N PRO A 102 -8.00 3.54 9.34
CA PRO A 102 -8.61 3.85 8.06
C PRO A 102 -10.04 3.27 7.92
N GLY A 103 -10.57 2.76 9.00
CA GLY A 103 -11.89 2.18 8.99
C GLY A 103 -12.11 1.36 10.23
N SER A 104 -12.47 0.11 10.05
CA SER A 104 -12.65 -0.80 11.17
C SER A 104 -12.36 -2.19 10.65
N LEU A 105 -11.81 -3.07 11.46
CA LEU A 105 -11.55 -4.38 10.95
C LEU A 105 -12.60 -5.34 11.51
N VAL A 106 -13.61 -5.59 10.66
CA VAL A 106 -14.78 -6.49 10.83
C VAL A 106 -15.01 -7.09 12.25
N GLY A 107 -14.18 -8.02 12.66
CA GLY A 107 -14.38 -8.72 13.89
C GLY A 107 -14.40 -10.20 13.65
N SER A 108 -15.20 -10.61 12.70
CA SER A 108 -15.29 -11.99 12.34
C SER A 108 -15.76 -12.18 10.89
N GLY A 109 -14.80 -12.34 10.00
CA GLY A 109 -15.13 -12.59 8.61
C GLY A 109 -14.18 -11.93 7.68
N THR A 110 -14.45 -12.02 6.40
CA THR A 110 -13.63 -11.38 5.40
C THR A 110 -14.22 -10.04 5.05
N THR A 111 -13.49 -9.00 5.32
CA THR A 111 -13.92 -7.67 5.00
C THR A 111 -13.02 -7.09 3.93
N VAL A 112 -13.58 -6.42 2.96
CA VAL A 112 -12.78 -5.77 1.97
C VAL A 112 -12.69 -4.30 2.33
N LEU A 113 -11.50 -3.87 2.64
CA LEU A 113 -11.26 -2.51 3.08
C LEU A 113 -10.97 -1.63 1.88
N ASP A 114 -11.36 -0.38 1.99
CA ASP A 114 -11.08 0.63 0.96
C ASP A 114 -10.15 1.66 1.50
N VAL A 115 -9.02 1.82 0.87
CA VAL A 115 -8.08 2.83 1.27
C VAL A 115 -7.67 3.69 0.05
N PRO A 116 -7.82 5.04 0.16
CA PRO A 116 -7.49 5.97 -0.91
C PRO A 116 -5.97 6.22 -1.01
N VAL A 117 -5.41 5.75 -2.09
CA VAL A 117 -4.00 5.87 -2.39
C VAL A 117 -3.85 6.08 -3.89
N LYS A 118 -2.81 6.76 -4.30
CA LYS A 118 -2.61 7.00 -5.73
C LYS A 118 -1.69 6.00 -6.37
N VAL A 119 -2.09 5.54 -7.53
CA VAL A 119 -1.32 4.60 -8.31
C VAL A 119 -0.49 5.38 -9.30
N ALA A 120 0.72 4.89 -9.59
CA ALA A 120 1.64 5.52 -10.52
C ALA A 120 2.12 6.85 -9.96
N TYR A 121 1.84 7.04 -8.70
CA TYR A 121 2.24 8.19 -7.94
C TYR A 121 3.74 8.32 -8.01
N SER A 122 4.42 7.24 -7.72
CA SER A 122 5.87 7.20 -7.67
C SER A 122 6.50 7.53 -9.03
N ILE A 123 5.91 7.01 -10.08
CA ILE A 123 6.44 7.22 -11.41
C ILE A 123 6.06 8.60 -11.95
N ALA A 124 4.86 9.12 -11.58
CA ALA A 124 4.45 10.48 -11.95
C ALA A 124 5.42 11.48 -11.35
N VAL A 125 5.89 11.18 -10.14
CA VAL A 125 6.90 11.97 -9.46
C VAL A 125 8.17 12.13 -10.31
N SER A 126 8.55 11.10 -11.02
CA SER A 126 9.74 11.15 -11.82
C SER A 126 9.45 11.52 -13.31
N LEU A 127 8.97 10.56 -14.10
CA LEU A 127 8.82 10.76 -15.55
C LEU A 127 7.37 10.65 -16.06
N MET A 128 6.49 10.16 -15.19
CA MET A 128 5.02 10.11 -15.44
C MET A 128 4.64 9.25 -16.66
N LYS A 129 5.32 8.10 -16.82
CA LYS A 129 5.04 7.16 -17.90
C LYS A 129 5.24 7.81 -19.27
N ASP A 130 4.21 8.51 -19.71
CA ASP A 130 4.12 9.24 -20.97
C ASP A 130 2.64 9.53 -21.20
N MET A 131 1.80 8.69 -20.54
CA MET A 131 0.32 8.75 -20.66
C MET A 131 -0.16 8.54 -22.13
N CYS A 132 -0.61 7.33 -22.47
CA CYS A 132 -0.97 7.03 -23.86
C CYS A 132 -2.36 6.33 -23.96
N THR A 133 -2.85 6.22 -25.21
CA THR A 133 -3.99 5.44 -25.57
C THR A 133 -3.69 3.95 -25.40
N ASP A 134 -4.62 3.23 -24.75
CA ASP A 134 -4.46 1.83 -24.30
C ASP A 134 -3.08 1.63 -23.70
N TRP A 135 -2.91 2.17 -22.54
CA TRP A 135 -1.64 2.20 -21.88
C TRP A 135 -1.60 1.12 -20.82
N ASP A 136 -0.73 0.16 -21.00
CA ASP A 136 -0.66 -1.00 -20.11
C ASP A 136 0.56 -0.93 -19.24
N ILE A 137 0.35 -1.03 -17.95
CA ILE A 137 1.41 -0.98 -16.98
C ILE A 137 1.19 -1.99 -15.86
N ASP A 138 2.22 -2.17 -15.09
CA ASP A 138 2.19 -3.03 -13.94
C ASP A 138 2.99 -2.41 -12.83
N TYR A 139 2.42 -2.42 -11.66
CA TYR A 139 3.05 -1.88 -10.50
C TYR A 139 2.90 -2.95 -9.41
N GLN A 140 3.50 -2.79 -8.28
CA GLN A 140 3.44 -3.84 -7.27
C GLN A 140 3.04 -3.23 -5.95
N LEU A 141 1.96 -3.75 -5.37
CA LEU A 141 1.38 -3.21 -4.14
C LEU A 141 1.65 -4.08 -2.94
N ASP A 142 2.15 -3.46 -1.88
CA ASP A 142 2.36 -4.09 -0.59
C ASP A 142 1.60 -3.31 0.44
N ILE A 143 0.96 -4.00 1.31
CA ILE A 143 0.23 -3.39 2.39
C ILE A 143 0.76 -3.96 3.71
N GLY A 144 0.78 -3.16 4.73
CA GLY A 144 1.21 -3.62 6.02
C GLY A 144 0.13 -3.39 7.04
N LEU A 145 -0.63 -4.41 7.31
CA LEU A 145 -1.74 -4.32 8.24
C LEU A 145 -1.24 -4.45 9.66
N THR A 146 -1.28 -3.37 10.40
CA THR A 146 -0.84 -3.43 11.76
C THR A 146 -2.04 -3.64 12.68
N PHE A 147 -2.14 -4.83 13.22
CA PHE A 147 -3.20 -5.15 14.14
C PHE A 147 -2.57 -5.55 15.44
N ASP A 148 -3.19 -5.20 16.52
CA ASP A 148 -2.68 -5.62 17.79
C ASP A 148 -3.68 -6.54 18.45
N ILE A 149 -3.28 -7.76 18.64
CA ILE A 149 -4.14 -8.74 19.21
C ILE A 149 -3.73 -9.05 20.65
N PRO A 150 -4.71 -9.01 21.58
CA PRO A 150 -4.52 -9.21 23.03
C PRO A 150 -3.57 -10.34 23.42
N VAL A 151 -3.52 -11.41 22.63
CA VAL A 151 -2.64 -12.54 22.94
C VAL A 151 -1.15 -12.17 22.99
N VAL A 152 -0.73 -11.23 22.15
CA VAL A 152 0.66 -10.83 22.14
C VAL A 152 0.76 -9.32 22.08
N GLY A 153 0.36 -8.77 20.95
CA GLY A 153 0.46 -7.35 20.76
C GLY A 153 0.35 -6.97 19.30
N ASP A 154 1.06 -5.93 18.91
CA ASP A 154 1.00 -5.39 17.55
C ASP A 154 1.90 -6.13 16.58
N ILE A 155 1.28 -6.68 15.58
CA ILE A 155 1.99 -7.31 14.51
C ILE A 155 1.55 -6.75 13.17
N THR A 156 2.49 -6.26 12.42
CA THR A 156 2.21 -5.79 11.10
C THR A 156 2.32 -6.93 10.11
N ILE A 157 1.21 -7.23 9.48
CA ILE A 157 1.12 -8.28 8.51
C ILE A 157 1.28 -7.67 7.12
N PRO A 158 2.45 -7.85 6.49
CA PRO A 158 2.69 -7.38 5.15
C PRO A 158 2.22 -8.35 4.14
N VAL A 159 1.64 -7.81 3.15
CA VAL A 159 1.01 -8.51 2.13
C VAL A 159 1.34 -7.87 0.78
N SER A 160 1.71 -8.68 -0.17
CA SER A 160 2.12 -8.21 -1.47
C SER A 160 1.22 -8.76 -2.58
N THR A 161 1.25 -8.13 -3.75
CA THR A 161 0.50 -8.61 -4.88
C THR A 161 1.01 -7.89 -6.14
N GLN A 162 0.64 -8.40 -7.28
CA GLN A 162 0.99 -7.81 -8.54
C GLN A 162 -0.16 -6.98 -9.05
N GLY A 163 0.11 -5.75 -9.36
CA GLY A 163 -0.92 -4.88 -9.81
C GLY A 163 -0.75 -4.58 -11.27
N GLU A 164 -1.23 -5.47 -12.10
CA GLU A 164 -1.17 -5.24 -13.51
C GLU A 164 -2.44 -4.51 -13.89
N ILE A 165 -2.28 -3.35 -14.43
CA ILE A 165 -3.36 -2.45 -14.67
C ILE A 165 -3.16 -1.66 -15.94
N LYS A 166 -4.06 -1.76 -16.86
CA LYS A 166 -3.94 -0.93 -18.01
C LYS A 166 -4.91 0.20 -17.94
N LEU A 167 -4.47 1.33 -18.33
CA LEU A 167 -5.26 2.49 -18.32
C LEU A 167 -5.61 2.90 -19.73
N PRO A 168 -6.87 2.62 -20.13
CA PRO A 168 -7.33 2.80 -21.48
C PRO A 168 -7.54 4.24 -21.91
N SER A 169 -6.50 4.80 -22.48
CA SER A 169 -6.50 6.10 -23.14
C SER A 169 -7.08 7.22 -22.29
N LEU A 170 -6.26 7.84 -21.53
CA LEU A 170 -6.70 8.95 -20.75
C LEU A 170 -6.13 10.24 -21.31
N ARG A 171 -4.85 10.20 -21.74
CA ARG A 171 -4.15 11.35 -22.37
C ARG A 171 -4.17 12.63 -21.51
N ASP A 172 -4.43 12.50 -20.20
CA ASP A 172 -4.54 13.67 -19.31
C ASP A 172 -4.82 13.27 -17.85
N PHE A 173 -5.49 12.16 -17.66
CA PHE A 173 -5.93 11.75 -16.32
C PHE A 173 -5.05 10.71 -15.65
N PHE A 174 -3.80 10.57 -16.06
CA PHE A 174 -2.97 9.53 -15.46
C PHE A 174 -1.50 9.82 -15.54
N GLY A 1 24.88 9.29 -17.09
CA GLY A 1 25.38 9.88 -15.85
C GLY A 1 24.32 9.91 -14.80
N HIS A 2 24.66 9.47 -13.60
CA HIS A 2 23.72 9.50 -12.50
C HIS A 2 24.31 10.29 -11.36
N HIS A 3 24.09 11.56 -11.40
CA HIS A 3 24.57 12.47 -10.39
C HIS A 3 23.70 13.70 -10.41
N HIS A 4 22.95 13.90 -9.36
CA HIS A 4 22.14 15.07 -9.28
C HIS A 4 22.96 16.19 -8.70
N HIS A 5 22.75 17.38 -9.17
CA HIS A 5 23.44 18.53 -8.68
C HIS A 5 22.99 18.79 -7.24
N HIS A 6 23.86 19.37 -6.46
CA HIS A 6 23.52 19.69 -5.09
C HIS A 6 22.33 20.66 -5.03
N HIS A 7 21.20 20.16 -4.57
CA HIS A 7 20.00 21.00 -4.47
C HIS A 7 19.72 21.33 -3.01
N LEU A 8 20.45 20.66 -2.11
CA LEU A 8 20.30 20.80 -0.63
C LEU A 8 19.00 20.09 -0.17
N GLU A 9 17.93 20.38 -0.86
CA GLU A 9 16.65 19.74 -0.65
C GLU A 9 16.71 18.34 -1.26
N ALA A 10 17.09 18.30 -2.55
CA ALA A 10 17.29 17.09 -3.33
C ALA A 10 16.07 16.18 -3.36
N SER A 11 15.06 16.63 -4.09
CA SER A 11 13.80 15.93 -4.31
C SER A 11 13.11 15.51 -2.99
N ALA A 12 12.29 16.40 -2.45
CA ALA A 12 11.58 16.15 -1.20
C ALA A 12 10.77 14.89 -1.32
N ASP A 13 10.07 14.76 -2.42
CA ASP A 13 9.21 13.61 -2.71
C ASP A 13 9.98 12.29 -2.64
N GLU A 14 11.03 12.18 -3.41
CA GLU A 14 11.84 10.99 -3.50
C GLU A 14 12.51 10.68 -2.15
N LYS A 15 13.01 11.72 -1.50
CA LYS A 15 13.69 11.61 -0.26
C LYS A 15 12.77 11.15 0.88
N VAL A 16 11.58 11.73 0.99
CA VAL A 16 10.69 11.39 2.08
C VAL A 16 10.09 10.00 1.93
N VAL A 17 10.04 9.51 0.69
CA VAL A 17 9.62 8.14 0.47
C VAL A 17 10.60 7.20 1.16
N GLU A 18 11.88 7.47 0.96
CA GLU A 18 12.95 6.69 1.59
C GLU A 18 12.85 6.75 3.11
N GLU A 19 12.46 7.92 3.62
CA GLU A 19 12.28 8.14 5.05
C GLU A 19 11.21 7.20 5.59
N LYS A 20 10.02 7.27 5.02
CA LYS A 20 8.91 6.44 5.45
C LYS A 20 9.16 4.97 5.18
N ALA A 21 9.77 4.68 4.03
CA ALA A 21 10.09 3.30 3.66
C ALA A 21 11.03 2.68 4.67
N SER A 22 11.96 3.47 5.20
CA SER A 22 12.90 3.00 6.19
C SER A 22 12.15 2.60 7.48
N VAL A 23 11.30 3.51 7.95
CA VAL A 23 10.55 3.30 9.17
C VAL A 23 9.61 2.10 9.03
N ILE A 24 8.92 2.04 7.92
CA ILE A 24 7.99 0.96 7.63
C ILE A 24 8.72 -0.38 7.47
N SER A 25 9.85 -0.37 6.76
CA SER A 25 10.65 -1.57 6.59
C SER A 25 11.17 -2.07 7.94
N SER A 26 11.48 -1.14 8.83
CA SER A 26 11.94 -1.47 10.15
C SER A 26 10.84 -2.21 10.93
N LEU A 27 9.61 -1.75 10.77
CA LEU A 27 8.47 -2.35 11.45
C LEU A 27 8.20 -3.72 10.80
N LEU A 28 8.28 -3.78 9.47
CA LEU A 28 8.10 -5.03 8.74
C LEU A 28 9.13 -6.07 9.19
N ASP A 29 10.36 -5.62 9.41
CA ASP A 29 11.45 -6.48 9.84
C ASP A 29 11.19 -7.15 11.17
N LYS A 30 10.65 -6.39 12.16
CA LYS A 30 10.42 -6.98 13.48
C LYS A 30 9.40 -8.11 13.37
N ALA A 31 8.46 -7.92 12.46
CA ALA A 31 7.38 -8.85 12.23
C ALA A 31 7.84 -10.06 11.44
N LYS A 32 8.80 -9.85 10.55
CA LYS A 32 9.30 -10.88 9.63
C LYS A 32 9.70 -12.20 10.34
N GLY A 33 10.31 -12.09 11.50
CA GLY A 33 10.67 -13.28 12.25
C GLY A 33 9.65 -13.60 13.34
N PHE A 34 8.76 -12.66 13.53
CA PHE A 34 7.75 -12.69 14.58
C PHE A 34 6.59 -13.59 14.11
N PHE A 35 6.44 -13.68 12.78
CA PHE A 35 5.36 -14.45 12.12
C PHE A 35 5.35 -15.91 12.53
N ALA A 36 6.55 -16.48 12.73
CA ALA A 36 6.72 -17.92 12.99
C ALA A 36 5.81 -18.41 14.11
N GLU A 37 5.82 -17.74 15.22
CA GLU A 37 5.00 -18.13 16.32
C GLU A 37 3.72 -17.32 16.38
N LYS A 38 3.85 -16.02 16.20
CA LYS A 38 2.74 -15.10 16.41
C LYS A 38 1.67 -15.11 15.35
N LEU A 39 1.88 -15.85 14.33
CA LEU A 39 0.82 -16.03 13.33
C LEU A 39 0.39 -17.47 13.25
N ALA A 40 0.98 -18.31 14.07
CA ALA A 40 0.69 -19.72 14.04
C ALA A 40 0.05 -20.15 15.32
N ASN A 41 0.73 -19.88 16.42
CA ASN A 41 0.29 -20.28 17.75
C ASN A 41 -0.65 -19.24 18.33
N ILE A 42 -0.81 -18.17 17.60
CA ILE A 42 -1.64 -17.08 18.04
C ILE A 42 -2.77 -16.89 17.05
N PRO A 43 -4.03 -16.87 17.52
CA PRO A 43 -5.19 -16.62 16.65
C PRO A 43 -5.09 -15.23 16.02
N THR A 44 -4.74 -15.20 14.77
CA THR A 44 -4.46 -13.98 14.06
C THR A 44 -5.24 -13.88 12.75
N PRO A 45 -5.50 -12.64 12.29
CA PRO A 45 -6.21 -12.41 11.04
C PRO A 45 -5.25 -12.44 9.84
N GLU A 46 -5.78 -12.74 8.70
CA GLU A 46 -5.01 -12.73 7.48
C GLU A 46 -5.61 -11.78 6.52
N ALA A 47 -4.79 -11.02 5.87
CA ALA A 47 -5.24 -10.06 4.92
C ALA A 47 -4.60 -10.31 3.58
N THR A 48 -5.11 -9.67 2.57
CA THR A 48 -4.62 -9.83 1.23
C THR A 48 -4.95 -8.60 0.40
N VAL A 49 -4.05 -8.25 -0.51
CA VAL A 49 -4.31 -7.19 -1.45
C VAL A 49 -5.08 -7.82 -2.57
N ASP A 50 -6.03 -7.13 -3.11
CA ASP A 50 -6.90 -7.76 -4.09
C ASP A 50 -6.92 -7.07 -5.45
N ASP A 51 -7.20 -5.77 -5.46
CA ASP A 51 -7.40 -5.06 -6.74
C ASP A 51 -7.27 -3.57 -6.51
N VAL A 52 -7.07 -2.84 -7.57
CA VAL A 52 -6.97 -1.39 -7.53
C VAL A 52 -8.03 -0.77 -8.47
N ASP A 53 -9.05 -0.18 -7.88
CA ASP A 53 -10.16 0.40 -8.64
C ASP A 53 -9.88 1.86 -8.94
N PHE A 54 -9.86 2.22 -10.23
CA PHE A 54 -9.66 3.60 -10.59
C PHE A 54 -10.87 4.43 -10.22
N LYS A 55 -10.65 5.40 -9.37
CA LYS A 55 -11.72 6.23 -8.86
C LYS A 55 -12.03 7.33 -9.83
N GLY A 56 -11.00 8.01 -10.27
CA GLY A 56 -11.17 9.10 -11.15
C GLY A 56 -9.85 9.70 -11.46
N VAL A 57 -9.83 10.99 -11.66
CA VAL A 57 -8.64 11.68 -12.08
C VAL A 57 -8.13 12.58 -10.97
N THR A 58 -6.84 12.60 -10.79
CA THR A 58 -6.23 13.49 -9.85
C THR A 58 -5.14 14.26 -10.59
N ARG A 59 -4.91 15.50 -10.25
CA ARG A 59 -3.87 16.23 -10.93
C ARG A 59 -2.68 16.33 -9.99
N ASP A 60 -1.95 15.25 -9.90
CA ASP A 60 -0.82 15.06 -9.00
C ASP A 60 -0.25 13.69 -9.36
N GLY A 61 -1.01 12.70 -9.02
CA GLY A 61 -0.85 11.37 -9.45
C GLY A 61 -2.24 10.90 -9.74
N VAL A 62 -2.57 9.72 -9.38
CA VAL A 62 -3.94 9.30 -9.52
C VAL A 62 -4.39 8.51 -8.31
N ASP A 63 -5.56 8.82 -7.83
CA ASP A 63 -6.07 8.22 -6.62
C ASP A 63 -6.94 7.02 -6.95
N TYR A 64 -6.40 5.86 -6.66
CA TYR A 64 -7.11 4.61 -6.83
C TYR A 64 -7.62 4.13 -5.53
N HIS A 65 -8.57 3.26 -5.58
CA HIS A 65 -9.12 2.72 -4.39
C HIS A 65 -8.76 1.24 -4.41
N ALA A 66 -7.86 0.87 -3.56
CA ALA A 66 -7.38 -0.49 -3.55
C ALA A 66 -8.15 -1.35 -2.57
N LYS A 67 -8.40 -2.56 -2.99
CA LYS A 67 -9.14 -3.52 -2.22
C LYS A 67 -8.19 -4.31 -1.35
N VAL A 68 -8.41 -4.27 -0.07
CA VAL A 68 -7.64 -5.03 0.88
C VAL A 68 -8.62 -5.89 1.66
N SER A 69 -8.58 -7.16 1.46
CA SER A 69 -9.52 -8.02 2.11
C SER A 69 -8.90 -8.65 3.33
N VAL A 70 -9.65 -8.74 4.41
CA VAL A 70 -9.14 -9.30 5.64
C VAL A 70 -10.11 -10.34 6.19
N LYS A 71 -9.60 -11.49 6.55
CA LYS A 71 -10.38 -12.52 7.18
C LYS A 71 -9.85 -12.69 8.60
N ASN A 72 -10.70 -12.74 9.56
CA ASN A 72 -10.25 -12.80 10.92
C ASN A 72 -11.12 -13.67 11.79
N PRO A 73 -10.60 -14.78 12.29
CA PRO A 73 -11.28 -15.57 13.29
C PRO A 73 -10.80 -15.14 14.68
N TYR A 74 -11.61 -14.32 15.34
CA TYR A 74 -11.27 -13.76 16.67
C TYR A 74 -12.52 -13.05 17.24
N SER A 75 -13.49 -12.81 16.34
CA SER A 75 -14.82 -12.30 16.65
C SER A 75 -14.93 -10.78 16.79
N GLN A 76 -14.15 -10.17 17.67
CA GLN A 76 -14.28 -8.74 17.88
C GLN A 76 -13.79 -7.93 16.69
N SER A 77 -14.35 -6.76 16.55
CA SER A 77 -13.94 -5.83 15.58
C SER A 77 -12.65 -5.15 16.03
N ILE A 78 -11.58 -5.43 15.34
CA ILE A 78 -10.30 -4.87 15.66
C ILE A 78 -10.10 -3.60 14.83
N PRO A 79 -10.02 -2.44 15.48
CA PRO A 79 -9.74 -1.19 14.80
C PRO A 79 -8.34 -1.20 14.21
N ILE A 80 -8.20 -0.69 13.03
CA ILE A 80 -6.93 -0.72 12.38
C ILE A 80 -6.16 0.51 12.78
N CYS A 81 -5.06 0.28 13.48
CA CYS A 81 -4.21 1.36 13.95
C CYS A 81 -3.77 2.21 12.77
N GLN A 82 -3.16 1.58 11.79
CA GLN A 82 -2.77 2.23 10.58
C GLN A 82 -2.38 1.18 9.57
N ILE A 83 -2.37 1.56 8.34
CA ILE A 83 -1.94 0.69 7.30
C ILE A 83 -0.77 1.29 6.59
N SER A 84 0.34 0.66 6.71
CA SER A 84 1.49 1.10 6.03
C SER A 84 1.51 0.45 4.66
N TYR A 85 1.45 1.26 3.66
CA TYR A 85 1.41 0.77 2.31
C TYR A 85 2.68 1.13 1.61
N ILE A 86 3.13 0.26 0.79
CA ILE A 86 4.29 0.50 0.00
C ILE A 86 4.05 -0.01 -1.42
N LEU A 87 3.92 0.92 -2.32
CA LEU A 87 3.67 0.57 -3.68
C LEU A 87 4.90 0.81 -4.49
N LYS A 88 5.10 -0.01 -5.44
CA LYS A 88 6.27 0.03 -6.24
C LYS A 88 5.91 0.31 -7.69
N SER A 89 6.82 0.91 -8.40
CA SER A 89 6.67 1.15 -9.79
C SER A 89 7.90 0.59 -10.48
N ALA A 90 7.74 -0.62 -11.01
CA ALA A 90 8.80 -1.40 -11.63
C ALA A 90 10.01 -1.55 -10.70
N THR A 91 10.98 -0.67 -10.88
CA THR A 91 12.14 -0.58 -10.05
C THR A 91 12.84 0.74 -10.34
N ARG A 92 12.39 1.78 -9.69
CA ARG A 92 13.01 3.09 -9.82
C ARG A 92 12.62 3.91 -8.60
N THR A 93 11.33 4.16 -8.45
CA THR A 93 10.81 4.89 -7.33
C THR A 93 9.57 4.19 -6.84
N ILE A 94 9.28 4.32 -5.58
CA ILE A 94 8.15 3.73 -4.96
C ILE A 94 7.55 4.82 -4.11
N ALA A 95 6.55 4.50 -3.37
CA ALA A 95 6.00 5.42 -2.43
C ALA A 95 5.52 4.62 -1.26
N SER A 96 5.62 5.16 -0.10
CA SER A 96 5.23 4.42 1.05
C SER A 96 4.70 5.39 2.07
N GLY A 97 3.71 4.97 2.81
CA GLY A 97 3.12 5.80 3.80
C GLY A 97 2.23 5.02 4.72
N THR A 98 1.87 5.63 5.81
CA THR A 98 1.03 5.00 6.78
C THR A 98 -0.33 5.67 6.79
N ILE A 99 -1.40 4.92 6.51
CA ILE A 99 -2.72 5.51 6.57
C ILE A 99 -3.46 5.09 7.86
N PRO A 100 -3.55 6.00 8.86
CA PRO A 100 -4.23 5.71 10.13
C PRO A 100 -5.74 5.67 9.98
N ASP A 101 -6.33 4.58 10.46
CA ASP A 101 -7.77 4.30 10.38
C ASP A 101 -8.32 4.43 8.95
N PRO A 102 -8.12 3.40 8.12
CA PRO A 102 -8.64 3.37 6.77
C PRO A 102 -9.89 2.49 6.68
N GLY A 103 -10.36 2.08 7.81
CA GLY A 103 -11.47 1.19 7.92
C GLY A 103 -11.30 0.38 9.16
N SER A 104 -12.08 -0.65 9.33
CA SER A 104 -11.96 -1.48 10.50
C SER A 104 -12.25 -2.93 10.20
N LEU A 105 -11.60 -3.79 10.94
CA LEU A 105 -11.78 -5.20 10.84
C LEU A 105 -13.06 -5.55 11.62
N VAL A 106 -14.05 -6.08 10.93
CA VAL A 106 -15.37 -6.36 11.51
C VAL A 106 -15.37 -7.45 12.61
N GLY A 107 -14.55 -8.44 12.45
CA GLY A 107 -14.52 -9.54 13.35
C GLY A 107 -14.35 -10.80 12.58
N SER A 108 -15.08 -11.82 12.95
CA SER A 108 -15.02 -13.09 12.27
C SER A 108 -15.79 -13.06 10.97
N GLY A 109 -15.05 -12.93 9.92
CA GLY A 109 -15.60 -12.94 8.61
C GLY A 109 -14.59 -12.40 7.65
N THR A 110 -14.98 -12.21 6.43
CA THR A 110 -14.12 -11.65 5.45
C THR A 110 -14.63 -10.28 5.01
N THR A 111 -13.86 -9.29 5.32
CA THR A 111 -14.22 -7.93 5.03
C THR A 111 -13.33 -7.37 3.92
N VAL A 112 -13.95 -6.74 2.96
CA VAL A 112 -13.23 -6.12 1.88
C VAL A 112 -13.09 -4.63 2.12
N LEU A 113 -11.90 -4.23 2.48
CA LEU A 113 -11.60 -2.87 2.82
C LEU A 113 -11.05 -2.14 1.62
N ASP A 114 -11.04 -0.84 1.69
CA ASP A 114 -10.58 0.01 0.61
C ASP A 114 -9.64 1.07 1.11
N VAL A 115 -8.56 1.26 0.40
CA VAL A 115 -7.61 2.31 0.70
C VAL A 115 -7.52 3.26 -0.48
N PRO A 116 -7.58 4.58 -0.26
CA PRO A 116 -7.27 5.53 -1.30
C PRO A 116 -5.75 5.51 -1.48
N VAL A 117 -5.29 5.00 -2.58
CA VAL A 117 -3.88 4.78 -2.79
C VAL A 117 -3.35 5.69 -3.89
N LYS A 118 -2.16 6.22 -3.70
CA LYS A 118 -1.51 7.06 -4.70
C LYS A 118 -0.72 6.18 -5.63
N VAL A 119 -1.30 5.88 -6.76
CA VAL A 119 -0.66 5.02 -7.72
C VAL A 119 -0.09 5.88 -8.83
N ALA A 120 1.03 5.44 -9.41
CA ALA A 120 1.70 6.12 -10.54
C ALA A 120 2.38 7.44 -10.14
N TYR A 121 1.93 8.05 -9.04
CA TYR A 121 2.53 9.27 -8.51
C TYR A 121 4.03 9.09 -8.26
N SER A 122 4.39 7.90 -7.81
CA SER A 122 5.76 7.54 -7.53
C SER A 122 6.66 7.68 -8.76
N ILE A 123 6.20 7.19 -9.89
CA ILE A 123 6.98 7.30 -11.09
C ILE A 123 6.84 8.70 -11.70
N ALA A 124 5.64 9.30 -11.52
CA ALA A 124 5.31 10.63 -12.04
C ALA A 124 6.27 11.71 -11.55
N VAL A 125 6.60 11.68 -10.27
CA VAL A 125 7.52 12.66 -9.71
C VAL A 125 8.95 12.45 -10.17
N SER A 126 9.28 11.24 -10.58
CA SER A 126 10.62 10.93 -10.99
C SER A 126 10.83 11.10 -12.50
N LEU A 127 10.29 10.20 -13.30
CA LEU A 127 10.51 10.24 -14.75
C LEU A 127 9.21 10.28 -15.54
N MET A 128 8.09 9.99 -14.85
CA MET A 128 6.73 9.96 -15.42
C MET A 128 6.57 8.71 -16.30
N LYS A 129 5.38 8.10 -16.22
CA LYS A 129 5.06 6.91 -16.98
C LYS A 129 5.18 7.14 -18.47
N ASP A 130 5.14 8.44 -18.87
CA ASP A 130 5.29 8.91 -20.29
C ASP A 130 3.97 8.78 -21.00
N MET A 131 3.19 7.91 -20.46
CA MET A 131 1.84 7.57 -20.87
C MET A 131 1.68 7.24 -22.34
N CYS A 132 1.68 5.98 -22.64
CA CYS A 132 1.36 5.54 -23.96
C CYS A 132 -0.13 5.25 -23.96
N THR A 133 -0.83 5.58 -25.02
CA THR A 133 -2.22 5.32 -25.09
C THR A 133 -2.47 3.83 -25.24
N ASP A 134 -2.80 3.23 -24.11
CA ASP A 134 -3.00 1.79 -23.90
C ASP A 134 -1.72 1.13 -23.58
N TRP A 135 -1.42 1.11 -22.33
CA TRP A 135 -0.27 0.45 -21.84
C TRP A 135 -0.53 0.17 -20.38
N ASP A 136 0.16 -0.75 -19.82
CA ASP A 136 0.00 -1.05 -18.43
C ASP A 136 1.30 -0.80 -17.72
N ILE A 137 1.23 -0.15 -16.61
CA ILE A 137 2.41 0.16 -15.86
C ILE A 137 2.60 -0.87 -14.77
N ASP A 138 3.82 -1.35 -14.66
CA ASP A 138 4.20 -2.32 -13.67
C ASP A 138 4.23 -1.68 -12.29
N TYR A 139 3.11 -1.76 -11.66
CA TYR A 139 2.91 -1.28 -10.33
C TYR A 139 2.76 -2.50 -9.40
N GLN A 140 3.11 -2.32 -8.16
CA GLN A 140 2.98 -3.39 -7.19
C GLN A 140 2.45 -2.81 -5.94
N LEU A 141 1.66 -3.57 -5.23
CA LEU A 141 1.11 -3.10 -4.00
C LEU A 141 1.36 -4.10 -2.91
N ASP A 142 1.94 -3.61 -1.85
CA ASP A 142 2.19 -4.39 -0.66
C ASP A 142 1.61 -3.62 0.49
N ILE A 143 0.78 -4.26 1.25
CA ILE A 143 0.15 -3.63 2.36
C ILE A 143 0.65 -4.23 3.64
N GLY A 144 1.26 -3.41 4.43
CA GLY A 144 1.67 -3.80 5.74
C GLY A 144 0.62 -3.38 6.71
N LEU A 145 -0.35 -4.22 6.89
CA LEU A 145 -1.46 -3.93 7.77
C LEU A 145 -1.08 -4.06 9.24
N THR A 146 -1.47 -3.09 10.03
CA THR A 146 -1.15 -3.08 11.42
C THR A 146 -2.40 -3.33 12.27
N PHE A 147 -2.48 -4.49 12.85
CA PHE A 147 -3.56 -4.81 13.76
C PHE A 147 -2.99 -5.01 15.12
N ASP A 148 -3.55 -4.34 16.10
CA ASP A 148 -3.08 -4.53 17.46
C ASP A 148 -3.95 -5.57 18.10
N ILE A 149 -3.38 -6.70 18.34
CA ILE A 149 -4.07 -7.82 18.89
C ILE A 149 -3.83 -7.90 20.38
N PRO A 150 -4.91 -8.02 21.19
CA PRO A 150 -4.83 -8.07 22.66
C PRO A 150 -3.86 -9.14 23.17
N VAL A 151 -3.79 -10.25 22.45
CA VAL A 151 -2.91 -11.35 22.81
C VAL A 151 -1.43 -10.92 22.79
N VAL A 152 -1.00 -10.31 21.69
CA VAL A 152 0.41 -9.95 21.56
C VAL A 152 0.59 -8.45 21.39
N GLY A 153 0.18 -7.95 20.25
CA GLY A 153 0.33 -6.56 19.95
C GLY A 153 0.15 -6.35 18.47
N ASP A 154 0.93 -5.49 17.88
CA ASP A 154 0.81 -5.20 16.46
C ASP A 154 1.76 -6.04 15.64
N ILE A 155 1.23 -6.66 14.60
CA ILE A 155 2.03 -7.43 13.66
C ILE A 155 1.69 -6.98 12.25
N THR A 156 2.63 -6.41 11.54
CA THR A 156 2.39 -6.05 10.17
C THR A 156 2.67 -7.21 9.25
N ILE A 157 1.65 -7.69 8.61
CA ILE A 157 1.79 -8.75 7.66
C ILE A 157 1.88 -8.12 6.27
N PRO A 158 3.06 -8.12 5.65
CA PRO A 158 3.24 -7.55 4.33
C PRO A 158 2.64 -8.45 3.27
N VAL A 159 1.55 -8.04 2.72
CA VAL A 159 0.89 -8.78 1.69
C VAL A 159 1.00 -8.04 0.38
N SER A 160 1.48 -8.71 -0.63
CA SER A 160 1.70 -8.10 -1.89
C SER A 160 1.09 -8.89 -3.02
N THR A 161 0.93 -8.24 -4.13
CA THR A 161 0.40 -8.83 -5.32
C THR A 161 0.84 -7.95 -6.48
N GLN A 162 0.44 -8.27 -7.67
CA GLN A 162 0.80 -7.51 -8.80
C GLN A 162 -0.33 -6.57 -9.14
N GLY A 163 -0.04 -5.31 -9.09
CA GLY A 163 -1.03 -4.33 -9.35
C GLY A 163 -0.85 -3.77 -10.71
N GLU A 164 -1.57 -4.28 -11.62
CA GLU A 164 -1.41 -3.85 -12.95
C GLU A 164 -2.30 -2.68 -13.16
N ILE A 165 -1.72 -1.58 -13.48
CA ILE A 165 -2.49 -0.43 -13.78
C ILE A 165 -2.50 -0.35 -15.28
N LYS A 166 -3.62 -0.65 -15.85
CA LYS A 166 -3.72 -0.68 -17.29
C LYS A 166 -4.63 0.40 -17.75
N LEU A 167 -4.14 1.18 -18.65
CA LEU A 167 -4.83 2.35 -19.06
C LEU A 167 -5.09 2.32 -20.56
N PRO A 168 -6.28 1.86 -20.97
CA PRO A 168 -6.65 1.73 -22.37
C PRO A 168 -6.85 3.07 -23.06
N SER A 169 -5.77 3.57 -23.66
CA SER A 169 -5.71 4.83 -24.40
C SER A 169 -6.24 6.03 -23.60
N LEU A 170 -6.13 5.94 -22.28
CA LEU A 170 -6.58 6.99 -21.37
C LEU A 170 -5.59 8.14 -21.42
N ARG A 171 -5.75 9.00 -22.39
CA ARG A 171 -4.81 10.05 -22.63
C ARG A 171 -5.07 11.26 -21.75
N ASP A 172 -4.22 11.40 -20.74
CA ASP A 172 -4.23 12.52 -19.79
C ASP A 172 -5.36 12.35 -18.82
N PHE A 173 -5.02 11.71 -17.73
CA PHE A 173 -5.96 11.34 -16.70
C PHE A 173 -5.11 10.80 -15.58
N PHE A 174 -4.13 9.97 -16.02
CA PHE A 174 -3.07 9.40 -15.18
C PHE A 174 -3.42 8.06 -14.64
N GLY A 1 14.91 22.98 13.29
CA GLY A 1 13.75 22.18 13.64
C GLY A 1 14.14 20.94 14.35
N HIS A 2 13.30 20.48 15.23
CA HIS A 2 13.55 19.25 15.94
C HIS A 2 12.55 18.23 15.46
N HIS A 3 13.04 17.03 15.18
CA HIS A 3 12.22 15.90 14.69
C HIS A 3 11.80 16.10 13.21
N HIS A 4 11.48 17.31 12.84
CA HIS A 4 11.08 17.65 11.48
C HIS A 4 11.35 19.13 11.23
N HIS A 5 11.52 19.46 9.98
CA HIS A 5 11.74 20.83 9.56
C HIS A 5 10.76 21.17 8.45
N HIS A 6 10.74 22.41 8.05
CA HIS A 6 9.87 22.84 6.96
C HIS A 6 10.52 22.59 5.62
N HIS A 7 9.70 22.57 4.61
CA HIS A 7 10.14 22.41 3.25
C HIS A 7 9.46 23.44 2.37
N LEU A 8 10.26 24.28 1.77
CA LEU A 8 9.78 25.35 0.93
C LEU A 8 9.23 24.79 -0.37
N GLU A 9 10.13 24.32 -1.19
CA GLU A 9 9.82 23.79 -2.45
C GLU A 9 10.98 22.92 -2.88
N ALA A 10 10.78 21.63 -2.83
CA ALA A 10 11.80 20.65 -3.19
C ALA A 10 11.21 19.28 -3.03
N SER A 11 11.85 18.30 -3.59
CA SER A 11 11.40 16.94 -3.51
C SER A 11 11.89 16.28 -2.20
N ALA A 12 12.13 17.11 -1.18
CA ALA A 12 12.55 16.64 0.13
C ALA A 12 11.49 15.72 0.69
N ASP A 13 10.24 16.15 0.59
CA ASP A 13 9.08 15.38 1.02
C ASP A 13 8.95 14.04 0.26
N GLU A 14 9.41 14.04 -0.98
CA GLU A 14 9.41 12.84 -1.81
C GLU A 14 10.52 11.90 -1.31
N LYS A 15 11.58 12.48 -0.82
CA LYS A 15 12.65 11.73 -0.21
C LYS A 15 12.19 11.16 1.13
N VAL A 16 11.34 11.90 1.80
CA VAL A 16 10.83 11.53 3.10
C VAL A 16 9.88 10.35 3.02
N VAL A 17 9.19 10.21 1.89
CA VAL A 17 8.30 9.06 1.72
C VAL A 17 9.14 7.78 1.68
N GLU A 18 10.41 7.92 1.28
CA GLU A 18 11.30 6.77 1.18
C GLU A 18 11.67 6.33 2.61
N GLU A 19 12.01 7.31 3.47
CA GLU A 19 12.29 7.04 4.88
C GLU A 19 11.04 6.55 5.61
N LYS A 20 9.90 7.13 5.27
CA LYS A 20 8.63 6.71 5.78
C LYS A 20 8.44 5.23 5.51
N ALA A 21 8.68 4.83 4.27
CA ALA A 21 8.56 3.46 3.87
C ALA A 21 9.57 2.60 4.58
N SER A 22 10.75 3.15 4.79
CA SER A 22 11.82 2.44 5.46
C SER A 22 11.44 2.07 6.90
N VAL A 23 10.86 3.01 7.63
CA VAL A 23 10.48 2.74 9.01
C VAL A 23 9.29 1.78 9.07
N ILE A 24 8.42 1.87 8.07
CA ILE A 24 7.33 0.93 7.92
C ILE A 24 7.90 -0.45 7.63
N SER A 25 8.86 -0.50 6.72
CA SER A 25 9.50 -1.72 6.33
C SER A 25 10.28 -2.31 7.48
N SER A 26 10.87 -1.47 8.31
CA SER A 26 11.64 -1.90 9.46
C SER A 26 10.73 -2.72 10.41
N LEU A 27 9.53 -2.21 10.65
CA LEU A 27 8.58 -2.87 11.52
C LEU A 27 8.00 -4.09 10.79
N LEU A 28 7.66 -3.91 9.53
CA LEU A 28 7.08 -4.98 8.72
C LEU A 28 8.08 -6.12 8.55
N ASP A 29 9.34 -5.78 8.53
CA ASP A 29 10.42 -6.74 8.40
C ASP A 29 10.51 -7.65 9.61
N LYS A 30 10.43 -7.06 10.82
CA LYS A 30 10.50 -7.86 12.03
C LYS A 30 9.22 -8.66 12.16
N ALA A 31 8.15 -8.07 11.65
CA ALA A 31 6.85 -8.66 11.67
C ALA A 31 6.78 -9.86 10.74
N LYS A 32 7.33 -9.71 9.55
CA LYS A 32 7.31 -10.75 8.52
C LYS A 32 8.01 -12.02 8.97
N GLY A 33 9.22 -11.89 9.51
CA GLY A 33 9.95 -13.06 9.96
C GLY A 33 9.23 -13.74 11.12
N PHE A 34 8.54 -12.96 11.89
CA PHE A 34 7.78 -13.48 12.98
C PHE A 34 6.51 -14.14 12.43
N PHE A 35 5.88 -13.45 11.50
CA PHE A 35 4.64 -13.86 10.85
C PHE A 35 4.71 -15.20 10.16
N ALA A 36 5.68 -15.34 9.28
CA ALA A 36 5.81 -16.54 8.44
C ALA A 36 5.99 -17.82 9.26
N GLU A 37 6.38 -17.68 10.50
CA GLU A 37 6.63 -18.84 11.31
C GLU A 37 5.70 -18.93 12.48
N LYS A 38 5.67 -17.89 13.26
CA LYS A 38 4.97 -17.93 14.52
C LYS A 38 3.57 -17.57 14.35
N LEU A 39 3.29 -16.79 13.36
CA LEU A 39 1.90 -16.33 13.18
C LEU A 39 1.09 -17.31 12.36
N ALA A 40 1.69 -18.45 12.12
CA ALA A 40 1.04 -19.52 11.43
C ALA A 40 0.20 -20.30 12.43
N ASN A 41 0.63 -20.22 13.68
CA ASN A 41 -0.04 -20.91 14.76
C ASN A 41 -0.67 -19.92 15.73
N ILE A 42 -0.72 -18.66 15.33
CA ILE A 42 -1.36 -17.64 16.14
C ILE A 42 -2.58 -17.11 15.39
N PRO A 43 -3.78 -17.32 15.93
CA PRO A 43 -5.02 -16.82 15.33
C PRO A 43 -4.97 -15.29 15.15
N THR A 44 -4.88 -14.87 13.92
CA THR A 44 -4.77 -13.48 13.57
C THR A 44 -5.64 -13.17 12.34
N PRO A 45 -6.01 -11.89 12.13
CA PRO A 45 -6.74 -11.48 10.93
C PRO A 45 -5.84 -11.56 9.72
N GLU A 46 -6.28 -12.22 8.69
CA GLU A 46 -5.49 -12.32 7.50
C GLU A 46 -6.02 -11.34 6.50
N ALA A 47 -5.15 -10.58 5.93
CA ALA A 47 -5.54 -9.60 4.99
C ALA A 47 -4.86 -9.84 3.69
N THR A 48 -5.47 -9.41 2.63
CA THR A 48 -4.91 -9.56 1.34
C THR A 48 -5.30 -8.38 0.44
N VAL A 49 -4.38 -7.99 -0.40
CA VAL A 49 -4.60 -6.94 -1.36
C VAL A 49 -4.40 -7.55 -2.74
N ASP A 50 -5.19 -7.15 -3.70
CA ASP A 50 -5.18 -7.82 -5.02
C ASP A 50 -5.88 -7.01 -6.10
N ASP A 51 -6.70 -6.07 -5.71
CA ASP A 51 -7.48 -5.32 -6.69
C ASP A 51 -7.17 -3.86 -6.60
N VAL A 52 -6.85 -3.29 -7.72
CA VAL A 52 -6.56 -1.90 -7.82
C VAL A 52 -7.69 -1.23 -8.61
N ASP A 53 -8.34 -0.30 -7.99
CA ASP A 53 -9.49 0.37 -8.55
C ASP A 53 -9.20 1.83 -8.87
N PHE A 54 -9.46 2.20 -10.10
CA PHE A 54 -9.24 3.55 -10.62
C PHE A 54 -10.25 4.57 -10.05
N LYS A 55 -9.76 5.78 -9.77
CA LYS A 55 -10.63 6.85 -9.29
C LYS A 55 -10.56 8.07 -10.22
N GLY A 56 -9.51 8.87 -10.08
CA GLY A 56 -9.43 10.07 -10.87
C GLY A 56 -8.12 10.82 -10.68
N VAL A 57 -8.20 12.13 -10.78
CA VAL A 57 -7.02 12.99 -10.77
C VAL A 57 -6.78 13.59 -9.38
N THR A 58 -5.52 13.83 -9.07
CA THR A 58 -5.13 14.45 -7.85
C THR A 58 -3.80 15.16 -8.12
N ARG A 59 -3.17 15.73 -7.10
CA ARG A 59 -1.90 16.42 -7.27
C ARG A 59 -0.82 15.43 -7.66
N ASP A 60 -0.53 14.52 -6.75
CA ASP A 60 0.58 13.62 -6.92
C ASP A 60 0.15 12.34 -7.60
N GLY A 61 0.32 12.30 -8.89
CA GLY A 61 0.04 11.11 -9.63
C GLY A 61 -1.42 10.93 -9.89
N VAL A 62 -1.91 9.74 -9.61
CA VAL A 62 -3.28 9.42 -9.82
C VAL A 62 -3.82 8.86 -8.51
N ASP A 63 -4.98 9.28 -8.10
CA ASP A 63 -5.53 8.82 -6.83
C ASP A 63 -6.36 7.56 -7.11
N TYR A 64 -5.98 6.47 -6.51
CA TYR A 64 -6.64 5.18 -6.71
C TYR A 64 -7.17 4.59 -5.44
N HIS A 65 -7.88 3.52 -5.60
CA HIS A 65 -8.52 2.83 -4.54
C HIS A 65 -8.11 1.35 -4.57
N ALA A 66 -7.33 0.96 -3.63
CA ALA A 66 -6.90 -0.42 -3.53
C ALA A 66 -7.88 -1.19 -2.66
N LYS A 67 -8.13 -2.45 -3.01
CA LYS A 67 -9.00 -3.30 -2.21
C LYS A 67 -8.17 -4.07 -1.21
N VAL A 68 -8.38 -3.80 0.04
CA VAL A 68 -7.72 -4.55 1.08
C VAL A 68 -8.76 -5.35 1.79
N SER A 69 -8.77 -6.61 1.61
CA SER A 69 -9.76 -7.42 2.24
C SER A 69 -9.17 -8.15 3.41
N VAL A 70 -9.82 -8.04 4.53
CA VAL A 70 -9.35 -8.67 5.73
C VAL A 70 -10.35 -9.71 6.19
N LYS A 71 -9.88 -10.90 6.43
CA LYS A 71 -10.69 -11.99 6.91
C LYS A 71 -10.16 -12.46 8.23
N ASN A 72 -10.98 -12.42 9.21
CA ASN A 72 -10.59 -12.83 10.53
C ASN A 72 -11.56 -13.80 11.15
N PRO A 73 -11.15 -15.02 11.41
CA PRO A 73 -11.91 -15.88 12.26
C PRO A 73 -11.37 -15.72 13.67
N TYR A 74 -12.01 -14.90 14.47
CA TYR A 74 -11.48 -14.61 15.80
C TYR A 74 -12.60 -14.12 16.74
N SER A 75 -13.80 -13.94 16.17
CA SER A 75 -15.02 -13.60 16.90
C SER A 75 -15.10 -12.14 17.41
N GLN A 76 -14.07 -11.35 17.21
CA GLN A 76 -14.11 -9.99 17.64
C GLN A 76 -13.65 -9.03 16.58
N SER A 77 -14.22 -7.86 16.59
CA SER A 77 -13.86 -6.82 15.68
C SER A 77 -12.65 -6.09 16.26
N ILE A 78 -11.51 -6.32 15.67
CA ILE A 78 -10.29 -5.73 16.16
C ILE A 78 -10.02 -4.44 15.41
N PRO A 79 -9.89 -3.32 16.13
CA PRO A 79 -9.52 -2.05 15.53
C PRO A 79 -8.08 -2.13 15.02
N ILE A 80 -7.94 -2.07 13.72
CA ILE A 80 -6.62 -2.14 13.12
C ILE A 80 -5.87 -0.83 13.38
N CYS A 81 -4.61 -0.96 13.76
CA CYS A 81 -3.80 0.20 14.10
C CYS A 81 -3.67 1.11 12.89
N GLN A 82 -3.14 0.56 11.82
CA GLN A 82 -2.91 1.31 10.63
C GLN A 82 -2.69 0.39 9.46
N ILE A 83 -3.05 0.86 8.31
CA ILE A 83 -2.74 0.19 7.08
C ILE A 83 -1.59 0.93 6.47
N SER A 84 -0.49 0.27 6.38
CA SER A 84 0.67 0.88 5.83
C SER A 84 0.84 0.36 4.42
N TYR A 85 0.77 1.22 3.46
CA TYR A 85 0.90 0.78 2.10
C TYR A 85 2.23 1.16 1.54
N ILE A 86 2.83 0.26 0.85
CA ILE A 86 4.07 0.49 0.18
C ILE A 86 3.86 0.18 -1.29
N LEU A 87 3.85 1.20 -2.05
CA LEU A 87 3.56 1.13 -3.45
C LEU A 87 4.87 0.96 -4.18
N LYS A 88 4.99 -0.10 -4.91
CA LYS A 88 6.15 -0.25 -5.76
C LYS A 88 5.84 0.25 -7.14
N SER A 89 6.53 1.27 -7.53
CA SER A 89 6.25 1.87 -8.80
C SER A 89 7.28 1.37 -9.80
N ALA A 90 6.90 0.31 -10.51
CA ALA A 90 7.78 -0.40 -11.44
C ALA A 90 8.97 -0.99 -10.70
N THR A 91 9.97 -0.17 -10.44
CA THR A 91 11.18 -0.59 -9.76
C THR A 91 11.87 0.66 -9.16
N ARG A 92 11.79 1.77 -9.88
CA ARG A 92 12.44 3.00 -9.46
C ARG A 92 11.55 3.83 -8.53
N THR A 93 11.88 3.81 -7.25
CA THR A 93 11.19 4.55 -6.20
C THR A 93 9.77 3.96 -5.91
N ILE A 94 9.19 4.35 -4.78
CA ILE A 94 7.99 3.81 -4.32
C ILE A 94 7.20 4.94 -3.64
N ALA A 95 5.97 4.67 -3.31
CA ALA A 95 5.15 5.60 -2.52
C ALA A 95 4.71 4.86 -1.28
N SER A 96 4.41 5.55 -0.22
CA SER A 96 4.05 4.85 0.98
C SER A 96 3.28 5.80 1.90
N GLY A 97 2.69 5.25 2.91
CA GLY A 97 1.94 6.01 3.87
C GLY A 97 1.27 5.12 4.86
N THR A 98 1.05 5.63 6.04
CA THR A 98 0.38 4.90 7.08
C THR A 98 -0.98 5.48 7.31
N ILE A 99 -2.01 4.70 7.06
CA ILE A 99 -3.36 5.16 7.31
C ILE A 99 -3.84 4.62 8.67
N PRO A 100 -3.83 5.46 9.72
CA PRO A 100 -4.26 5.05 11.06
C PRO A 100 -5.79 5.05 11.16
N ASP A 101 -6.31 3.89 11.54
CA ASP A 101 -7.76 3.60 11.59
C ASP A 101 -8.43 3.90 10.24
N PRO A 102 -8.30 2.97 9.30
CA PRO A 102 -8.91 3.07 7.98
C PRO A 102 -10.11 2.13 7.87
N GLY A 103 -10.69 1.84 9.01
CA GLY A 103 -11.73 0.91 9.09
C GLY A 103 -11.40 -0.12 10.09
N SER A 104 -12.19 -1.13 10.19
CA SER A 104 -11.91 -2.22 11.07
C SER A 104 -12.54 -3.47 10.52
N LEU A 105 -12.22 -4.58 11.09
CA LEU A 105 -12.76 -5.81 10.64
C LEU A 105 -13.91 -6.28 11.46
N VAL A 106 -14.71 -7.12 10.87
CA VAL A 106 -15.86 -7.67 11.50
C VAL A 106 -15.46 -8.71 12.57
N GLY A 107 -16.43 -9.35 13.16
CA GLY A 107 -16.15 -10.33 14.18
C GLY A 107 -15.48 -11.57 13.62
N SER A 108 -16.03 -12.08 12.56
CA SER A 108 -15.51 -13.23 11.93
C SER A 108 -16.02 -13.31 10.50
N GLY A 109 -15.24 -12.79 9.59
CA GLY A 109 -15.63 -12.79 8.21
C GLY A 109 -14.63 -12.06 7.36
N THR A 110 -14.99 -11.81 6.13
CA THR A 110 -14.12 -11.12 5.21
C THR A 110 -14.72 -9.75 4.87
N THR A 111 -14.05 -8.71 5.29
CA THR A 111 -14.49 -7.37 5.04
C THR A 111 -13.51 -6.67 4.08
N VAL A 112 -14.03 -5.93 3.14
CA VAL A 112 -13.19 -5.22 2.21
C VAL A 112 -13.02 -3.78 2.69
N LEU A 113 -11.79 -3.42 2.97
CA LEU A 113 -11.44 -2.12 3.46
C LEU A 113 -10.95 -1.24 2.31
N ASP A 114 -10.99 0.07 2.52
CA ASP A 114 -10.64 1.02 1.48
C ASP A 114 -9.28 1.65 1.70
N VAL A 115 -8.46 1.64 0.67
CA VAL A 115 -7.18 2.34 0.67
C VAL A 115 -7.08 3.27 -0.50
N PRO A 116 -7.02 4.56 -0.26
CA PRO A 116 -6.68 5.47 -1.29
C PRO A 116 -5.17 5.42 -1.48
N VAL A 117 -4.75 4.88 -2.59
CA VAL A 117 -3.35 4.76 -2.85
C VAL A 117 -3.02 5.63 -4.07
N LYS A 118 -1.95 6.33 -4.02
CA LYS A 118 -1.62 7.26 -5.08
C LYS A 118 -0.70 6.59 -6.09
N VAL A 119 -1.26 6.15 -7.18
CA VAL A 119 -0.59 5.28 -8.14
C VAL A 119 0.05 6.04 -9.28
N ALA A 120 1.15 5.47 -9.80
CA ALA A 120 1.86 5.92 -11.01
C ALA A 120 2.70 7.15 -10.78
N TYR A 121 2.49 7.79 -9.63
CA TYR A 121 3.20 8.99 -9.23
C TYR A 121 4.69 8.87 -9.41
N SER A 122 5.27 7.80 -8.90
CA SER A 122 6.72 7.74 -8.82
C SER A 122 7.36 7.68 -10.21
N ILE A 123 6.82 6.88 -11.07
CA ILE A 123 7.35 6.78 -12.40
C ILE A 123 6.93 7.93 -13.28
N ALA A 124 5.75 8.53 -13.01
CA ALA A 124 5.31 9.73 -13.73
C ALA A 124 6.34 10.83 -13.56
N VAL A 125 6.84 10.92 -12.35
CA VAL A 125 7.91 11.82 -11.96
C VAL A 125 9.18 11.60 -12.82
N SER A 126 9.49 10.35 -13.11
CA SER A 126 10.68 10.03 -13.84
C SER A 126 10.46 9.99 -15.38
N LEU A 127 10.00 8.86 -15.90
CA LEU A 127 9.86 8.69 -17.36
C LEU A 127 8.39 8.72 -17.80
N MET A 128 7.50 8.52 -16.83
CA MET A 128 6.05 8.53 -17.04
C MET A 128 5.64 7.47 -18.07
N LYS A 129 6.30 6.28 -18.00
CA LYS A 129 6.12 5.15 -18.93
C LYS A 129 6.16 5.53 -20.42
N ASP A 130 5.12 6.18 -20.87
CA ASP A 130 4.99 6.67 -22.25
C ASP A 130 3.67 7.37 -22.35
N MET A 131 2.72 6.86 -21.56
CA MET A 131 1.36 7.37 -21.53
C MET A 131 0.68 7.18 -22.89
N CYS A 132 0.18 5.98 -23.13
CA CYS A 132 -0.38 5.62 -24.41
C CYS A 132 -1.90 5.48 -24.31
N THR A 133 -2.53 5.30 -25.45
CA THR A 133 -3.90 4.94 -25.48
C THR A 133 -3.95 3.43 -25.27
N ASP A 134 -4.41 3.03 -24.09
CA ASP A 134 -4.45 1.62 -23.66
C ASP A 134 -3.06 1.18 -23.27
N TRP A 135 -2.82 1.20 -22.01
CA TRP A 135 -1.54 0.92 -21.48
C TRP A 135 -1.61 0.09 -20.22
N ASP A 136 -1.02 -1.07 -20.25
CA ASP A 136 -0.92 -1.92 -19.08
C ASP A 136 0.38 -1.55 -18.38
N ILE A 137 0.26 -0.97 -17.24
CA ILE A 137 1.39 -0.38 -16.54
C ILE A 137 1.97 -1.32 -15.47
N ASP A 138 3.27 -1.21 -15.25
CA ASP A 138 4.00 -1.97 -14.25
C ASP A 138 3.94 -1.27 -12.92
N TYR A 139 3.12 -1.79 -12.10
CA TYR A 139 2.88 -1.30 -10.80
C TYR A 139 2.81 -2.49 -9.86
N GLN A 140 3.19 -2.30 -8.62
CA GLN A 140 3.18 -3.37 -7.62
C GLN A 140 2.69 -2.83 -6.32
N LEU A 141 2.22 -3.70 -5.45
CA LEU A 141 1.65 -3.25 -4.21
C LEU A 141 2.01 -4.17 -3.04
N ASP A 142 2.48 -3.56 -1.97
CA ASP A 142 2.79 -4.21 -0.71
C ASP A 142 2.04 -3.50 0.36
N ILE A 143 1.34 -4.21 1.17
CA ILE A 143 0.64 -3.58 2.24
C ILE A 143 0.91 -4.27 3.54
N GLY A 144 1.23 -3.49 4.52
CA GLY A 144 1.48 -3.98 5.81
C GLY A 144 0.33 -3.67 6.73
N LEU A 145 -0.38 -4.69 7.09
CA LEU A 145 -1.53 -4.54 7.98
C LEU A 145 -1.07 -4.65 9.40
N THR A 146 -1.11 -3.57 10.12
CA THR A 146 -0.64 -3.56 11.48
C THR A 146 -1.80 -3.76 12.45
N PHE A 147 -1.84 -4.92 13.06
CA PHE A 147 -2.84 -5.23 14.05
C PHE A 147 -2.16 -5.41 15.37
N ASP A 148 -2.85 -5.14 16.44
CA ASP A 148 -2.30 -5.36 17.73
C ASP A 148 -3.16 -6.36 18.47
N ILE A 149 -2.60 -7.48 18.73
CA ILE A 149 -3.30 -8.55 19.37
C ILE A 149 -2.72 -8.73 20.75
N PRO A 150 -3.53 -8.48 21.81
CA PRO A 150 -3.08 -8.57 23.22
C PRO A 150 -2.25 -9.83 23.54
N VAL A 151 -2.57 -10.91 22.87
CA VAL A 151 -1.92 -12.20 23.07
C VAL A 151 -0.44 -12.20 22.56
N VAL A 152 -0.10 -11.33 21.63
CA VAL A 152 1.23 -11.35 21.05
C VAL A 152 1.87 -9.95 20.88
N GLY A 153 1.07 -8.95 20.61
CA GLY A 153 1.59 -7.62 20.44
C GLY A 153 1.25 -7.06 19.09
N ASP A 154 2.10 -6.18 18.62
CA ASP A 154 1.94 -5.53 17.33
C ASP A 154 2.55 -6.38 16.23
N ILE A 155 1.74 -6.80 15.31
CA ILE A 155 2.20 -7.58 14.21
C ILE A 155 1.63 -7.05 12.90
N THR A 156 2.51 -6.73 12.01
CA THR A 156 2.13 -6.26 10.72
C THR A 156 2.23 -7.41 9.68
N ILE A 157 1.15 -7.64 8.97
CA ILE A 157 1.10 -8.71 7.97
C ILE A 157 1.56 -8.17 6.61
N PRO A 158 2.60 -8.77 6.04
CA PRO A 158 3.12 -8.38 4.74
C PRO A 158 2.35 -9.02 3.60
N VAL A 159 1.67 -8.21 2.84
CA VAL A 159 1.01 -8.69 1.66
C VAL A 159 1.73 -8.09 0.49
N SER A 160 2.28 -8.92 -0.35
CA SER A 160 3.06 -8.46 -1.46
C SER A 160 2.59 -9.08 -2.76
N THR A 161 2.32 -8.25 -3.74
CA THR A 161 1.84 -8.73 -5.01
C THR A 161 2.11 -7.65 -6.08
N GLN A 162 1.79 -7.96 -7.31
CA GLN A 162 1.94 -7.06 -8.40
C GLN A 162 0.59 -6.42 -8.67
N GLY A 163 0.61 -5.21 -9.12
CA GLY A 163 -0.60 -4.54 -9.43
C GLY A 163 -0.60 -4.20 -10.88
N GLU A 164 -0.98 -5.13 -11.66
CA GLU A 164 -0.98 -4.95 -13.08
C GLU A 164 -2.30 -4.37 -13.43
N ILE A 165 -2.27 -3.22 -14.01
CA ILE A 165 -3.47 -2.51 -14.31
C ILE A 165 -3.47 -1.96 -15.71
N LYS A 166 -4.48 -2.34 -16.46
CA LYS A 166 -4.62 -1.88 -17.79
C LYS A 166 -5.43 -0.61 -17.83
N LEU A 167 -4.76 0.44 -18.14
CA LEU A 167 -5.31 1.75 -18.24
C LEU A 167 -5.78 1.99 -19.68
N PRO A 168 -7.11 2.00 -19.91
CA PRO A 168 -7.66 2.15 -21.23
C PRO A 168 -7.82 3.61 -21.65
N SER A 169 -6.80 4.11 -22.36
CA SER A 169 -6.74 5.48 -22.91
C SER A 169 -7.05 6.61 -21.89
N LEU A 170 -6.01 7.30 -21.46
CA LEU A 170 -6.21 8.40 -20.54
C LEU A 170 -5.47 9.60 -21.12
N ARG A 171 -4.15 9.52 -21.08
CA ARG A 171 -3.25 10.54 -21.62
C ARG A 171 -3.43 11.93 -21.01
N ASP A 172 -2.85 12.11 -19.80
CA ASP A 172 -2.81 13.43 -19.12
C ASP A 172 -2.26 13.29 -17.70
N PHE A 173 -3.07 12.82 -16.79
CA PHE A 173 -2.71 12.75 -15.39
C PHE A 173 -2.26 11.36 -14.95
N PHE A 174 -2.05 10.48 -15.89
CA PHE A 174 -1.72 9.13 -15.54
C PHE A 174 -0.21 8.91 -15.65
N GLY A 1 16.00 -2.17 6.66
CA GLY A 1 17.15 -1.93 5.82
C GLY A 1 17.87 -0.69 6.27
N HIS A 2 18.90 -0.33 5.53
CA HIS A 2 19.68 0.87 5.80
C HIS A 2 20.66 1.11 4.66
N HIS A 3 20.19 1.85 3.69
CA HIS A 3 20.98 2.15 2.50
C HIS A 3 21.53 3.55 2.58
N HIS A 4 22.74 3.72 2.09
CA HIS A 4 23.30 5.05 2.01
C HIS A 4 23.03 5.66 0.66
N HIS A 5 21.78 6.00 0.47
CA HIS A 5 21.29 6.69 -0.70
C HIS A 5 20.16 7.58 -0.28
N HIS A 6 20.50 8.79 0.03
CA HIS A 6 19.53 9.78 0.44
C HIS A 6 19.67 10.99 -0.42
N HIS A 7 20.80 11.71 -0.24
CA HIS A 7 21.11 12.94 -0.96
C HIS A 7 20.14 14.06 -0.59
N LEU A 8 20.64 15.07 0.08
CA LEU A 8 19.82 16.17 0.47
C LEU A 8 19.26 16.93 -0.70
N GLU A 9 20.08 17.26 -1.66
CA GLU A 9 19.59 17.90 -2.83
C GLU A 9 19.41 16.92 -3.96
N ALA A 10 18.40 16.12 -3.79
CA ALA A 10 17.98 15.15 -4.77
C ALA A 10 16.52 15.38 -5.06
N SER A 11 15.86 14.43 -5.70
CA SER A 11 14.44 14.51 -5.95
C SER A 11 13.72 14.54 -4.59
N ALA A 12 13.15 15.70 -4.26
CA ALA A 12 12.58 15.98 -2.94
C ALA A 12 11.53 15.00 -2.45
N ASP A 13 10.47 14.82 -3.23
CA ASP A 13 9.34 13.97 -2.81
C ASP A 13 9.79 12.53 -2.70
N GLU A 14 10.68 12.14 -3.60
CA GLU A 14 11.27 10.81 -3.59
C GLU A 14 12.12 10.61 -2.34
N LYS A 15 12.95 11.60 -2.02
CA LYS A 15 13.84 11.59 -0.89
C LYS A 15 13.08 11.31 0.42
N VAL A 16 12.01 12.04 0.63
CA VAL A 16 11.26 11.92 1.88
C VAL A 16 10.35 10.68 1.90
N VAL A 17 9.91 10.21 0.74
CA VAL A 17 9.05 9.03 0.72
C VAL A 17 9.88 7.78 1.04
N GLU A 18 11.18 7.82 0.65
CA GLU A 18 12.14 6.77 1.00
C GLU A 18 12.27 6.69 2.53
N GLU A 19 12.33 7.88 3.15
CA GLU A 19 12.43 8.03 4.60
C GLU A 19 11.26 7.36 5.30
N LYS A 20 10.06 7.72 4.87
CA LYS A 20 8.83 7.18 5.43
C LYS A 20 8.75 5.68 5.18
N ALA A 21 9.09 5.27 3.97
CA ALA A 21 9.05 3.87 3.58
C ALA A 21 9.98 3.05 4.42
N SER A 22 11.16 3.58 4.69
CA SER A 22 12.15 2.89 5.50
C SER A 22 11.60 2.61 6.90
N VAL A 23 10.95 3.63 7.50
CA VAL A 23 10.35 3.48 8.83
C VAL A 23 9.29 2.38 8.81
N ILE A 24 8.45 2.42 7.80
CA ILE A 24 7.39 1.44 7.64
C ILE A 24 7.97 0.05 7.39
N SER A 25 8.92 -0.04 6.48
CA SER A 25 9.52 -1.32 6.13
C SER A 25 10.26 -1.92 7.33
N SER A 26 10.76 -1.06 8.21
CA SER A 26 11.44 -1.49 9.43
C SER A 26 10.46 -2.22 10.35
N LEU A 27 9.20 -1.81 10.30
CA LEU A 27 8.19 -2.46 11.11
C LEU A 27 7.91 -3.81 10.46
N LEU A 28 7.83 -3.81 9.12
CA LEU A 28 7.67 -5.05 8.37
C LEU A 28 8.81 -6.03 8.64
N ASP A 29 10.04 -5.54 8.83
CA ASP A 29 11.21 -6.42 9.10
C ASP A 29 10.97 -7.42 10.20
N LYS A 30 10.48 -6.95 11.33
CA LYS A 30 10.26 -7.86 12.45
C LYS A 30 9.02 -8.72 12.21
N ALA A 31 8.11 -8.17 11.44
CA ALA A 31 6.85 -8.82 11.18
C ALA A 31 6.99 -9.92 10.15
N LYS A 32 7.87 -9.75 9.17
CA LYS A 32 8.13 -10.78 8.15
C LYS A 32 8.60 -12.06 8.82
N GLY A 33 9.39 -11.89 9.87
CA GLY A 33 9.88 -13.00 10.62
C GLY A 33 8.75 -13.77 11.28
N PHE A 34 7.80 -13.05 11.87
CA PHE A 34 6.72 -13.73 12.55
C PHE A 34 5.65 -14.19 11.57
N PHE A 35 5.34 -13.40 10.57
CA PHE A 35 4.25 -13.74 9.63
C PHE A 35 4.46 -15.08 8.93
N ALA A 36 5.71 -15.43 8.70
CA ALA A 36 6.02 -16.68 8.05
C ALA A 36 5.66 -17.90 8.94
N GLU A 37 5.87 -17.76 10.24
CA GLU A 37 5.67 -18.89 11.15
C GLU A 37 4.55 -18.66 12.20
N LYS A 38 4.60 -17.52 12.84
CA LYS A 38 3.79 -17.21 14.01
C LYS A 38 2.37 -17.06 13.60
N LEU A 39 2.20 -16.29 12.57
CA LEU A 39 0.88 -15.89 12.14
C LEU A 39 0.33 -16.91 11.18
N ALA A 40 1.09 -17.93 10.94
CA ALA A 40 0.70 -18.99 10.04
C ALA A 40 0.13 -20.14 10.85
N ASN A 41 0.46 -20.18 12.12
CA ASN A 41 -0.02 -21.23 12.98
C ASN A 41 -1.02 -20.71 13.99
N ILE A 42 -0.93 -19.43 14.27
CA ILE A 42 -1.86 -18.80 15.17
C ILE A 42 -2.98 -18.22 14.32
N PRO A 43 -4.25 -18.27 14.77
CA PRO A 43 -5.35 -17.71 14.02
C PRO A 43 -5.19 -16.21 13.99
N THR A 44 -4.79 -15.71 12.88
CA THR A 44 -4.49 -14.32 12.80
C THR A 44 -5.32 -13.74 11.65
N PRO A 45 -5.84 -12.51 11.80
CA PRO A 45 -6.59 -11.86 10.72
C PRO A 45 -5.73 -11.74 9.46
N GLU A 46 -6.13 -12.47 8.43
CA GLU A 46 -5.35 -12.53 7.21
C GLU A 46 -5.87 -11.54 6.20
N ALA A 47 -5.01 -10.67 5.78
CA ALA A 47 -5.36 -9.66 4.83
C ALA A 47 -4.92 -10.05 3.44
N THR A 48 -5.56 -9.46 2.48
CA THR A 48 -5.22 -9.67 1.09
C THR A 48 -5.50 -8.40 0.29
N VAL A 49 -4.53 -7.96 -0.47
CA VAL A 49 -4.72 -6.84 -1.34
C VAL A 49 -4.62 -7.33 -2.77
N ASP A 50 -5.50 -6.88 -3.60
CA ASP A 50 -5.64 -7.47 -4.94
C ASP A 50 -6.12 -6.48 -5.95
N ASP A 51 -6.97 -5.58 -5.53
CA ASP A 51 -7.59 -4.67 -6.47
C ASP A 51 -7.21 -3.29 -6.17
N VAL A 52 -7.12 -2.52 -7.21
CA VAL A 52 -6.85 -1.14 -7.11
C VAL A 52 -7.53 -0.44 -8.31
N ASP A 53 -8.62 0.20 -8.04
CA ASP A 53 -9.44 0.78 -9.09
C ASP A 53 -9.16 2.23 -9.28
N PHE A 54 -8.92 2.63 -10.52
CA PHE A 54 -8.72 4.02 -10.84
C PHE A 54 -9.95 4.85 -10.48
N LYS A 55 -9.73 5.82 -9.63
CA LYS A 55 -10.80 6.68 -9.17
C LYS A 55 -11.03 7.80 -10.14
N GLY A 56 -10.00 8.53 -10.40
CA GLY A 56 -10.07 9.63 -11.29
C GLY A 56 -8.72 10.19 -11.48
N VAL A 57 -8.61 11.48 -11.47
CA VAL A 57 -7.33 12.11 -11.65
C VAL A 57 -6.93 12.81 -10.36
N THR A 58 -5.67 12.76 -10.04
CA THR A 58 -5.17 13.38 -8.87
C THR A 58 -4.22 14.52 -9.27
N ARG A 59 -3.89 15.38 -8.33
CA ARG A 59 -3.06 16.57 -8.58
C ARG A 59 -1.71 16.23 -9.22
N ASP A 60 -0.95 15.35 -8.60
CA ASP A 60 0.39 15.03 -9.12
C ASP A 60 0.37 13.72 -9.92
N GLY A 61 0.05 12.62 -9.26
CA GLY A 61 -0.08 11.37 -9.95
C GLY A 61 -1.52 10.97 -10.01
N VAL A 62 -1.82 9.75 -9.65
CA VAL A 62 -3.18 9.30 -9.63
C VAL A 62 -3.47 8.44 -8.40
N ASP A 63 -4.60 8.66 -7.81
CA ASP A 63 -5.04 7.98 -6.62
C ASP A 63 -6.09 6.94 -6.97
N TYR A 64 -5.82 5.71 -6.62
CA TYR A 64 -6.73 4.62 -6.88
C TYR A 64 -7.35 4.14 -5.59
N HIS A 65 -8.36 3.34 -5.73
CA HIS A 65 -8.99 2.79 -4.59
C HIS A 65 -8.59 1.31 -4.49
N ALA A 66 -7.75 1.02 -3.56
CA ALA A 66 -7.27 -0.33 -3.30
C ALA A 66 -8.18 -1.09 -2.37
N LYS A 67 -8.31 -2.36 -2.61
CA LYS A 67 -9.12 -3.24 -1.80
C LYS A 67 -8.24 -4.15 -0.98
N VAL A 68 -8.45 -4.14 0.32
CA VAL A 68 -7.73 -4.99 1.22
C VAL A 68 -8.76 -5.74 2.05
N SER A 69 -8.92 -6.98 1.79
CA SER A 69 -9.90 -7.74 2.52
C SER A 69 -9.22 -8.49 3.62
N VAL A 70 -9.85 -8.54 4.76
CA VAL A 70 -9.27 -9.22 5.90
C VAL A 70 -10.23 -10.28 6.44
N LYS A 71 -9.74 -11.48 6.57
CA LYS A 71 -10.50 -12.62 7.07
C LYS A 71 -9.94 -12.98 8.44
N ASN A 72 -10.75 -12.88 9.48
CA ASN A 72 -10.24 -13.08 10.83
C ASN A 72 -10.92 -14.23 11.53
N PRO A 73 -10.15 -15.20 12.06
CA PRO A 73 -10.70 -16.19 12.92
C PRO A 73 -10.56 -15.76 14.40
N TYR A 74 -11.63 -15.18 14.89
CA TYR A 74 -11.85 -14.60 16.23
C TYR A 74 -13.21 -13.99 16.15
N SER A 75 -13.83 -13.72 17.24
CA SER A 75 -15.14 -13.10 17.18
C SER A 75 -15.04 -11.61 17.44
N GLN A 76 -13.91 -11.19 18.00
CA GLN A 76 -13.72 -9.82 18.33
C GLN A 76 -13.32 -8.99 17.12
N SER A 77 -13.70 -7.76 17.16
CA SER A 77 -13.31 -6.80 16.20
C SER A 77 -11.90 -6.30 16.53
N ILE A 78 -10.93 -6.75 15.77
CA ILE A 78 -9.56 -6.34 15.99
C ILE A 78 -9.30 -5.11 15.13
N PRO A 79 -8.98 -3.97 15.73
CA PRO A 79 -8.74 -2.75 14.99
C PRO A 79 -7.29 -2.64 14.51
N ILE A 80 -7.10 -1.93 13.43
CA ILE A 80 -5.77 -1.68 12.92
C ILE A 80 -5.22 -0.44 13.57
N CYS A 81 -3.95 -0.44 13.83
CA CYS A 81 -3.33 0.74 14.37
C CYS A 81 -3.09 1.69 13.22
N GLN A 82 -2.78 1.13 12.06
CA GLN A 82 -2.57 1.87 10.86
C GLN A 82 -2.48 0.89 9.72
N ILE A 83 -2.74 1.35 8.54
CA ILE A 83 -2.51 0.57 7.36
C ILE A 83 -1.50 1.31 6.52
N SER A 84 -0.37 0.73 6.34
CA SER A 84 0.67 1.38 5.63
C SER A 84 0.96 0.67 4.32
N TYR A 85 0.78 1.38 3.23
CA TYR A 85 1.02 0.79 1.95
C TYR A 85 2.33 1.30 1.40
N ILE A 86 3.03 0.45 0.73
CA ILE A 86 4.23 0.82 0.03
C ILE A 86 4.16 0.23 -1.35
N LEU A 87 3.97 1.06 -2.31
CA LEU A 87 3.90 0.61 -3.64
C LEU A 87 5.16 0.96 -4.39
N LYS A 88 5.65 0.01 -5.10
CA LYS A 88 6.85 0.18 -5.86
C LYS A 88 6.51 0.17 -7.32
N SER A 89 6.88 1.20 -8.02
CA SER A 89 6.57 1.27 -9.41
C SER A 89 7.76 0.98 -10.31
N ALA A 90 7.81 -0.26 -10.77
CA ALA A 90 8.79 -0.77 -11.74
C ALA A 90 10.23 -0.77 -11.24
N THR A 91 10.88 0.37 -11.28
CA THR A 91 12.28 0.39 -10.99
C THR A 91 12.70 1.54 -10.05
N ARG A 92 11.99 2.65 -10.08
CA ARG A 92 12.39 3.77 -9.27
C ARG A 92 11.18 4.51 -8.74
N THR A 93 11.36 5.03 -7.53
CA THR A 93 10.40 5.80 -6.79
C THR A 93 9.26 4.92 -6.30
N ILE A 94 8.96 5.02 -5.05
CA ILE A 94 7.91 4.26 -4.47
C ILE A 94 6.96 5.21 -3.76
N ALA A 95 5.80 4.75 -3.41
CA ALA A 95 4.86 5.55 -2.64
C ALA A 95 4.47 4.81 -1.38
N SER A 96 4.71 5.42 -0.26
CA SER A 96 4.38 4.85 1.01
C SER A 96 3.43 5.78 1.74
N GLY A 97 2.54 5.21 2.52
CA GLY A 97 1.60 6.04 3.22
C GLY A 97 0.94 5.30 4.34
N THR A 98 0.66 5.99 5.41
CA THR A 98 0.02 5.44 6.56
C THR A 98 -1.40 5.97 6.65
N ILE A 99 -2.37 5.10 6.52
CA ILE A 99 -3.74 5.52 6.66
C ILE A 99 -4.29 5.14 8.04
N PRO A 100 -4.62 6.15 8.86
CA PRO A 100 -5.19 5.93 10.17
C PRO A 100 -6.71 5.79 10.10
N ASP A 101 -7.20 4.74 10.72
CA ASP A 101 -8.64 4.39 10.76
C ASP A 101 -9.31 4.39 9.38
N PRO A 102 -9.12 3.32 8.62
CA PRO A 102 -9.74 3.15 7.32
C PRO A 102 -10.97 2.25 7.37
N GLY A 103 -11.31 1.81 8.56
CA GLY A 103 -12.42 0.95 8.75
C GLY A 103 -12.21 0.10 9.95
N SER A 104 -13.01 -0.92 10.11
CA SER A 104 -12.88 -1.80 11.24
C SER A 104 -13.04 -3.25 10.81
N LEU A 105 -12.48 -4.14 11.60
CA LEU A 105 -12.60 -5.53 11.32
C LEU A 105 -13.84 -6.08 12.04
N VAL A 106 -14.73 -6.73 11.28
CA VAL A 106 -16.03 -7.18 11.79
C VAL A 106 -15.98 -8.27 12.88
N GLY A 107 -14.97 -9.10 12.85
CA GLY A 107 -14.86 -10.18 13.76
C GLY A 107 -14.47 -11.43 13.03
N SER A 108 -15.35 -12.36 13.00
CA SER A 108 -15.15 -13.65 12.42
C SER A 108 -15.59 -13.66 10.98
N GLY A 109 -14.67 -13.50 10.09
CA GLY A 109 -14.99 -13.57 8.71
C GLY A 109 -14.25 -12.55 7.94
N THR A 110 -14.69 -12.31 6.74
CA THR A 110 -14.04 -11.38 5.89
C THR A 110 -14.68 -10.00 5.98
N THR A 111 -13.87 -9.02 5.97
CA THR A 111 -14.25 -7.66 5.96
C THR A 111 -13.40 -6.95 4.92
N VAL A 112 -14.05 -6.37 3.96
CA VAL A 112 -13.34 -5.71 2.90
C VAL A 112 -13.03 -4.27 3.27
N LEU A 113 -11.78 -3.99 3.48
CA LEU A 113 -11.33 -2.68 3.83
C LEU A 113 -10.84 -2.00 2.57
N ASP A 114 -10.73 -0.69 2.62
CA ASP A 114 -10.35 0.05 1.43
C ASP A 114 -9.42 1.20 1.77
N VAL A 115 -8.48 1.45 0.87
CA VAL A 115 -7.50 2.52 1.02
C VAL A 115 -7.37 3.29 -0.28
N PRO A 116 -7.32 4.61 -0.22
CA PRO A 116 -6.95 5.39 -1.37
C PRO A 116 -5.42 5.35 -1.47
N VAL A 117 -4.93 4.70 -2.48
CA VAL A 117 -3.51 4.56 -2.65
C VAL A 117 -3.06 5.33 -3.87
N LYS A 118 -2.00 6.08 -3.75
CA LYS A 118 -1.55 6.90 -4.85
C LYS A 118 -0.57 6.10 -5.72
N VAL A 119 -1.13 5.46 -6.73
CA VAL A 119 -0.41 4.53 -7.59
C VAL A 119 0.06 5.23 -8.83
N ALA A 120 1.19 4.75 -9.38
CA ALA A 120 1.76 5.26 -10.66
C ALA A 120 2.41 6.61 -10.49
N TYR A 121 2.02 7.28 -9.43
CA TYR A 121 2.53 8.55 -8.97
C TYR A 121 4.04 8.55 -9.02
N SER A 122 4.60 7.47 -8.52
CA SER A 122 6.02 7.35 -8.39
C SER A 122 6.75 7.26 -9.76
N ILE A 123 6.33 6.35 -10.62
CA ILE A 123 7.02 6.11 -11.88
C ILE A 123 6.76 7.22 -12.93
N ALA A 124 5.56 7.77 -12.95
CA ALA A 124 5.19 8.81 -13.88
C ALA A 124 6.07 10.03 -13.70
N VAL A 125 6.19 10.51 -12.47
CA VAL A 125 6.99 11.69 -12.19
C VAL A 125 8.49 11.40 -12.29
N SER A 126 8.86 10.14 -12.14
CA SER A 126 10.25 9.77 -12.19
C SER A 126 10.74 9.74 -13.65
N LEU A 127 10.28 8.78 -14.42
CA LEU A 127 10.75 8.65 -15.80
C LEU A 127 9.64 8.68 -16.82
N MET A 128 8.41 8.31 -16.40
CA MET A 128 7.23 8.23 -17.30
C MET A 128 7.46 7.09 -18.30
N LYS A 129 6.58 6.90 -19.21
CA LYS A 129 6.73 5.88 -20.22
C LYS A 129 6.40 6.55 -21.52
N ASP A 130 5.11 6.81 -21.64
CA ASP A 130 4.40 7.43 -22.76
C ASP A 130 3.00 6.87 -22.65
N MET A 131 2.21 7.44 -21.79
CA MET A 131 0.85 6.95 -21.61
C MET A 131 -0.08 7.71 -22.53
N CYS A 132 -0.67 7.00 -23.46
CA CYS A 132 -1.54 7.66 -24.39
C CYS A 132 -2.88 6.98 -24.56
N THR A 133 -2.91 5.96 -25.37
CA THR A 133 -4.11 5.33 -25.82
C THR A 133 -3.92 3.82 -25.89
N ASP A 134 -4.68 3.09 -25.07
CA ASP A 134 -4.60 1.62 -24.96
C ASP A 134 -3.20 1.22 -24.52
N TRP A 135 -2.99 1.31 -23.25
CA TRP A 135 -1.69 1.12 -22.66
C TRP A 135 -1.85 0.35 -21.37
N ASP A 136 -0.81 -0.28 -20.88
CA ASP A 136 -0.90 -0.96 -19.59
C ASP A 136 0.41 -0.92 -18.87
N ILE A 137 0.34 -1.01 -17.57
CA ILE A 137 1.51 -1.01 -16.75
C ILE A 137 1.26 -1.87 -15.52
N ASP A 138 2.28 -2.46 -15.00
CA ASP A 138 2.16 -3.19 -13.77
C ASP A 138 2.98 -2.48 -12.73
N TYR A 139 2.41 -2.31 -11.59
CA TYR A 139 3.10 -1.69 -10.50
C TYR A 139 2.99 -2.68 -9.35
N GLN A 140 3.66 -2.47 -8.29
CA GLN A 140 3.60 -3.42 -7.23
C GLN A 140 3.05 -2.79 -5.99
N LEU A 141 2.20 -3.50 -5.32
CA LEU A 141 1.58 -3.03 -4.12
C LEU A 141 1.93 -3.94 -2.95
N ASP A 142 2.40 -3.36 -1.87
CA ASP A 142 2.74 -4.11 -0.65
C ASP A 142 2.10 -3.37 0.47
N ILE A 143 1.13 -3.95 1.07
CA ILE A 143 0.44 -3.29 2.14
C ILE A 143 0.68 -3.98 3.42
N GLY A 144 1.19 -3.25 4.34
CA GLY A 144 1.40 -3.75 5.64
C GLY A 144 0.40 -3.16 6.58
N LEU A 145 -0.60 -3.91 6.92
CA LEU A 145 -1.54 -3.48 7.91
C LEU A 145 -1.11 -3.97 9.27
N THR A 146 -1.31 -3.16 10.28
CA THR A 146 -0.84 -3.53 11.60
C THR A 146 -1.99 -3.77 12.59
N PHE A 147 -2.17 -5.01 12.99
CA PHE A 147 -3.10 -5.37 14.05
C PHE A 147 -2.28 -5.72 15.28
N ASP A 148 -2.91 -5.74 16.43
CA ASP A 148 -2.21 -6.13 17.63
C ASP A 148 -3.13 -6.85 18.57
N ILE A 149 -2.67 -7.97 19.06
CA ILE A 149 -3.38 -8.77 20.03
C ILE A 149 -2.37 -9.32 21.02
N PRO A 150 -2.69 -9.28 22.34
CA PRO A 150 -1.79 -9.74 23.44
C PRO A 150 -1.17 -11.14 23.23
N VAL A 151 -1.77 -11.93 22.35
CA VAL A 151 -1.26 -13.26 22.00
C VAL A 151 0.19 -13.18 21.51
N VAL A 152 0.47 -12.14 20.73
CA VAL A 152 1.80 -11.95 20.15
C VAL A 152 2.26 -10.48 20.26
N GLY A 153 1.33 -9.59 20.11
CA GLY A 153 1.63 -8.20 20.17
C GLY A 153 1.25 -7.53 18.90
N ASP A 154 2.05 -6.60 18.47
CA ASP A 154 1.82 -5.87 17.25
C ASP A 154 2.53 -6.54 16.10
N ILE A 155 1.79 -6.84 15.06
CA ILE A 155 2.36 -7.42 13.87
C ILE A 155 1.73 -6.82 12.64
N THR A 156 2.54 -6.45 11.70
CA THR A 156 2.03 -6.01 10.47
C THR A 156 2.13 -7.17 9.47
N ILE A 157 1.21 -7.23 8.55
CA ILE A 157 1.23 -8.28 7.58
C ILE A 157 1.56 -7.71 6.24
N PRO A 158 2.77 -8.01 5.72
CA PRO A 158 3.20 -7.57 4.40
C PRO A 158 2.44 -8.32 3.31
N VAL A 159 1.48 -7.67 2.71
CA VAL A 159 0.73 -8.28 1.65
C VAL A 159 1.20 -7.69 0.33
N SER A 160 1.91 -8.47 -0.45
CA SER A 160 2.43 -7.99 -1.70
C SER A 160 1.72 -8.58 -2.88
N THR A 161 1.68 -7.84 -3.95
CA THR A 161 1.10 -8.27 -5.17
C THR A 161 1.49 -7.29 -6.25
N GLN A 162 1.56 -7.72 -7.47
CA GLN A 162 1.83 -6.81 -8.52
C GLN A 162 0.59 -6.60 -9.32
N GLY A 163 0.14 -5.39 -9.35
CA GLY A 163 -1.08 -5.06 -9.96
C GLY A 163 -0.89 -4.65 -11.37
N GLU A 164 -1.48 -5.39 -12.25
CA GLU A 164 -1.44 -5.08 -13.63
C GLU A 164 -2.63 -4.20 -13.88
N ILE A 165 -2.38 -3.02 -14.34
CA ILE A 165 -3.41 -2.04 -14.51
C ILE A 165 -3.36 -1.43 -15.90
N LYS A 166 -4.38 -1.72 -16.69
CA LYS A 166 -4.47 -1.20 -18.02
C LYS A 166 -4.96 0.24 -17.99
N LEU A 167 -4.26 1.07 -18.68
CA LEU A 167 -4.54 2.46 -18.76
C LEU A 167 -5.12 2.77 -20.14
N PRO A 168 -6.41 3.09 -20.21
CA PRO A 168 -7.07 3.38 -21.48
C PRO A 168 -6.70 4.77 -22.00
N SER A 169 -7.12 5.08 -23.22
CA SER A 169 -6.94 6.37 -23.82
C SER A 169 -7.47 7.49 -22.92
N LEU A 170 -6.56 8.20 -22.31
CA LEU A 170 -6.91 9.31 -21.44
C LEU A 170 -5.97 10.44 -21.71
N ARG A 171 -4.65 10.12 -21.71
CA ARG A 171 -3.59 11.11 -21.94
C ARG A 171 -3.55 12.19 -20.86
N ASP A 172 -2.45 12.20 -20.10
CA ASP A 172 -2.19 13.15 -18.98
C ASP A 172 -2.81 12.64 -17.66
N PHE A 173 -3.27 11.41 -17.70
CA PHE A 173 -3.77 10.72 -16.51
C PHE A 173 -2.61 10.16 -15.68
N PHE A 174 -1.63 9.64 -16.37
CA PHE A 174 -0.45 9.05 -15.77
C PHE A 174 0.59 10.14 -15.64
#